data_8FCQ
#
_entry.id   8FCQ
#
loop_
_entity.id
_entity.type
_entity.pdbx_description
1 polymer 'Transitional endoplasmic reticulum ATPase'
2 polymer 'UBX domain-containing protein 6'
3 non-polymer "ADENOSINE-5'-DIPHOSPHATE"
#
loop_
_entity_poly.entity_id
_entity_poly.type
_entity_poly.pdbx_seq_one_letter_code
_entity_poly.pdbx_strand_id
1 'polypeptide(L)'
;MASGADSKGDDLSTAILKQKNRPNRLIVDEAINEDNSVVSLSQPKMDELQLFRGDTVLLKGKKRREAVCIVLSDDTCSDE
KIRMNRVVRNNLRVRLGDVISIQPCPDVKYGKRIHVLPIDDTVEGITGNLFEVYLKPYFLEAYRPIRKGDIFLVRGGMRA
VEFKVVETDPSPYCIVAPDTVIHCEGEPIKREDEEESLNEVGYDDIGGCRKQLAQIKEMVELPLRHPALFKAIGVKPPRG
ILLYGPPGTGKTLIARAVANETGAFFFLINGPEIMSKLAGESESNLRKAFEEAEKNAPAIIFIDELDAIAPKREKTHGEV
ERRIVSQLLTLMDGLKQRAHVIVMAATNRPNSIDPALRRFGRFDREVDIGIPDATGRLEILQIHTKNMKLADDVDLEQVA
NETHGHVGADLAALCSEAALQAIRKKMDLIDLEDETIDAEVMNSLAVTMDDFRWALSQSNPSALRETVVEVPQVTWEDIG
GLEDVKRELQELVQYPVEHPDKFLKFGMTPSKGVLFYGPPGCGKTLLAKAIANECQANFISIKGPELLTMWFGESEANVR
EIFDKARQAAPCVLFFDELDSIAKARGGNIGDGGGAADRVINQILTEMDGMSTKKNVFIIGATNRPDIIDPAILRPGRLD
QLIYIPLPDEKSRVAILKANLRKSPVAKDVDLEFLAKMTNGFSGADLTEICQRACKLAIRESIESEIRRERERQTNPSAM
EVEEDDPVPEIRRDHFEEAMRFARRSVSDNDIRKYEMFAQTLQQSRGFGSFRFPSGNQGGAGPSQGSGGGTGGSVYTEDN
DDDLYG
;
B,A,F,E,D,C
2 'polypeptide(L)'
;MKKFFQEFKADIKFKSAGPGQKLKESVGEKAHKEKPNQPAPRPPRQGPTNEAQMAAAAALARLEQKQSRAWGPTSQDTIR
NQVRKELQAEATVSGSPEAPGTNVVSEPREEGSAHLAVPGVYFTCPLTGATLRKDQRDACIKEAILLHFSTDPVAASIMK
IYTFNKDQDRVKLGVDTIAKYLDNIHLHPEEEKYRKIKLQNKVFQERINCLEGTHEFFEAIGFQKVLLPAQDQEDPEEFY
VLSETTLAQPQSLERHKEQLLAAEPVRAKLDRQRRVFQPSPLASQFELPGDFFNLTAEEIKREQRLRSEAVERLSVLRTK
AMREKEEQRGLRKYNYTLLRVRLPDGCLLQGTFYARERLGAVYGFVREALQSDWLPFELLASGGQKLSEDENLALNECGL
VPSALLTFSWDMAVLEDIKAAGAEPDSILKPELLSAIEKLL
;
G
#
loop_
_chem_comp.id
_chem_comp.type
_chem_comp.name
_chem_comp.formula
ADP non-polymer ADENOSINE-5'-DIPHOSPHATE 'C10 H15 N5 O10 P2'
#
# COMPACT_ATOMS: atom_id res chain seq x y z
N PRO A 23 -4.44 -27.94 71.96
CA PRO A 23 -4.61 -29.29 71.42
C PRO A 23 -5.93 -29.41 70.67
N ASN A 24 -5.94 -30.32 69.69
CA ASN A 24 -7.15 -30.62 68.92
C ASN A 24 -7.69 -29.38 68.23
N ARG A 25 -6.79 -28.51 67.76
CA ARG A 25 -7.19 -27.31 67.04
C ARG A 25 -6.52 -27.34 65.67
N LEU A 26 -7.27 -27.72 64.63
CA LEU A 26 -6.69 -28.01 63.34
C LEU A 26 -7.27 -27.08 62.27
N ILE A 27 -6.49 -26.88 61.22
CA ILE A 27 -6.85 -25.97 60.13
C ILE A 27 -7.78 -26.68 59.16
N VAL A 28 -8.78 -25.95 58.67
CA VAL A 28 -9.77 -26.49 57.75
C VAL A 28 -9.19 -26.54 56.35
N ASP A 29 -9.25 -27.72 55.72
CA ASP A 29 -8.68 -27.93 54.39
C ASP A 29 -9.75 -28.52 53.47
N GLU A 30 -9.38 -28.72 52.21
CA GLU A 30 -10.28 -29.30 51.24
C GLU A 30 -10.27 -30.82 51.30
N ALA A 31 -11.38 -31.44 50.92
CA ALA A 31 -11.47 -32.90 50.92
C ALA A 31 -11.51 -33.45 49.51
N ILE A 32 -11.02 -34.68 49.36
CA ILE A 32 -11.18 -35.45 48.13
C ILE A 32 -12.50 -36.21 48.12
N ASN A 33 -12.91 -36.75 49.26
CA ASN A 33 -14.21 -37.39 49.37
C ASN A 33 -15.30 -36.33 49.50
N GLU A 34 -16.20 -36.30 48.52
CA GLU A 34 -17.17 -35.22 48.45
C GLU A 34 -18.38 -35.48 49.33
N ASP A 35 -18.45 -36.64 49.99
CA ASP A 35 -19.60 -36.99 50.80
C ASP A 35 -19.77 -36.02 51.97
N ASN A 36 -21.02 -35.62 52.20
CA ASN A 36 -21.37 -34.60 53.17
C ASN A 36 -21.15 -35.03 54.61
N SER A 37 -21.00 -36.31 54.89
CA SER A 37 -20.85 -36.76 56.27
C SER A 37 -19.43 -37.24 56.56
N VAL A 38 -18.52 -37.06 55.60
CA VAL A 38 -17.18 -37.59 55.74
C VAL A 38 -16.21 -36.48 56.14
N VAL A 39 -15.37 -36.78 57.13
CA VAL A 39 -14.24 -35.93 57.48
C VAL A 39 -12.99 -36.80 57.49
N SER A 40 -11.94 -36.31 56.85
CA SER A 40 -10.71 -37.09 56.72
C SER A 40 -9.62 -36.55 57.64
N LEU A 41 -9.03 -37.47 58.41
CA LEU A 41 -7.98 -37.14 59.35
C LEU A 41 -6.72 -37.96 59.04
N SER A 42 -5.57 -37.35 59.29
CA SER A 42 -4.31 -38.06 59.16
C SER A 42 -4.13 -39.00 60.35
N GLN A 43 -3.53 -40.16 60.11
CA GLN A 43 -3.42 -41.15 61.18
C GLN A 43 -2.84 -40.60 62.49
N PRO A 44 -1.75 -39.81 62.52
CA PRO A 44 -1.22 -39.42 63.83
C PRO A 44 -2.24 -38.69 64.69
N LYS A 45 -3.23 -38.05 64.07
CA LYS A 45 -4.25 -37.34 64.84
C LYS A 45 -5.39 -38.27 65.24
N MET A 46 -5.67 -39.28 64.41
CA MET A 46 -6.60 -40.30 64.83
C MET A 46 -6.06 -41.10 66.03
N ASP A 47 -4.74 -41.27 66.10
CA ASP A 47 -4.19 -41.91 67.30
C ASP A 47 -4.22 -40.98 68.51
N GLU A 48 -3.86 -39.70 68.32
CA GLU A 48 -3.96 -38.81 69.48
C GLU A 48 -5.40 -38.66 69.99
N LEU A 49 -6.39 -38.64 69.11
CA LEU A 49 -7.77 -38.55 69.56
C LEU A 49 -8.32 -39.87 70.05
N GLN A 50 -7.54 -40.95 69.94
CA GLN A 50 -7.95 -42.29 70.37
C GLN A 50 -9.31 -42.68 69.78
N LEU A 51 -9.42 -42.53 68.47
CA LEU A 51 -10.63 -42.91 67.75
C LEU A 51 -10.26 -43.98 66.73
N PHE A 52 -11.26 -44.71 66.25
CA PHE A 52 -11.06 -45.70 65.21
C PHE A 52 -11.70 -45.22 63.91
N ARG A 53 -11.25 -45.82 62.81
CA ARG A 53 -11.81 -45.55 61.49
C ARG A 53 -13.30 -45.89 61.48
N GLY A 54 -14.11 -44.92 61.06
CA GLY A 54 -15.54 -45.04 61.12
C GLY A 54 -16.18 -44.52 62.39
N ASP A 55 -15.40 -43.99 63.33
CA ASP A 55 -15.97 -43.45 64.55
C ASP A 55 -16.57 -42.09 64.28
N THR A 56 -17.45 -41.64 65.18
CA THR A 56 -18.11 -40.36 65.00
C THR A 56 -17.47 -39.30 65.89
N VAL A 57 -17.16 -38.15 65.28
CA VAL A 57 -16.51 -37.04 65.96
C VAL A 57 -17.35 -35.79 65.81
N LEU A 58 -17.19 -34.86 66.73
CA LEU A 58 -17.90 -33.59 66.73
C LEU A 58 -16.92 -32.49 66.34
N LEU A 59 -17.30 -31.69 65.35
CA LEU A 59 -16.51 -30.56 64.86
C LEU A 59 -17.14 -29.28 65.38
N LYS A 60 -16.38 -28.50 66.15
CA LYS A 60 -16.86 -27.25 66.70
C LYS A 60 -16.33 -26.08 65.88
N GLY A 61 -17.24 -25.33 65.27
CA GLY A 61 -16.87 -24.26 64.36
C GLY A 61 -17.05 -22.89 64.99
N LYS A 62 -17.52 -21.96 64.16
CA LYS A 62 -17.66 -20.58 64.60
C LYS A 62 -19.11 -20.25 64.92
N LYS A 63 -19.29 -19.19 65.70
CA LYS A 63 -20.60 -18.69 66.14
C LYS A 63 -21.40 -19.74 66.90
N ARG A 64 -20.69 -20.48 67.77
CA ARG A 64 -21.28 -21.50 68.64
C ARG A 64 -22.11 -22.51 67.84
N ARG A 65 -21.50 -22.98 66.74
CA ARG A 65 -22.13 -23.96 65.86
C ARG A 65 -21.20 -25.16 65.76
N GLU A 66 -21.78 -26.30 65.38
CA GLU A 66 -21.04 -27.55 65.35
C GLU A 66 -21.67 -28.48 64.33
N ALA A 67 -20.89 -29.48 63.92
CA ALA A 67 -21.34 -30.51 62.99
C ALA A 67 -20.75 -31.85 63.37
N VAL A 68 -21.45 -32.91 62.98
CA VAL A 68 -21.08 -34.29 63.33
C VAL A 68 -20.72 -35.01 62.04
N CYS A 69 -19.57 -35.67 62.03
CA CYS A 69 -19.08 -36.35 60.83
C CYS A 69 -18.44 -37.67 61.24
N ILE A 70 -18.22 -38.53 60.24
CA ILE A 70 -17.58 -39.82 60.42
C ILE A 70 -16.16 -39.72 59.92
N VAL A 71 -15.22 -40.22 60.71
CA VAL A 71 -13.79 -40.11 60.38
C VAL A 71 -13.39 -41.25 59.46
N LEU A 72 -12.74 -40.91 58.35
CA LEU A 72 -12.06 -41.85 57.47
C LEU A 72 -10.58 -41.51 57.44
N SER A 73 -9.77 -42.53 57.11
CA SER A 73 -8.33 -42.35 56.97
C SER A 73 -8.02 -41.64 55.66
N ASP A 74 -6.78 -41.16 55.56
CA ASP A 74 -6.30 -40.51 54.36
C ASP A 74 -4.81 -40.77 54.22
N ASP A 75 -4.32 -40.70 52.98
CA ASP A 75 -2.91 -40.90 52.69
C ASP A 75 -2.14 -39.59 52.53
N THR A 76 -2.80 -38.52 52.09
CA THR A 76 -2.13 -37.26 51.81
C THR A 76 -2.59 -36.10 52.68
N CYS A 77 -3.42 -36.35 53.70
CA CYS A 77 -3.86 -35.27 54.57
C CYS A 77 -2.72 -34.79 55.46
N SER A 78 -2.59 -33.47 55.57
CA SER A 78 -1.62 -32.89 56.48
C SER A 78 -1.98 -33.24 57.92
N ASP A 79 -0.94 -33.46 58.73
CA ASP A 79 -1.17 -33.87 60.12
C ASP A 79 -1.95 -32.80 60.89
N GLU A 80 -1.77 -31.54 60.53
CA GLU A 80 -2.36 -30.43 61.28
C GLU A 80 -3.60 -29.85 60.61
N LYS A 81 -4.21 -30.56 59.65
CA LYS A 81 -5.38 -30.07 58.94
C LYS A 81 -6.51 -31.09 59.02
N ILE A 82 -7.74 -30.60 58.95
CA ILE A 82 -8.91 -31.46 58.81
C ILE A 82 -9.55 -31.21 57.46
N ARG A 83 -9.71 -32.26 56.66
CA ARG A 83 -10.21 -32.14 55.30
C ARG A 83 -11.71 -32.39 55.28
N MET A 84 -12.45 -31.43 54.77
CA MET A 84 -13.90 -31.51 54.68
C MET A 84 -14.36 -30.80 53.41
N ASN A 85 -15.56 -31.14 52.96
CA ASN A 85 -16.13 -30.52 51.77
C ASN A 85 -16.81 -29.19 52.09
N ARG A 86 -17.41 -28.60 51.05
CA ARG A 86 -18.04 -27.29 51.20
C ARG A 86 -19.24 -27.34 52.13
N VAL A 87 -20.00 -28.43 52.08
CA VAL A 87 -21.25 -28.50 52.86
C VAL A 87 -20.95 -28.41 54.35
N VAL A 88 -19.92 -29.13 54.81
CA VAL A 88 -19.54 -29.07 56.22
C VAL A 88 -19.00 -27.70 56.61
N ARG A 89 -18.18 -27.07 55.77
CA ARG A 89 -17.69 -25.74 56.09
C ARG A 89 -18.80 -24.71 56.20
N ASN A 90 -19.78 -24.76 55.30
CA ASN A 90 -20.92 -23.86 55.39
C ASN A 90 -21.72 -24.06 56.67
N ASN A 91 -21.95 -25.32 57.06
CA ASN A 91 -22.68 -25.57 58.29
C ASN A 91 -21.94 -25.04 59.51
N LEU A 92 -20.60 -25.08 59.49
CA LEU A 92 -19.80 -24.59 60.60
C LEU A 92 -19.54 -23.09 60.51
N ARG A 93 -19.96 -22.44 59.42
CA ARG A 93 -19.68 -21.02 59.19
C ARG A 93 -18.17 -20.76 59.25
N VAL A 94 -17.41 -21.63 58.59
CA VAL A 94 -15.97 -21.52 58.51
C VAL A 94 -15.55 -21.49 57.05
N ARG A 95 -14.32 -21.04 56.81
CA ARG A 95 -13.75 -21.02 55.47
C ARG A 95 -12.39 -21.71 55.49
N LEU A 96 -11.92 -22.09 54.31
CA LEU A 96 -10.61 -22.72 54.19
C LEU A 96 -9.53 -21.85 54.82
N GLY A 97 -8.69 -22.46 55.64
CA GLY A 97 -7.67 -21.75 56.38
C GLY A 97 -8.04 -21.41 57.81
N ASP A 98 -9.31 -21.55 58.20
CA ASP A 98 -9.70 -21.32 59.57
C ASP A 98 -9.30 -22.50 60.43
N VAL A 99 -9.56 -22.39 61.73
CA VAL A 99 -9.21 -23.40 62.71
C VAL A 99 -10.44 -23.77 63.53
N ILE A 100 -10.67 -25.06 63.71
CA ILE A 100 -11.80 -25.58 64.48
C ILE A 100 -11.29 -26.56 65.52
N SER A 101 -12.13 -26.83 66.52
CA SER A 101 -11.82 -27.84 67.51
C SER A 101 -12.53 -29.15 67.21
N ILE A 102 -11.81 -30.24 67.39
CA ILE A 102 -12.33 -31.59 67.11
C ILE A 102 -12.31 -32.40 68.40
N GLN A 103 -13.40 -33.13 68.65
CA GLN A 103 -13.40 -34.06 69.77
C GLN A 103 -14.19 -35.30 69.40
N PRO A 104 -13.86 -36.46 69.96
CA PRO A 104 -14.72 -37.64 69.80
C PRO A 104 -16.06 -37.42 70.48
N CYS A 105 -17.10 -38.03 69.90
CA CYS A 105 -18.44 -38.04 70.49
C CYS A 105 -19.07 -39.40 70.28
N PRO A 106 -18.47 -40.47 70.82
CA PRO A 106 -18.99 -41.82 70.55
C PRO A 106 -20.34 -42.10 71.19
N ASP A 107 -20.81 -41.23 72.08
CA ASP A 107 -22.08 -41.44 72.77
C ASP A 107 -23.29 -40.96 71.97
N VAL A 108 -23.10 -40.53 70.73
CA VAL A 108 -24.24 -40.16 69.89
C VAL A 108 -25.13 -41.37 69.67
N LYS A 109 -26.43 -41.17 69.80
CA LYS A 109 -27.38 -42.25 69.67
C LYS A 109 -28.15 -42.13 68.36
N TYR A 110 -28.89 -43.18 68.01
CA TYR A 110 -29.73 -43.14 66.83
C TYR A 110 -30.98 -42.34 67.11
N GLY A 111 -31.49 -41.67 66.08
CA GLY A 111 -32.67 -40.85 66.24
C GLY A 111 -33.97 -41.60 66.05
N LYS A 112 -35.09 -40.88 66.07
CA LYS A 112 -36.41 -41.50 65.91
C LYS A 112 -37.12 -40.86 64.72
N ARG A 113 -37.20 -39.54 64.67
CA ARG A 113 -37.82 -38.80 63.59
C ARG A 113 -36.97 -37.58 63.27
N ILE A 114 -36.76 -37.35 61.98
CA ILE A 114 -36.06 -36.14 61.54
C ILE A 114 -36.89 -35.50 60.46
N HIS A 115 -37.14 -34.20 60.62
CA HIS A 115 -37.94 -33.42 59.68
C HIS A 115 -37.03 -32.44 58.98
N VAL A 116 -36.98 -32.52 57.66
CA VAL A 116 -36.18 -31.64 56.82
C VAL A 116 -37.09 -30.98 55.79
N LEU A 117 -36.76 -29.74 55.44
CA LEU A 117 -37.50 -29.00 54.44
C LEU A 117 -36.55 -28.44 53.39
N PRO A 118 -36.99 -28.32 52.15
CA PRO A 118 -36.11 -27.82 51.09
C PRO A 118 -35.86 -26.33 51.25
N ILE A 119 -34.78 -25.88 50.63
CA ILE A 119 -34.53 -24.44 50.52
C ILE A 119 -35.08 -23.93 49.20
N ASP A 120 -35.83 -22.83 49.27
CA ASP A 120 -36.54 -22.30 48.10
C ASP A 120 -35.60 -22.02 46.95
N ASP A 121 -34.36 -21.61 47.25
CA ASP A 121 -33.43 -21.23 46.20
C ASP A 121 -33.10 -22.38 45.25
N THR A 122 -33.30 -23.63 45.68
CA THR A 122 -32.92 -24.79 44.89
C THR A 122 -34.12 -25.61 44.42
N VAL A 123 -35.31 -25.31 44.91
CA VAL A 123 -36.53 -25.99 44.45
C VAL A 123 -37.39 -24.92 43.78
N GLU A 124 -37.25 -24.80 42.46
CA GLU A 124 -38.04 -23.86 41.68
C GLU A 124 -38.27 -24.47 40.30
N GLY A 125 -39.52 -24.46 39.85
CA GLY A 125 -39.85 -25.00 38.55
C GLY A 125 -40.01 -26.50 38.57
N ILE A 126 -39.85 -27.10 39.76
CA ILE A 126 -39.96 -28.54 39.88
C ILE A 126 -40.98 -28.88 40.96
N THR A 127 -41.74 -29.96 40.75
CA THR A 127 -42.71 -30.41 41.73
C THR A 127 -42.65 -31.92 41.84
N GLY A 128 -43.21 -32.44 42.92
CA GLY A 128 -43.32 -33.86 43.13
C GLY A 128 -42.93 -34.22 44.54
N ASN A 129 -42.69 -35.51 44.76
CA ASN A 129 -42.36 -36.04 46.09
C ASN A 129 -40.84 -35.97 46.26
N LEU A 130 -40.39 -34.93 46.94
CA LEU A 130 -38.96 -34.69 47.11
C LEU A 130 -38.30 -35.79 47.93
N PHE A 131 -39.02 -36.36 48.89
CA PHE A 131 -38.47 -37.46 49.68
C PHE A 131 -38.12 -38.65 48.80
N GLU A 132 -39.07 -39.08 47.97
CA GLU A 132 -38.84 -40.27 47.16
C GLU A 132 -37.70 -40.06 46.16
N VAL A 133 -37.54 -38.84 45.66
CA VAL A 133 -36.52 -38.57 44.65
C VAL A 133 -35.16 -38.35 45.28
N TYR A 134 -35.12 -37.54 46.34
CA TYR A 134 -33.86 -37.08 46.91
C TYR A 134 -33.55 -37.69 48.27
N LEU A 135 -34.40 -37.46 49.27
CA LEU A 135 -34.05 -37.78 50.65
C LEU A 135 -33.96 -39.29 50.88
N LYS A 136 -34.84 -40.06 50.24
CA LYS A 136 -34.90 -41.49 50.49
C LYS A 136 -33.62 -42.19 50.04
N PRO A 137 -33.19 -42.07 48.77
CA PRO A 137 -31.92 -42.70 48.40
C PRO A 137 -30.71 -42.05 49.04
N TYR A 138 -30.82 -40.78 49.42
CA TYR A 138 -29.72 -40.09 50.08
C TYR A 138 -29.41 -40.72 51.44
N PHE A 139 -30.46 -41.01 52.22
CA PHE A 139 -30.28 -41.61 53.54
C PHE A 139 -30.41 -43.12 53.55
N LEU A 140 -30.60 -43.75 52.39
CA LEU A 140 -30.88 -45.18 52.35
C LEU A 140 -29.67 -45.98 52.82
N GLU A 141 -29.75 -46.50 54.05
CA GLU A 141 -28.67 -47.22 54.74
C GLU A 141 -27.38 -46.41 54.82
N ALA A 142 -27.47 -45.08 54.85
CA ALA A 142 -26.28 -44.25 54.88
C ALA A 142 -25.80 -43.98 56.30
N TYR A 143 -26.69 -44.00 57.27
CA TYR A 143 -26.35 -43.77 58.69
C TYR A 143 -25.55 -42.47 58.85
N ARG A 144 -26.03 -41.43 58.19
CA ARG A 144 -25.37 -40.12 58.25
C ARG A 144 -25.69 -39.44 59.58
N PRO A 145 -24.71 -38.86 60.27
CA PRO A 145 -25.04 -37.98 61.39
C PRO A 145 -25.79 -36.74 60.91
N ILE A 146 -26.82 -36.37 61.68
CA ILE A 146 -27.64 -35.22 61.34
C ILE A 146 -27.84 -34.39 62.60
N ARG A 147 -27.59 -33.08 62.50
CA ARG A 147 -27.82 -32.15 63.60
C ARG A 147 -28.86 -31.13 63.15
N LYS A 148 -29.69 -30.68 64.10
CA LYS A 148 -30.65 -29.63 63.84
C LYS A 148 -29.95 -28.37 63.33
N GLY A 149 -30.46 -27.82 62.24
CA GLY A 149 -29.86 -26.69 61.58
C GLY A 149 -28.89 -27.01 60.47
N ASP A 150 -28.55 -28.28 60.28
CA ASP A 150 -27.65 -28.67 59.20
C ASP A 150 -28.28 -28.42 57.84
N ILE A 151 -27.45 -28.02 56.88
CA ILE A 151 -27.83 -27.98 55.47
C ILE A 151 -27.07 -29.09 54.75
N PHE A 152 -27.78 -29.85 53.92
CA PHE A 152 -27.13 -30.86 53.11
C PHE A 152 -27.70 -30.85 51.69
N LEU A 153 -26.88 -31.27 50.74
CA LEU A 153 -27.19 -31.15 49.33
C LEU A 153 -27.29 -32.53 48.70
N VAL A 154 -28.40 -32.77 47.99
CA VAL A 154 -28.64 -34.01 47.26
C VAL A 154 -28.71 -33.69 45.78
N ARG A 155 -27.88 -34.35 44.98
CA ARG A 155 -27.74 -34.07 43.55
C ARG A 155 -28.44 -35.16 42.75
N GLY A 156 -28.99 -34.77 41.61
CA GLY A 156 -29.56 -35.73 40.68
C GLY A 156 -30.71 -35.13 39.91
N GLY A 157 -30.94 -35.70 38.73
CA GLY A 157 -32.07 -35.26 37.91
C GLY A 157 -31.90 -33.87 37.34
N MET A 158 -30.66 -33.47 37.05
CA MET A 158 -30.32 -32.13 36.58
C MET A 158 -30.63 -31.05 37.62
N ARG A 159 -30.75 -31.44 38.88
CA ARG A 159 -30.96 -30.49 39.97
C ARG A 159 -29.95 -30.73 41.08
N ALA A 160 -29.78 -29.73 41.92
CA ALA A 160 -29.06 -29.88 43.17
C ALA A 160 -29.85 -29.20 44.28
N VAL A 161 -30.53 -30.01 45.10
CA VAL A 161 -31.52 -29.53 46.04
C VAL A 161 -30.97 -29.71 47.45
N GLU A 162 -30.97 -28.63 48.23
CA GLU A 162 -30.50 -28.70 49.60
C GLU A 162 -31.67 -28.55 50.56
N PHE A 163 -31.54 -29.18 51.72
CA PHE A 163 -32.58 -29.20 52.74
C PHE A 163 -31.99 -28.72 54.05
N LYS A 164 -32.86 -28.17 54.91
CA LYS A 164 -32.49 -27.78 56.25
C LYS A 164 -33.19 -28.69 57.25
N VAL A 165 -32.47 -29.04 58.33
CA VAL A 165 -33.05 -29.85 59.39
C VAL A 165 -33.78 -28.91 60.34
N VAL A 166 -35.10 -29.08 60.44
CA VAL A 166 -35.92 -28.17 61.22
C VAL A 166 -36.46 -28.79 62.49
N GLU A 167 -36.57 -30.11 62.56
CA GLU A 167 -37.06 -30.72 63.79
C GLU A 167 -36.46 -32.10 63.97
N THR A 168 -35.98 -32.37 65.18
CA THR A 168 -35.49 -33.69 65.57
C THR A 168 -36.06 -34.02 66.94
N ASP A 169 -36.37 -35.29 67.17
CA ASP A 169 -36.81 -35.72 68.49
C ASP A 169 -35.61 -35.75 69.45
N PRO A 170 -34.52 -36.45 69.13
CA PRO A 170 -33.32 -36.31 69.95
C PRO A 170 -32.67 -34.96 69.68
N SER A 171 -31.80 -34.53 70.59
CA SER A 171 -31.11 -33.27 70.44
C SER A 171 -29.72 -33.36 71.05
N PRO A 172 -28.79 -32.52 70.56
CA PRO A 172 -29.01 -31.68 69.38
C PRO A 172 -28.68 -32.39 68.07
N TYR A 173 -28.30 -33.66 68.15
CA TYR A 173 -27.96 -34.42 66.95
C TYR A 173 -28.15 -35.91 67.21
N CYS A 174 -28.22 -36.67 66.12
CA CYS A 174 -28.42 -38.11 66.17
C CYS A 174 -27.95 -38.74 64.86
N ILE A 175 -27.95 -40.07 64.86
CA ILE A 175 -27.59 -40.84 63.67
C ILE A 175 -28.87 -41.33 63.02
N VAL A 176 -29.01 -41.12 61.71
CA VAL A 176 -30.17 -41.66 61.01
C VAL A 176 -29.95 -43.14 60.76
N ALA A 177 -31.05 -43.86 60.57
CA ALA A 177 -31.00 -45.28 60.30
C ALA A 177 -32.21 -45.69 59.47
N PRO A 178 -32.15 -46.85 58.81
CA PRO A 178 -33.33 -47.32 58.04
C PRO A 178 -34.60 -47.45 58.87
N ASP A 179 -34.51 -47.55 60.19
CA ASP A 179 -35.69 -47.70 61.02
C ASP A 179 -36.19 -46.37 61.61
N THR A 180 -35.63 -45.24 61.16
CA THR A 180 -36.09 -43.94 61.63
C THR A 180 -37.08 -43.35 60.63
N VAL A 181 -37.79 -42.33 61.09
CA VAL A 181 -38.81 -41.66 60.27
C VAL A 181 -38.16 -40.43 59.62
N ILE A 182 -38.28 -40.37 58.30
CA ILE A 182 -37.83 -39.22 57.52
C ILE A 182 -39.06 -38.47 57.04
N HIS A 183 -39.24 -37.23 57.49
CA HIS A 183 -40.43 -36.46 57.16
C HIS A 183 -40.03 -35.20 56.40
N CYS A 184 -40.93 -34.74 55.54
CA CYS A 184 -40.68 -33.52 54.77
C CYS A 184 -42.01 -32.99 54.26
N GLU A 185 -42.61 -32.09 55.03
CA GLU A 185 -43.88 -31.47 54.66
C GLU A 185 -43.86 -30.02 55.12
N GLY A 186 -44.17 -29.12 54.20
CA GLY A 186 -44.18 -27.71 54.49
C GLY A 186 -43.63 -26.88 53.35
N GLU A 187 -43.78 -25.57 53.49
CA GLU A 187 -43.34 -24.65 52.45
C GLU A 187 -41.81 -24.65 52.38
N PRO A 188 -41.24 -24.32 51.23
CA PRO A 188 -39.79 -24.14 51.15
C PRO A 188 -39.30 -23.02 52.07
N ILE A 189 -38.07 -23.18 52.55
CA ILE A 189 -37.47 -22.20 53.45
C ILE A 189 -36.64 -21.21 52.66
N LYS A 190 -36.78 -19.93 53.00
CA LYS A 190 -35.95 -18.90 52.38
C LYS A 190 -34.57 -18.89 53.00
N ARG A 191 -33.54 -18.94 52.15
CA ARG A 191 -32.17 -19.02 52.63
C ARG A 191 -31.85 -17.84 53.53
N GLU A 192 -31.15 -18.11 54.63
CA GLU A 192 -30.81 -17.06 55.58
C GLU A 192 -29.57 -16.31 55.11
N ASP A 193 -29.43 -15.07 55.56
CA ASP A 193 -28.29 -14.25 55.15
C ASP A 193 -26.97 -14.76 55.72
N GLU A 194 -27.02 -15.61 56.75
CA GLU A 194 -25.80 -16.07 57.39
C GLU A 194 -25.23 -17.32 56.75
N GLU A 195 -25.88 -17.87 55.73
CA GLU A 195 -25.47 -19.09 55.08
C GLU A 195 -25.37 -18.87 53.58
N GLU A 196 -24.44 -19.57 52.94
CA GLU A 196 -24.26 -19.43 51.50
C GLU A 196 -24.96 -20.58 50.77
N SER A 197 -25.34 -20.33 49.53
CA SER A 197 -25.91 -21.38 48.69
C SER A 197 -24.85 -22.39 48.30
N LEU A 198 -25.19 -23.67 48.41
CA LEU A 198 -24.26 -24.75 48.11
C LEU A 198 -24.10 -24.96 46.61
N ASN A 199 -24.86 -24.26 45.78
CA ASN A 199 -24.68 -24.35 44.34
C ASN A 199 -23.86 -23.18 43.80
N GLU A 200 -23.31 -22.35 44.68
CA GLU A 200 -22.48 -21.24 44.25
C GLU A 200 -21.11 -21.76 43.81
N VAL A 201 -20.46 -20.98 42.94
CA VAL A 201 -19.17 -21.38 42.41
C VAL A 201 -18.13 -21.43 43.52
N GLY A 202 -17.43 -22.57 43.61
CA GLY A 202 -16.38 -22.78 44.58
C GLY A 202 -15.23 -23.48 43.91
N TYR A 203 -14.27 -23.93 44.73
CA TYR A 203 -13.08 -24.58 44.19
C TYR A 203 -13.38 -25.94 43.58
N ASP A 204 -14.41 -26.64 44.08
CA ASP A 204 -14.74 -27.96 43.57
C ASP A 204 -15.37 -27.92 42.18
N ASP A 205 -15.66 -26.74 41.65
CA ASP A 205 -16.18 -26.58 40.30
C ASP A 205 -15.08 -26.50 39.25
N ILE A 206 -13.81 -26.44 39.66
CA ILE A 206 -12.69 -26.30 38.75
C ILE A 206 -12.07 -27.68 38.56
N GLY A 207 -11.97 -28.11 37.30
CA GLY A 207 -11.42 -29.42 37.02
C GLY A 207 -9.93 -29.46 36.82
N GLY A 208 -9.48 -29.20 35.59
CA GLY A 208 -8.06 -29.17 35.33
C GLY A 208 -7.41 -27.91 35.83
N CYS A 209 -6.10 -27.79 35.64
CA CYS A 209 -5.30 -26.65 36.12
C CYS A 209 -5.31 -26.55 37.65
N ARG A 210 -5.30 -27.71 38.31
CA ARG A 210 -5.28 -27.70 39.78
C ARG A 210 -3.96 -27.17 40.30
N LYS A 211 -2.86 -27.39 39.59
CA LYS A 211 -1.57 -26.84 40.00
C LYS A 211 -1.59 -25.31 40.00
N GLN A 212 -2.27 -24.72 39.01
CA GLN A 212 -2.37 -23.27 38.95
C GLN A 212 -3.28 -22.74 40.05
N LEU A 213 -4.37 -23.44 40.33
CA LEU A 213 -5.28 -23.02 41.38
C LEU A 213 -4.58 -23.03 42.73
N ALA A 214 -3.81 -24.09 43.02
CA ALA A 214 -3.07 -24.14 44.28
C ALA A 214 -2.07 -23.00 44.39
N GLN A 215 -1.35 -22.71 43.29
CA GLN A 215 -0.38 -21.62 43.29
C GLN A 215 -1.05 -20.29 43.59
N ILE A 216 -2.21 -20.05 42.96
CA ILE A 216 -2.93 -18.79 43.18
C ILE A 216 -3.42 -18.71 44.61
N LYS A 217 -4.01 -19.78 45.13
CA LYS A 217 -4.54 -19.76 46.49
C LYS A 217 -3.46 -19.35 47.48
N GLU A 218 -2.24 -19.87 47.33
CA GLU A 218 -1.16 -19.50 48.23
C GLU A 218 -0.90 -18.01 48.17
N MET A 219 -1.00 -17.42 46.98
CA MET A 219 -0.65 -16.01 46.82
C MET A 219 -1.74 -15.09 47.36
N VAL A 220 -3.02 -15.45 47.21
CA VAL A 220 -4.10 -14.53 47.50
C VAL A 220 -4.85 -14.81 48.80
N GLU A 221 -4.99 -16.07 49.21
CA GLU A 221 -5.88 -16.37 50.34
C GLU A 221 -5.34 -15.79 51.64
N LEU A 222 -4.01 -15.79 51.82
CA LEU A 222 -3.46 -15.31 53.08
C LEU A 222 -3.74 -13.82 53.30
N PRO A 223 -3.42 -12.90 52.38
CA PRO A 223 -3.73 -11.49 52.64
C PRO A 223 -5.21 -11.19 52.73
N LEU A 224 -6.06 -12.00 52.10
CA LEU A 224 -7.51 -11.82 52.20
C LEU A 224 -8.11 -12.44 53.45
N ARG A 225 -7.53 -13.53 53.94
CA ARG A 225 -8.10 -14.19 55.10
C ARG A 225 -7.58 -13.59 56.41
N HIS A 226 -6.30 -13.25 56.46
CA HIS A 226 -5.67 -12.70 57.66
C HIS A 226 -5.00 -11.36 57.33
N PRO A 227 -5.79 -10.34 56.97
CA PRO A 227 -5.18 -9.06 56.59
C PRO A 227 -4.32 -8.45 57.69
N ALA A 228 -4.62 -8.77 58.94
CA ALA A 228 -3.82 -8.25 60.05
C ALA A 228 -2.38 -8.72 59.96
N LEU A 229 -2.15 -9.90 59.38
CA LEU A 229 -0.80 -10.44 59.31
C LEU A 229 0.10 -9.53 58.48
N PHE A 230 -0.39 -9.05 57.34
CA PHE A 230 0.40 -8.17 56.49
C PHE A 230 0.53 -6.76 57.07
N LYS A 231 -0.39 -6.35 57.93
CA LYS A 231 -0.18 -5.09 58.63
C LYS A 231 0.93 -5.23 59.68
N ALA A 232 1.02 -6.39 60.31
CA ALA A 232 2.01 -6.59 61.37
C ALA A 232 3.39 -6.88 60.80
N ILE A 233 3.45 -7.53 59.63
CA ILE A 233 4.73 -7.92 59.06
C ILE A 233 5.07 -7.00 57.88
N GLY A 234 6.37 -6.71 57.75
CA GLY A 234 6.82 -5.80 56.72
C GLY A 234 6.79 -6.30 55.30
N VAL A 235 6.33 -7.54 55.08
CA VAL A 235 6.23 -8.12 53.75
C VAL A 235 5.05 -7.47 53.03
N LYS A 236 5.24 -7.19 51.74
CA LYS A 236 4.19 -6.58 50.94
C LYS A 236 3.32 -7.65 50.28
N PRO A 237 2.00 -7.46 50.28
CA PRO A 237 1.11 -8.45 49.67
C PRO A 237 1.16 -8.35 48.16
N PRO A 238 0.81 -9.43 47.45
CA PRO A 238 0.45 -9.28 46.03
C PRO A 238 -0.77 -8.39 45.86
N ARG A 239 -0.75 -7.59 44.81
CA ARG A 239 -1.85 -6.69 44.49
C ARG A 239 -2.47 -6.94 43.13
N GLY A 240 -2.06 -8.01 42.44
CA GLY A 240 -2.61 -8.33 41.15
C GLY A 240 -1.98 -9.54 40.50
N ILE A 241 -2.77 -10.28 39.74
CA ILE A 241 -2.33 -11.47 39.03
C ILE A 241 -2.92 -11.43 37.64
N LEU A 242 -2.10 -11.68 36.64
CA LEU A 242 -2.56 -11.81 35.26
C LEU A 242 -2.71 -13.30 34.95
N LEU A 243 -3.92 -13.69 34.55
CA LEU A 243 -4.19 -15.04 34.12
C LEU A 243 -4.26 -15.06 32.60
N TYR A 244 -3.70 -16.07 31.96
CA TYR A 244 -3.78 -16.10 30.51
C TYR A 244 -3.92 -17.53 30.01
N GLY A 245 -4.57 -17.64 28.86
CA GLY A 245 -4.84 -18.91 28.21
C GLY A 245 -5.99 -18.74 27.23
N PRO A 246 -6.30 -19.79 26.47
CA PRO A 246 -7.40 -19.70 25.51
C PRO A 246 -8.72 -19.43 26.20
N PRO A 247 -9.72 -18.93 25.48
CA PRO A 247 -11.04 -18.77 26.08
C PRO A 247 -11.63 -20.10 26.52
N GLY A 248 -12.43 -20.05 27.57
CA GLY A 248 -13.13 -21.23 28.06
C GLY A 248 -12.29 -22.18 28.88
N THR A 249 -11.24 -21.70 29.52
CA THR A 249 -10.35 -22.56 30.30
C THR A 249 -10.48 -22.38 31.80
N GLY A 250 -11.29 -21.44 32.25
CA GLY A 250 -11.50 -21.21 33.66
C GLY A 250 -10.88 -19.97 34.25
N LYS A 251 -10.41 -19.02 33.43
CA LYS A 251 -9.82 -17.80 33.97
C LYS A 251 -10.81 -17.05 34.85
N THR A 252 -12.04 -16.88 34.38
CA THR A 252 -13.05 -16.22 35.21
C THR A 252 -13.51 -17.15 36.33
N LEU A 253 -13.59 -18.45 36.03
CA LEU A 253 -14.07 -19.42 37.01
C LEU A 253 -13.21 -19.38 38.27
N ILE A 254 -11.88 -19.30 38.09
CA ILE A 254 -10.97 -19.21 39.23
C ILE A 254 -11.22 -17.93 40.02
N ALA A 255 -11.29 -16.80 39.32
CA ALA A 255 -11.48 -15.52 40.00
C ALA A 255 -12.75 -15.54 40.85
N ARG A 256 -13.82 -16.15 40.33
CA ARG A 256 -15.07 -16.24 41.11
C ARG A 256 -14.93 -17.21 42.25
N ALA A 257 -14.32 -18.37 42.01
CA ALA A 257 -14.19 -19.37 43.07
C ALA A 257 -13.38 -18.83 44.24
N VAL A 258 -12.32 -18.07 43.94
CA VAL A 258 -11.47 -17.53 45.00
C VAL A 258 -12.26 -16.54 45.86
N ALA A 259 -12.97 -15.62 45.22
CA ALA A 259 -13.74 -14.62 45.96
C ALA A 259 -14.82 -15.28 46.80
N ASN A 260 -15.50 -16.30 46.25
CA ASN A 260 -16.58 -16.94 46.97
C ASN A 260 -16.07 -17.77 48.15
N GLU A 261 -14.89 -18.38 47.99
CA GLU A 261 -14.35 -19.22 49.05
C GLU A 261 -13.70 -18.40 50.16
N THR A 262 -13.10 -17.26 49.82
CA THR A 262 -12.48 -16.44 50.84
C THR A 262 -13.44 -15.44 51.46
N GLY A 263 -14.49 -15.07 50.74
CA GLY A 263 -15.44 -14.09 51.23
C GLY A 263 -15.18 -12.67 50.80
N ALA A 264 -14.14 -12.44 50.00
CA ALA A 264 -13.82 -11.10 49.53
C ALA A 264 -14.91 -10.59 48.60
N PHE A 265 -15.15 -9.28 48.67
CA PHE A 265 -16.11 -8.65 47.78
C PHE A 265 -15.61 -8.74 46.34
N PHE A 266 -16.48 -9.20 45.45
CA PHE A 266 -16.12 -9.42 44.05
C PHE A 266 -16.76 -8.34 43.20
N PHE A 267 -15.95 -7.73 42.31
CA PHE A 267 -16.44 -6.76 41.34
C PHE A 267 -15.99 -7.21 39.97
N LEU A 268 -16.92 -7.21 39.02
CA LEU A 268 -16.65 -7.69 37.67
C LEU A 268 -16.45 -6.51 36.73
N ILE A 269 -15.35 -6.54 35.98
CA ILE A 269 -15.09 -5.60 34.89
C ILE A 269 -14.85 -6.41 33.63
N ASN A 270 -15.27 -5.87 32.50
CA ASN A 270 -14.94 -6.47 31.21
C ASN A 270 -14.76 -5.37 30.17
N GLY A 271 -13.88 -5.64 29.21
CA GLY A 271 -13.62 -4.73 28.12
C GLY A 271 -14.84 -4.04 27.55
N PRO A 272 -15.72 -4.77 26.86
CA PRO A 272 -16.86 -4.10 26.22
C PRO A 272 -17.64 -3.18 27.14
N GLU A 273 -17.81 -3.53 28.42
CA GLU A 273 -18.59 -2.67 29.31
C GLU A 273 -17.91 -1.33 29.51
N ILE A 274 -16.57 -1.32 29.54
CA ILE A 274 -15.85 -0.08 29.76
C ILE A 274 -15.64 0.66 28.44
N MET A 275 -15.26 -0.06 27.39
CA MET A 275 -14.93 0.59 26.13
C MET A 275 -16.15 1.16 25.42
N SER A 276 -17.34 0.61 25.67
CA SER A 276 -18.54 1.12 25.01
C SER A 276 -18.94 2.49 25.54
N LYS A 277 -18.40 2.90 26.68
CA LYS A 277 -18.83 4.14 27.31
C LYS A 277 -18.09 5.33 26.69
N LEU A 278 -18.73 6.48 26.74
CA LEU A 278 -18.18 7.68 26.11
C LEU A 278 -17.00 8.21 26.93
N ALA A 279 -16.21 9.07 26.27
CA ALA A 279 -15.09 9.70 26.96
C ALA A 279 -15.56 10.37 28.23
N GLY A 280 -14.89 10.06 29.34
CA GLY A 280 -15.32 10.57 30.64
C GLY A 280 -16.20 9.60 31.39
N GLU A 281 -17.00 8.81 30.68
CA GLU A 281 -17.84 7.81 31.34
C GLU A 281 -17.04 6.54 31.61
N SER A 282 -16.19 6.13 30.66
CA SER A 282 -15.40 4.92 30.84
C SER A 282 -14.39 5.07 31.96
N GLU A 283 -13.76 6.26 32.07
CA GLU A 283 -12.83 6.50 33.15
C GLU A 283 -13.52 6.59 34.50
N SER A 284 -14.67 7.26 34.57
CA SER A 284 -15.38 7.35 35.84
C SER A 284 -15.83 5.97 36.31
N ASN A 285 -16.37 5.16 35.41
CA ASN A 285 -16.85 3.83 35.79
C ASN A 285 -15.71 2.95 36.25
N LEU A 286 -14.56 3.04 35.57
CA LEU A 286 -13.40 2.25 35.98
C LEU A 286 -12.89 2.69 37.36
N ARG A 287 -12.86 4.00 37.61
CA ARG A 287 -12.49 4.47 38.93
C ARG A 287 -13.47 4.01 39.99
N LYS A 288 -14.79 4.05 39.72
CA LYS A 288 -15.75 3.62 40.72
C LYS A 288 -15.52 2.18 41.13
N ALA A 289 -15.17 1.31 40.16
CA ALA A 289 -14.94 -0.09 40.48
C ALA A 289 -13.85 -0.23 41.53
N PHE A 290 -12.80 0.58 41.43
CA PHE A 290 -11.73 0.51 42.43
C PHE A 290 -12.18 1.11 43.76
N GLU A 291 -12.98 2.17 43.72
CA GLU A 291 -13.49 2.77 44.95
C GLU A 291 -14.37 1.79 45.72
N GLU A 292 -15.21 1.03 45.00
CA GLU A 292 -16.09 0.07 45.66
C GLU A 292 -15.29 -1.07 46.25
N ALA A 293 -14.23 -1.51 45.57
CA ALA A 293 -13.40 -2.59 46.11
C ALA A 293 -12.75 -2.16 47.42
N GLU A 294 -12.33 -0.90 47.52
CA GLU A 294 -11.77 -0.42 48.78
C GLU A 294 -12.83 -0.30 49.86
N LYS A 295 -13.99 0.28 49.51
CA LYS A 295 -15.07 0.44 50.47
C LYS A 295 -15.51 -0.90 51.05
N ASN A 296 -15.49 -1.94 50.23
CA ASN A 296 -15.88 -3.29 50.65
C ASN A 296 -14.68 -4.19 50.88
N ALA A 297 -13.49 -3.64 51.09
CA ALA A 297 -12.30 -4.46 51.26
C ALA A 297 -12.47 -5.39 52.47
N PRO A 298 -11.85 -6.57 52.45
CA PRO A 298 -11.07 -7.13 51.33
C PRO A 298 -11.92 -7.39 50.10
N ALA A 299 -11.33 -7.20 48.92
CA ALA A 299 -12.08 -7.29 47.67
C ALA A 299 -11.16 -7.77 46.55
N ILE A 300 -11.77 -8.35 45.53
CA ILE A 300 -11.06 -8.78 44.32
C ILE A 300 -11.74 -8.13 43.13
N ILE A 301 -10.95 -7.50 42.27
CA ILE A 301 -11.45 -6.94 41.03
C ILE A 301 -10.98 -7.82 39.88
N PHE A 302 -11.92 -8.32 39.09
CA PHE A 302 -11.58 -9.16 37.95
C PHE A 302 -11.88 -8.38 36.68
N ILE A 303 -10.86 -8.23 35.84
CA ILE A 303 -10.97 -7.51 34.57
C ILE A 303 -10.84 -8.55 33.47
N ASP A 304 -11.96 -8.86 32.82
CA ASP A 304 -11.94 -9.82 31.72
C ASP A 304 -11.68 -9.10 30.41
N GLU A 305 -11.17 -9.85 29.43
CA GLU A 305 -10.80 -9.29 28.13
C GLU A 305 -9.88 -8.08 28.29
N LEU A 306 -8.82 -8.27 29.08
CA LEU A 306 -7.91 -7.17 29.38
C LEU A 306 -7.41 -6.52 28.10
N ASP A 307 -7.14 -7.31 27.06
CA ASP A 307 -6.56 -6.80 25.82
C ASP A 307 -7.52 -5.86 25.12
N ALA A 308 -8.79 -5.88 25.49
CA ALA A 308 -9.77 -4.97 24.94
C ALA A 308 -9.67 -3.56 25.54
N ILE A 309 -9.17 -3.43 26.75
CA ILE A 309 -9.04 -2.11 27.37
C ILE A 309 -7.60 -1.63 27.31
N ALA A 310 -6.65 -2.54 27.53
CA ALA A 310 -5.23 -2.18 27.58
C ALA A 310 -4.44 -3.05 26.59
N PRO A 311 -4.71 -2.90 25.29
CA PRO A 311 -3.91 -3.63 24.30
C PRO A 311 -2.51 -3.06 24.22
N LYS A 312 -1.58 -3.82 23.65
CA LYS A 312 -0.25 -3.30 23.40
C LYS A 312 -0.32 -1.91 22.76
N ARG A 313 0.46 -0.98 23.31
CA ARG A 313 0.32 0.42 22.94
C ARG A 313 0.44 0.63 21.43
N GLU A 314 1.31 -0.13 20.78
CA GLU A 314 1.57 0.09 19.36
C GLU A 314 0.34 -0.21 18.52
N LYS A 315 -0.64 -0.90 19.10
CA LYS A 315 -1.84 -1.32 18.38
C LYS A 315 -2.98 -0.30 18.45
N THR A 316 -2.85 0.76 19.24
CA THR A 316 -3.91 1.75 19.33
C THR A 316 -3.31 3.14 19.34
N HIS A 317 -3.96 4.05 18.61
CA HIS A 317 -3.51 5.44 18.50
C HIS A 317 -4.60 6.44 18.86
N GLY A 318 -5.80 5.98 19.19
CA GLY A 318 -6.87 6.91 19.49
C GLY A 318 -6.65 7.60 20.82
N GLU A 319 -7.07 8.86 20.90
CA GLU A 319 -6.90 9.62 22.14
C GLU A 319 -7.73 9.02 23.27
N VAL A 320 -8.93 8.53 22.96
CA VAL A 320 -9.78 7.95 23.99
C VAL A 320 -9.17 6.66 24.53
N GLU A 321 -8.70 5.78 23.64
CA GLU A 321 -8.10 4.52 24.06
C GLU A 321 -6.84 4.74 24.89
N ARG A 322 -6.01 5.71 24.55
CA ARG A 322 -4.80 5.98 25.32
C ARG A 322 -5.13 6.47 26.71
N ARG A 323 -6.18 7.29 26.84
CA ARG A 323 -6.51 7.83 28.15
C ARG A 323 -7.01 6.75 29.09
N ILE A 324 -7.88 5.86 28.62
CA ILE A 324 -8.43 4.83 29.51
C ILE A 324 -7.33 3.86 29.93
N VAL A 325 -6.34 3.62 29.08
CA VAL A 325 -5.20 2.79 29.49
C VAL A 325 -4.43 3.49 30.60
N SER A 326 -4.16 4.78 30.44
CA SER A 326 -3.46 5.52 31.49
C SER A 326 -4.27 5.53 32.78
N GLN A 327 -5.59 5.63 32.68
CA GLN A 327 -6.40 5.57 33.89
C GLN A 327 -6.26 4.24 34.61
N LEU A 328 -6.20 3.13 33.87
CA LEU A 328 -6.02 1.84 34.52
C LEU A 328 -4.67 1.77 35.21
N LEU A 329 -3.62 2.29 34.57
CA LEU A 329 -2.27 2.23 35.14
C LEU A 329 -2.21 3.00 36.46
N THR A 330 -2.82 4.18 36.51
CA THR A 330 -2.80 4.93 37.77
C THR A 330 -3.65 4.28 38.84
N LEU A 331 -4.78 3.66 38.49
CA LEU A 331 -5.60 2.97 39.48
C LEU A 331 -4.87 1.76 40.05
N MET A 332 -4.13 1.05 39.19
CA MET A 332 -3.33 -0.08 39.67
C MET A 332 -2.27 0.39 40.66
N ASP A 333 -1.59 1.49 40.36
CA ASP A 333 -0.61 2.05 41.28
C ASP A 333 -1.25 2.55 42.58
N GLY A 334 -2.49 3.05 42.51
CA GLY A 334 -3.18 3.48 43.71
C GLY A 334 -3.46 2.37 44.71
N LEU A 335 -3.24 1.12 44.32
CA LEU A 335 -3.46 -0.01 45.23
C LEU A 335 -2.50 -0.02 46.41
N LYS A 336 -1.48 0.84 46.42
CA LYS A 336 -0.63 0.95 47.60
C LYS A 336 -1.43 1.46 48.79
N GLN A 337 -2.44 2.29 48.54
CA GLN A 337 -3.24 2.85 49.62
C GLN A 337 -4.52 2.05 49.83
N ARG A 338 -5.06 1.47 48.77
CA ARG A 338 -6.29 0.68 48.83
C ARG A 338 -5.97 -0.69 49.41
N ALA A 339 -5.80 -0.74 50.73
CA ALA A 339 -5.32 -1.94 51.38
C ALA A 339 -6.30 -3.10 51.19
N HIS A 340 -5.73 -4.31 51.05
CA HIS A 340 -6.49 -5.56 50.96
C HIS A 340 -7.32 -5.67 49.69
N VAL A 341 -6.89 -5.07 48.59
CA VAL A 341 -7.57 -5.20 47.31
C VAL A 341 -6.61 -5.80 46.29
N ILE A 342 -7.01 -6.91 45.69
CA ILE A 342 -6.22 -7.61 44.69
C ILE A 342 -6.97 -7.52 43.36
N VAL A 343 -6.26 -7.13 42.30
CA VAL A 343 -6.86 -7.01 40.98
C VAL A 343 -6.32 -8.14 40.12
N MET A 344 -7.22 -8.93 39.55
CA MET A 344 -6.86 -10.00 38.63
C MET A 344 -7.42 -9.68 37.26
N ALA A 345 -6.67 -10.05 36.22
CA ALA A 345 -7.07 -9.78 34.85
C ALA A 345 -6.89 -11.03 34.00
N ALA A 346 -7.74 -11.17 32.99
CA ALA A 346 -7.70 -12.29 32.07
C ALA A 346 -7.39 -11.81 30.68
N THR A 347 -6.40 -12.43 30.04
CA THR A 347 -6.06 -12.14 28.67
C THR A 347 -5.80 -13.46 27.95
N ASN A 348 -5.71 -13.39 26.62
CA ASN A 348 -5.35 -14.56 25.85
C ASN A 348 -3.84 -14.73 25.78
N ARG A 349 -3.11 -13.62 25.67
CA ARG A 349 -1.66 -13.66 25.54
C ARG A 349 -1.06 -12.50 26.31
N PRO A 350 -0.04 -12.76 27.14
CA PRO A 350 0.65 -11.66 27.82
C PRO A 350 1.28 -10.67 26.88
N ASN A 351 1.56 -11.06 25.64
CA ASN A 351 2.20 -10.18 24.66
C ASN A 351 1.20 -9.37 23.84
N SER A 352 -0.08 -9.42 24.17
CA SER A 352 -1.07 -8.61 23.46
C SER A 352 -1.49 -7.37 24.25
N ILE A 353 -0.93 -7.17 25.43
CA ILE A 353 -1.35 -6.10 26.32
C ILE A 353 -0.19 -5.14 26.55
N ASP A 354 -0.53 -3.96 27.05
CA ASP A 354 0.45 -2.90 27.32
C ASP A 354 1.52 -3.45 28.25
N PRO A 355 2.79 -3.53 27.80
CA PRO A 355 3.84 -4.06 28.68
C PRO A 355 3.99 -3.30 29.99
N ALA A 356 3.54 -2.04 30.06
CA ALA A 356 3.65 -1.29 31.31
C ALA A 356 2.92 -1.97 32.46
N LEU A 357 1.88 -2.77 32.16
CA LEU A 357 1.09 -3.39 33.21
C LEU A 357 1.90 -4.37 34.02
N ARG A 358 2.96 -4.92 33.44
CA ARG A 358 3.73 -5.98 34.07
C ARG A 358 4.92 -5.46 34.87
N ARG A 359 5.04 -4.15 35.03
CA ARG A 359 6.07 -3.55 35.86
C ARG A 359 5.85 -3.91 37.32
N PHE A 360 6.96 -3.91 38.10
CA PHE A 360 6.93 -4.27 39.54
C PHE A 360 5.62 -3.78 40.13
N GLY A 361 4.91 -4.64 40.84
CA GLY A 361 3.60 -4.22 41.28
C GLY A 361 2.61 -4.51 40.17
N ARG A 362 1.51 -3.73 40.16
CA ARG A 362 0.48 -3.84 39.10
C ARG A 362 0.17 -5.30 38.77
N PHE A 363 0.54 -5.74 37.57
CA PHE A 363 0.29 -7.11 37.13
C PHE A 363 1.60 -7.85 36.86
N ASP A 364 2.55 -7.67 37.79
CA ASP A 364 3.83 -8.34 37.69
C ASP A 364 3.75 -9.84 37.86
N ARG A 365 2.87 -10.35 38.72
CA ARG A 365 2.67 -11.78 38.82
C ARG A 365 1.68 -12.26 37.76
N GLU A 366 1.93 -13.46 37.24
CA GLU A 366 1.06 -14.01 36.20
C GLU A 366 1.03 -15.52 36.34
N VAL A 367 -0.07 -16.14 35.92
CA VAL A 367 -0.20 -17.59 35.99
C VAL A 367 -0.72 -18.11 34.64
N ASP A 368 -0.05 -19.12 34.10
CA ASP A 368 -0.40 -19.73 32.83
C ASP A 368 -1.47 -20.80 33.07
N ILE A 369 -2.71 -20.50 32.68
CA ILE A 369 -3.78 -21.46 32.87
C ILE A 369 -3.79 -22.49 31.74
N GLY A 370 -3.58 -22.05 30.50
CA GLY A 370 -3.51 -22.99 29.41
C GLY A 370 -4.81 -23.77 29.21
N ILE A 371 -4.64 -25.04 28.86
CA ILE A 371 -5.76 -25.94 28.57
C ILE A 371 -5.60 -27.21 29.39
N PRO A 372 -6.68 -27.93 29.68
CA PRO A 372 -6.54 -29.21 30.39
C PRO A 372 -5.99 -30.30 29.49
N ASP A 373 -5.29 -31.25 30.10
CA ASP A 373 -4.91 -32.47 29.41
C ASP A 373 -5.99 -33.54 29.60
N ALA A 374 -5.69 -34.75 29.13
CA ALA A 374 -6.68 -35.83 29.18
C ALA A 374 -7.18 -36.08 30.59
N THR A 375 -6.31 -36.01 31.58
CA THR A 375 -6.74 -36.20 32.96
C THR A 375 -7.61 -35.04 33.42
N GLY A 376 -7.20 -33.81 33.12
CA GLY A 376 -8.00 -32.66 33.49
C GLY A 376 -9.36 -32.65 32.81
N ARG A 377 -9.42 -33.08 31.56
CA ARG A 377 -10.69 -33.13 30.84
C ARG A 377 -11.64 -34.11 31.49
N LEU A 378 -11.13 -35.27 31.93
CA LEU A 378 -11.96 -36.22 32.66
C LEU A 378 -12.50 -35.60 33.94
N GLU A 379 -11.64 -34.90 34.69
CA GLU A 379 -12.09 -34.24 35.91
C GLU A 379 -13.19 -33.23 35.62
N ILE A 380 -13.04 -32.46 34.54
CA ILE A 380 -14.06 -31.46 34.18
C ILE A 380 -15.38 -32.15 33.84
N LEU A 381 -15.33 -33.22 33.06
CA LEU A 381 -16.54 -33.97 32.71
C LEU A 381 -17.21 -34.52 33.96
N GLN A 382 -16.43 -35.04 34.91
CA GLN A 382 -17.00 -35.55 36.15
C GLN A 382 -17.66 -34.44 36.95
N ILE A 383 -17.09 -33.23 36.92
CA ILE A 383 -17.69 -32.11 37.65
C ILE A 383 -19.01 -31.70 37.00
N HIS A 384 -19.02 -31.58 35.68
CA HIS A 384 -20.23 -31.10 35.01
C HIS A 384 -21.28 -32.19 34.82
N THR A 385 -21.04 -33.38 35.37
CA THR A 385 -22.03 -34.46 35.36
C THR A 385 -22.53 -34.79 36.76
N LYS A 386 -22.14 -34.02 37.77
CA LYS A 386 -22.53 -34.32 39.14
C LYS A 386 -24.05 -34.43 39.29
N ASN A 387 -24.78 -33.58 38.57
CA ASN A 387 -26.23 -33.57 38.64
C ASN A 387 -26.89 -34.43 37.57
N MET A 388 -26.10 -35.09 36.72
CA MET A 388 -26.60 -35.86 35.59
C MET A 388 -26.70 -37.32 35.98
N LYS A 389 -27.78 -37.97 35.53
CA LYS A 389 -27.92 -39.42 35.69
C LYS A 389 -27.37 -40.09 34.43
N LEU A 390 -26.23 -40.76 34.58
CA LEU A 390 -25.57 -41.37 33.44
C LEU A 390 -25.91 -42.85 33.36
N ALA A 391 -26.06 -43.35 32.14
CA ALA A 391 -26.31 -44.77 31.95
C ALA A 391 -25.02 -45.57 32.12
N ASP A 392 -25.17 -46.87 32.33
CA ASP A 392 -24.00 -47.73 32.53
C ASP A 392 -23.07 -47.75 31.34
N ASP A 393 -23.53 -47.42 30.14
CA ASP A 393 -22.68 -47.43 28.96
C ASP A 393 -21.83 -46.16 28.83
N VAL A 394 -22.06 -45.16 29.67
CA VAL A 394 -21.33 -43.91 29.55
C VAL A 394 -19.98 -44.05 30.25
N ASP A 395 -18.92 -43.70 29.53
CA ASP A 395 -17.56 -43.75 30.07
C ASP A 395 -16.88 -42.43 29.76
N LEU A 396 -16.74 -41.58 30.78
CA LEU A 396 -16.19 -40.25 30.58
C LEU A 396 -14.69 -40.26 30.33
N GLU A 397 -14.01 -41.36 30.68
CA GLU A 397 -12.58 -41.45 30.39
C GLU A 397 -12.32 -41.58 28.89
N GLN A 398 -13.14 -42.39 28.21
CA GLN A 398 -13.02 -42.51 26.76
C GLN A 398 -13.34 -41.19 26.09
N VAL A 399 -14.32 -40.45 26.61
CA VAL A 399 -14.66 -39.15 26.06
C VAL A 399 -13.49 -38.19 26.24
N ALA A 400 -12.93 -38.13 27.45
CA ALA A 400 -11.80 -37.25 27.70
C ALA A 400 -10.63 -37.53 26.77
N ASN A 401 -10.41 -38.80 26.42
CA ASN A 401 -9.36 -39.12 25.47
C ASN A 401 -9.73 -38.70 24.05
N GLU A 402 -11.03 -38.73 23.72
CA GLU A 402 -11.42 -38.36 22.35
C GLU A 402 -11.52 -36.86 22.17
N THR A 403 -11.84 -36.12 23.24
CA THR A 403 -12.04 -34.68 23.12
C THR A 403 -10.72 -33.91 23.04
N HIS A 404 -9.91 -34.19 22.03
CA HIS A 404 -8.69 -33.44 21.83
C HIS A 404 -8.99 -32.03 21.34
N GLY A 405 -8.29 -31.05 21.90
CA GLY A 405 -8.49 -29.66 21.55
C GLY A 405 -9.64 -28.98 22.24
N HIS A 406 -10.32 -29.66 23.17
CA HIS A 406 -11.43 -29.07 23.88
C HIS A 406 -10.99 -28.47 25.20
N VAL A 407 -11.66 -27.39 25.62
CA VAL A 407 -11.40 -26.74 26.89
C VAL A 407 -12.61 -26.99 27.79
N GLY A 408 -12.55 -26.53 29.03
CA GLY A 408 -13.64 -26.77 29.96
C GLY A 408 -14.98 -26.25 29.48
N ALA A 409 -14.99 -25.10 28.80
CA ALA A 409 -16.24 -24.57 28.27
C ALA A 409 -16.78 -25.45 27.15
N ASP A 410 -15.90 -26.12 26.42
CA ASP A 410 -16.36 -27.07 25.40
C ASP A 410 -16.93 -28.33 26.04
N LEU A 411 -16.30 -28.82 27.10
CA LEU A 411 -16.82 -30.01 27.77
C LEU A 411 -18.14 -29.72 28.48
N ALA A 412 -18.30 -28.49 29.00
CA ALA A 412 -19.58 -28.11 29.58
C ALA A 412 -20.66 -28.08 28.50
N ALA A 413 -20.35 -27.54 27.33
CA ALA A 413 -21.30 -27.57 26.22
C ALA A 413 -21.61 -29.00 25.79
N LEU A 414 -20.60 -29.87 25.81
CA LEU A 414 -20.80 -31.27 25.48
C LEU A 414 -21.81 -31.93 26.42
N CYS A 415 -21.65 -31.72 27.73
CA CYS A 415 -22.61 -32.27 28.69
C CYS A 415 -24.00 -31.71 28.46
N SER A 416 -24.11 -30.40 28.18
CA SER A 416 -25.42 -29.80 27.95
C SER A 416 -26.11 -30.43 26.74
N GLU A 417 -25.38 -30.57 25.63
CA GLU A 417 -25.97 -31.11 24.41
C GLU A 417 -26.39 -32.56 24.60
N ALA A 418 -25.59 -33.35 25.31
CA ALA A 418 -25.97 -34.73 25.59
C ALA A 418 -27.23 -34.79 26.44
N ALA A 419 -27.37 -33.88 27.41
CA ALA A 419 -28.59 -33.83 28.21
C ALA A 419 -29.80 -33.47 27.36
N LEU A 420 -29.63 -32.55 26.41
CA LEU A 420 -30.75 -32.14 25.57
C LEU A 420 -31.27 -33.31 24.73
N GLN A 421 -30.37 -34.18 24.26
CA GLN A 421 -30.79 -35.34 23.50
C GLN A 421 -31.65 -36.27 24.36
N ALA A 422 -31.22 -36.51 25.60
CA ALA A 422 -32.01 -37.33 26.51
C ALA A 422 -33.36 -36.70 26.80
N ILE A 423 -33.40 -35.37 26.92
CA ILE A 423 -34.67 -34.69 27.20
C ILE A 423 -35.64 -34.87 26.04
N ARG A 424 -35.19 -34.64 24.81
CA ARG A 424 -36.07 -34.79 23.66
C ARG A 424 -36.62 -36.21 23.55
N LYS A 425 -35.78 -37.20 23.82
CA LYS A 425 -36.19 -38.59 23.66
C LYS A 425 -37.17 -39.04 24.74
N LYS A 426 -37.03 -38.54 25.97
CA LYS A 426 -37.84 -39.06 27.08
C LYS A 426 -38.86 -38.05 27.58
N MET A 427 -38.45 -36.79 27.72
CA MET A 427 -39.32 -35.78 28.33
C MET A 427 -40.50 -35.44 27.42
N ASP A 428 -40.25 -35.29 26.12
CA ASP A 428 -41.34 -35.06 25.18
C ASP A 428 -42.12 -36.34 24.92
N LEU A 429 -41.45 -37.49 24.96
CA LEU A 429 -42.11 -38.76 24.73
C LEU A 429 -43.21 -39.04 25.75
N ILE A 430 -42.97 -38.79 27.04
CA ILE A 430 -43.98 -38.98 28.06
C ILE A 430 -45.08 -37.92 28.00
N ASP A 431 -44.95 -36.93 27.12
CA ASP A 431 -45.87 -35.82 26.95
C ASP A 431 -46.08 -35.01 28.23
N LEU A 432 -45.01 -34.48 28.82
CA LEU A 432 -45.13 -33.65 30.02
C LEU A 432 -44.99 -32.19 29.61
N GLU A 433 -46.14 -31.51 29.54
CA GLU A 433 -46.15 -30.09 29.20
C GLU A 433 -46.90 -29.32 30.28
N ASP A 434 -46.17 -28.53 31.05
CA ASP A 434 -46.74 -27.76 32.16
C ASP A 434 -45.73 -26.67 32.52
N GLU A 435 -46.08 -25.83 33.51
CA GLU A 435 -45.14 -24.83 34.00
C GLU A 435 -43.97 -25.43 34.78
N THR A 436 -44.15 -26.57 35.45
CA THR A 436 -43.10 -27.20 36.21
C THR A 436 -42.87 -28.61 35.68
N ILE A 437 -41.75 -29.20 36.09
CA ILE A 437 -41.36 -30.53 35.65
C ILE A 437 -41.36 -31.44 36.87
N ASP A 438 -41.98 -32.61 36.74
CA ASP A 438 -42.05 -33.55 37.85
C ASP A 438 -40.65 -34.05 38.20
N ALA A 439 -40.34 -34.06 39.50
CA ALA A 439 -39.02 -34.53 39.94
C ALA A 439 -38.84 -36.02 39.67
N GLU A 440 -39.92 -36.79 39.76
CA GLU A 440 -39.83 -38.22 39.49
C GLU A 440 -39.41 -38.50 38.04
N VAL A 441 -39.89 -37.68 37.11
CA VAL A 441 -39.50 -37.87 35.72
C VAL A 441 -38.01 -37.57 35.55
N MET A 442 -37.53 -36.49 36.16
CA MET A 442 -36.11 -36.17 36.08
C MET A 442 -35.27 -37.26 36.74
N ASN A 443 -35.78 -37.84 37.81
CA ASN A 443 -35.07 -38.91 38.50
C ASN A 443 -34.80 -40.10 37.59
N SER A 444 -35.73 -40.40 36.67
CA SER A 444 -35.55 -41.50 35.74
C SER A 444 -34.95 -41.09 34.41
N LEU A 445 -34.55 -39.83 34.26
CA LEU A 445 -34.03 -39.34 32.98
C LEU A 445 -32.53 -39.57 32.94
N ALA A 446 -32.11 -40.57 32.17
CA ALA A 446 -30.70 -40.92 32.07
C ALA A 446 -30.14 -40.53 30.70
N VAL A 447 -28.87 -40.17 30.68
CA VAL A 447 -28.16 -39.79 29.47
C VAL A 447 -27.24 -40.94 29.07
N THR A 448 -27.48 -41.50 27.89
CA THR A 448 -26.73 -42.64 27.39
C THR A 448 -25.51 -42.19 26.60
N MET A 449 -24.65 -43.16 26.28
CA MET A 449 -23.43 -42.86 25.54
C MET A 449 -23.74 -42.44 24.11
N ASP A 450 -24.85 -42.91 23.56
CA ASP A 450 -25.26 -42.51 22.22
C ASP A 450 -25.53 -41.00 22.17
N ASP A 451 -26.05 -40.44 23.26
CA ASP A 451 -26.31 -39.00 23.31
C ASP A 451 -25.02 -38.21 23.42
N PHE A 452 -24.01 -38.75 24.11
CA PHE A 452 -22.70 -38.10 24.13
C PHE A 452 -22.03 -38.17 22.77
N ARG A 453 -22.11 -39.32 22.09
CA ARG A 453 -21.52 -39.43 20.76
C ARG A 453 -22.14 -38.43 19.80
N TRP A 454 -23.47 -38.28 19.84
CA TRP A 454 -24.14 -37.29 19.01
C TRP A 454 -23.64 -35.89 19.33
N ALA A 455 -23.57 -35.54 20.61
CA ALA A 455 -23.10 -34.22 21.01
C ALA A 455 -21.66 -33.99 20.57
N LEU A 456 -20.82 -35.02 20.62
CA LEU A 456 -19.45 -34.90 20.16
C LEU A 456 -19.39 -34.56 18.68
N SER A 457 -20.33 -35.11 17.90
CA SER A 457 -20.37 -34.79 16.48
C SER A 457 -20.78 -33.35 16.24
N GLN A 458 -21.60 -32.80 17.12
CA GLN A 458 -22.04 -31.41 16.94
C GLN A 458 -21.13 -30.42 17.65
N SER A 459 -20.21 -30.88 18.49
CA SER A 459 -19.29 -29.99 19.18
C SER A 459 -18.05 -29.71 18.35
N ASN A 460 -17.49 -28.52 18.54
CA ASN A 460 -16.31 -28.08 17.80
C ASN A 460 -15.26 -27.45 18.73
N PRO A 461 -14.10 -28.08 18.85
CA PRO A 461 -13.11 -27.61 19.83
C PRO A 461 -12.66 -26.20 19.54
N SER A 462 -12.52 -25.41 20.62
CA SER A 462 -12.08 -24.03 20.49
C SER A 462 -10.57 -23.87 20.60
N ALA A 463 -9.87 -24.88 21.11
CA ALA A 463 -8.43 -24.80 21.34
C ALA A 463 -7.67 -25.72 20.39
N LEU A 464 -8.33 -26.13 19.30
CA LEU A 464 -7.68 -27.02 18.33
C LEU A 464 -6.50 -26.37 17.63
N ARG A 465 -6.42 -25.04 17.60
CA ARG A 465 -5.31 -24.40 16.91
C ARG A 465 -4.07 -24.25 17.79
N GLU A 466 -4.16 -24.59 19.07
CA GLU A 466 -3.05 -24.30 19.98
C GLU A 466 -2.17 -25.52 20.18
N THR A 467 -0.92 -25.28 20.55
CA THR A 467 -0.01 -26.35 20.92
C THR A 467 -0.40 -26.99 22.24
N VAL A 468 -0.49 -28.32 22.26
CA VAL A 468 -0.86 -29.02 23.48
C VAL A 468 0.39 -29.44 24.24
N VAL A 469 0.48 -29.04 25.50
CA VAL A 469 1.65 -29.29 26.33
C VAL A 469 1.17 -30.10 27.54
N GLU A 470 1.71 -31.30 27.71
CA GLU A 470 1.27 -32.18 28.78
C GLU A 470 2.34 -33.24 29.01
N VAL A 471 2.22 -33.94 30.13
CA VAL A 471 3.06 -35.10 30.41
C VAL A 471 2.60 -36.24 29.52
N PRO A 472 3.49 -36.76 28.66
CA PRO A 472 3.15 -37.84 27.72
C PRO A 472 2.84 -39.19 28.38
N GLN A 473 2.05 -40.03 27.70
CA GLN A 473 1.72 -41.35 28.23
C GLN A 473 2.69 -42.42 27.75
N VAL A 474 3.73 -42.04 27.00
CA VAL A 474 4.69 -43.02 26.51
C VAL A 474 5.64 -43.40 27.64
N THR A 475 5.83 -44.70 27.83
CA THR A 475 6.71 -45.24 28.85
C THR A 475 7.80 -46.04 28.16
N TRP A 476 8.78 -46.51 28.95
CA TRP A 476 9.91 -47.23 28.38
C TRP A 476 9.47 -48.57 27.80
N GLU A 477 8.40 -49.16 28.33
CA GLU A 477 7.90 -50.41 27.81
C GLU A 477 7.35 -50.29 26.40
N ASP A 478 7.12 -49.05 25.92
CA ASP A 478 6.59 -48.84 24.58
C ASP A 478 7.68 -48.83 23.51
N ILE A 479 8.95 -48.88 23.91
CA ILE A 479 10.06 -48.77 22.98
C ILE A 479 10.84 -50.09 22.99
N GLY A 480 10.89 -50.76 21.85
CA GLY A 480 11.65 -51.98 21.74
C GLY A 480 13.12 -51.69 21.51
N GLY A 481 13.98 -52.42 22.21
CA GLY A 481 15.41 -52.26 22.01
C GLY A 481 15.93 -50.97 22.65
N LEU A 482 17.14 -50.60 22.25
CA LEU A 482 17.80 -49.37 22.70
C LEU A 482 17.89 -49.28 24.22
N GLU A 483 18.25 -50.38 24.90
CA GLU A 483 18.30 -50.35 26.35
C GLU A 483 19.31 -49.35 26.87
N ASP A 484 20.44 -49.19 26.16
CA ASP A 484 21.48 -48.29 26.62
C ASP A 484 21.09 -46.83 26.41
N VAL A 485 20.38 -46.54 25.33
CA VAL A 485 19.93 -45.17 25.09
C VAL A 485 18.96 -44.72 26.18
N LYS A 486 18.07 -45.61 26.60
CA LYS A 486 17.15 -45.27 27.68
C LYS A 486 17.91 -44.84 28.94
N ARG A 487 18.97 -45.58 29.28
CA ARG A 487 19.76 -45.21 30.45
C ARG A 487 20.48 -43.88 30.24
N GLU A 488 20.95 -43.64 29.02
CA GLU A 488 21.68 -42.40 28.72
C GLU A 488 20.78 -41.18 28.93
N LEU A 489 19.52 -41.27 28.53
CA LEU A 489 18.59 -40.17 28.76
C LEU A 489 18.35 -39.95 30.24
N GLN A 490 18.26 -41.03 31.02
CA GLN A 490 18.13 -40.87 32.46
C GLN A 490 19.33 -40.15 33.06
N GLU A 491 20.53 -40.46 32.57
CA GLU A 491 21.73 -39.77 33.07
C GLU A 491 21.70 -38.30 32.71
N LEU A 492 21.21 -37.96 31.52
CA LEU A 492 21.22 -36.57 31.07
C LEU A 492 20.07 -35.78 31.64
N VAL A 493 18.90 -36.39 31.82
CA VAL A 493 17.71 -35.66 32.22
C VAL A 493 17.39 -35.78 33.71
N GLN A 494 17.50 -36.97 34.30
CA GLN A 494 17.05 -37.16 35.67
C GLN A 494 18.17 -36.96 36.70
N TYR A 495 19.35 -37.51 36.45
CA TYR A 495 20.44 -37.41 37.41
C TYR A 495 20.78 -35.97 37.81
N PRO A 496 20.78 -34.97 36.91
CA PRO A 496 21.11 -33.61 37.35
C PRO A 496 20.22 -33.06 38.44
N VAL A 497 19.01 -33.60 38.60
CA VAL A 497 18.11 -33.15 39.65
C VAL A 497 17.88 -34.19 40.73
N GLU A 498 18.15 -35.47 40.44
CA GLU A 498 18.09 -36.48 41.50
C GLU A 498 19.34 -36.46 42.38
N HIS A 499 20.50 -36.09 41.83
CA HIS A 499 21.72 -36.05 42.62
C HIS A 499 22.45 -34.73 42.44
N PRO A 500 21.81 -33.60 42.72
CA PRO A 500 22.46 -32.31 42.42
C PRO A 500 23.76 -32.09 43.18
N ASP A 501 23.91 -32.75 44.33
CA ASP A 501 25.12 -32.60 45.13
C ASP A 501 26.30 -33.32 44.49
N LYS A 502 26.06 -34.39 43.73
CA LYS A 502 27.15 -35.09 43.07
C LYS A 502 27.67 -34.31 41.87
N PHE A 503 26.77 -33.65 41.13
CA PHE A 503 27.20 -32.82 40.01
C PHE A 503 28.02 -31.63 40.49
N LEU A 504 27.60 -31.00 41.60
CA LEU A 504 28.40 -29.92 42.16
C LEU A 504 29.70 -30.43 42.76
N LYS A 505 29.64 -31.57 43.46
CA LYS A 505 30.82 -32.08 44.15
C LYS A 505 31.99 -32.28 43.20
N PHE A 506 31.73 -32.84 42.02
CA PHE A 506 32.81 -33.18 41.09
C PHE A 506 32.98 -32.15 39.99
N GLY A 507 32.31 -31.01 40.08
CA GLY A 507 32.46 -29.96 39.08
C GLY A 507 31.90 -30.29 37.72
N MET A 508 30.76 -30.96 37.67
CA MET A 508 30.13 -31.36 36.41
C MET A 508 29.34 -30.20 35.84
N THR A 509 29.39 -30.04 34.52
CA THR A 509 28.52 -29.10 33.85
C THR A 509 27.35 -29.85 33.21
N PRO A 510 26.14 -29.71 33.74
CA PRO A 510 25.01 -30.47 33.17
C PRO A 510 24.78 -30.12 31.71
N SER A 511 24.41 -31.13 30.93
CA SER A 511 24.05 -30.90 29.53
C SER A 511 22.65 -30.34 29.44
N LYS A 512 22.46 -29.42 28.50
CA LYS A 512 21.16 -28.80 28.27
C LYS A 512 20.32 -29.52 27.22
N GLY A 513 20.86 -30.55 26.57
CA GLY A 513 20.10 -31.23 25.54
C GLY A 513 20.93 -32.28 24.83
N VAL A 514 20.26 -33.05 23.98
CA VAL A 514 20.87 -34.12 23.19
C VAL A 514 20.21 -34.13 21.83
N LEU A 515 20.98 -34.53 20.81
CA LEU A 515 20.48 -34.69 19.45
C LEU A 515 20.53 -36.18 19.10
N PHE A 516 19.48 -36.67 18.44
CA PHE A 516 19.47 -38.04 17.96
C PHE A 516 19.66 -38.05 16.46
N TYR A 517 20.42 -39.03 15.97
CA TYR A 517 20.62 -39.17 14.53
C TYR A 517 20.60 -40.64 14.16
N GLY A 518 20.35 -40.90 12.89
CA GLY A 518 20.23 -42.25 12.39
C GLY A 518 19.03 -42.42 11.49
N PRO A 519 18.76 -43.65 11.07
CA PRO A 519 17.64 -43.90 10.15
C PRO A 519 16.33 -43.41 10.75
N PRO A 520 15.40 -42.95 9.93
CA PRO A 520 14.08 -42.56 10.44
C PRO A 520 13.25 -43.74 10.89
N GLY A 521 12.29 -43.47 11.76
CA GLY A 521 11.36 -44.48 12.22
C GLY A 521 11.94 -45.49 13.18
N CYS A 522 12.93 -45.09 13.99
CA CYS A 522 13.55 -45.99 14.95
C CYS A 522 13.26 -45.62 16.40
N GLY A 523 12.30 -44.72 16.65
CA GLY A 523 11.93 -44.37 18.01
C GLY A 523 12.46 -43.07 18.54
N LYS A 524 12.99 -42.18 17.69
CA LYS A 524 13.53 -40.92 18.19
C LYS A 524 12.49 -40.13 18.98
N THR A 525 11.24 -40.13 18.52
CA THR A 525 10.20 -39.37 19.20
C THR A 525 9.79 -40.03 20.51
N LEU A 526 9.63 -41.36 20.49
CA LEU A 526 9.22 -42.08 21.68
C LEU A 526 10.24 -41.94 22.79
N LEU A 527 11.53 -41.92 22.43
CA LEU A 527 12.59 -41.75 23.42
C LEU A 527 12.44 -40.42 24.15
N ALA A 528 12.17 -39.35 23.41
CA ALA A 528 11.98 -38.05 24.05
C ALA A 528 10.73 -38.04 24.93
N LYS A 529 9.66 -38.67 24.48
CA LYS A 529 8.44 -38.70 25.29
C LYS A 529 8.61 -39.59 26.52
N ALA A 530 9.26 -40.74 26.36
CA ALA A 530 9.37 -41.70 27.46
C ALA A 530 10.12 -41.11 28.64
N ILE A 531 11.19 -40.36 28.38
CA ILE A 531 11.93 -39.74 29.48
C ILE A 531 11.11 -38.62 30.10
N ALA A 532 10.36 -37.87 29.29
CA ALA A 532 9.48 -36.85 29.83
C ALA A 532 8.41 -37.47 30.72
N ASN A 533 7.93 -38.65 30.35
CA ASN A 533 6.87 -39.29 31.13
C ASN A 533 7.40 -39.76 32.49
N GLU A 534 8.51 -40.51 32.48
CA GLU A 534 9.01 -41.08 33.73
C GLU A 534 9.31 -40.01 34.76
N CYS A 535 9.85 -38.87 34.33
CA CYS A 535 10.14 -37.77 35.24
C CYS A 535 8.96 -36.83 35.42
N GLN A 536 7.81 -37.15 34.83
CA GLN A 536 6.59 -36.33 34.93
C GLN A 536 6.87 -34.89 34.55
N ALA A 537 7.49 -34.69 33.38
CA ALA A 537 7.77 -33.36 32.87
C ALA A 537 6.86 -33.05 31.70
N ASN A 538 6.55 -31.77 31.53
CA ASN A 538 5.71 -31.35 30.43
C ASN A 538 6.46 -31.51 29.11
N PHE A 539 5.84 -32.21 28.17
CA PHE A 539 6.46 -32.48 26.88
C PHE A 539 5.88 -31.55 25.85
N ILE A 540 6.75 -30.84 25.13
CA ILE A 540 6.36 -29.92 24.08
C ILE A 540 6.86 -30.48 22.76
N SER A 541 5.95 -30.72 21.83
CA SER A 541 6.29 -31.35 20.56
C SER A 541 6.28 -30.29 19.47
N ILE A 542 7.44 -30.05 18.88
CA ILE A 542 7.58 -29.16 17.73
C ILE A 542 7.92 -30.04 16.54
N LYS A 543 7.12 -29.91 15.48
CA LYS A 543 7.27 -30.75 14.31
C LYS A 543 7.70 -29.93 13.10
N GLY A 544 8.18 -30.63 12.07
CA GLY A 544 8.66 -30.01 10.87
C GLY A 544 7.78 -28.89 10.34
N PRO A 545 6.50 -29.17 10.10
CA PRO A 545 5.62 -28.12 9.57
C PRO A 545 5.64 -26.83 10.37
N GLU A 546 5.85 -26.89 11.70
CA GLU A 546 5.91 -25.67 12.48
C GLU A 546 7.23 -24.93 12.27
N LEU A 547 8.34 -25.66 12.22
CA LEU A 547 9.62 -25.05 11.90
C LEU A 547 9.61 -24.46 10.49
N LEU A 548 8.95 -25.15 9.56
CA LEU A 548 8.89 -24.65 8.19
C LEU A 548 8.00 -23.42 8.10
N THR A 549 6.88 -23.40 8.81
CA THR A 549 6.00 -22.22 8.80
C THR A 549 6.76 -20.99 9.26
N MET A 550 7.51 -21.12 10.35
CA MET A 550 8.28 -19.97 10.83
C MET A 550 9.33 -19.53 9.82
N TRP A 551 10.05 -20.47 9.21
CA TRP A 551 11.06 -20.11 8.22
C TRP A 551 10.43 -19.47 6.99
N PHE A 552 9.43 -20.12 6.40
CA PHE A 552 8.83 -19.62 5.16
C PHE A 552 8.22 -18.24 5.37
N GLY A 553 7.55 -18.03 6.49
CA GLY A 553 6.88 -16.78 6.72
C GLY A 553 7.72 -15.71 7.38
N GLU A 554 9.02 -15.98 7.58
CA GLU A 554 9.93 -15.05 8.25
C GLU A 554 9.33 -14.56 9.56
N SER A 555 8.89 -15.50 10.38
CA SER A 555 8.30 -15.23 11.68
C SER A 555 9.03 -15.97 12.78
N GLU A 556 10.37 -15.94 12.71
CA GLU A 556 11.19 -16.66 13.68
C GLU A 556 11.04 -16.12 15.10
N ALA A 557 10.38 -14.97 15.27
CA ALA A 557 10.09 -14.48 16.61
C ALA A 557 9.26 -15.48 17.41
N ASN A 558 8.52 -16.35 16.72
CA ASN A 558 7.73 -17.37 17.39
C ASN A 558 8.62 -18.38 18.11
N VAL A 559 9.89 -18.50 17.72
CA VAL A 559 10.79 -19.41 18.41
C VAL A 559 10.96 -18.96 19.86
N ARG A 560 11.09 -17.66 20.08
CA ARG A 560 11.25 -17.14 21.43
C ARG A 560 10.02 -17.44 22.27
N GLU A 561 8.83 -17.39 21.65
CA GLU A 561 7.61 -17.74 22.36
C GLU A 561 7.59 -19.21 22.72
N ILE A 562 8.12 -20.07 21.85
CA ILE A 562 8.15 -21.50 22.12
C ILE A 562 9.04 -21.78 23.32
N PHE A 563 10.23 -21.15 23.33
CA PHE A 563 11.15 -21.39 24.43
C PHE A 563 10.62 -20.78 25.72
N ASP A 564 9.92 -19.65 25.60
CA ASP A 564 9.31 -19.06 26.78
C ASP A 564 8.23 -19.96 27.35
N LYS A 565 7.50 -20.69 26.50
CA LYS A 565 6.54 -21.65 27.01
C LYS A 565 7.24 -22.79 27.73
N ALA A 566 8.36 -23.27 27.16
CA ALA A 566 9.14 -24.30 27.83
C ALA A 566 9.66 -23.80 29.17
N ARG A 567 10.10 -22.54 29.20
CA ARG A 567 10.55 -21.95 30.46
C ARG A 567 9.44 -21.96 31.50
N GLN A 568 8.26 -21.46 31.13
CA GLN A 568 7.15 -21.40 32.08
C GLN A 568 6.65 -22.79 32.44
N ALA A 569 6.72 -23.73 31.50
CA ALA A 569 6.22 -25.08 31.71
C ALA A 569 7.21 -25.96 32.46
N ALA A 570 8.38 -25.44 32.83
CA ALA A 570 9.39 -26.25 33.48
C ALA A 570 8.83 -26.86 34.77
N PRO A 571 9.28 -28.07 35.15
CA PRO A 571 10.14 -28.94 34.35
C PRO A 571 9.48 -29.44 33.07
N CYS A 572 10.23 -29.44 31.97
CA CYS A 572 9.66 -29.80 30.68
C CYS A 572 10.76 -30.36 29.79
N VAL A 573 10.34 -31.04 28.73
CA VAL A 573 11.23 -31.51 27.68
C VAL A 573 10.73 -30.95 26.36
N LEU A 574 11.55 -30.12 25.72
CA LEU A 574 11.17 -29.47 24.48
C LEU A 574 11.85 -30.20 23.33
N PHE A 575 11.05 -30.88 22.51
CA PHE A 575 11.54 -31.77 21.47
C PHE A 575 11.35 -31.11 20.12
N PHE A 576 12.44 -30.91 19.39
CA PHE A 576 12.42 -30.34 18.05
C PHE A 576 12.65 -31.47 17.06
N ASP A 577 11.57 -31.99 16.49
CA ASP A 577 11.67 -33.01 15.47
C ASP A 577 11.93 -32.37 14.11
N GLU A 578 12.44 -33.18 13.18
CA GLU A 578 12.65 -32.76 11.80
C GLU A 578 13.48 -31.49 11.74
N LEU A 579 14.60 -31.49 12.46
CA LEU A 579 15.51 -30.35 12.43
C LEU A 579 16.02 -30.10 11.02
N ASP A 580 16.04 -31.11 10.16
CA ASP A 580 16.51 -30.99 8.79
C ASP A 580 15.41 -30.54 7.83
N SER A 581 14.22 -30.24 8.33
CA SER A 581 13.14 -29.82 7.44
C SER A 581 13.45 -28.51 6.75
N ILE A 582 14.05 -27.56 7.46
CA ILE A 582 14.40 -26.28 6.85
C ILE A 582 15.62 -26.43 5.95
N ALA A 583 16.64 -27.16 6.43
CA ALA A 583 17.81 -27.40 5.59
C ALA A 583 17.43 -28.09 4.29
N LYS A 584 16.44 -28.98 4.33
CA LYS A 584 15.95 -29.59 3.11
C LYS A 584 15.11 -28.61 2.29
N ALA A 585 14.23 -27.86 2.97
CA ALA A 585 13.33 -26.96 2.26
C ALA A 585 14.09 -25.94 1.45
N ARG A 586 15.22 -25.44 1.96
CA ARG A 586 16.06 -24.48 1.28
C ARG A 586 16.90 -25.12 0.18
N GLY A 587 16.93 -26.45 0.10
CA GLY A 587 17.70 -27.14 -0.92
C GLY A 587 18.26 -28.45 -0.42
N GLY A 588 18.80 -28.46 0.79
CA GLY A 588 19.34 -29.68 1.37
C GLY A 588 20.54 -30.23 0.66
N ASN A 589 20.31 -30.87 -0.49
CA ASN A 589 21.42 -31.52 -1.25
C ASN A 589 21.99 -30.49 -2.22
N ILE A 590 21.19 -29.52 -2.63
CA ILE A 590 21.68 -28.50 -3.61
C ILE A 590 21.68 -27.15 -2.89
N GLY A 591 20.53 -26.47 -2.84
CA GLY A 591 20.42 -25.19 -2.12
C GLY A 591 21.16 -24.04 -2.77
N ASP A 592 21.39 -22.95 -2.04
CA ASP A 592 22.17 -21.84 -2.56
C ASP A 592 23.62 -21.95 -2.09
N GLY A 593 24.39 -20.89 -2.30
CA GLY A 593 25.79 -20.91 -1.96
C GLY A 593 26.12 -20.76 -0.50
N GLY A 594 25.10 -20.60 0.36
CA GLY A 594 25.32 -20.28 1.75
C GLY A 594 25.52 -21.52 2.62
N GLY A 595 25.41 -21.31 3.92
CA GLY A 595 25.62 -22.36 4.89
C GLY A 595 24.31 -22.90 5.45
N ALA A 596 24.43 -23.53 6.62
CA ALA A 596 23.27 -24.14 7.25
C ALA A 596 22.52 -23.17 8.15
N ALA A 597 23.02 -21.96 8.34
CA ALA A 597 22.35 -20.99 9.19
C ALA A 597 21.13 -20.39 8.49
N ASP A 598 20.08 -20.18 9.26
CA ASP A 598 18.84 -19.58 8.76
C ASP A 598 18.15 -18.86 9.89
N ARG A 599 17.02 -18.23 9.57
CA ARG A 599 16.31 -17.38 10.53
C ARG A 599 15.90 -18.15 11.78
N VAL A 600 15.42 -19.38 11.60
CA VAL A 600 14.81 -20.12 12.70
C VAL A 600 15.86 -20.75 13.59
N ILE A 601 16.87 -21.39 12.98
CA ILE A 601 17.91 -22.00 13.79
C ILE A 601 18.67 -20.94 14.57
N ASN A 602 18.82 -19.74 14.01
CA ASN A 602 19.51 -18.67 14.73
C ASN A 602 18.81 -18.31 16.02
N GLN A 603 17.48 -18.20 15.98
CA GLN A 603 16.73 -17.91 17.20
C GLN A 603 16.80 -19.07 18.18
N ILE A 604 16.81 -20.30 17.66
CA ILE A 604 16.92 -21.47 18.54
C ILE A 604 18.26 -21.46 19.26
N LEU A 605 19.34 -21.19 18.52
CA LEU A 605 20.67 -21.13 19.13
C LEU A 605 20.75 -20.05 20.19
N THR A 606 20.13 -18.90 19.92
CA THR A 606 20.13 -17.81 20.90
C THR A 606 19.36 -18.19 22.15
N GLU A 607 18.15 -18.74 21.98
CA GLU A 607 17.31 -19.06 23.14
C GLU A 607 17.93 -20.15 23.99
N MET A 608 18.57 -21.14 23.38
CA MET A 608 19.24 -22.19 24.15
C MET A 608 20.38 -21.63 24.97
N ASP A 609 21.22 -20.79 24.35
CA ASP A 609 22.34 -20.21 25.07
C ASP A 609 21.91 -19.36 26.26
N GLY A 610 20.79 -18.65 26.15
CA GLY A 610 20.29 -17.83 27.23
C GLY A 610 19.43 -18.56 28.25
N MET A 611 19.22 -19.86 28.09
CA MET A 611 18.38 -20.59 29.02
C MET A 611 19.20 -21.02 30.24
N SER A 612 18.61 -20.84 31.41
CA SER A 612 19.30 -21.16 32.66
C SER A 612 19.42 -22.66 32.85
N THR A 613 20.61 -23.11 33.24
CA THR A 613 20.85 -24.54 33.39
C THR A 613 19.93 -25.16 34.44
N LYS A 614 19.65 -24.44 35.52
CA LYS A 614 18.85 -24.97 36.62
C LYS A 614 17.36 -24.73 36.45
N LYS A 615 16.91 -24.32 35.26
CA LYS A 615 15.49 -24.10 35.04
C LYS A 615 14.75 -25.38 34.67
N ASN A 616 15.46 -26.51 34.57
CA ASN A 616 14.85 -27.81 34.27
C ASN A 616 14.15 -27.79 32.91
N VAL A 617 14.79 -27.16 31.94
CA VAL A 617 14.32 -27.18 30.55
C VAL A 617 15.35 -27.94 29.72
N PHE A 618 14.98 -29.14 29.29
CA PHE A 618 15.88 -29.99 28.53
C PHE A 618 15.44 -30.02 27.08
N ILE A 619 16.40 -29.87 26.17
CA ILE A 619 16.14 -29.79 24.74
C ILE A 619 16.58 -31.10 24.10
N ILE A 620 15.71 -31.70 23.29
CA ILE A 620 16.04 -32.88 22.51
C ILE A 620 15.78 -32.57 21.05
N GLY A 621 16.74 -32.89 20.19
CA GLY A 621 16.57 -32.72 18.77
C GLY A 621 16.63 -34.05 18.04
N ALA A 622 16.01 -34.09 16.87
CA ALA A 622 16.07 -35.26 16.01
C ALA A 622 16.24 -34.82 14.57
N THR A 623 17.18 -35.45 13.87
CA THR A 623 17.40 -35.17 12.46
C THR A 623 17.66 -36.48 11.74
N ASN A 624 17.41 -36.48 10.43
CA ASN A 624 17.73 -37.62 9.58
C ASN A 624 18.91 -37.33 8.67
N ARG A 625 19.44 -36.11 8.72
CA ARG A 625 20.52 -35.66 7.85
C ARG A 625 21.42 -34.74 8.66
N PRO A 626 22.22 -35.29 9.57
CA PRO A 626 23.09 -34.44 10.38
C PRO A 626 24.08 -33.62 9.57
N ASP A 627 24.39 -34.04 8.34
CA ASP A 627 25.41 -33.34 7.57
C ASP A 627 24.93 -31.96 7.11
N ILE A 628 23.63 -31.69 7.21
CA ILE A 628 23.09 -30.38 6.84
C ILE A 628 22.50 -29.64 8.01
N ILE A 629 22.86 -30.01 9.24
CA ILE A 629 22.41 -29.25 10.41
C ILE A 629 23.52 -28.33 10.87
N ASP A 630 23.20 -27.07 11.11
CA ASP A 630 24.20 -26.11 11.52
C ASP A 630 25.02 -26.68 12.68
N PRO A 631 26.31 -26.95 12.48
CA PRO A 631 27.11 -27.56 13.55
C PRO A 631 27.13 -26.75 14.83
N ALA A 632 26.77 -25.47 14.78
CA ALA A 632 26.77 -24.65 15.98
C ALA A 632 25.92 -25.26 17.09
N ILE A 633 24.82 -25.92 16.73
CA ILE A 633 23.93 -26.48 17.74
C ILE A 633 24.58 -27.63 18.50
N LEU A 634 25.67 -28.19 17.97
CA LEU A 634 26.33 -29.31 18.60
C LEU A 634 27.48 -28.92 19.52
N ARG A 635 27.73 -27.63 19.70
CA ARG A 635 28.82 -27.17 20.54
C ARG A 635 28.43 -27.26 22.02
N PRO A 636 29.42 -27.28 22.92
CA PRO A 636 29.10 -27.32 24.35
C PRO A 636 28.14 -26.20 24.74
N GLY A 637 27.20 -26.54 25.62
CA GLY A 637 26.17 -25.60 26.03
C GLY A 637 24.84 -25.78 25.34
N ARG A 638 24.80 -26.56 24.26
CA ARG A 638 23.60 -26.85 23.52
C ARG A 638 23.46 -28.37 23.38
N LEU A 639 23.27 -28.87 22.16
CA LEU A 639 23.08 -30.30 21.93
C LEU A 639 24.44 -30.95 21.72
N ASP A 640 25.23 -30.94 22.80
CA ASP A 640 26.61 -31.42 22.73
C ASP A 640 26.69 -32.95 22.67
N GLN A 641 25.66 -33.64 23.15
CA GLN A 641 25.64 -35.10 23.13
C GLN A 641 24.95 -35.58 21.86
N LEU A 642 25.52 -36.60 21.22
CA LEU A 642 24.91 -37.16 20.01
C LEU A 642 24.74 -38.67 20.17
N ILE A 643 23.50 -39.14 20.01
CA ILE A 643 23.18 -40.56 20.19
C ILE A 643 22.77 -41.12 18.84
N TYR A 644 23.40 -42.23 18.45
CA TYR A 644 23.07 -42.93 17.22
C TYR A 644 21.96 -43.95 17.49
N ILE A 645 20.92 -43.93 16.67
CA ILE A 645 19.81 -44.87 16.78
C ILE A 645 19.78 -45.71 15.51
N PRO A 646 20.49 -46.83 15.47
CA PRO A 646 20.48 -47.67 14.27
C PRO A 646 19.19 -48.46 14.14
N LEU A 647 19.08 -49.16 13.03
CA LEU A 647 17.99 -50.09 12.83
C LEU A 647 18.00 -51.13 13.95
N PRO A 648 16.83 -51.53 14.47
CA PRO A 648 16.81 -52.51 15.56
C PRO A 648 17.47 -53.81 15.16
N ASP A 649 18.16 -54.42 16.13
CA ASP A 649 18.81 -55.71 15.89
C ASP A 649 17.80 -56.84 16.04
N GLU A 650 18.31 -58.07 15.99
CA GLU A 650 17.45 -59.25 15.94
C GLU A 650 16.54 -59.34 17.16
N LYS A 651 17.08 -59.14 18.36
CA LYS A 651 16.25 -59.25 19.55
C LYS A 651 15.33 -58.04 19.69
N SER A 652 15.77 -56.87 19.23
CA SER A 652 14.94 -55.69 19.33
C SER A 652 13.75 -55.75 18.37
N ARG A 653 13.95 -56.24 17.15
CA ARG A 653 12.84 -56.33 16.21
C ARG A 653 11.75 -57.25 16.74
N VAL A 654 12.14 -58.35 17.41
CA VAL A 654 11.14 -59.22 18.03
C VAL A 654 10.41 -58.47 19.13
N ALA A 655 11.16 -57.75 19.96
CA ALA A 655 10.55 -56.97 21.04
C ALA A 655 9.58 -55.93 20.48
N ILE A 656 9.92 -55.32 19.35
CA ILE A 656 9.04 -54.32 18.74
C ILE A 656 7.75 -54.96 18.25
N LEU A 657 7.87 -56.12 17.59
CA LEU A 657 6.68 -56.83 17.13
C LEU A 657 5.80 -57.23 18.30
N LYS A 658 6.41 -57.71 19.38
CA LYS A 658 5.63 -58.09 20.56
C LYS A 658 4.94 -56.88 21.17
N ALA A 659 5.63 -55.74 21.26
CA ALA A 659 5.01 -54.53 21.79
C ALA A 659 3.85 -54.05 20.92
N ASN A 660 4.03 -54.05 19.60
CA ASN A 660 2.98 -53.56 18.72
C ASN A 660 1.73 -54.43 18.78
N LEU A 661 1.91 -55.72 19.09
CA LEU A 661 0.78 -56.64 19.13
C LEU A 661 0.13 -56.74 20.50
N ARG A 662 0.51 -55.88 21.45
CA ARG A 662 -0.09 -55.92 22.78
C ARG A 662 -1.57 -55.58 22.74
N LYS A 663 -2.04 -54.96 21.65
CA LYS A 663 -3.44 -54.57 21.55
C LYS A 663 -4.27 -55.51 20.69
N SER A 664 -3.72 -56.66 20.30
CA SER A 664 -4.55 -57.51 19.47
C SER A 664 -4.37 -58.99 19.86
N PRO A 665 -5.38 -59.82 19.61
CA PRO A 665 -5.19 -61.27 19.78
C PRO A 665 -4.26 -61.82 18.72
N VAL A 666 -3.32 -62.66 19.15
CA VAL A 666 -2.31 -63.23 18.27
C VAL A 666 -2.37 -64.75 18.39
N ALA A 667 -2.48 -65.43 17.25
CA ALA A 667 -2.57 -66.88 17.25
C ALA A 667 -1.25 -67.50 17.69
N LYS A 668 -1.32 -68.72 18.22
CA LYS A 668 -0.12 -69.40 18.67
C LYS A 668 0.79 -69.82 17.52
N ASP A 669 0.28 -69.81 16.27
CA ASP A 669 1.09 -70.22 15.14
C ASP A 669 1.92 -69.07 14.59
N VAL A 670 1.82 -67.88 15.18
CA VAL A 670 2.58 -66.73 14.69
C VAL A 670 3.99 -66.80 15.25
N ASP A 671 4.98 -66.82 14.35
CA ASP A 671 6.38 -66.96 14.72
C ASP A 671 7.04 -65.59 14.56
N LEU A 672 7.12 -64.85 15.66
CA LEU A 672 7.62 -63.48 15.60
C LEU A 672 9.13 -63.45 15.39
N GLU A 673 9.84 -64.45 15.90
CA GLU A 673 11.27 -64.55 15.65
C GLU A 673 11.58 -64.83 14.18
N PHE A 674 10.81 -65.71 13.53
CA PHE A 674 10.98 -65.91 12.10
C PHE A 674 10.77 -64.63 11.31
N LEU A 675 9.70 -63.88 11.62
CA LEU A 675 9.47 -62.61 10.94
C LEU A 675 10.62 -61.64 11.16
N ALA A 676 11.10 -61.55 12.40
CA ALA A 676 12.19 -60.64 12.69
C ALA A 676 13.45 -61.02 11.93
N LYS A 677 13.68 -62.31 11.71
CA LYS A 677 14.84 -62.74 10.96
C LYS A 677 14.76 -62.30 9.51
N MET A 678 13.55 -62.26 8.94
CA MET A 678 13.40 -61.80 7.57
C MET A 678 13.51 -60.28 7.46
N THR A 679 13.00 -59.56 8.45
CA THR A 679 12.87 -58.10 8.38
C THR A 679 14.18 -57.46 8.85
N ASN A 680 15.28 -57.92 8.25
CA ASN A 680 16.61 -57.52 8.73
C ASN A 680 16.85 -56.03 8.52
N GLY A 681 16.31 -55.46 7.45
CA GLY A 681 16.54 -54.07 7.14
C GLY A 681 15.41 -53.15 7.53
N PHE A 682 14.46 -53.65 8.32
CA PHE A 682 13.26 -52.91 8.66
C PHE A 682 13.51 -52.01 9.87
N SER A 683 12.88 -50.85 9.89
CA SER A 683 12.86 -50.02 11.08
C SER A 683 11.65 -50.34 11.93
N GLY A 684 11.62 -49.77 13.14
CA GLY A 684 10.47 -49.97 14.00
C GLY A 684 9.17 -49.53 13.36
N ALA A 685 9.21 -48.44 12.61
CA ALA A 685 8.03 -48.00 11.87
C ALA A 685 7.60 -49.03 10.84
N ASP A 686 8.55 -49.75 10.25
CA ASP A 686 8.20 -50.74 9.24
C ASP A 686 7.64 -52.01 9.87
N LEU A 687 8.13 -52.36 11.07
CA LEU A 687 7.55 -53.50 11.78
C LEU A 687 6.12 -53.21 12.20
N THR A 688 5.81 -51.94 12.52
CA THR A 688 4.43 -51.58 12.80
C THR A 688 3.55 -51.78 11.58
N GLU A 689 4.01 -51.39 10.39
CA GLU A 689 3.21 -51.62 9.20
C GLU A 689 2.86 -53.10 9.06
N ILE A 690 3.81 -53.99 9.33
CA ILE A 690 3.52 -55.42 9.22
C ILE A 690 2.41 -55.82 10.18
N CYS A 691 2.50 -55.35 11.43
CA CYS A 691 1.49 -55.69 12.42
C CYS A 691 0.12 -55.16 12.01
N GLN A 692 0.08 -53.91 11.53
CA GLN A 692 -1.18 -53.30 11.13
C GLN A 692 -1.77 -53.99 9.90
N ARG A 693 -0.93 -54.40 8.96
CA ARG A 693 -1.42 -55.14 7.79
C ARG A 693 -2.02 -56.47 8.20
N ALA A 694 -1.34 -57.19 9.11
CA ALA A 694 -1.89 -58.44 9.61
C ALA A 694 -3.22 -58.23 10.32
N CYS A 695 -3.34 -57.10 11.04
CA CYS A 695 -4.62 -56.77 11.68
C CYS A 695 -5.69 -56.49 10.64
N LYS A 696 -5.37 -55.71 9.61
CA LYS A 696 -6.32 -55.41 8.55
C LYS A 696 -6.81 -56.69 7.88
N LEU A 697 -5.89 -57.63 7.64
CA LEU A 697 -6.28 -58.90 7.02
C LEU A 697 -7.22 -59.68 7.93
N ALA A 698 -6.93 -59.72 9.22
CA ALA A 698 -7.83 -60.41 10.16
C ALA A 698 -9.19 -59.73 10.21
N ILE A 699 -9.22 -58.41 10.11
CA ILE A 699 -10.48 -57.68 10.13
C ILE A 699 -11.32 -58.04 8.91
N ARG A 700 -10.72 -58.03 7.73
CA ARG A 700 -11.46 -58.37 6.52
C ARG A 700 -12.07 -59.76 6.63
N GLU A 701 -11.27 -60.75 7.04
CA GLU A 701 -11.78 -62.11 7.15
C GLU A 701 -12.89 -62.22 8.18
N SER A 702 -12.73 -61.55 9.33
CA SER A 702 -13.75 -61.59 10.38
C SER A 702 -15.07 -61.01 9.88
N ILE A 703 -15.00 -59.86 9.22
CA ILE A 703 -16.23 -59.23 8.72
C ILE A 703 -16.90 -60.11 7.67
N GLU A 704 -16.12 -60.70 6.77
CA GLU A 704 -16.67 -61.58 5.76
C GLU A 704 -17.40 -62.78 6.34
N SER A 705 -16.95 -63.31 7.48
CA SER A 705 -17.60 -64.47 8.08
C SER A 705 -19.04 -64.15 8.52
N GLU A 706 -19.38 -62.87 8.66
CA GLU A 706 -20.72 -62.51 9.09
C GLU A 706 -21.64 -62.25 7.89
N ILE A 707 -21.10 -62.35 6.68
CA ILE A 707 -21.84 -62.03 5.47
C ILE A 707 -22.05 -63.27 4.63
N VAL A 728 -10.37 -65.37 12.48
CA VAL A 728 -11.50 -64.53 12.86
C VAL A 728 -11.45 -64.10 14.34
N PRO A 729 -11.24 -65.04 15.28
CA PRO A 729 -11.06 -64.61 16.68
C PRO A 729 -9.67 -64.09 16.99
N GLU A 730 -8.71 -64.29 16.09
CA GLU A 730 -7.32 -63.94 16.34
C GLU A 730 -6.60 -63.77 15.01
N ILE A 731 -5.43 -63.15 15.07
CA ILE A 731 -4.61 -62.98 13.87
C ILE A 731 -3.78 -64.23 13.65
N ARG A 732 -3.93 -64.83 12.47
CA ARG A 732 -3.33 -66.13 12.18
C ARG A 732 -2.01 -65.93 11.45
N ARG A 733 -1.20 -66.99 11.44
CA ARG A 733 0.08 -66.96 10.74
C ARG A 733 -0.07 -66.51 9.29
N ASP A 734 -1.15 -66.95 8.62
CA ASP A 734 -1.36 -66.55 7.23
C ASP A 734 -1.46 -65.04 7.07
N HIS A 735 -1.99 -64.34 8.08
CA HIS A 735 -2.12 -62.89 7.99
C HIS A 735 -0.77 -62.21 8.07
N PHE A 736 0.14 -62.72 8.90
CA PHE A 736 1.48 -62.13 8.97
C PHE A 736 2.30 -62.48 7.74
N GLU A 737 2.18 -63.71 7.25
CA GLU A 737 2.92 -64.11 6.05
C GLU A 737 2.45 -63.34 4.84
N GLU A 738 1.15 -63.07 4.73
CA GLU A 738 0.66 -62.24 3.63
C GLU A 738 1.12 -60.79 3.78
N ALA A 739 1.11 -60.25 5.00
CA ALA A 739 1.60 -58.89 5.22
C ALA A 739 3.04 -58.73 4.76
N MET A 740 3.85 -59.78 4.93
CA MET A 740 5.24 -59.72 4.50
C MET A 740 5.37 -59.52 2.99
N ARG A 741 4.32 -59.79 2.23
CA ARG A 741 4.40 -59.66 0.78
C ARG A 741 4.26 -58.22 0.34
N PHE A 742 3.82 -57.33 1.26
CA PHE A 742 3.61 -55.94 0.91
C PHE A 742 4.51 -55.00 1.70
N ALA A 743 4.80 -55.34 2.95
CA ALA A 743 5.65 -54.49 3.77
C ALA A 743 7.11 -54.56 3.32
N ARG A 744 7.75 -53.39 3.28
CA ARG A 744 9.14 -53.29 2.85
C ARG A 744 9.87 -52.35 3.79
N ARG A 745 11.21 -52.48 3.81
CA ARG A 745 12.05 -51.55 4.52
C ARG A 745 11.97 -50.17 3.88
N SER A 746 11.82 -49.14 4.70
CA SER A 746 11.76 -47.77 4.21
C SER A 746 13.14 -47.15 3.99
N VAL A 747 14.17 -47.64 4.69
CA VAL A 747 15.52 -47.07 4.59
C VAL A 747 16.42 -48.06 3.85
N SER A 748 16.88 -47.65 2.67
CA SER A 748 17.66 -48.49 1.80
C SER A 748 19.10 -48.58 2.31
N ASP A 749 19.87 -49.49 1.73
CA ASP A 749 21.27 -49.66 2.16
C ASP A 749 22.13 -48.46 1.82
N ASN A 750 21.73 -47.65 0.82
CA ASN A 750 22.48 -46.44 0.51
C ASN A 750 22.40 -45.43 1.65
N ASP A 751 21.27 -45.39 2.35
CA ASP A 751 21.14 -44.47 3.46
C ASP A 751 21.75 -45.02 4.74
N ILE A 752 21.70 -46.34 4.95
CA ILE A 752 22.33 -46.92 6.13
C ILE A 752 23.83 -46.72 6.09
N ARG A 753 24.45 -46.92 4.92
CA ARG A 753 25.89 -46.68 4.84
C ARG A 753 26.22 -45.22 5.13
N LYS A 754 25.39 -44.29 4.66
CA LYS A 754 25.62 -42.88 5.00
C LYS A 754 25.55 -42.65 6.50
N TYR A 755 24.57 -43.26 7.16
CA TYR A 755 24.44 -43.11 8.61
C TYR A 755 25.62 -43.74 9.33
N GLU A 756 26.07 -44.91 8.87
CA GLU A 756 27.20 -45.56 9.53
C GLU A 756 28.49 -44.76 9.36
N MET A 757 28.71 -44.21 8.17
CA MET A 757 29.91 -43.42 7.92
C MET A 757 29.92 -42.16 8.79
N PHE A 758 28.76 -41.52 8.96
CA PHE A 758 28.69 -40.38 9.86
C PHE A 758 28.97 -40.79 11.30
N ALA A 759 28.35 -41.89 11.75
CA ALA A 759 28.59 -42.37 13.10
C ALA A 759 30.07 -42.70 13.32
N GLN A 760 30.73 -43.23 12.28
CA GLN A 760 32.16 -43.49 12.35
C GLN A 760 32.96 -42.19 12.44
N THR A 761 32.55 -41.19 11.67
CA THR A 761 33.22 -39.89 11.73
C THR A 761 33.21 -39.30 13.14
N LEU A 762 32.10 -39.43 13.86
CA LEU A 762 32.01 -38.97 15.24
C LEU A 762 32.80 -39.84 16.21
N GLN A 763 33.30 -41.00 15.76
CA GLN A 763 34.03 -41.93 16.63
C GLN A 763 33.20 -42.34 17.84
N PRO B 23 -51.83 -40.81 27.05
CA PRO B 23 -52.19 -41.65 25.90
C PRO B 23 -52.92 -40.84 24.85
N ASN B 24 -52.80 -41.29 23.60
CA ASN B 24 -53.43 -40.63 22.45
C ASN B 24 -52.95 -39.19 22.31
N ARG B 25 -51.68 -38.95 22.65
CA ARG B 25 -51.11 -37.61 22.56
C ARG B 25 -49.88 -37.69 21.67
N LEU B 26 -49.79 -36.84 20.65
CA LEU B 26 -48.72 -36.91 19.68
C LEU B 26 -48.07 -35.55 19.47
N ILE B 27 -46.76 -35.58 19.24
CA ILE B 27 -45.96 -34.37 19.06
C ILE B 27 -46.11 -33.88 17.63
N VAL B 28 -46.47 -32.61 17.48
CA VAL B 28 -46.72 -32.01 16.18
C VAL B 28 -45.40 -31.72 15.49
N ASP B 29 -45.24 -32.23 14.27
CA ASP B 29 -44.03 -32.03 13.48
C ASP B 29 -44.42 -31.81 12.02
N GLU B 30 -43.40 -31.62 11.18
CA GLU B 30 -43.63 -31.31 9.78
C GLU B 30 -44.06 -32.56 9.01
N ALA B 31 -44.73 -32.33 7.88
CA ALA B 31 -45.13 -33.43 7.02
C ALA B 31 -44.48 -33.32 5.64
N ILE B 32 -44.27 -34.46 4.99
CA ILE B 32 -43.91 -34.53 3.56
C ILE B 32 -45.16 -34.44 2.68
N ASN B 33 -46.28 -35.07 3.08
CA ASN B 33 -47.53 -34.95 2.35
C ASN B 33 -48.18 -33.60 2.66
N GLU B 34 -48.28 -32.72 1.66
CA GLU B 34 -48.77 -31.35 1.85
C GLU B 34 -50.30 -31.22 1.86
N ASP B 35 -51.06 -32.30 1.66
CA ASP B 35 -52.52 -32.31 1.58
C ASP B 35 -53.23 -31.69 2.80
N ASN B 36 -54.18 -30.79 2.57
CA ASN B 36 -54.88 -30.02 3.59
C ASN B 36 -55.75 -30.84 4.57
N SER B 37 -55.99 -32.11 4.31
CA SER B 37 -56.89 -32.96 5.09
C SER B 37 -56.24 -34.28 5.53
N VAL B 38 -54.92 -34.40 5.49
CA VAL B 38 -54.21 -35.64 5.78
C VAL B 38 -53.09 -35.41 6.79
N VAL B 39 -52.90 -36.38 7.67
CA VAL B 39 -51.79 -36.50 8.60
C VAL B 39 -51.19 -37.89 8.46
N SER B 40 -49.95 -38.05 8.93
CA SER B 40 -49.27 -39.33 8.85
C SER B 40 -48.84 -39.80 10.22
N LEU B 41 -49.14 -41.06 10.53
CA LEU B 41 -48.77 -41.68 11.79
C LEU B 41 -47.89 -42.90 11.54
N SER B 42 -47.09 -43.24 12.54
CA SER B 42 -46.35 -44.49 12.51
C SER B 42 -47.28 -45.63 12.94
N GLN B 43 -47.09 -46.81 12.34
CA GLN B 43 -48.01 -47.91 12.59
C GLN B 43 -48.26 -48.19 14.08
N PRO B 44 -47.27 -48.17 14.99
CA PRO B 44 -47.60 -48.55 16.37
C PRO B 44 -48.65 -47.65 16.99
N LYS B 45 -48.78 -46.42 16.51
CA LYS B 45 -49.83 -45.53 17.02
C LYS B 45 -51.15 -45.78 16.32
N MET B 46 -51.11 -46.18 15.05
CA MET B 46 -52.34 -46.61 14.39
C MET B 46 -52.91 -47.87 15.05
N ASP B 47 -52.05 -48.78 15.50
CA ASP B 47 -52.58 -49.94 16.24
C ASP B 47 -53.07 -49.53 17.63
N GLU B 48 -52.31 -48.69 18.35
CA GLU B 48 -52.85 -48.27 19.65
C GLU B 48 -54.20 -47.57 19.53
N LEU B 49 -54.40 -46.74 18.51
CA LEU B 49 -55.69 -46.06 18.37
C LEU B 49 -56.75 -46.93 17.72
N GLN B 50 -56.40 -48.17 17.32
CA GLN B 50 -57.32 -49.08 16.66
C GLN B 50 -57.99 -48.43 15.44
N LEU B 51 -57.18 -47.79 14.61
CA LEU B 51 -57.65 -47.24 13.35
C LEU B 51 -56.81 -47.84 12.22
N PHE B 52 -57.36 -47.82 11.01
CA PHE B 52 -56.69 -48.39 9.86
C PHE B 52 -56.38 -47.29 8.86
N ARG B 53 -55.43 -47.56 7.95
CA ARG B 53 -55.05 -46.65 6.87
C ARG B 53 -56.30 -46.18 6.15
N GLY B 54 -56.46 -44.87 6.02
CA GLY B 54 -57.62 -44.27 5.40
C GLY B 54 -58.74 -43.85 6.35
N ASP B 55 -58.71 -44.25 7.61
CA ASP B 55 -59.76 -43.84 8.53
C ASP B 55 -59.67 -42.35 8.84
N THR B 56 -60.81 -41.77 9.22
CA THR B 56 -60.88 -40.36 9.58
C THR B 56 -60.74 -40.22 11.08
N VAL B 57 -59.97 -39.22 11.49
CA VAL B 57 -59.73 -38.90 12.90
C VAL B 57 -59.99 -37.42 13.11
N LEU B 58 -60.17 -37.04 14.38
CA LEU B 58 -60.29 -35.66 14.79
C LEU B 58 -59.04 -35.28 15.58
N LEU B 59 -58.57 -34.05 15.38
CA LEU B 59 -57.41 -33.51 16.06
C LEU B 59 -57.87 -32.43 17.04
N LYS B 60 -57.51 -32.60 18.31
CA LYS B 60 -57.87 -31.64 19.34
C LYS B 60 -56.67 -30.74 19.65
N GLY B 61 -56.78 -29.48 19.29
CA GLY B 61 -55.69 -28.53 19.41
C GLY B 61 -55.83 -27.65 20.64
N LYS B 62 -55.66 -26.35 20.41
CA LYS B 62 -55.69 -25.39 21.51
C LYS B 62 -56.84 -24.41 21.32
N LYS B 63 -57.25 -23.81 22.45
CA LYS B 63 -58.32 -22.80 22.50
C LYS B 63 -59.65 -23.36 22.00
N ARG B 64 -59.92 -24.62 22.33
CA ARG B 64 -61.15 -25.33 21.93
C ARG B 64 -61.34 -25.30 20.42
N ARG B 65 -60.32 -25.78 19.72
CA ARG B 65 -60.33 -25.84 18.26
C ARG B 65 -59.95 -27.24 17.83
N GLU B 66 -60.56 -27.68 16.74
CA GLU B 66 -60.36 -29.05 16.26
C GLU B 66 -60.38 -29.06 14.73
N ALA B 67 -59.84 -30.14 14.18
CA ALA B 67 -59.81 -30.35 12.73
C ALA B 67 -60.02 -31.82 12.43
N VAL B 68 -60.50 -32.09 11.22
CA VAL B 68 -60.81 -33.44 10.76
C VAL B 68 -59.85 -33.76 9.62
N CYS B 69 -59.30 -34.97 9.63
CA CYS B 69 -58.33 -35.39 8.63
C CYS B 69 -58.34 -36.89 8.50
N ILE B 70 -57.71 -37.38 7.43
CA ILE B 70 -57.51 -38.78 7.11
C ILE B 70 -56.12 -39.18 7.57
N VAL B 71 -55.97 -40.36 8.18
CA VAL B 71 -54.64 -40.85 8.57
C VAL B 71 -54.06 -41.75 7.49
N LEU B 72 -52.87 -41.44 7.00
CA LEU B 72 -52.05 -42.36 6.20
C LEU B 72 -50.78 -42.70 6.96
N SER B 73 -49.83 -43.38 6.32
CA SER B 73 -48.57 -43.78 6.95
C SER B 73 -47.40 -43.66 5.99
N ASP B 74 -46.20 -43.60 6.54
CA ASP B 74 -44.96 -43.50 5.79
C ASP B 74 -43.85 -44.14 6.60
N ASP B 75 -42.64 -44.08 6.06
CA ASP B 75 -41.47 -44.66 6.72
C ASP B 75 -40.58 -43.62 7.38
N THR B 76 -41.09 -42.40 7.60
CA THR B 76 -40.31 -41.34 8.22
C THR B 76 -40.88 -40.85 9.55
N CYS B 77 -42.17 -41.05 9.81
CA CYS B 77 -42.76 -40.58 11.06
C CYS B 77 -42.32 -41.48 12.21
N SER B 78 -41.90 -40.85 13.30
CA SER B 78 -41.59 -41.57 14.51
C SER B 78 -42.86 -41.90 15.28
N ASP B 79 -42.75 -42.80 16.25
CA ASP B 79 -43.92 -43.29 16.96
C ASP B 79 -44.59 -42.18 17.76
N GLU B 80 -43.80 -41.29 18.36
CA GLU B 80 -44.33 -40.28 19.26
C GLU B 80 -44.80 -39.02 18.54
N LYS B 81 -44.66 -38.95 17.22
CA LYS B 81 -44.93 -37.73 16.48
C LYS B 81 -46.16 -37.89 15.60
N ILE B 82 -46.81 -36.77 15.29
CA ILE B 82 -47.80 -36.73 14.21
C ILE B 82 -47.37 -35.70 13.18
N ARG B 83 -47.32 -36.10 11.92
CA ARG B 83 -46.88 -35.22 10.85
C ARG B 83 -48.08 -34.54 10.20
N MET B 84 -48.03 -33.22 10.13
CA MET B 84 -49.08 -32.42 9.50
C MET B 84 -48.44 -31.20 8.88
N ASN B 85 -49.18 -30.57 7.95
CA ASN B 85 -48.76 -29.36 7.26
C ASN B 85 -49.15 -28.10 8.04
N ARG B 86 -48.88 -26.93 7.47
CA ARG B 86 -49.20 -25.65 8.09
C ARG B 86 -50.70 -25.42 8.18
N VAL B 87 -51.45 -25.89 7.17
CA VAL B 87 -52.88 -25.63 7.14
C VAL B 87 -53.56 -26.24 8.35
N VAL B 88 -53.20 -27.48 8.70
CA VAL B 88 -53.77 -28.12 9.87
C VAL B 88 -53.31 -27.46 11.17
N ARG B 89 -52.03 -27.13 11.29
CA ARG B 89 -51.55 -26.47 12.50
C ARG B 89 -52.19 -25.10 12.73
N ASN B 90 -52.40 -24.34 11.65
CA ASN B 90 -53.05 -23.04 11.78
C ASN B 90 -54.48 -23.18 12.29
N ASN B 91 -55.25 -24.12 11.74
CA ASN B 91 -56.63 -24.27 12.18
C ASN B 91 -56.70 -24.76 13.62
N LEU B 92 -55.76 -25.59 14.05
CA LEU B 92 -55.72 -26.06 15.43
C LEU B 92 -55.11 -25.05 16.38
N ARG B 93 -54.57 -23.95 15.86
CA ARG B 93 -53.88 -22.94 16.69
C ARG B 93 -52.77 -23.59 17.50
N VAL B 94 -51.99 -24.43 16.84
CA VAL B 94 -50.83 -25.09 17.42
C VAL B 94 -49.62 -24.80 16.56
N ARG B 95 -48.44 -25.03 17.14
CA ARG B 95 -47.17 -24.78 16.47
C ARG B 95 -46.28 -26.00 16.59
N LEU B 96 -45.27 -26.07 15.71
CA LEU B 96 -44.33 -27.17 15.75
C LEU B 96 -43.70 -27.32 17.12
N GLY B 97 -43.67 -28.54 17.63
CA GLY B 97 -43.19 -28.82 18.95
C GLY B 97 -44.28 -28.99 20.00
N ASP B 98 -45.50 -28.57 19.70
CA ASP B 98 -46.60 -28.75 20.64
C ASP B 98 -47.10 -30.20 20.58
N VAL B 99 -48.08 -30.50 21.42
CA VAL B 99 -48.70 -31.82 21.47
C VAL B 99 -50.21 -31.66 21.45
N ILE B 100 -50.88 -32.53 20.69
CA ILE B 100 -52.33 -32.51 20.56
C ILE B 100 -52.89 -33.89 20.87
N SER B 101 -54.19 -33.96 21.09
CA SER B 101 -54.88 -35.23 21.27
C SER B 101 -55.53 -35.68 19.97
N ILE B 102 -55.50 -36.98 19.72
CA ILE B 102 -56.03 -37.57 18.50
C ILE B 102 -57.06 -38.63 18.86
N GLN B 103 -58.18 -38.65 18.14
CA GLN B 103 -59.17 -39.69 18.37
C GLN B 103 -59.78 -40.12 17.05
N PRO B 104 -60.10 -41.40 16.88
CA PRO B 104 -60.88 -41.81 15.71
C PRO B 104 -62.28 -41.23 15.75
N CYS B 105 -62.87 -41.07 14.57
CA CYS B 105 -64.26 -40.63 14.43
C CYS B 105 -64.90 -41.37 13.27
N PRO B 106 -65.15 -42.69 13.38
CA PRO B 106 -65.66 -43.49 12.26
C PRO B 106 -67.06 -43.06 11.79
N ASP B 107 -67.77 -42.18 12.52
CA ASP B 107 -69.09 -41.74 12.11
C ASP B 107 -69.07 -40.61 11.09
N VAL B 108 -67.91 -40.21 10.56
CA VAL B 108 -67.85 -39.21 9.49
C VAL B 108 -68.62 -39.66 8.24
N LYS B 109 -69.39 -38.75 7.65
CA LYS B 109 -70.21 -38.92 6.44
C LYS B 109 -69.98 -37.72 5.51
N TYR B 110 -70.41 -37.82 4.26
CA TYR B 110 -70.34 -36.71 3.31
C TYR B 110 -71.50 -35.72 3.48
N GLY B 111 -71.26 -34.45 3.14
CA GLY B 111 -72.25 -33.39 3.16
C GLY B 111 -73.07 -33.32 1.89
N LYS B 112 -73.99 -32.35 1.84
CA LYS B 112 -74.82 -32.14 0.65
C LYS B 112 -74.59 -30.74 0.10
N ARG B 113 -74.22 -29.78 0.96
CA ARG B 113 -74.06 -28.39 0.57
C ARG B 113 -72.99 -27.76 1.46
N ILE B 114 -72.11 -26.99 0.84
CA ILE B 114 -71.13 -26.21 1.59
C ILE B 114 -71.10 -24.82 0.99
N HIS B 115 -70.66 -23.85 1.78
CA HIS B 115 -70.47 -22.48 1.33
C HIS B 115 -69.07 -22.04 1.73
N VAL B 116 -68.26 -21.72 0.72
CA VAL B 116 -66.86 -21.38 0.91
C VAL B 116 -66.58 -20.04 0.25
N LEU B 117 -65.95 -19.14 0.98
CA LEU B 117 -65.66 -17.80 0.50
C LEU B 117 -64.17 -17.50 0.64
N PRO B 118 -63.63 -16.68 -0.24
CA PRO B 118 -62.19 -16.38 -0.19
C PRO B 118 -61.88 -15.43 0.96
N ILE B 119 -60.60 -15.41 1.32
CA ILE B 119 -60.13 -14.41 2.27
C ILE B 119 -59.53 -13.24 1.51
N ASP B 120 -59.95 -12.02 1.90
CA ASP B 120 -59.54 -10.81 1.18
C ASP B 120 -58.03 -10.64 1.17
N ASP B 121 -57.35 -11.09 2.22
CA ASP B 121 -55.91 -10.88 2.33
C ASP B 121 -55.13 -11.55 1.19
N THR B 122 -55.70 -12.55 0.54
CA THR B 122 -54.99 -13.30 -0.48
C THR B 122 -55.53 -13.08 -1.89
N VAL B 123 -56.72 -12.51 -2.02
CA VAL B 123 -57.29 -12.20 -3.34
C VAL B 123 -56.92 -10.76 -3.64
N GLU B 124 -55.92 -10.58 -4.49
CA GLU B 124 -55.45 -9.27 -4.93
C GLU B 124 -54.85 -9.38 -6.34
N GLY B 125 -55.11 -8.41 -7.20
CA GLY B 125 -54.61 -8.42 -8.58
C GLY B 125 -55.43 -9.29 -9.55
N ILE B 126 -56.45 -9.99 -9.07
CA ILE B 126 -57.26 -10.91 -9.86
C ILE B 126 -58.76 -10.66 -9.68
N THR B 127 -59.55 -11.05 -10.68
CA THR B 127 -61.02 -11.00 -10.66
C THR B 127 -61.57 -12.15 -11.48
N GLY B 128 -62.83 -12.52 -11.27
CA GLY B 128 -63.53 -13.51 -12.05
C GLY B 128 -64.18 -14.53 -11.15
N ASN B 129 -64.50 -15.69 -11.74
CA ASN B 129 -65.22 -16.74 -11.03
C ASN B 129 -64.20 -17.58 -10.27
N LEU B 130 -63.92 -17.14 -9.04
CA LEU B 130 -62.92 -17.83 -8.22
C LEU B 130 -63.32 -19.27 -7.92
N PHE B 131 -64.61 -19.55 -7.83
CA PHE B 131 -65.07 -20.92 -7.62
C PHE B 131 -64.61 -21.83 -8.75
N GLU B 132 -64.85 -21.43 -10.00
CA GLU B 132 -64.49 -22.28 -11.12
C GLU B 132 -62.99 -22.44 -11.25
N VAL B 133 -62.22 -21.41 -10.88
CA VAL B 133 -60.78 -21.46 -11.04
C VAL B 133 -60.13 -22.27 -9.92
N TYR B 134 -60.55 -22.03 -8.68
CA TYR B 134 -59.91 -22.60 -7.50
C TYR B 134 -60.74 -23.65 -6.80
N LEU B 135 -61.93 -23.29 -6.32
CA LEU B 135 -62.65 -24.15 -5.39
C LEU B 135 -63.11 -25.44 -6.06
N LYS B 136 -63.58 -25.35 -7.31
CA LYS B 136 -64.12 -26.52 -7.98
C LYS B 136 -63.04 -27.55 -8.29
N PRO B 137 -61.91 -27.20 -8.92
CA PRO B 137 -60.80 -28.15 -8.96
C PRO B 137 -60.42 -28.67 -7.59
N TYR B 138 -60.46 -27.84 -6.55
CA TYR B 138 -60.05 -28.27 -5.23
C TYR B 138 -60.98 -29.35 -4.64
N PHE B 139 -62.29 -29.14 -4.66
CA PHE B 139 -63.27 -30.04 -4.06
C PHE B 139 -63.77 -31.18 -4.96
N LEU B 140 -63.89 -31.02 -6.28
CA LEU B 140 -64.52 -31.96 -7.21
C LEU B 140 -63.80 -33.32 -7.25
N GLU B 141 -64.52 -34.39 -6.90
CA GLU B 141 -64.00 -35.77 -6.78
C GLU B 141 -62.85 -35.91 -5.76
N ALA B 142 -62.62 -34.87 -4.94
CA ALA B 142 -61.54 -34.83 -3.97
C ALA B 142 -61.92 -35.48 -2.64
N TYR B 143 -63.21 -35.57 -2.30
CA TYR B 143 -63.72 -36.19 -1.06
C TYR B 143 -62.95 -35.74 0.18
N ARG B 144 -62.72 -34.43 0.34
CA ARG B 144 -61.96 -33.90 1.48
C ARG B 144 -62.83 -33.74 2.73
N PRO B 145 -62.43 -34.23 3.90
CA PRO B 145 -63.06 -33.86 5.16
C PRO B 145 -62.83 -32.38 5.47
N ILE B 146 -63.86 -31.63 5.84
CA ILE B 146 -63.72 -30.23 6.23
C ILE B 146 -64.56 -30.00 7.47
N ARG B 147 -64.22 -28.96 8.23
CA ARG B 147 -65.01 -28.52 9.36
C ARG B 147 -65.36 -27.06 9.17
N LYS B 148 -66.53 -26.65 9.67
CA LYS B 148 -66.94 -25.25 9.64
C LYS B 148 -65.89 -24.36 10.28
N GLY B 149 -65.48 -23.32 9.57
CA GLY B 149 -64.44 -22.42 10.02
C GLY B 149 -63.05 -22.76 9.55
N ASP B 150 -62.86 -23.88 8.87
CA ASP B 150 -61.54 -24.27 8.39
C ASP B 150 -61.03 -23.27 7.34
N ILE B 151 -59.72 -23.02 7.37
CA ILE B 151 -59.04 -22.26 6.34
C ILE B 151 -58.16 -23.20 5.54
N PHE B 152 -58.22 -23.10 4.22
CA PHE B 152 -57.36 -23.92 3.37
C PHE B 152 -56.88 -23.12 2.19
N LEU B 153 -55.75 -23.54 1.62
CA LEU B 153 -55.09 -22.82 0.54
C LEU B 153 -55.22 -23.60 -0.75
N VAL B 154 -55.53 -22.89 -1.83
CA VAL B 154 -55.53 -23.43 -3.19
C VAL B 154 -54.60 -22.56 -4.03
N ARG B 155 -53.64 -23.19 -4.71
CA ARG B 155 -52.61 -22.52 -5.50
C ARG B 155 -52.92 -22.60 -6.98
N GLY B 156 -52.67 -21.55 -7.72
CA GLY B 156 -52.81 -21.55 -9.16
C GLY B 156 -52.99 -20.16 -9.70
N GLY B 157 -52.72 -20.03 -11.00
CA GLY B 157 -52.86 -18.74 -11.66
C GLY B 157 -51.87 -17.70 -11.18
N MET B 158 -50.70 -18.14 -10.73
CA MET B 158 -49.67 -17.28 -10.16
C MET B 158 -50.14 -16.58 -8.88
N ARG B 159 -51.18 -17.09 -8.21
CA ARG B 159 -51.65 -16.62 -6.90
C ARG B 159 -51.84 -17.78 -5.97
N ALA B 160 -51.75 -17.50 -4.68
CA ALA B 160 -52.08 -18.45 -3.63
C ALA B 160 -53.24 -17.89 -2.82
N VAL B 161 -54.44 -18.44 -3.03
CA VAL B 161 -55.67 -17.91 -2.48
C VAL B 161 -56.19 -18.87 -1.43
N GLU B 162 -56.48 -18.36 -0.24
CA GLU B 162 -57.03 -19.20 0.83
C GLU B 162 -58.49 -18.86 1.02
N PHE B 163 -59.26 -19.86 1.45
CA PHE B 163 -60.69 -19.78 1.57
C PHE B 163 -61.11 -20.24 2.95
N LYS B 164 -62.29 -19.78 3.38
CA LYS B 164 -62.86 -20.20 4.65
C LYS B 164 -64.17 -20.91 4.41
N VAL B 165 -64.46 -21.92 5.22
CA VAL B 165 -65.76 -22.59 5.17
C VAL B 165 -66.69 -21.87 6.14
N VAL B 166 -67.74 -21.27 5.60
CA VAL B 166 -68.62 -20.44 6.41
C VAL B 166 -70.00 -21.06 6.65
N GLU B 167 -70.43 -22.00 5.81
CA GLU B 167 -71.71 -22.64 6.05
C GLU B 167 -71.68 -24.07 5.53
N THR B 168 -72.19 -24.98 6.35
CA THR B 168 -72.41 -26.37 5.97
C THR B 168 -73.74 -26.81 6.54
N ASP B 169 -74.41 -27.73 5.83
CA ASP B 169 -75.65 -28.29 6.35
C ASP B 169 -75.34 -29.35 7.41
N PRO B 170 -74.46 -30.32 7.16
CA PRO B 170 -74.03 -31.17 8.27
C PRO B 170 -73.10 -30.40 9.20
N SER B 171 -72.97 -30.89 10.43
CA SER B 171 -72.12 -30.23 11.41
C SER B 171 -71.56 -31.26 12.38
N PRO B 172 -70.41 -30.95 12.98
CA PRO B 172 -69.59 -29.77 12.67
C PRO B 172 -68.61 -30.03 11.53
N TYR B 173 -68.62 -31.24 10.97
CA TYR B 173 -67.72 -31.57 9.88
C TYR B 173 -68.37 -32.58 8.94
N CYS B 174 -67.86 -32.64 7.72
CA CYS B 174 -68.35 -33.55 6.70
C CYS B 174 -67.30 -33.73 5.61
N ILE B 175 -67.49 -34.73 4.75
CA ILE B 175 -66.65 -34.93 3.58
C ILE B 175 -67.34 -34.28 2.39
N VAL B 176 -66.59 -33.50 1.60
CA VAL B 176 -67.14 -32.80 0.45
C VAL B 176 -67.09 -33.73 -0.75
N ALA B 177 -68.25 -34.21 -1.18
CA ALA B 177 -68.35 -35.15 -2.27
C ALA B 177 -68.55 -34.41 -3.59
N PRO B 178 -68.22 -35.02 -4.72
CA PRO B 178 -68.43 -34.34 -6.02
C PRO B 178 -69.88 -33.99 -6.29
N ASP B 179 -70.85 -34.63 -5.62
CA ASP B 179 -72.25 -34.34 -5.88
C ASP B 179 -72.83 -33.28 -4.95
N THR B 180 -71.99 -32.61 -4.16
CA THR B 180 -72.46 -31.56 -3.28
C THR B 180 -72.59 -30.24 -4.02
N VAL B 181 -73.37 -29.33 -3.45
CA VAL B 181 -73.53 -27.99 -3.99
C VAL B 181 -72.58 -27.05 -3.23
N ILE B 182 -71.73 -26.37 -3.98
CA ILE B 182 -70.72 -25.47 -3.44
C ILE B 182 -71.13 -24.05 -3.77
N HIS B 183 -71.37 -23.25 -2.74
CA HIS B 183 -71.72 -21.85 -2.92
C HIS B 183 -70.49 -20.98 -2.73
N CYS B 184 -70.50 -19.81 -3.37
CA CYS B 184 -69.42 -18.84 -3.21
C CYS B 184 -69.95 -17.44 -3.49
N GLU B 185 -70.88 -16.98 -2.66
CA GLU B 185 -71.56 -15.71 -2.88
C GLU B 185 -71.35 -14.83 -1.66
N GLY B 186 -70.85 -13.63 -1.90
CA GLY B 186 -70.58 -12.69 -0.83
C GLY B 186 -69.22 -12.04 -0.96
N GLU B 187 -69.05 -10.98 -0.18
CA GLU B 187 -67.79 -10.24 -0.23
C GLU B 187 -66.66 -11.08 0.37
N PRO B 188 -65.42 -10.85 -0.06
CA PRO B 188 -64.29 -11.52 0.58
C PRO B 188 -64.26 -11.26 2.08
N ILE B 189 -63.77 -12.25 2.82
CA ILE B 189 -63.77 -12.20 4.28
C ILE B 189 -62.44 -11.68 4.78
N LYS B 190 -62.48 -10.81 5.78
CA LYS B 190 -61.26 -10.32 6.41
C LYS B 190 -60.73 -11.37 7.38
N ARG B 191 -59.40 -11.52 7.40
CA ARG B 191 -58.78 -12.52 8.25
C ARG B 191 -59.01 -12.20 9.72
N GLU B 192 -59.26 -13.23 10.52
CA GLU B 192 -59.52 -13.03 11.94
C GLU B 192 -58.20 -12.94 12.70
N ASP B 193 -58.24 -12.32 13.87
CA ASP B 193 -57.02 -12.15 14.66
C ASP B 193 -56.56 -13.44 15.32
N GLU B 194 -57.41 -14.47 15.33
CA GLU B 194 -57.04 -15.73 15.96
C GLU B 194 -56.31 -16.67 14.99
N GLU B 195 -56.12 -16.25 13.74
CA GLU B 195 -55.55 -17.11 12.72
C GLU B 195 -54.48 -16.34 11.94
N GLU B 196 -53.52 -17.06 11.39
CA GLU B 196 -52.47 -16.42 10.60
C GLU B 196 -52.68 -16.71 9.12
N SER B 197 -52.16 -15.82 8.27
CA SER B 197 -52.23 -16.03 6.84
C SER B 197 -51.34 -17.19 6.41
N LEU B 198 -51.88 -18.02 5.52
CA LEU B 198 -51.16 -19.19 5.05
C LEU B 198 -50.07 -18.84 4.04
N ASN B 199 -49.97 -17.58 3.63
CA ASN B 199 -48.89 -17.16 2.74
C ASN B 199 -47.75 -16.52 3.51
N GLU B 200 -47.81 -16.53 4.84
CA GLU B 200 -46.75 -15.97 5.65
C GLU B 200 -45.53 -16.90 5.62
N VAL B 201 -44.35 -16.28 5.59
CA VAL B 201 -43.12 -17.04 5.46
C VAL B 201 -43.00 -18.08 6.58
N GLY B 202 -42.81 -19.32 6.18
CA GLY B 202 -42.67 -20.43 7.11
C GLY B 202 -41.58 -21.35 6.61
N TYR B 203 -41.51 -22.55 7.21
CA TYR B 203 -40.47 -23.50 6.85
C TYR B 203 -40.69 -24.10 5.47
N ASP B 204 -41.94 -24.19 5.01
CA ASP B 204 -42.22 -24.76 3.71
C ASP B 204 -41.78 -23.87 2.56
N ASP B 205 -41.34 -22.65 2.84
CA ASP B 205 -40.82 -21.74 1.83
C ASP B 205 -39.33 -21.88 1.62
N ILE B 206 -38.65 -22.70 2.41
CA ILE B 206 -37.20 -22.86 2.36
C ILE B 206 -36.90 -24.12 1.56
N GLY B 207 -36.07 -23.99 0.53
CA GLY B 207 -35.74 -25.13 -0.30
C GLY B 207 -34.53 -25.93 0.16
N GLY B 208 -33.36 -25.59 -0.36
CA GLY B 208 -32.16 -26.32 0.01
C GLY B 208 -31.70 -25.96 1.40
N CYS B 209 -30.60 -26.59 1.84
CA CYS B 209 -30.07 -26.42 3.20
C CYS B 209 -31.04 -26.90 4.27
N ARG B 210 -31.73 -28.01 3.98
CA ARG B 210 -32.67 -28.55 4.96
C ARG B 210 -31.94 -29.10 6.18
N LYS B 211 -30.75 -29.67 5.97
CA LYS B 211 -29.94 -30.13 7.11
C LYS B 211 -29.61 -28.98 8.05
N GLN B 212 -29.27 -27.81 7.50
CA GLN B 212 -28.96 -26.66 8.33
C GLN B 212 -30.17 -26.18 9.10
N LEU B 213 -31.34 -26.17 8.45
CA LEU B 213 -32.56 -25.78 9.13
C LEU B 213 -32.88 -26.72 10.28
N ALA B 214 -32.65 -28.03 10.09
CA ALA B 214 -32.88 -28.98 11.16
C ALA B 214 -31.99 -28.69 12.37
N GLN B 215 -30.73 -28.35 12.12
CA GLN B 215 -29.81 -28.04 13.22
C GLN B 215 -30.29 -26.82 14.00
N ILE B 216 -30.80 -25.81 13.28
CA ILE B 216 -31.31 -24.61 13.94
C ILE B 216 -32.54 -24.94 14.77
N LYS B 217 -33.47 -25.71 14.19
CA LYS B 217 -34.67 -26.09 14.93
C LYS B 217 -34.32 -26.79 16.23
N GLU B 218 -33.35 -27.70 16.19
CA GLU B 218 -32.95 -28.39 17.41
C GLU B 218 -32.47 -27.40 18.47
N MET B 219 -31.78 -26.34 18.04
CA MET B 219 -31.28 -25.36 18.99
C MET B 219 -32.35 -24.38 19.46
N VAL B 220 -33.33 -24.08 18.59
CA VAL B 220 -34.25 -22.98 18.88
C VAL B 220 -35.62 -23.43 19.38
N GLU B 221 -36.18 -24.53 18.88
CA GLU B 221 -37.58 -24.82 19.14
C GLU B 221 -37.87 -24.89 20.63
N LEU B 222 -37.03 -25.61 21.39
CA LEU B 222 -37.36 -25.84 22.80
C LEU B 222 -37.26 -24.58 23.65
N PRO B 223 -36.18 -23.78 23.57
CA PRO B 223 -36.16 -22.54 24.37
C PRO B 223 -37.39 -21.67 24.20
N LEU B 224 -37.97 -21.64 23.01
CA LEU B 224 -39.11 -20.77 22.75
C LEU B 224 -40.45 -21.46 22.95
N ARG B 225 -40.57 -22.73 22.58
CA ARG B 225 -41.86 -23.41 22.66
C ARG B 225 -42.11 -23.97 24.06
N HIS B 226 -41.05 -24.38 24.76
CA HIS B 226 -41.16 -25.02 26.06
C HIS B 226 -40.20 -24.38 27.06
N PRO B 227 -40.40 -23.09 27.36
CA PRO B 227 -39.46 -22.42 28.29
C PRO B 227 -39.40 -23.06 29.67
N ALA B 228 -40.46 -23.79 30.04
CA ALA B 228 -40.48 -24.44 31.35
C ALA B 228 -39.33 -25.43 31.50
N LEU B 229 -38.89 -26.03 30.40
CA LEU B 229 -37.85 -27.04 30.48
C LEU B 229 -36.53 -26.43 30.94
N PHE B 230 -36.19 -25.24 30.42
CA PHE B 230 -34.91 -24.63 30.75
C PHE B 230 -34.93 -23.90 32.08
N LYS B 231 -36.10 -23.50 32.57
CA LYS B 231 -36.17 -22.99 33.94
C LYS B 231 -36.12 -24.14 34.95
N ALA B 232 -36.76 -25.26 34.63
CA ALA B 232 -36.85 -26.37 35.58
C ALA B 232 -35.63 -27.27 35.51
N ILE B 233 -34.95 -27.30 34.36
CA ILE B 233 -33.83 -28.23 34.18
C ILE B 233 -32.52 -27.46 34.11
N GLY B 234 -31.52 -27.96 34.83
CA GLY B 234 -30.20 -27.35 34.83
C GLY B 234 -29.42 -27.47 33.54
N VAL B 235 -29.96 -26.99 32.42
CA VAL B 235 -29.31 -27.10 31.13
C VAL B 235 -29.28 -25.71 30.49
N LYS B 236 -28.16 -25.39 29.83
CA LYS B 236 -27.98 -24.06 29.27
C LYS B 236 -28.55 -24.00 27.85
N PRO B 237 -29.35 -22.98 27.55
CA PRO B 237 -29.84 -22.81 26.19
C PRO B 237 -28.80 -22.16 25.31
N PRO B 238 -28.87 -22.35 23.99
CA PRO B 238 -28.20 -21.42 23.07
C PRO B 238 -28.83 -20.03 23.14
N ARG B 239 -28.00 -19.01 22.95
CA ARG B 239 -28.46 -17.63 22.96
C ARG B 239 -28.22 -16.92 21.65
N GLY B 240 -27.44 -17.51 20.74
CA GLY B 240 -27.20 -16.91 19.44
C GLY B 240 -26.69 -17.88 18.41
N ILE B 241 -27.05 -17.65 17.16
CA ILE B 241 -26.67 -18.49 16.04
C ILE B 241 -26.19 -17.60 14.92
N LEU B 242 -25.00 -17.90 14.40
CA LEU B 242 -24.45 -17.16 13.26
C LEU B 242 -24.62 -18.03 12.01
N LEU B 243 -25.24 -17.45 10.99
CA LEU B 243 -25.37 -18.11 9.70
C LEU B 243 -24.41 -17.46 8.73
N TYR B 244 -23.69 -18.25 7.95
CA TYR B 244 -22.80 -17.64 6.97
C TYR B 244 -22.86 -18.39 5.64
N GLY B 245 -22.58 -17.63 4.58
CA GLY B 245 -22.57 -18.13 3.23
C GLY B 245 -22.76 -16.97 2.27
N PRO B 246 -22.72 -17.25 0.97
CA PRO B 246 -22.85 -16.17 -0.02
C PRO B 246 -24.19 -15.47 0.12
N PRO B 247 -24.31 -14.25 -0.40
CA PRO B 247 -25.62 -13.58 -0.37
C PRO B 247 -26.66 -14.34 -1.17
N GLY B 248 -27.91 -14.24 -0.72
CA GLY B 248 -29.03 -14.80 -1.44
C GLY B 248 -29.25 -16.28 -1.26
N THR B 249 -28.71 -16.87 -0.19
CA THR B 249 -28.83 -18.30 0.04
C THR B 249 -29.94 -18.68 1.00
N GLY B 250 -30.65 -17.71 1.57
CA GLY B 250 -31.68 -17.99 2.53
C GLY B 250 -31.36 -17.65 3.98
N LYS B 251 -30.25 -16.94 4.25
CA LYS B 251 -29.92 -16.60 5.63
C LYS B 251 -31.01 -15.76 6.27
N THR B 252 -31.56 -14.79 5.53
CA THR B 252 -32.58 -13.93 6.11
C THR B 252 -33.94 -14.59 6.04
N LEU B 253 -34.12 -15.51 5.09
CA LEU B 253 -35.37 -16.26 4.98
C LEU B 253 -35.54 -17.18 6.17
N ILE B 254 -34.47 -17.86 6.60
CA ILE B 254 -34.54 -18.76 7.75
C ILE B 254 -34.92 -17.98 9.01
N ALA B 255 -34.22 -16.86 9.26
CA ALA B 255 -34.46 -16.11 10.47
C ALA B 255 -35.93 -15.72 10.60
N ARG B 256 -36.54 -15.30 9.50
CA ARG B 256 -37.96 -14.93 9.53
C ARG B 256 -38.84 -16.16 9.69
N ALA B 257 -38.55 -17.23 8.94
CA ALA B 257 -39.37 -18.43 9.01
C ALA B 257 -39.38 -19.01 10.42
N VAL B 258 -38.23 -18.97 11.10
CA VAL B 258 -38.16 -19.54 12.44
C VAL B 258 -39.05 -18.77 13.40
N ALA B 259 -38.96 -17.44 13.38
CA ALA B 259 -39.78 -16.63 14.28
C ALA B 259 -41.27 -16.83 14.01
N ASN B 260 -41.65 -16.92 12.74
CA ASN B 260 -43.06 -17.09 12.42
C ASN B 260 -43.58 -18.46 12.85
N GLU B 261 -42.78 -19.51 12.67
CA GLU B 261 -43.21 -20.85 13.04
C GLU B 261 -43.26 -21.02 14.55
N THR B 262 -42.31 -20.45 15.29
CA THR B 262 -42.30 -20.62 16.74
C THR B 262 -43.20 -19.62 17.44
N GLY B 263 -43.50 -18.48 16.80
CA GLY B 263 -44.34 -17.48 17.40
C GLY B 263 -43.60 -16.40 18.15
N ALA B 264 -42.27 -16.46 18.18
CA ALA B 264 -41.49 -15.45 18.89
C ALA B 264 -41.57 -14.11 18.19
N PHE B 265 -41.52 -13.04 18.98
CA PHE B 265 -41.48 -11.70 18.44
C PHE B 265 -40.18 -11.50 17.66
N PHE B 266 -40.28 -10.99 16.44
CA PHE B 266 -39.13 -10.83 15.56
C PHE B 266 -38.77 -9.35 15.45
N PHE B 267 -37.48 -9.06 15.57
CA PHE B 267 -36.98 -7.71 15.39
C PHE B 267 -35.82 -7.77 14.40
N LEU B 268 -35.83 -6.87 13.43
CA LEU B 268 -34.84 -6.87 12.36
C LEU B 268 -33.81 -5.77 12.61
N ILE B 269 -32.54 -6.14 12.56
CA ILE B 269 -31.42 -5.21 12.62
C ILE B 269 -30.57 -5.43 11.37
N ASN B 270 -30.00 -4.35 10.84
CA ASN B 270 -29.06 -4.46 9.74
C ASN B 270 -27.96 -3.42 9.91
N GLY B 271 -26.74 -3.84 9.58
CA GLY B 271 -25.58 -2.99 9.65
C GLY B 271 -25.76 -1.60 9.05
N PRO B 272 -26.07 -1.52 7.75
CA PRO B 272 -26.18 -0.20 7.12
C PRO B 272 -27.10 0.76 7.84
N GLU B 273 -28.30 0.32 8.25
CA GLU B 273 -29.23 1.22 8.90
C GLU B 273 -28.66 1.75 10.22
N ILE B 274 -28.05 0.86 11.00
CA ILE B 274 -27.43 1.29 12.25
C ILE B 274 -26.28 2.24 11.98
N MET B 275 -25.48 1.95 10.95
CA MET B 275 -24.37 2.82 10.60
C MET B 275 -24.82 4.15 10.02
N SER B 276 -26.05 4.23 9.49
CA SER B 276 -26.55 5.49 8.95
C SER B 276 -26.85 6.50 10.05
N LYS B 277 -26.86 6.06 11.30
CA LYS B 277 -27.17 6.95 12.41
C LYS B 277 -25.89 7.59 12.96
N LEU B 278 -26.06 8.74 13.60
CA LEU B 278 -24.92 9.46 14.17
C LEU B 278 -24.47 8.79 15.47
N ALA B 279 -23.23 9.10 15.86
CA ALA B 279 -22.71 8.58 17.11
C ALA B 279 -23.67 8.85 18.26
N GLY B 280 -23.95 7.82 19.03
CA GLY B 280 -24.95 7.93 20.10
C GLY B 280 -26.33 7.49 19.67
N GLU B 281 -26.71 7.78 18.43
CA GLU B 281 -27.99 7.31 17.92
C GLU B 281 -27.92 5.84 17.53
N SER B 282 -26.79 5.41 16.98
CA SER B 282 -26.64 4.02 16.55
C SER B 282 -26.61 3.08 17.75
N GLU B 283 -25.92 3.48 18.82
CA GLU B 283 -25.89 2.67 20.03
C GLU B 283 -27.24 2.65 20.72
N SER B 284 -27.94 3.78 20.80
CA SER B 284 -29.24 3.80 21.45
C SER B 284 -30.23 2.91 20.69
N ASN B 285 -30.24 2.99 19.36
CA ASN B 285 -31.18 2.18 18.58
C ASN B 285 -30.87 0.71 18.71
N LEU B 286 -29.58 0.35 18.76
CA LEU B 286 -29.19 -1.04 18.95
C LEU B 286 -29.64 -1.54 20.32
N ARG B 287 -29.44 -0.73 21.36
CA ARG B 287 -29.94 -1.11 22.67
C ARG B 287 -31.46 -1.26 22.69
N LYS B 288 -32.19 -0.35 22.05
CA LYS B 288 -33.65 -0.46 22.06
C LYS B 288 -34.11 -1.78 21.45
N ALA B 289 -33.45 -2.23 20.38
CA ALA B 289 -33.82 -3.48 19.75
C ALA B 289 -33.78 -4.64 20.74
N PHE B 290 -32.76 -4.65 21.60
CA PHE B 290 -32.67 -5.70 22.61
C PHE B 290 -33.72 -5.51 23.70
N GLU B 291 -33.98 -4.27 24.10
CA GLU B 291 -35.01 -4.01 25.11
C GLU B 291 -36.40 -4.45 24.63
N GLU B 292 -36.71 -4.21 23.36
CA GLU B 292 -38.00 -4.62 22.82
C GLU B 292 -38.12 -6.13 22.78
N ALA B 293 -37.03 -6.82 22.44
CA ALA B 293 -37.09 -8.28 22.40
C ALA B 293 -37.40 -8.86 23.77
N GLU B 294 -36.85 -8.26 24.83
CA GLU B 294 -37.13 -8.74 26.18
C GLU B 294 -38.58 -8.46 26.57
N LYS B 295 -39.06 -7.25 26.31
CA LYS B 295 -40.43 -6.89 26.65
C LYS B 295 -41.43 -7.80 25.94
N ASN B 296 -41.12 -8.20 24.71
CA ASN B 296 -41.97 -9.08 23.92
C ASN B 296 -41.50 -10.53 23.95
N ALA B 297 -40.68 -10.91 24.91
CA ALA B 297 -40.16 -12.27 24.96
C ALA B 297 -41.31 -13.27 25.07
N PRO B 298 -41.15 -14.48 24.51
CA PRO B 298 -39.99 -14.93 23.73
C PRO B 298 -39.82 -14.16 22.43
N ALA B 299 -38.58 -13.90 22.05
CA ALA B 299 -38.28 -13.06 20.89
C ALA B 299 -37.00 -13.53 20.22
N ILE B 300 -36.89 -13.23 18.93
CA ILE B 300 -35.69 -13.49 18.14
C ILE B 300 -35.24 -12.18 17.52
N ILE B 301 -33.96 -11.87 17.67
CA ILE B 301 -33.35 -10.71 17.02
C ILE B 301 -32.48 -11.22 15.89
N PHE B 302 -32.60 -10.60 14.73
CA PHE B 302 -31.77 -10.95 13.59
C PHE B 302 -30.94 -9.74 13.20
N ILE B 303 -29.62 -9.91 13.16
CA ILE B 303 -28.70 -8.86 12.78
C ILE B 303 -28.12 -9.26 11.43
N ASP B 304 -28.53 -8.55 10.39
CA ASP B 304 -28.01 -8.83 9.05
C ASP B 304 -26.72 -8.04 8.83
N GLU B 305 -25.89 -8.54 7.91
CA GLU B 305 -24.60 -7.94 7.60
C GLU B 305 -23.79 -7.72 8.87
N LEU B 306 -23.62 -8.79 9.63
CA LEU B 306 -22.91 -8.70 10.91
C LEU B 306 -21.52 -8.10 10.74
N ASP B 307 -20.88 -8.38 9.61
CA ASP B 307 -19.55 -7.87 9.34
C ASP B 307 -19.56 -6.37 9.05
N ALA B 308 -20.73 -5.85 8.65
CA ALA B 308 -20.88 -4.41 8.42
C ALA B 308 -21.18 -3.64 9.70
N ILE B 309 -21.96 -4.21 10.61
CA ILE B 309 -22.26 -3.52 11.87
C ILE B 309 -21.12 -3.68 12.86
N ALA B 310 -20.46 -4.83 12.84
CA ALA B 310 -19.41 -5.15 13.81
C ALA B 310 -18.19 -5.71 13.09
N PRO B 311 -17.52 -4.88 12.29
CA PRO B 311 -16.29 -5.34 11.64
C PRO B 311 -15.17 -5.52 12.65
N LYS B 312 -14.12 -6.25 12.29
CA LYS B 312 -13.00 -6.45 13.20
C LYS B 312 -12.47 -5.11 13.67
N ARG B 313 -12.38 -4.96 15.01
CA ARG B 313 -11.90 -3.71 15.59
C ARG B 313 -10.47 -3.41 15.17
N GLU B 314 -9.63 -4.44 15.06
CA GLU B 314 -8.22 -4.22 14.75
C GLU B 314 -8.04 -3.79 13.29
N LYS B 315 -9.11 -3.83 12.50
CA LYS B 315 -9.08 -3.44 11.10
C LYS B 315 -9.65 -2.05 10.84
N THR B 316 -10.13 -1.35 11.87
CA THR B 316 -10.72 -0.04 11.66
C THR B 316 -10.12 0.96 12.64
N HIS B 317 -9.77 2.15 12.11
CA HIS B 317 -9.28 3.24 12.92
C HIS B 317 -10.38 4.13 13.46
N GLY B 318 -11.62 3.95 13.02
CA GLY B 318 -12.69 4.82 13.45
C GLY B 318 -13.12 4.51 14.88
N GLU B 319 -13.32 5.57 15.67
CA GLU B 319 -13.75 5.38 17.05
C GLU B 319 -15.18 4.84 17.11
N VAL B 320 -16.07 5.38 16.27
CA VAL B 320 -17.47 4.99 16.34
C VAL B 320 -17.64 3.51 15.99
N GLU B 321 -16.90 3.03 14.99
CA GLU B 321 -17.01 1.63 14.59
C GLU B 321 -16.47 0.69 15.65
N ARG B 322 -15.40 1.07 16.36
CA ARG B 322 -14.94 0.29 17.51
C ARG B 322 -15.96 0.34 18.63
N ARG B 323 -16.62 1.49 18.81
CA ARG B 323 -17.57 1.60 19.90
C ARG B 323 -18.78 0.69 19.68
N ILE B 324 -19.32 0.66 18.46
CA ILE B 324 -20.53 -0.13 18.23
C ILE B 324 -20.24 -1.61 18.41
N VAL B 325 -19.00 -2.05 18.13
CA VAL B 325 -18.63 -3.43 18.41
C VAL B 325 -18.71 -3.71 19.91
N SER B 326 -18.15 -2.80 20.73
CA SER B 326 -18.23 -2.99 22.17
C SER B 326 -19.68 -2.96 22.65
N GLN B 327 -20.51 -2.09 22.08
CA GLN B 327 -21.92 -2.07 22.48
C GLN B 327 -22.62 -3.37 22.13
N LEU B 328 -22.37 -3.92 20.94
CA LEU B 328 -23.04 -5.16 20.57
C LEU B 328 -22.59 -6.31 21.47
N LEU B 329 -21.28 -6.36 21.77
CA LEU B 329 -20.77 -7.41 22.65
C LEU B 329 -21.39 -7.31 24.04
N THR B 330 -21.55 -6.11 24.56
CA THR B 330 -22.22 -5.97 25.85
C THR B 330 -23.68 -6.44 25.80
N LEU B 331 -24.42 -6.08 24.76
CA LEU B 331 -25.82 -6.48 24.66
C LEU B 331 -25.93 -7.99 24.51
N MET B 332 -25.01 -8.60 23.76
CA MET B 332 -25.02 -10.05 23.61
C MET B 332 -24.80 -10.74 24.95
N ASP B 333 -23.84 -10.25 25.74
CA ASP B 333 -23.61 -10.78 27.08
C ASP B 333 -24.80 -10.57 28.00
N GLY B 334 -25.53 -9.47 27.84
CA GLY B 334 -26.73 -9.23 28.63
C GLY B 334 -27.83 -10.24 28.42
N LEU B 335 -27.69 -11.12 27.43
CA LEU B 335 -28.70 -12.16 27.18
C LEU B 335 -28.78 -13.18 28.29
N LYS B 336 -27.87 -13.17 29.25
CA LYS B 336 -28.01 -14.05 30.41
C LYS B 336 -29.13 -13.56 31.32
N GLN B 337 -29.53 -12.29 31.17
CA GLN B 337 -30.60 -11.74 31.99
C GLN B 337 -31.91 -11.65 31.21
N ARG B 338 -31.82 -11.46 29.89
CA ARG B 338 -33.00 -11.33 29.03
C ARG B 338 -33.52 -12.73 28.71
N ALA B 339 -34.51 -13.17 29.48
CA ALA B 339 -35.00 -14.53 29.34
C ALA B 339 -35.71 -14.74 28.02
N HIS B 340 -35.48 -15.91 27.42
CA HIS B 340 -36.13 -16.36 26.19
C HIS B 340 -35.86 -15.46 24.98
N VAL B 341 -34.66 -14.89 24.88
CA VAL B 341 -34.29 -14.08 23.72
C VAL B 341 -33.10 -14.72 23.04
N ILE B 342 -33.25 -15.05 21.75
CA ILE B 342 -32.19 -15.63 20.94
C ILE B 342 -31.85 -14.64 19.84
N VAL B 343 -30.56 -14.41 19.64
CA VAL B 343 -30.08 -13.47 18.63
C VAL B 343 -29.42 -14.27 17.52
N MET B 344 -29.95 -14.14 16.31
CA MET B 344 -29.35 -14.73 15.13
C MET B 344 -28.67 -13.63 14.32
N ALA B 345 -27.66 -14.00 13.56
CA ALA B 345 -26.95 -13.06 12.72
C ALA B 345 -26.53 -13.73 11.42
N ALA B 346 -26.35 -12.92 10.38
CA ALA B 346 -25.93 -13.40 9.07
C ALA B 346 -24.71 -12.63 8.61
N THR B 347 -23.73 -13.35 8.05
CA THR B 347 -22.56 -12.73 7.47
C THR B 347 -22.21 -13.48 6.19
N ASN B 348 -21.42 -12.82 5.35
CA ASN B 348 -20.98 -13.47 4.11
C ASN B 348 -19.82 -14.43 4.38
N ARG B 349 -18.96 -14.09 5.33
CA ARG B 349 -17.80 -14.90 5.65
C ARG B 349 -17.64 -14.98 7.16
N PRO B 350 -17.48 -16.19 7.70
CA PRO B 350 -17.37 -16.32 9.16
C PRO B 350 -16.13 -15.64 9.74
N ASN B 351 -15.12 -15.37 8.91
CA ASN B 351 -13.89 -14.74 9.38
C ASN B 351 -13.84 -13.25 9.09
N SER B 352 -14.96 -12.63 8.72
CA SER B 352 -14.98 -11.19 8.46
C SER B 352 -15.57 -10.40 9.62
N ILE B 353 -15.83 -11.04 10.75
CA ILE B 353 -16.41 -10.38 11.90
C ILE B 353 -15.43 -10.41 13.07
N ASP B 354 -15.59 -9.46 13.97
CA ASP B 354 -14.73 -9.33 15.14
C ASP B 354 -14.71 -10.65 15.89
N PRO B 355 -13.53 -11.24 16.15
CA PRO B 355 -13.49 -12.57 16.75
C PRO B 355 -14.17 -12.67 18.11
N ALA B 356 -14.32 -11.57 18.84
CA ALA B 356 -14.98 -11.62 20.13
C ALA B 356 -16.41 -12.14 20.03
N LEU B 357 -17.10 -11.87 18.92
CA LEU B 357 -18.49 -12.29 18.78
C LEU B 357 -18.62 -13.79 18.81
N ARG B 358 -17.60 -14.52 18.37
CA ARG B 358 -17.66 -15.96 18.21
C ARG B 358 -17.17 -16.71 19.44
N ARG B 359 -16.82 -16.00 20.51
CA ARG B 359 -16.35 -16.64 21.74
C ARG B 359 -17.53 -17.21 22.51
N PHE B 360 -17.22 -18.18 23.40
CA PHE B 360 -18.25 -18.96 24.15
C PHE B 360 -19.35 -18.00 24.56
N GLY B 361 -20.60 -18.43 24.45
CA GLY B 361 -21.66 -17.46 24.63
C GLY B 361 -21.86 -16.73 23.31
N ARG B 362 -22.50 -15.56 23.39
CA ARG B 362 -22.68 -14.68 22.21
C ARG B 362 -23.05 -15.48 20.96
N PHE B 363 -22.15 -15.51 19.98
CA PHE B 363 -22.38 -16.24 18.73
C PHE B 363 -21.41 -17.43 18.62
N ASP B 364 -21.35 -18.20 19.69
CA ASP B 364 -20.49 -19.38 19.71
C ASP B 364 -21.05 -20.56 18.92
N ARG B 365 -22.28 -20.47 18.44
CA ARG B 365 -22.81 -21.51 17.56
C ARG B 365 -23.01 -20.94 16.16
N GLU B 366 -22.59 -21.70 15.14
CA GLU B 366 -22.63 -21.22 13.77
C GLU B 366 -23.18 -22.34 12.88
N VAL B 367 -23.85 -21.96 11.80
CA VAL B 367 -24.34 -22.93 10.83
C VAL B 367 -23.91 -22.50 9.43
N ASP B 368 -23.30 -23.43 8.70
CA ASP B 368 -22.77 -23.18 7.37
C ASP B 368 -23.87 -23.36 6.33
N ILE B 369 -24.37 -22.25 5.78
CA ILE B 369 -25.45 -22.35 4.81
C ILE B 369 -24.90 -22.65 3.43
N GLY B 370 -23.81 -21.99 3.04
CA GLY B 370 -23.20 -22.30 1.77
C GLY B 370 -24.12 -22.05 0.58
N ILE B 371 -24.01 -22.94 -0.40
CA ILE B 371 -24.76 -22.84 -1.65
C ILE B 371 -25.63 -24.08 -1.81
N PRO B 372 -26.92 -23.94 -2.13
CA PRO B 372 -27.76 -25.12 -2.29
C PRO B 372 -27.19 -26.08 -3.34
N ASP B 373 -27.35 -27.37 -3.08
CA ASP B 373 -26.87 -28.39 -4.00
C ASP B 373 -27.93 -28.65 -5.07
N ALA B 374 -27.61 -29.56 -6.00
CA ALA B 374 -28.48 -29.80 -7.14
C ALA B 374 -29.89 -30.18 -6.71
N THR B 375 -30.03 -30.97 -5.65
CA THR B 375 -31.35 -31.35 -5.16
C THR B 375 -32.07 -30.15 -4.54
N GLY B 376 -31.35 -29.39 -3.71
CA GLY B 376 -31.95 -28.23 -3.10
C GLY B 376 -32.32 -27.17 -4.12
N ARG B 377 -31.51 -27.00 -5.15
CA ARG B 377 -31.81 -26.01 -6.17
C ARG B 377 -33.09 -26.36 -6.92
N LEU B 378 -33.30 -27.65 -7.20
CA LEU B 378 -34.58 -28.09 -7.75
C LEU B 378 -35.72 -27.78 -6.79
N GLU B 379 -35.52 -28.09 -5.50
CA GLU B 379 -36.56 -27.79 -4.52
C GLU B 379 -36.92 -26.30 -4.51
N ILE B 380 -35.91 -25.44 -4.62
CA ILE B 380 -36.17 -24.00 -4.65
C ILE B 380 -36.97 -23.63 -5.89
N LEU B 381 -36.60 -24.16 -7.05
CA LEU B 381 -37.35 -23.90 -8.28
C LEU B 381 -38.79 -24.37 -8.15
N GLN B 382 -39.01 -25.52 -7.51
CA GLN B 382 -40.35 -26.05 -7.31
C GLN B 382 -41.13 -25.15 -6.35
N ILE B 383 -40.50 -24.68 -5.28
CA ILE B 383 -41.19 -23.82 -4.33
C ILE B 383 -41.66 -22.53 -5.00
N HIS B 384 -40.79 -21.89 -5.78
CA HIS B 384 -41.17 -20.62 -6.39
C HIS B 384 -41.98 -20.79 -7.67
N THR B 385 -42.42 -22.00 -7.98
CA THR B 385 -43.34 -22.24 -9.09
C THR B 385 -44.63 -22.89 -8.63
N LYS B 386 -44.83 -23.06 -7.33
CA LYS B 386 -46.02 -23.74 -6.82
C LYS B 386 -47.29 -23.07 -7.32
N ASN B 387 -47.28 -21.76 -7.45
CA ASN B 387 -48.43 -21.00 -7.93
C ASN B 387 -48.48 -20.89 -9.44
N MET B 388 -47.42 -21.30 -10.14
CA MET B 388 -47.29 -21.12 -11.57
C MET B 388 -47.76 -22.38 -12.29
N LYS B 389 -48.39 -22.19 -13.45
CA LYS B 389 -48.67 -23.30 -14.36
C LYS B 389 -47.44 -23.54 -15.22
N LEU B 390 -46.97 -24.78 -15.24
CA LEU B 390 -45.81 -25.13 -16.03
C LEU B 390 -46.22 -26.01 -17.20
N ALA B 391 -45.60 -25.78 -18.36
CA ALA B 391 -45.89 -26.60 -19.53
C ALA B 391 -45.24 -27.97 -19.39
N ASP B 392 -45.74 -28.92 -20.18
CA ASP B 392 -45.19 -30.27 -20.13
C ASP B 392 -43.72 -30.34 -20.52
N ASP B 393 -43.19 -29.35 -21.24
CA ASP B 393 -41.79 -29.38 -21.64
C ASP B 393 -40.86 -28.78 -20.59
N VAL B 394 -41.40 -28.26 -19.49
CA VAL B 394 -40.57 -27.63 -18.47
C VAL B 394 -39.84 -28.71 -17.67
N ASP B 395 -38.54 -28.54 -17.52
CA ASP B 395 -37.70 -29.49 -16.80
C ASP B 395 -36.86 -28.73 -15.79
N LEU B 396 -37.38 -28.58 -14.58
CA LEU B 396 -36.68 -27.81 -13.55
C LEU B 396 -35.46 -28.55 -13.00
N GLU B 397 -35.46 -29.88 -13.06
CA GLU B 397 -34.27 -30.64 -12.64
C GLU B 397 -33.10 -30.34 -13.56
N GLN B 398 -33.33 -30.28 -14.87
CA GLN B 398 -32.26 -29.93 -15.79
C GLN B 398 -31.75 -28.51 -15.52
N VAL B 399 -32.65 -27.60 -15.19
CA VAL B 399 -32.24 -26.24 -14.83
C VAL B 399 -31.38 -26.26 -13.58
N ALA B 400 -31.83 -26.96 -12.55
CA ALA B 400 -31.06 -27.05 -11.30
C ALA B 400 -29.67 -27.60 -11.54
N ASN B 401 -29.53 -28.53 -12.48
CA ASN B 401 -28.20 -29.06 -12.79
C ASN B 401 -27.36 -28.06 -13.57
N GLU B 402 -28.00 -27.21 -14.38
CA GLU B 402 -27.21 -26.26 -15.17
C GLU B 402 -26.91 -24.98 -14.39
N THR B 403 -27.73 -24.66 -13.39
CA THR B 403 -27.53 -23.41 -12.65
C THR B 403 -26.39 -23.51 -11.65
N HIS B 404 -25.17 -23.70 -12.14
CA HIS B 404 -24.00 -23.68 -11.28
C HIS B 404 -23.66 -22.25 -10.86
N GLY B 405 -23.32 -22.09 -9.59
CA GLY B 405 -23.04 -20.78 -9.04
C GLY B 405 -24.24 -19.97 -8.64
N HIS B 406 -25.45 -20.49 -8.82
CA HIS B 406 -26.67 -19.77 -8.45
C HIS B 406 -27.06 -20.08 -7.01
N VAL B 407 -27.70 -19.10 -6.37
CA VAL B 407 -28.21 -19.26 -5.02
C VAL B 407 -29.72 -19.12 -5.08
N GLY B 408 -30.40 -19.34 -3.95
CA GLY B 408 -31.85 -19.29 -3.93
C GLY B 408 -32.42 -17.99 -4.50
N ALA B 409 -31.75 -16.87 -4.24
CA ALA B 409 -32.21 -15.61 -4.79
C ALA B 409 -32.14 -15.61 -6.31
N ASP B 410 -31.16 -16.30 -6.89
CA ASP B 410 -31.06 -16.38 -8.35
C ASP B 410 -32.08 -17.34 -8.92
N LEU B 411 -32.33 -18.47 -8.24
CA LEU B 411 -33.32 -19.41 -8.72
C LEU B 411 -34.73 -18.83 -8.65
N ALA B 412 -35.02 -18.07 -7.60
CA ALA B 412 -36.30 -17.36 -7.54
C ALA B 412 -36.40 -16.33 -8.67
N ALA B 413 -35.31 -15.65 -8.96
CA ALA B 413 -35.30 -14.70 -10.08
C ALA B 413 -35.56 -15.41 -11.40
N LEU B 414 -34.98 -16.60 -11.58
CA LEU B 414 -35.20 -17.37 -12.80
C LEU B 414 -36.66 -17.77 -12.97
N CYS B 415 -37.31 -18.14 -11.86
CA CYS B 415 -38.73 -18.46 -11.92
C CYS B 415 -39.56 -17.23 -12.28
N SER B 416 -39.24 -16.08 -11.69
CA SER B 416 -39.98 -14.87 -12.02
C SER B 416 -39.72 -14.41 -13.44
N GLU B 417 -38.46 -14.50 -13.89
CA GLU B 417 -38.11 -14.07 -15.24
C GLU B 417 -38.75 -14.98 -16.29
N ALA B 418 -38.79 -16.29 -16.02
CA ALA B 418 -39.49 -17.20 -16.94
C ALA B 418 -40.97 -16.89 -16.99
N ALA B 419 -41.58 -16.54 -15.86
CA ALA B 419 -42.97 -16.12 -15.86
C ALA B 419 -43.16 -14.83 -16.65
N LEU B 420 -42.16 -13.95 -16.63
CA LEU B 420 -42.24 -12.72 -17.42
C LEU B 420 -42.39 -13.04 -18.91
N GLN B 421 -41.65 -14.02 -19.42
CA GLN B 421 -41.77 -14.39 -20.83
C GLN B 421 -43.12 -15.02 -21.10
N ALA B 422 -43.65 -15.83 -20.20
CA ALA B 422 -44.94 -16.46 -20.42
C ALA B 422 -46.05 -15.41 -20.46
N ILE B 423 -46.03 -14.44 -19.54
CA ILE B 423 -47.06 -13.42 -19.47
C ILE B 423 -46.92 -12.43 -20.63
N ARG B 424 -45.70 -12.16 -21.11
CA ARG B 424 -45.48 -11.30 -22.30
C ARG B 424 -45.93 -11.96 -23.59
N LYS B 425 -45.59 -13.22 -23.84
CA LYS B 425 -45.86 -13.91 -25.12
C LYS B 425 -47.33 -14.18 -25.35
N LYS B 426 -48.04 -14.62 -24.31
CA LYS B 426 -49.43 -15.04 -24.43
C LYS B 426 -50.36 -14.08 -23.72
N MET B 427 -50.15 -13.86 -22.43
CA MET B 427 -51.10 -13.13 -21.58
C MET B 427 -51.18 -11.63 -21.90
N ASP B 428 -50.13 -11.00 -22.43
CA ASP B 428 -50.18 -9.57 -22.74
C ASP B 428 -51.28 -9.22 -23.75
N LEU B 429 -51.66 -10.15 -24.63
CA LEU B 429 -52.72 -9.97 -25.62
C LEU B 429 -54.13 -10.27 -25.05
N ILE B 430 -54.18 -10.70 -23.78
CA ILE B 430 -55.38 -10.98 -22.99
C ILE B 430 -55.63 -9.91 -21.92
N ASP B 431 -54.57 -9.43 -21.28
CA ASP B 431 -54.59 -8.46 -20.18
C ASP B 431 -55.10 -7.05 -20.57
N LEU B 432 -55.67 -6.33 -19.60
CA LEU B 432 -56.01 -4.91 -19.68
C LEU B 432 -55.12 -4.02 -18.82
N GLU B 433 -55.06 -2.72 -19.17
CA GLU B 433 -54.47 -1.68 -18.32
C GLU B 433 -55.50 -1.30 -17.22
N ASP B 434 -55.65 -2.18 -16.23
CA ASP B 434 -56.63 -2.05 -15.15
C ASP B 434 -56.03 -2.58 -13.83
N GLU B 435 -56.78 -2.52 -12.74
CA GLU B 435 -56.37 -3.00 -11.42
C GLU B 435 -56.21 -4.53 -11.30
N THR B 436 -57.06 -5.31 -11.96
CA THR B 436 -57.09 -6.78 -11.84
C THR B 436 -57.09 -7.49 -13.20
N ILE B 437 -56.63 -8.73 -13.21
CA ILE B 437 -56.62 -9.63 -14.36
C ILE B 437 -57.55 -10.83 -14.11
N ASP B 438 -58.29 -11.26 -15.13
CA ASP B 438 -59.17 -12.43 -15.01
C ASP B 438 -58.42 -13.65 -14.46
N ALA B 439 -58.97 -14.32 -13.44
CA ALA B 439 -58.36 -15.51 -12.85
C ALA B 439 -58.38 -16.69 -13.81
N GLU B 440 -59.42 -16.78 -14.65
CA GLU B 440 -59.56 -17.92 -15.55
C GLU B 440 -58.40 -18.02 -16.53
N VAL B 441 -57.94 -16.89 -17.05
CA VAL B 441 -56.89 -16.89 -18.09
C VAL B 441 -55.54 -17.05 -17.43
N MET B 442 -55.37 -16.51 -16.22
CA MET B 442 -54.10 -16.64 -15.51
C MET B 442 -53.85 -18.10 -15.16
N ASN B 443 -54.90 -18.83 -14.79
CA ASN B 443 -54.74 -20.23 -14.43
C ASN B 443 -54.27 -21.08 -15.61
N SER B 444 -54.60 -20.66 -16.84
CA SER B 444 -54.20 -21.40 -18.03
C SER B 444 -52.87 -20.94 -18.61
N LEU B 445 -52.17 -20.00 -17.97
CA LEU B 445 -50.92 -19.42 -18.47
C LEU B 445 -49.70 -20.29 -18.12
N ALA B 446 -49.28 -21.16 -19.03
CA ALA B 446 -48.19 -22.09 -18.77
C ALA B 446 -46.86 -21.48 -19.19
N VAL B 447 -45.85 -21.67 -18.35
CA VAL B 447 -44.48 -21.26 -18.64
C VAL B 447 -43.79 -22.39 -19.39
N THR B 448 -43.12 -22.05 -20.49
CA THR B 448 -42.49 -23.02 -21.37
C THR B 448 -41.02 -23.17 -21.02
N MET B 449 -40.40 -24.20 -21.61
CA MET B 449 -38.98 -24.44 -21.41
C MET B 449 -38.13 -23.32 -21.98
N ASP B 450 -38.56 -22.73 -23.10
CA ASP B 450 -37.80 -21.64 -23.69
C ASP B 450 -37.87 -20.39 -22.82
N ASP B 451 -38.89 -20.30 -21.96
CA ASP B 451 -39.00 -19.18 -21.04
C ASP B 451 -37.99 -19.30 -19.90
N PHE B 452 -37.76 -20.52 -19.40
CA PHE B 452 -36.71 -20.72 -18.41
C PHE B 452 -35.33 -20.62 -19.03
N ARG B 453 -35.17 -21.08 -20.27
CA ARG B 453 -33.88 -20.94 -20.94
C ARG B 453 -33.53 -19.47 -21.17
N TRP B 454 -34.51 -18.66 -21.56
CA TRP B 454 -34.29 -17.23 -21.70
C TRP B 454 -33.87 -16.61 -20.37
N ALA B 455 -34.59 -16.94 -19.30
CA ALA B 455 -34.26 -16.42 -17.99
C ALA B 455 -32.84 -16.82 -17.58
N LEU B 456 -32.41 -18.03 -17.93
CA LEU B 456 -31.08 -18.49 -17.55
C LEU B 456 -30.00 -17.67 -18.25
N SER B 457 -30.27 -17.26 -19.49
CA SER B 457 -29.31 -16.45 -20.22
C SER B 457 -29.26 -15.03 -19.68
N GLN B 458 -30.38 -14.56 -19.12
CA GLN B 458 -30.40 -13.20 -18.58
C GLN B 458 -29.84 -13.11 -17.17
N SER B 459 -29.93 -14.18 -16.38
CA SER B 459 -29.45 -14.15 -15.01
C SER B 459 -27.95 -14.45 -14.95
N ASN B 460 -27.30 -13.88 -13.94
CA ASN B 460 -25.88 -14.09 -13.71
C ASN B 460 -25.60 -14.57 -12.29
N PRO B 461 -25.03 -15.76 -12.13
CA PRO B 461 -24.88 -16.35 -10.80
C PRO B 461 -24.14 -15.42 -9.85
N SER B 462 -24.73 -15.24 -8.66
CA SER B 462 -24.14 -14.37 -7.66
C SER B 462 -23.03 -15.04 -6.86
N ALA B 463 -22.87 -16.35 -6.98
CA ALA B 463 -21.88 -17.10 -6.22
C ALA B 463 -21.16 -18.11 -7.10
N LEU B 464 -20.58 -17.65 -8.21
CA LEU B 464 -19.90 -18.55 -9.14
C LEU B 464 -18.47 -18.85 -8.74
N ARG B 465 -17.81 -17.96 -8.00
CA ARG B 465 -16.45 -18.23 -7.58
C ARG B 465 -16.36 -19.12 -6.35
N GLU B 466 -17.33 -19.06 -5.44
CA GLU B 466 -17.30 -19.90 -4.26
C GLU B 466 -17.53 -21.36 -4.64
N THR B 467 -16.82 -22.26 -3.93
CA THR B 467 -16.96 -23.69 -4.17
C THR B 467 -18.33 -24.19 -3.72
N VAL B 468 -18.96 -24.99 -4.58
CA VAL B 468 -20.21 -25.65 -4.22
C VAL B 468 -19.92 -27.07 -3.72
N VAL B 469 -20.31 -27.33 -2.47
CA VAL B 469 -20.00 -28.60 -1.80
C VAL B 469 -21.30 -29.37 -1.69
N GLU B 470 -21.33 -30.58 -2.26
CA GLU B 470 -22.54 -31.39 -2.27
C GLU B 470 -22.17 -32.84 -2.44
N VAL B 471 -23.13 -33.72 -2.19
CA VAL B 471 -22.97 -35.14 -2.46
C VAL B 471 -22.95 -35.34 -3.97
N PRO B 472 -21.89 -35.92 -4.53
CA PRO B 472 -21.79 -36.03 -5.99
C PRO B 472 -22.76 -37.06 -6.55
N GLN B 473 -22.99 -36.96 -7.87
CA GLN B 473 -23.89 -37.88 -8.53
C GLN B 473 -23.15 -38.98 -9.29
N VAL B 474 -21.84 -39.08 -9.10
CA VAL B 474 -21.07 -40.13 -9.75
C VAL B 474 -21.27 -41.44 -9.00
N THR B 475 -21.61 -42.50 -9.74
CA THR B 475 -21.83 -43.82 -9.18
C THR B 475 -20.69 -44.73 -9.65
N TRP B 476 -20.61 -45.93 -9.06
CA TRP B 476 -19.59 -46.89 -9.48
C TRP B 476 -19.80 -47.35 -10.92
N GLU B 477 -21.05 -47.34 -11.39
CA GLU B 477 -21.33 -47.75 -12.75
C GLU B 477 -20.77 -46.77 -13.78
N ASP B 478 -20.35 -45.59 -13.36
CA ASP B 478 -19.80 -44.60 -14.28
C ASP B 478 -18.30 -44.78 -14.51
N ILE B 479 -17.67 -45.70 -13.80
CA ILE B 479 -16.22 -45.89 -13.88
C ILE B 479 -15.95 -47.24 -14.51
N GLY B 480 -15.26 -47.23 -15.65
CA GLY B 480 -14.92 -48.48 -16.32
C GLY B 480 -13.71 -49.13 -15.66
N GLY B 481 -13.84 -50.41 -15.34
CA GLY B 481 -12.74 -51.15 -14.77
C GLY B 481 -12.51 -50.77 -13.31
N LEU B 482 -11.31 -51.06 -12.82
CA LEU B 482 -10.89 -50.77 -11.46
C LEU B 482 -11.80 -51.41 -10.41
N GLU B 483 -12.22 -52.66 -10.63
CA GLU B 483 -13.14 -53.30 -9.69
C GLU B 483 -12.53 -53.42 -8.30
N ASP B 484 -11.21 -53.68 -8.23
CA ASP B 484 -10.57 -53.87 -6.93
C ASP B 484 -10.37 -52.55 -6.21
N VAL B 485 -10.06 -51.48 -6.94
CA VAL B 485 -9.90 -50.17 -6.32
C VAL B 485 -11.23 -49.70 -5.73
N LYS B 486 -12.33 -49.96 -6.43
CA LYS B 486 -13.65 -49.60 -5.89
C LYS B 486 -13.87 -50.24 -4.54
N ARG B 487 -13.55 -51.54 -4.41
CA ARG B 487 -13.72 -52.22 -3.13
C ARG B 487 -12.79 -51.64 -2.07
N GLU B 488 -11.57 -51.28 -2.47
CA GLU B 488 -10.61 -50.73 -1.52
C GLU B 488 -11.11 -49.43 -0.91
N LEU B 489 -11.72 -48.57 -1.72
CA LEU B 489 -12.27 -47.32 -1.20
C LEU B 489 -13.40 -47.58 -0.22
N GLN B 490 -14.23 -48.58 -0.49
CA GLN B 490 -15.27 -48.93 0.47
C GLN B 490 -14.69 -49.37 1.80
N GLU B 491 -13.59 -50.14 1.76
CA GLU B 491 -12.94 -50.54 3.00
C GLU B 491 -12.28 -49.35 3.70
N LEU B 492 -11.74 -48.41 2.93
CA LEU B 492 -11.09 -47.26 3.52
C LEU B 492 -12.09 -46.28 4.14
N VAL B 493 -13.26 -46.11 3.54
CA VAL B 493 -14.20 -45.10 3.98
C VAL B 493 -15.33 -45.66 4.84
N GLN B 494 -15.92 -46.79 4.47
CA GLN B 494 -17.11 -47.28 5.17
C GLN B 494 -16.77 -48.22 6.33
N TYR B 495 -15.87 -49.18 6.11
CA TYR B 495 -15.57 -50.18 7.12
C TYR B 495 -15.21 -49.58 8.49
N PRO B 496 -14.41 -48.52 8.60
CA PRO B 496 -14.03 -48.04 9.93
C PRO B 496 -15.22 -47.61 10.79
N VAL B 497 -16.37 -47.30 10.19
CA VAL B 497 -17.54 -46.90 10.94
C VAL B 497 -18.67 -47.93 10.87
N GLU B 498 -18.67 -48.80 9.85
CA GLU B 498 -19.67 -49.86 9.81
C GLU B 498 -19.28 -51.06 10.66
N HIS B 499 -17.98 -51.29 10.87
CA HIS B 499 -17.55 -52.42 11.69
C HIS B 499 -16.52 -51.98 12.73
N PRO B 500 -16.83 -50.99 13.57
CA PRO B 500 -15.79 -50.44 14.46
C PRO B 500 -15.30 -51.43 15.50
N ASP B 501 -16.11 -52.44 15.81
CA ASP B 501 -15.73 -53.41 16.83
C ASP B 501 -14.61 -54.32 16.36
N LYS B 502 -14.49 -54.53 15.04
CA LYS B 502 -13.40 -55.34 14.54
C LYS B 502 -12.09 -54.57 14.53
N PHE B 503 -12.14 -53.27 14.22
CA PHE B 503 -10.94 -52.44 14.29
C PHE B 503 -10.42 -52.33 15.73
N LEU B 504 -11.33 -52.18 16.70
CA LEU B 504 -10.92 -52.15 18.09
C LEU B 504 -10.38 -53.52 18.53
N LYS B 505 -11.06 -54.60 18.12
CA LYS B 505 -10.65 -55.93 18.54
C LYS B 505 -9.21 -56.23 18.17
N PHE B 506 -8.79 -55.82 16.98
CA PHE B 506 -7.45 -56.12 16.50
C PHE B 506 -6.49 -54.94 16.61
N GLY B 507 -6.89 -53.88 17.30
CA GLY B 507 -6.01 -52.74 17.49
C GLY B 507 -5.60 -52.05 16.21
N MET B 508 -6.49 -51.98 15.22
CA MET B 508 -6.18 -51.39 13.93
C MET B 508 -6.46 -49.90 13.95
N THR B 509 -5.54 -49.11 13.42
CA THR B 509 -5.76 -47.68 13.30
C THR B 509 -6.21 -47.36 11.88
N PRO B 510 -7.45 -46.90 11.69
CA PRO B 510 -7.90 -46.58 10.33
C PRO B 510 -7.04 -45.49 9.70
N SER B 511 -6.82 -45.61 8.39
CA SER B 511 -6.09 -44.58 7.66
C SER B 511 -6.94 -43.33 7.54
N LYS B 512 -6.27 -42.18 7.56
CA LYS B 512 -6.93 -40.89 7.38
C LYS B 512 -7.12 -40.50 5.93
N GLY B 513 -6.49 -41.19 4.98
CA GLY B 513 -6.60 -40.81 3.59
C GLY B 513 -5.75 -41.68 2.71
N VAL B 514 -6.00 -41.55 1.40
CA VAL B 514 -5.33 -42.34 0.37
C VAL B 514 -4.89 -41.40 -0.74
N LEU B 515 -3.75 -41.70 -1.36
CA LEU B 515 -3.23 -40.96 -2.50
C LEU B 515 -3.26 -41.88 -3.71
N PHE B 516 -3.76 -41.37 -4.84
CA PHE B 516 -3.73 -42.11 -6.08
C PHE B 516 -2.59 -41.61 -6.95
N TYR B 517 -1.86 -42.53 -7.58
CA TYR B 517 -0.79 -42.14 -8.48
C TYR B 517 -0.81 -43.06 -9.69
N GLY B 518 -0.19 -42.58 -10.77
CA GLY B 518 -0.13 -43.33 -12.00
C GLY B 518 -0.39 -42.46 -13.20
N PRO B 519 -0.57 -43.07 -14.36
CA PRO B 519 -0.77 -42.30 -15.60
C PRO B 519 -2.01 -41.43 -15.51
N PRO B 520 -2.03 -40.32 -16.24
CA PRO B 520 -3.25 -39.49 -16.28
C PRO B 520 -4.35 -40.13 -17.09
N GLY B 521 -5.57 -39.69 -16.82
CA GLY B 521 -6.73 -40.10 -17.60
C GLY B 521 -7.26 -41.48 -17.27
N CYS B 522 -7.09 -41.94 -16.03
CA CYS B 522 -7.56 -43.25 -15.63
C CYS B 522 -8.74 -43.21 -14.65
N GLY B 523 -9.34 -42.05 -14.44
CA GLY B 523 -10.51 -41.95 -13.58
C GLY B 523 -10.27 -41.66 -12.12
N LYS B 524 -9.11 -41.11 -11.76
CA LYS B 524 -8.83 -40.85 -10.34
C LYS B 524 -9.87 -39.93 -9.74
N THR B 525 -10.33 -38.93 -10.50
CA THR B 525 -11.33 -37.99 -9.99
C THR B 525 -12.65 -38.70 -9.71
N LEU B 526 -13.06 -39.57 -10.63
CA LEU B 526 -14.33 -40.27 -10.48
C LEU B 526 -14.31 -41.21 -9.29
N LEU B 527 -13.15 -41.81 -9.01
CA LEU B 527 -13.04 -42.72 -7.88
C LEU B 527 -13.41 -42.03 -6.58
N ALA B 528 -12.87 -40.82 -6.35
CA ALA B 528 -13.17 -40.09 -5.13
C ALA B 528 -14.64 -39.68 -5.08
N LYS B 529 -15.21 -39.28 -6.21
CA LYS B 529 -16.61 -38.88 -6.22
C LYS B 529 -17.53 -40.07 -5.99
N ALA B 530 -17.22 -41.22 -6.60
CA ALA B 530 -18.11 -42.37 -6.51
C ALA B 530 -18.24 -42.87 -5.08
N ILE B 531 -17.14 -42.90 -4.33
CA ILE B 531 -17.22 -43.35 -2.94
C ILE B 531 -17.96 -42.33 -2.08
N ALA B 532 -17.76 -41.04 -2.37
CA ALA B 532 -18.51 -40.01 -1.65
C ALA B 532 -20.00 -40.14 -1.91
N ASN B 533 -20.37 -40.48 -3.14
CA ASN B 533 -21.79 -40.60 -3.48
C ASN B 533 -22.43 -41.76 -2.73
N GLU B 534 -21.87 -42.97 -2.86
CA GLU B 534 -22.46 -44.12 -2.19
C GLU B 534 -22.54 -43.93 -0.69
N CYS B 535 -21.57 -43.26 -0.09
CA CYS B 535 -21.57 -43.02 1.34
C CYS B 535 -22.49 -41.88 1.74
N GLN B 536 -23.14 -41.24 0.78
CA GLN B 536 -23.96 -40.05 1.02
C GLN B 536 -23.17 -38.95 1.73
N ALA B 537 -21.93 -38.76 1.29
CA ALA B 537 -21.06 -37.78 1.91
C ALA B 537 -20.78 -36.63 0.93
N ASN B 538 -20.58 -35.45 1.48
CA ASN B 538 -20.31 -34.29 0.63
C ASN B 538 -18.91 -34.40 0.05
N PHE B 539 -18.78 -33.94 -1.20
CA PHE B 539 -17.51 -34.01 -1.90
C PHE B 539 -16.98 -32.59 -2.08
N ILE B 540 -15.77 -32.35 -1.61
CA ILE B 540 -15.10 -31.05 -1.71
C ILE B 540 -13.93 -31.21 -2.66
N SER B 541 -13.93 -30.42 -3.73
CA SER B 541 -12.95 -30.54 -4.79
C SER B 541 -12.02 -29.34 -4.75
N ILE B 542 -10.74 -29.59 -4.49
CA ILE B 542 -9.70 -28.57 -4.53
C ILE B 542 -8.85 -28.86 -5.76
N LYS B 543 -8.71 -27.87 -6.62
CA LYS B 543 -7.98 -28.03 -7.87
C LYS B 543 -6.69 -27.24 -7.87
N GLY B 544 -5.78 -27.62 -8.76
CA GLY B 544 -4.50 -26.98 -8.88
C GLY B 544 -4.54 -25.47 -8.80
N PRO B 545 -5.38 -24.82 -9.62
CA PRO B 545 -5.45 -23.35 -9.57
C PRO B 545 -5.65 -22.79 -8.17
N GLU B 546 -6.36 -23.48 -7.29
CA GLU B 546 -6.54 -22.97 -5.94
C GLU B 546 -5.25 -23.11 -5.12
N LEU B 547 -4.57 -24.24 -5.26
CA LEU B 547 -3.29 -24.42 -4.58
C LEU B 547 -2.26 -23.43 -5.08
N LEU B 548 -2.27 -23.14 -6.38
CA LEU B 548 -1.33 -22.18 -6.93
C LEU B 548 -1.65 -20.76 -6.51
N THR B 549 -2.94 -20.41 -6.45
CA THR B 549 -3.33 -19.08 -6.00
C THR B 549 -2.84 -18.82 -4.58
N MET B 550 -3.04 -19.78 -3.69
CA MET B 550 -2.57 -19.61 -2.31
C MET B 550 -1.05 -19.47 -2.25
N TRP B 551 -0.32 -20.30 -3.00
CA TRP B 551 1.14 -20.20 -3.00
C TRP B 551 1.62 -18.86 -3.54
N PHE B 552 1.18 -18.51 -4.77
CA PHE B 552 1.68 -17.31 -5.42
C PHE B 552 1.31 -16.06 -4.64
N GLY B 553 0.11 -16.02 -4.06
CA GLY B 553 -0.33 -14.83 -3.38
C GLY B 553 0.04 -14.76 -1.91
N GLU B 554 0.82 -15.72 -1.43
CA GLU B 554 1.21 -15.79 -0.02
C GLU B 554 -0.01 -15.73 0.88
N SER B 555 -1.02 -16.52 0.54
CA SER B 555 -2.27 -16.61 1.29
C SER B 555 -2.57 -18.05 1.68
N GLU B 556 -1.53 -18.77 2.07
CA GLU B 556 -1.69 -20.17 2.49
C GLU B 556 -2.58 -20.31 3.71
N ALA B 557 -2.86 -19.22 4.42
CA ALA B 557 -3.79 -19.30 5.55
C ALA B 557 -5.16 -19.80 5.11
N ASN B 558 -5.50 -19.61 3.83
CA ASN B 558 -6.78 -20.05 3.32
C ASN B 558 -6.94 -21.56 3.37
N VAL B 559 -5.84 -22.30 3.58
CA VAL B 559 -5.96 -23.75 3.71
C VAL B 559 -6.84 -24.10 4.89
N ARG B 560 -6.74 -23.32 5.98
CA ARG B 560 -7.54 -23.60 7.17
C ARG B 560 -9.03 -23.53 6.83
N GLU B 561 -9.42 -22.61 5.96
CA GLU B 561 -10.83 -22.49 5.59
C GLU B 561 -11.27 -23.70 4.78
N ILE B 562 -10.36 -24.26 3.98
CA ILE B 562 -10.70 -25.46 3.21
C ILE B 562 -10.98 -26.62 4.13
N PHE B 563 -10.12 -26.82 5.14
CA PHE B 563 -10.34 -27.92 6.06
C PHE B 563 -11.53 -27.64 6.96
N ASP B 564 -11.75 -26.36 7.30
CA ASP B 564 -12.92 -26.01 8.09
C ASP B 564 -14.20 -26.32 7.35
N LYS B 565 -14.20 -26.19 6.02
CA LYS B 565 -15.37 -26.60 5.26
C LYS B 565 -15.60 -28.09 5.41
N ALA B 566 -14.53 -28.88 5.39
CA ALA B 566 -14.68 -30.32 5.53
C ALA B 566 -15.23 -30.68 6.91
N ARG B 567 -14.81 -29.95 7.94
CA ARG B 567 -15.28 -30.23 9.29
C ARG B 567 -16.76 -29.90 9.41
N GLN B 568 -17.21 -28.82 8.78
CA GLN B 568 -18.62 -28.44 8.86
C GLN B 568 -19.47 -29.26 7.91
N ALA B 569 -18.91 -29.68 6.78
CA ALA B 569 -19.62 -30.44 5.78
C ALA B 569 -19.68 -31.93 6.09
N ALA B 570 -19.08 -32.37 7.19
CA ALA B 570 -18.98 -33.79 7.48
C ALA B 570 -20.37 -34.40 7.60
N PRO B 571 -20.54 -35.69 7.26
CA PRO B 571 -19.52 -36.52 6.58
C PRO B 571 -19.20 -36.03 5.18
N CYS B 572 -17.92 -36.07 4.82
CA CYS B 572 -17.49 -35.54 3.52
C CYS B 572 -16.18 -36.20 3.12
N VAL B 573 -15.84 -36.03 1.86
CA VAL B 573 -14.55 -36.46 1.32
C VAL B 573 -13.82 -35.23 0.83
N LEU B 574 -12.61 -35.00 1.35
CA LEU B 574 -11.83 -33.81 1.05
C LEU B 574 -10.75 -34.20 0.05
N PHE B 575 -10.96 -33.81 -1.21
CA PHE B 575 -10.15 -34.27 -2.32
C PHE B 575 -9.22 -33.15 -2.77
N PHE B 576 -7.92 -33.40 -2.68
CA PHE B 576 -6.90 -32.45 -3.12
C PHE B 576 -6.31 -32.95 -4.42
N ASP B 577 -6.72 -32.35 -5.54
CA ASP B 577 -6.23 -32.76 -6.84
C ASP B 577 -4.93 -32.02 -7.16
N GLU B 578 -4.19 -32.58 -8.12
CA GLU B 578 -2.98 -31.95 -8.64
C GLU B 578 -2.06 -31.52 -7.50
N LEU B 579 -1.72 -32.48 -6.65
CA LEU B 579 -0.86 -32.19 -5.52
C LEU B 579 0.49 -31.64 -5.97
N ASP B 580 0.90 -31.91 -7.20
CA ASP B 580 2.16 -31.46 -7.75
C ASP B 580 2.04 -30.13 -8.49
N SER B 581 0.86 -29.50 -8.47
CA SER B 581 0.67 -28.28 -9.24
C SER B 581 1.70 -27.22 -8.87
N ILE B 582 2.03 -27.09 -7.59
CA ILE B 582 3.01 -26.09 -7.18
C ILE B 582 4.42 -26.54 -7.58
N ALA B 583 4.74 -27.82 -7.36
CA ALA B 583 6.06 -28.31 -7.74
C ALA B 583 6.34 -28.07 -9.22
N LYS B 584 5.33 -28.28 -10.06
CA LYS B 584 5.50 -28.00 -11.49
C LYS B 584 5.60 -26.50 -11.75
N ALA B 585 4.81 -25.70 -11.04
CA ALA B 585 4.91 -24.25 -11.17
C ALA B 585 6.25 -23.73 -10.68
N ARG B 586 6.97 -24.54 -9.90
CA ARG B 586 8.31 -24.21 -9.45
C ARG B 586 9.39 -24.76 -10.37
N GLY B 587 9.01 -25.36 -11.49
CA GLY B 587 9.97 -25.84 -12.47
C GLY B 587 9.95 -27.35 -12.60
N GLY B 588 9.26 -28.03 -11.69
CA GLY B 588 9.12 -29.47 -11.76
C GLY B 588 10.41 -30.24 -11.67
N ASN B 589 11.06 -30.46 -12.83
CA ASN B 589 12.23 -31.37 -12.90
C ASN B 589 13.48 -30.55 -12.58
N ILE B 590 13.46 -29.25 -12.90
CA ILE B 590 14.67 -28.41 -12.70
C ILE B 590 14.34 -27.40 -11.58
N GLY B 591 13.62 -26.32 -11.91
CA GLY B 591 13.17 -25.35 -10.89
C GLY B 591 14.31 -24.72 -10.11
N ASP B 592 14.11 -24.51 -8.81
CA ASP B 592 15.14 -23.93 -7.97
C ASP B 592 15.97 -25.04 -7.31
N GLY B 593 16.87 -24.65 -6.41
CA GLY B 593 17.71 -25.59 -5.73
C GLY B 593 17.17 -26.14 -4.43
N GLY B 594 15.90 -25.84 -4.10
CA GLY B 594 15.35 -26.17 -2.81
C GLY B 594 14.66 -27.53 -2.78
N GLY B 595 13.86 -27.72 -1.73
CA GLY B 595 13.17 -28.98 -1.53
C GLY B 595 11.72 -28.91 -1.95
N ALA B 596 11.00 -29.98 -1.64
CA ALA B 596 9.61 -30.10 -2.06
C ALA B 596 8.67 -29.27 -1.19
N ALA B 597 9.09 -28.89 0.01
CA ALA B 597 8.22 -28.15 0.92
C ALA B 597 7.93 -26.76 0.38
N ASP B 598 6.72 -26.28 0.65
CA ASP B 598 6.32 -24.92 0.30
C ASP B 598 5.27 -24.46 1.30
N ARG B 599 4.84 -23.20 1.14
CA ARG B 599 3.95 -22.56 2.11
C ARG B 599 2.61 -23.28 2.21
N VAL B 600 2.09 -23.74 1.08
CA VAL B 600 0.73 -24.27 1.04
C VAL B 600 0.69 -25.70 1.55
N ILE B 601 1.62 -26.53 1.09
CA ILE B 601 1.64 -27.92 1.56
C ILE B 601 1.91 -27.98 3.05
N ASN B 602 2.70 -27.04 3.58
CA ASN B 602 2.96 -27.03 5.02
C ASN B 602 1.68 -26.77 5.81
N GLN B 603 0.84 -25.85 5.33
CA GLN B 603 -0.43 -25.61 6.01
C GLN B 603 -1.36 -26.81 5.86
N ILE B 604 -1.34 -27.46 4.70
CA ILE B 604 -2.20 -28.62 4.49
C ILE B 604 -1.80 -29.75 5.44
N LEU B 605 -0.50 -30.03 5.53
CA LEU B 605 -0.01 -31.10 6.40
C LEU B 605 -0.34 -30.80 7.86
N THR B 606 -0.23 -29.54 8.25
CA THR B 606 -0.59 -29.15 9.62
C THR B 606 -2.05 -29.42 9.91
N GLU B 607 -2.94 -29.02 8.99
CA GLU B 607 -4.37 -29.27 9.19
C GLU B 607 -4.71 -30.74 9.19
N MET B 608 -4.01 -31.54 8.36
CA MET B 608 -4.23 -32.98 8.35
C MET B 608 -3.95 -33.59 9.71
N ASP B 609 -2.81 -33.23 10.32
CA ASP B 609 -2.49 -33.72 11.65
C ASP B 609 -3.50 -33.29 12.70
N GLY B 610 -4.09 -32.12 12.56
CA GLY B 610 -5.09 -31.63 13.49
C GLY B 610 -6.50 -32.09 13.21
N MET B 611 -6.70 -32.97 12.24
CA MET B 611 -8.03 -33.46 11.92
C MET B 611 -8.20 -34.88 12.43
N SER B 612 -9.25 -35.12 13.20
CA SER B 612 -9.50 -36.44 13.77
C SER B 612 -10.45 -37.25 12.88
N THR B 613 -10.28 -38.57 12.92
CA THR B 613 -11.17 -39.46 12.17
C THR B 613 -12.58 -39.45 12.75
N LYS B 614 -12.74 -38.94 13.97
CA LYS B 614 -14.05 -38.84 14.60
C LYS B 614 -14.98 -37.85 13.90
N LYS B 615 -14.45 -37.00 13.02
CA LYS B 615 -15.30 -36.06 12.30
C LYS B 615 -15.87 -36.65 11.01
N ASN B 616 -15.57 -37.92 10.71
CA ASN B 616 -16.06 -38.59 9.51
C ASN B 616 -15.65 -37.84 8.25
N VAL B 617 -14.40 -37.39 8.21
CA VAL B 617 -13.81 -36.72 7.06
C VAL B 617 -12.68 -37.58 6.55
N PHE B 618 -12.76 -37.97 5.28
CA PHE B 618 -11.72 -38.77 4.64
C PHE B 618 -11.07 -37.97 3.53
N ILE B 619 -9.74 -37.90 3.56
CA ILE B 619 -8.97 -37.07 2.65
C ILE B 619 -8.40 -37.95 1.56
N ILE B 620 -8.59 -37.55 0.30
CA ILE B 620 -8.07 -38.26 -0.85
C ILE B 620 -7.19 -37.31 -1.64
N GLY B 621 -6.02 -37.78 -2.05
CA GLY B 621 -5.16 -37.02 -2.93
C GLY B 621 -4.96 -37.72 -4.26
N ALA B 622 -4.55 -36.95 -5.26
CA ALA B 622 -4.22 -37.51 -6.57
C ALA B 622 -3.09 -36.70 -7.18
N THR B 623 -2.19 -37.40 -7.86
CA THR B 623 -1.14 -36.75 -8.63
C THR B 623 -0.72 -37.67 -9.77
N ASN B 624 -0.29 -37.05 -10.87
CA ASN B 624 0.26 -37.79 -11.99
C ASN B 624 1.78 -37.72 -12.01
N ARG B 625 2.37 -37.07 -11.01
CA ARG B 625 3.83 -36.91 -10.90
C ARG B 625 4.20 -37.03 -9.43
N PRO B 626 4.04 -38.23 -8.85
CA PRO B 626 4.33 -38.38 -7.42
C PRO B 626 5.80 -38.16 -7.06
N ASP B 627 6.69 -38.18 -8.04
CA ASP B 627 8.11 -38.04 -7.74
C ASP B 627 8.48 -36.61 -7.35
N ILE B 628 7.56 -35.65 -7.54
CA ILE B 628 7.84 -34.26 -7.25
C ILE B 628 6.87 -33.67 -6.24
N ILE B 629 6.31 -34.49 -5.34
CA ILE B 629 5.48 -33.97 -4.28
C ILE B 629 6.18 -34.18 -2.95
N ASP B 630 5.76 -33.42 -1.93
CA ASP B 630 6.42 -33.51 -0.64
C ASP B 630 6.19 -34.88 -0.01
N PRO B 631 7.24 -35.70 0.15
CA PRO B 631 7.03 -37.05 0.68
C PRO B 631 6.36 -37.08 2.04
N ALA B 632 6.37 -35.96 2.77
CA ALA B 632 5.77 -35.94 4.11
C ALA B 632 4.29 -36.34 4.05
N ILE B 633 3.60 -36.03 2.96
CA ILE B 633 2.19 -36.34 2.86
C ILE B 633 1.94 -37.84 2.83
N LEU B 634 2.96 -38.66 2.59
CA LEU B 634 2.82 -40.10 2.55
C LEU B 634 3.13 -40.79 3.86
N ARG B 635 3.50 -40.03 4.90
CA ARG B 635 3.88 -40.62 6.17
C ARG B 635 2.64 -41.09 6.94
N PRO B 636 2.81 -42.03 7.88
CA PRO B 636 1.68 -42.43 8.72
C PRO B 636 0.98 -41.25 9.35
N GLY B 637 -0.36 -41.27 9.32
CA GLY B 637 -1.15 -40.16 9.78
C GLY B 637 -1.63 -39.24 8.69
N ARG B 638 -1.07 -39.35 7.50
CA ARG B 638 -1.47 -38.56 6.34
C ARG B 638 -1.98 -39.51 5.26
N LEU B 639 -1.62 -39.27 4.00
CA LEU B 639 -2.07 -40.14 2.90
C LEU B 639 -1.13 -41.34 2.80
N ASP B 640 -1.15 -42.15 3.86
CA ASP B 640 -0.23 -43.28 3.96
C ASP B 640 -0.71 -44.49 3.18
N GLN B 641 -1.94 -44.47 2.70
CA GLN B 641 -2.43 -45.51 1.79
C GLN B 641 -2.18 -45.08 0.35
N LEU B 642 -1.46 -45.92 -0.41
CA LEU B 642 -1.14 -45.58 -1.79
C LEU B 642 -1.76 -46.62 -2.73
N ILE B 643 -2.46 -46.14 -3.76
CA ILE B 643 -3.07 -47.00 -4.76
C ILE B 643 -2.55 -46.59 -6.13
N TYR B 644 -2.05 -47.57 -6.88
CA TYR B 644 -1.60 -47.34 -8.25
C TYR B 644 -2.76 -47.59 -9.22
N ILE B 645 -3.01 -46.63 -10.09
CA ILE B 645 -4.08 -46.72 -11.08
C ILE B 645 -3.45 -46.81 -12.45
N PRO B 646 -3.23 -48.02 -12.99
CA PRO B 646 -2.62 -48.14 -14.32
C PRO B 646 -3.60 -47.80 -15.43
N LEU B 647 -3.08 -47.81 -16.64
CA LEU B 647 -3.92 -47.64 -17.82
C LEU B 647 -4.95 -48.76 -17.87
N PRO B 648 -6.18 -48.48 -18.31
CA PRO B 648 -7.21 -49.51 -18.32
C PRO B 648 -6.82 -50.71 -19.17
N ASP B 649 -7.23 -51.89 -18.74
CA ASP B 649 -6.94 -53.11 -19.48
C ASP B 649 -7.98 -53.31 -20.57
N GLU B 650 -7.91 -54.47 -21.23
CA GLU B 650 -8.73 -54.72 -22.42
C GLU B 650 -10.22 -54.61 -22.12
N LYS B 651 -10.69 -55.24 -21.03
CA LYS B 651 -12.11 -55.19 -20.73
C LYS B 651 -12.52 -53.82 -20.20
N SER B 652 -11.60 -53.15 -19.51
CA SER B 652 -11.92 -51.83 -18.99
C SER B 652 -12.01 -50.79 -20.09
N ARG B 653 -11.13 -50.85 -21.09
CA ARG B 653 -11.21 -49.89 -22.18
C ARG B 653 -12.53 -50.01 -22.94
N VAL B 654 -13.03 -51.24 -23.10
CA VAL B 654 -14.32 -51.42 -23.75
C VAL B 654 -15.42 -50.78 -22.92
N ALA B 655 -15.38 -51.00 -21.60
CA ALA B 655 -16.37 -50.38 -20.72
C ALA B 655 -16.32 -48.87 -20.79
N ILE B 656 -15.11 -48.30 -20.92
CA ILE B 656 -14.96 -46.85 -21.00
C ILE B 656 -15.57 -46.32 -22.29
N LEU B 657 -15.29 -46.98 -23.41
CA LEU B 657 -15.85 -46.57 -24.69
C LEU B 657 -17.37 -46.64 -24.66
N LYS B 658 -17.92 -47.70 -24.10
CA LYS B 658 -19.37 -47.84 -24.01
C LYS B 658 -19.98 -46.75 -23.14
N ALA B 659 -19.34 -46.45 -22.00
CA ALA B 659 -19.86 -45.41 -21.12
C ALA B 659 -19.79 -44.03 -21.78
N ASN B 660 -18.67 -43.72 -22.45
CA ASN B 660 -18.52 -42.40 -23.03
C ASN B 660 -19.49 -42.19 -24.19
N LEU B 661 -19.91 -43.27 -24.85
CA LEU B 661 -20.81 -43.15 -25.98
C LEU B 661 -22.29 -43.18 -25.58
N ARG B 662 -22.59 -43.17 -24.29
CA ARG B 662 -23.98 -43.20 -23.85
C ARG B 662 -24.72 -41.92 -24.23
N LYS B 663 -23.98 -40.87 -24.60
CA LYS B 663 -24.60 -39.61 -25.00
C LYS B 663 -24.84 -39.49 -26.49
N SER B 664 -24.48 -40.51 -27.28
CA SER B 664 -24.65 -40.31 -28.71
C SER B 664 -25.18 -41.59 -29.36
N PRO B 665 -25.90 -41.45 -30.48
CA PRO B 665 -26.29 -42.64 -31.24
C PRO B 665 -25.09 -43.29 -31.92
N VAL B 666 -24.98 -44.60 -31.79
CA VAL B 666 -23.86 -45.37 -32.33
C VAL B 666 -24.42 -46.50 -33.18
N ALA B 667 -23.86 -46.67 -34.37
CA ALA B 667 -24.35 -47.69 -35.30
C ALA B 667 -24.03 -49.08 -34.77
N LYS B 668 -24.84 -50.06 -35.19
CA LYS B 668 -24.62 -51.44 -34.76
C LYS B 668 -23.37 -52.05 -35.36
N ASP B 669 -22.80 -51.43 -36.41
CA ASP B 669 -21.61 -51.99 -37.03
C ASP B 669 -20.34 -51.61 -36.29
N VAL B 670 -20.45 -50.74 -35.28
CA VAL B 670 -19.25 -50.29 -34.57
C VAL B 670 -18.80 -51.38 -33.61
N ASP B 671 -17.56 -51.83 -33.79
CA ASP B 671 -16.99 -52.91 -32.99
C ASP B 671 -16.11 -52.28 -31.93
N LEU B 672 -16.69 -52.05 -30.74
CA LEU B 672 -15.98 -51.35 -29.69
C LEU B 672 -14.88 -52.22 -29.07
N GLU B 673 -15.08 -53.54 -29.08
CA GLU B 673 -14.05 -54.45 -28.60
C GLU B 673 -12.83 -54.45 -29.52
N PHE B 674 -13.03 -54.43 -30.85
CA PHE B 674 -11.91 -54.31 -31.75
C PHE B 674 -11.13 -53.02 -31.53
N LEU B 675 -11.83 -51.89 -31.39
CA LEU B 675 -11.16 -50.62 -31.15
C LEU B 675 -10.37 -50.66 -29.84
N ALA B 676 -10.98 -51.21 -28.78
CA ALA B 676 -10.29 -51.27 -27.50
C ALA B 676 -9.03 -52.11 -27.59
N LYS B 677 -9.05 -53.17 -28.40
CA LYS B 677 -7.87 -54.01 -28.57
C LYS B 677 -6.73 -53.25 -29.22
N MET B 678 -7.05 -52.33 -30.13
CA MET B 678 -6.01 -51.56 -30.79
C MET B 678 -5.46 -50.47 -29.88
N THR B 679 -6.32 -49.86 -29.06
CA THR B 679 -5.96 -48.69 -28.26
C THR B 679 -5.29 -49.15 -26.96
N ASN B 680 -4.24 -49.97 -27.12
CA ASN B 680 -3.62 -50.61 -25.97
C ASN B 680 -2.94 -49.59 -25.05
N GLY B 681 -2.39 -48.53 -25.63
CA GLY B 681 -1.67 -47.55 -24.86
C GLY B 681 -2.47 -46.31 -24.48
N PHE B 682 -3.78 -46.35 -24.74
CA PHE B 682 -4.65 -45.20 -24.53
C PHE B 682 -5.18 -45.19 -23.11
N SER B 683 -5.26 -44.00 -22.53
CA SER B 683 -5.94 -43.83 -21.26
C SER B 683 -7.43 -43.64 -21.47
N GLY B 684 -8.18 -43.65 -20.37
CA GLY B 684 -9.61 -43.38 -20.47
C GLY B 684 -9.91 -42.04 -21.07
N ALA B 685 -9.09 -41.02 -20.75
CA ALA B 685 -9.23 -39.72 -21.38
C ALA B 685 -8.93 -39.80 -22.88
N ASP B 686 -8.01 -40.67 -23.27
CA ASP B 686 -7.69 -40.80 -24.69
C ASP B 686 -8.76 -41.58 -25.44
N LEU B 687 -9.42 -42.52 -24.75
CA LEU B 687 -10.58 -43.17 -25.35
C LEU B 687 -11.73 -42.19 -25.54
N THR B 688 -11.85 -41.21 -24.62
CA THR B 688 -12.81 -40.14 -24.84
C THR B 688 -12.48 -39.33 -26.09
N GLU B 689 -11.21 -38.99 -26.30
CA GLU B 689 -10.86 -38.28 -27.52
C GLU B 689 -11.33 -39.03 -28.75
N ILE B 690 -11.17 -40.36 -28.77
CA ILE B 690 -11.65 -41.12 -29.92
C ILE B 690 -13.16 -40.99 -30.06
N CYS B 691 -13.87 -41.12 -28.94
CA CYS B 691 -15.33 -40.98 -28.97
C CYS B 691 -15.74 -39.61 -29.47
N GLN B 692 -15.06 -38.56 -28.99
CA GLN B 692 -15.38 -37.20 -29.40
C GLN B 692 -15.06 -36.96 -30.87
N ARG B 693 -13.92 -37.50 -31.35
CA ARG B 693 -13.56 -37.33 -32.75
C ARG B 693 -14.54 -38.05 -33.67
N ALA B 694 -14.89 -39.30 -33.31
CA ALA B 694 -15.87 -40.03 -34.12
C ALA B 694 -17.21 -39.31 -34.14
N CYS B 695 -17.60 -38.70 -33.02
CA CYS B 695 -18.84 -37.93 -32.98
C CYS B 695 -18.73 -36.69 -33.86
N LYS B 696 -17.63 -35.96 -33.75
CA LYS B 696 -17.44 -34.75 -34.55
C LYS B 696 -17.38 -35.09 -36.04
N LEU B 697 -16.78 -36.23 -36.38
CA LEU B 697 -16.75 -36.66 -37.77
C LEU B 697 -18.15 -36.99 -38.28
N ALA B 698 -18.96 -37.63 -37.44
CA ALA B 698 -20.35 -37.88 -37.80
C ALA B 698 -21.11 -36.57 -38.01
N ILE B 699 -20.83 -35.57 -37.18
CA ILE B 699 -21.47 -34.26 -37.34
C ILE B 699 -21.01 -33.61 -38.64
N ARG B 700 -19.71 -33.65 -38.92
CA ARG B 700 -19.20 -33.03 -40.13
C ARG B 700 -19.91 -33.60 -41.36
N GLU B 701 -19.95 -34.93 -41.48
CA GLU B 701 -20.59 -35.54 -42.64
C GLU B 701 -22.08 -35.21 -42.69
N SER B 702 -22.74 -35.23 -41.52
CA SER B 702 -24.18 -34.93 -41.48
C SER B 702 -24.46 -33.52 -41.99
N ILE B 703 -23.67 -32.55 -41.55
CA ILE B 703 -23.85 -31.18 -42.01
C ILE B 703 -23.60 -31.08 -43.52
N GLU B 704 -22.54 -31.71 -44.01
CA GLU B 704 -22.24 -31.67 -45.43
C GLU B 704 -23.34 -32.28 -46.28
N SER B 705 -24.06 -33.29 -45.79
CA SER B 705 -25.11 -33.91 -46.59
C SER B 705 -26.24 -32.94 -46.91
N GLU B 706 -26.34 -31.83 -46.18
CA GLU B 706 -27.41 -30.87 -46.43
C GLU B 706 -26.92 -29.71 -47.30
N ILE B 707 -25.68 -29.77 -47.74
CA ILE B 707 -25.09 -28.69 -48.52
C ILE B 707 -24.82 -29.15 -49.94
N VAL B 728 -24.72 -40.63 -40.87
CA VAL B 728 -25.40 -39.35 -40.69
C VAL B 728 -26.41 -39.36 -39.54
N PRO B 729 -27.33 -40.33 -39.49
CA PRO B 729 -28.19 -40.45 -38.30
C PRO B 729 -27.50 -41.05 -37.09
N GLU B 730 -26.32 -41.65 -37.27
CA GLU B 730 -25.62 -42.33 -36.19
C GLU B 730 -24.14 -42.42 -36.54
N ILE B 731 -23.33 -42.74 -35.54
CA ILE B 731 -21.89 -42.85 -35.74
C ILE B 731 -21.56 -44.23 -36.28
N ARG B 732 -21.01 -44.27 -37.50
CA ARG B 732 -20.74 -45.51 -38.19
C ARG B 732 -19.32 -45.96 -37.92
N ARG B 733 -19.06 -47.23 -38.21
CA ARG B 733 -17.71 -47.77 -38.04
C ARG B 733 -16.67 -46.90 -38.72
N ASP B 734 -16.98 -46.36 -39.90
CA ASP B 734 -16.02 -45.52 -40.62
C ASP B 734 -15.61 -44.30 -39.80
N HIS B 735 -16.51 -43.77 -38.97
CA HIS B 735 -16.18 -42.60 -38.17
C HIS B 735 -15.21 -42.96 -37.03
N PHE B 736 -15.36 -44.15 -36.45
CA PHE B 736 -14.41 -44.57 -35.42
C PHE B 736 -13.07 -44.95 -36.02
N GLU B 737 -13.08 -45.62 -37.17
CA GLU B 737 -11.82 -45.97 -37.83
C GLU B 737 -11.08 -44.74 -38.30
N GLU B 738 -11.81 -43.74 -38.81
CA GLU B 738 -11.17 -42.48 -39.14
C GLU B 738 -10.65 -41.75 -37.90
N ALA B 739 -11.41 -41.77 -36.80
CA ALA B 739 -10.94 -41.17 -35.56
C ALA B 739 -9.65 -41.81 -35.09
N MET B 740 -9.51 -43.12 -35.30
CA MET B 740 -8.29 -43.81 -34.90
C MET B 740 -7.04 -43.25 -35.58
N ARG B 741 -7.21 -42.48 -36.66
CA ARG B 741 -6.05 -41.93 -37.35
C ARG B 741 -5.71 -40.54 -36.84
N PHE B 742 -6.56 -39.98 -35.98
CA PHE B 742 -6.30 -38.65 -35.44
C PHE B 742 -6.05 -38.68 -33.94
N ALA B 743 -6.72 -39.56 -33.22
CA ALA B 743 -6.52 -39.66 -31.78
C ALA B 743 -5.15 -40.26 -31.46
N ARG B 744 -4.57 -39.79 -30.36
CA ARG B 744 -3.26 -40.27 -29.92
C ARG B 744 -3.30 -40.49 -28.41
N ARG B 745 -2.48 -41.43 -27.95
CA ARG B 745 -2.27 -41.62 -26.52
C ARG B 745 -1.55 -40.42 -25.93
N SER B 746 -1.97 -40.00 -24.74
CA SER B 746 -1.32 -38.89 -24.04
C SER B 746 -0.10 -39.32 -23.25
N VAL B 747 0.08 -40.62 -22.98
CA VAL B 747 1.20 -41.11 -22.20
C VAL B 747 2.09 -41.96 -23.09
N SER B 748 3.31 -41.48 -23.33
CA SER B 748 4.25 -42.11 -24.23
C SER B 748 4.74 -43.42 -23.62
N ASP B 749 5.31 -44.29 -24.45
CA ASP B 749 5.86 -45.55 -23.96
C ASP B 749 6.92 -45.35 -22.88
N ASN B 750 7.73 -44.29 -22.98
CA ASN B 750 8.70 -44.01 -21.94
C ASN B 750 8.02 -43.64 -20.63
N ASP B 751 6.91 -42.89 -20.71
CA ASP B 751 6.20 -42.53 -19.50
C ASP B 751 5.44 -43.70 -18.90
N ILE B 752 4.92 -44.60 -19.74
CA ILE B 752 4.24 -45.79 -19.21
C ILE B 752 5.22 -46.63 -18.40
N ARG B 753 6.43 -46.84 -18.92
CA ARG B 753 7.40 -47.62 -18.16
C ARG B 753 7.80 -46.89 -16.88
N LYS B 754 7.92 -45.57 -16.93
CA LYS B 754 8.26 -44.83 -15.71
C LYS B 754 7.17 -45.00 -14.65
N TYR B 755 5.91 -44.96 -15.07
CA TYR B 755 4.81 -45.14 -14.13
C TYR B 755 4.82 -46.55 -13.53
N GLU B 756 5.07 -47.56 -14.38
CA GLU B 756 5.12 -48.94 -13.87
C GLU B 756 6.32 -49.15 -12.97
N MET B 757 7.47 -48.60 -13.34
CA MET B 757 8.68 -48.76 -12.54
C MET B 757 8.54 -48.04 -11.20
N PHE B 758 7.86 -46.90 -11.17
CA PHE B 758 7.60 -46.22 -9.91
C PHE B 758 6.71 -47.08 -9.02
N ALA B 759 5.64 -47.64 -9.58
CA ALA B 759 4.77 -48.52 -8.80
C ALA B 759 5.53 -49.75 -8.32
N GLN B 760 6.45 -50.26 -9.14
CA GLN B 760 7.28 -51.38 -8.74
C GLN B 760 8.24 -50.99 -7.62
N THR B 761 8.85 -49.80 -7.73
CA THR B 761 9.75 -49.33 -6.68
C THR B 761 9.07 -49.26 -5.32
N LEU B 762 7.83 -48.81 -5.26
CA LEU B 762 7.06 -48.78 -4.03
C LEU B 762 6.58 -50.15 -3.59
N GLN B 763 6.72 -51.18 -4.44
CA GLN B 763 6.25 -52.52 -4.13
C GLN B 763 4.79 -52.53 -3.68
N PRO C 23 -57.11 1.28 -39.49
CA PRO C 23 -56.42 1.03 -40.76
C PRO C 23 -55.55 2.24 -41.14
N ASN C 24 -54.56 1.97 -41.99
CA ASN C 24 -53.64 3.00 -42.46
C ASN C 24 -52.95 3.71 -41.30
N ARG C 25 -52.57 2.94 -40.28
CA ARG C 25 -51.97 3.53 -39.08
C ARG C 25 -50.67 2.77 -38.81
N LEU C 26 -49.57 3.50 -38.59
CA LEU C 26 -48.27 2.88 -38.42
C LEU C 26 -47.61 3.36 -37.13
N ILE C 27 -46.71 2.54 -36.61
CA ILE C 27 -45.98 2.83 -35.38
C ILE C 27 -44.80 3.73 -35.69
N VAL C 28 -44.65 4.80 -34.90
CA VAL C 28 -43.62 5.80 -35.13
C VAL C 28 -42.27 5.28 -34.69
N ASP C 29 -41.28 5.36 -35.56
CA ASP C 29 -39.92 4.91 -35.28
C ASP C 29 -38.93 5.95 -35.76
N GLU C 30 -37.64 5.66 -35.55
CA GLU C 30 -36.59 6.61 -35.90
C GLU C 30 -36.39 6.67 -37.40
N ALA C 31 -35.90 7.81 -37.88
CA ALA C 31 -35.60 7.96 -39.30
C ALA C 31 -34.09 8.03 -39.53
N ILE C 32 -33.68 7.64 -40.73
CA ILE C 32 -32.30 7.80 -41.20
C ILE C 32 -32.11 9.13 -41.92
N ASN C 33 -33.10 9.52 -42.73
CA ASN C 33 -33.03 10.80 -43.43
C ASN C 33 -33.39 11.93 -42.47
N GLU C 34 -32.42 12.83 -42.24
CA GLU C 34 -32.61 13.87 -41.23
C GLU C 34 -33.52 14.99 -41.72
N ASP C 35 -33.86 15.00 -43.00
CA ASP C 35 -34.65 16.09 -43.55
C ASP C 35 -36.02 16.18 -42.87
N ASN C 36 -36.47 17.42 -42.67
CA ASN C 36 -37.64 17.72 -41.87
C ASN C 36 -38.94 17.71 -42.66
N SER C 37 -38.91 17.45 -43.96
CA SER C 37 -40.12 17.53 -44.76
C SER C 37 -40.52 16.17 -45.32
N VAL C 38 -39.80 15.12 -44.93
CA VAL C 38 -40.01 13.80 -45.53
C VAL C 38 -40.09 12.74 -44.45
N VAL C 39 -40.89 11.72 -44.70
CA VAL C 39 -40.94 10.51 -43.88
C VAL C 39 -40.76 9.31 -44.79
N SER C 40 -40.39 8.18 -44.20
CA SER C 40 -40.12 6.98 -44.98
C SER C 40 -41.02 5.83 -44.55
N LEU C 41 -41.69 5.24 -45.54
CA LEU C 41 -42.53 4.08 -45.32
C LEU C 41 -41.94 2.87 -46.04
N SER C 42 -42.34 1.68 -45.58
CA SER C 42 -42.04 0.46 -46.32
C SER C 42 -42.91 0.40 -47.58
N GLN C 43 -42.28 0.10 -48.71
CA GLN C 43 -42.92 0.19 -50.02
C GLN C 43 -44.27 -0.54 -50.10
N PRO C 44 -44.46 -1.75 -49.54
CA PRO C 44 -45.75 -2.41 -49.58
C PRO C 44 -46.89 -1.55 -49.04
N LYS C 45 -46.66 -0.70 -48.03
CA LYS C 45 -47.72 0.16 -47.53
C LYS C 45 -48.00 1.31 -48.48
N MET C 46 -46.97 1.81 -49.17
CA MET C 46 -47.21 2.83 -50.19
C MET C 46 -47.99 2.26 -51.36
N ASP C 47 -47.77 0.99 -51.70
CA ASP C 47 -48.50 0.32 -52.75
C ASP C 47 -49.96 0.12 -52.31
N GLU C 48 -50.23 -0.31 -51.07
CA GLU C 48 -51.62 -0.43 -50.63
C GLU C 48 -52.33 0.93 -50.55
N LEU C 49 -51.62 2.00 -50.17
CA LEU C 49 -52.26 3.31 -50.14
C LEU C 49 -52.32 3.97 -51.50
N GLN C 50 -51.74 3.34 -52.53
CA GLN C 50 -51.74 3.87 -53.90
C GLN C 50 -51.21 5.30 -53.95
N LEU C 51 -50.09 5.51 -53.26
CA LEU C 51 -49.38 6.78 -53.32
C LEU C 51 -47.97 6.51 -53.81
N PHE C 52 -47.39 7.49 -54.52
CA PHE C 52 -46.08 7.33 -55.12
C PHE C 52 -45.03 8.05 -54.28
N ARG C 53 -43.78 7.63 -54.46
CA ARG C 53 -42.63 8.31 -53.88
C ARG C 53 -42.64 9.78 -54.28
N GLY C 54 -42.67 10.67 -53.29
CA GLY C 54 -42.76 12.09 -53.54
C GLY C 54 -44.15 12.68 -53.40
N ASP C 55 -45.18 11.86 -53.25
CA ASP C 55 -46.53 12.37 -53.03
C ASP C 55 -46.61 13.07 -51.68
N THR C 56 -47.47 14.07 -51.60
CA THR C 56 -47.68 14.76 -50.34
C THR C 56 -48.85 14.15 -49.57
N VAL C 57 -48.63 13.87 -48.30
CA VAL C 57 -49.61 13.24 -47.43
C VAL C 57 -49.73 14.06 -46.15
N LEU C 58 -50.84 13.87 -45.45
CA LEU C 58 -51.04 14.39 -44.11
C LEU C 58 -50.84 13.24 -43.11
N LEU C 59 -50.26 13.57 -41.96
CA LEU C 59 -50.12 12.65 -40.84
C LEU C 59 -50.99 13.14 -39.68
N LYS C 60 -51.86 12.27 -39.19
CA LYS C 60 -52.78 12.62 -38.11
C LYS C 60 -52.16 12.28 -36.76
N GLY C 61 -51.92 13.31 -35.95
CA GLY C 61 -51.29 13.15 -34.66
C GLY C 61 -52.26 13.35 -33.52
N LYS C 62 -51.69 13.56 -32.33
CA LYS C 62 -52.48 13.68 -31.12
C LYS C 62 -52.97 15.11 -30.93
N LYS C 63 -54.03 15.25 -30.13
CA LYS C 63 -54.66 16.53 -29.80
C LYS C 63 -55.17 17.26 -31.05
N ARG C 64 -55.74 16.49 -31.97
CA ARG C 64 -56.33 17.00 -33.21
C ARG C 64 -55.34 17.86 -33.99
N ARG C 65 -54.13 17.33 -34.14
CA ARG C 65 -53.06 18.00 -34.86
C ARG C 65 -52.70 17.15 -36.07
N GLU C 66 -52.13 17.80 -37.08
CA GLU C 66 -51.67 17.11 -38.27
C GLU C 66 -50.46 17.81 -38.85
N ALA C 67 -49.69 17.07 -39.63
CA ALA C 67 -48.53 17.60 -40.33
C ALA C 67 -48.53 17.10 -41.76
N VAL C 68 -47.95 17.90 -42.64
CA VAL C 68 -47.88 17.61 -44.08
C VAL C 68 -46.43 17.37 -44.44
N CYS C 69 -46.19 16.31 -45.22
CA CYS C 69 -44.83 15.89 -45.54
C CYS C 69 -44.84 15.08 -46.84
N ILE C 70 -43.64 14.80 -47.34
CA ILE C 70 -43.47 13.97 -48.53
C ILE C 70 -43.14 12.55 -48.05
N VAL C 71 -43.66 11.56 -48.77
CA VAL C 71 -43.40 10.16 -48.42
C VAL C 71 -42.42 9.56 -49.42
N LEU C 72 -41.36 8.96 -48.90
CA LEU C 72 -40.47 8.09 -49.65
C LEU C 72 -40.42 6.72 -49.00
N SER C 73 -39.45 5.91 -49.43
CA SER C 73 -39.25 4.58 -48.87
C SER C 73 -37.77 4.25 -48.84
N ASP C 74 -37.44 3.19 -48.08
CA ASP C 74 -36.08 2.73 -47.95
C ASP C 74 -36.10 1.22 -47.76
N ASP C 75 -34.93 0.63 -47.51
CA ASP C 75 -34.71 -0.79 -47.30
C ASP C 75 -34.61 -1.18 -45.81
N THR C 76 -34.96 -0.30 -44.86
CA THR C 76 -34.86 -0.62 -43.44
C THR C 76 -36.17 -0.48 -42.68
N CYS C 77 -37.15 0.26 -43.21
CA CYS C 77 -38.41 0.43 -42.52
C CYS C 77 -39.24 -0.86 -42.56
N SER C 78 -39.76 -1.24 -41.41
CA SER C 78 -40.67 -2.39 -41.34
C SER C 78 -42.03 -2.01 -41.90
N ASP C 79 -42.81 -3.04 -42.26
CA ASP C 79 -44.09 -2.79 -42.91
C ASP C 79 -45.04 -2.02 -42.01
N GLU C 80 -44.99 -2.27 -40.71
CA GLU C 80 -45.93 -1.67 -39.77
C GLU C 80 -45.43 -0.37 -39.16
N LYS C 81 -44.28 0.13 -39.60
CA LYS C 81 -43.65 1.29 -38.98
C LYS C 81 -43.66 2.48 -39.94
N ILE C 82 -43.62 3.68 -39.36
CA ILE C 82 -43.31 4.89 -40.13
C ILE C 82 -42.07 5.55 -39.53
N ARG C 83 -41.09 5.86 -40.37
CA ARG C 83 -39.85 6.46 -39.91
C ARG C 83 -39.90 7.96 -40.12
N MET C 84 -39.74 8.71 -39.02
CA MET C 84 -39.75 10.16 -39.06
C MET C 84 -38.76 10.67 -38.02
N ASN C 85 -38.23 11.86 -38.26
CA ASN C 85 -37.27 12.47 -37.36
C ASN C 85 -37.95 13.21 -36.21
N ARG C 86 -37.12 13.84 -35.37
CA ARG C 86 -37.63 14.50 -34.16
C ARG C 86 -38.53 15.69 -34.51
N VAL C 87 -38.17 16.43 -35.55
CA VAL C 87 -38.93 17.62 -35.90
C VAL C 87 -40.37 17.27 -36.26
N VAL C 88 -40.55 16.22 -37.07
CA VAL C 88 -41.89 15.77 -37.42
C VAL C 88 -42.66 15.23 -36.23
N ARG C 89 -42.02 14.46 -35.35
CA ARG C 89 -42.71 13.97 -34.16
C ARG C 89 -43.17 15.10 -33.25
N ASN C 90 -42.35 16.14 -33.10
CA ASN C 90 -42.75 17.27 -32.26
C ASN C 90 -43.95 18.01 -32.84
N ASN C 91 -44.00 18.16 -34.17
CA ASN C 91 -45.16 18.81 -34.77
C ASN C 91 -46.44 18.04 -34.52
N LEU C 92 -46.37 16.70 -34.49
CA LEU C 92 -47.54 15.88 -34.22
C LEU C 92 -47.76 15.63 -32.73
N ARG C 93 -46.88 16.12 -31.86
CA ARG C 93 -46.95 15.86 -30.44
C ARG C 93 -47.02 14.36 -30.16
N VAL C 94 -46.15 13.60 -30.82
CA VAL C 94 -46.04 12.17 -30.64
C VAL C 94 -44.60 11.83 -30.26
N ARG C 95 -44.42 10.62 -29.76
CA ARG C 95 -43.09 10.12 -29.39
C ARG C 95 -42.90 8.74 -29.98
N LEU C 96 -41.65 8.29 -29.99
CA LEU C 96 -41.33 6.96 -30.48
C LEU C 96 -42.17 5.91 -29.78
N GLY C 97 -42.78 5.01 -30.56
CA GLY C 97 -43.69 4.03 -30.04
C GLY C 97 -45.16 4.37 -30.18
N ASP C 98 -45.48 5.62 -30.53
CA ASP C 98 -46.88 6.00 -30.75
C ASP C 98 -47.33 5.54 -32.13
N VAL C 99 -48.59 5.82 -32.45
CA VAL C 99 -49.19 5.45 -33.72
C VAL C 99 -49.85 6.68 -34.33
N ILE C 100 -49.69 6.86 -35.64
CA ILE C 100 -50.32 7.94 -36.38
C ILE C 100 -51.01 7.36 -37.62
N SER C 101 -51.93 8.15 -38.17
CA SER C 101 -52.61 7.75 -39.40
C SER C 101 -52.06 8.53 -40.60
N ILE C 102 -52.00 7.87 -41.74
CA ILE C 102 -51.51 8.47 -42.98
C ILE C 102 -52.68 8.70 -43.92
N GLN C 103 -52.85 9.94 -44.37
CA GLN C 103 -53.95 10.24 -45.28
C GLN C 103 -53.43 11.07 -46.44
N PRO C 104 -53.25 10.46 -47.61
CA PRO C 104 -52.74 11.22 -48.76
C PRO C 104 -53.63 12.42 -49.05
N CYS C 105 -53.00 13.51 -49.49
CA CYS C 105 -53.69 14.78 -49.75
C CYS C 105 -53.24 15.34 -51.09
N PRO C 106 -53.62 14.70 -52.19
CA PRO C 106 -53.19 15.18 -53.52
C PRO C 106 -53.75 16.55 -53.88
N ASP C 107 -54.72 17.06 -53.12
CA ASP C 107 -55.32 18.35 -53.40
C ASP C 107 -54.44 19.53 -52.99
N VAL C 108 -53.29 19.27 -52.36
CA VAL C 108 -52.42 20.36 -51.92
C VAL C 108 -52.08 21.23 -53.12
N LYS C 109 -52.20 22.55 -52.93
CA LYS C 109 -51.93 23.50 -53.99
C LYS C 109 -50.60 24.20 -53.76
N TYR C 110 -50.14 24.93 -54.77
CA TYR C 110 -48.94 25.73 -54.62
C TYR C 110 -49.26 26.99 -53.84
N GLY C 111 -48.33 27.39 -52.98
CA GLY C 111 -48.51 28.61 -52.21
C GLY C 111 -48.24 29.87 -53.01
N LYS C 112 -48.94 30.96 -52.67
CA LYS C 112 -48.72 32.26 -53.31
C LYS C 112 -47.96 33.16 -52.36
N ARG C 113 -48.30 33.17 -51.08
CA ARG C 113 -47.61 33.97 -50.08
C ARG C 113 -47.58 33.19 -48.78
N ILE C 114 -46.40 33.13 -48.17
CA ILE C 114 -46.24 32.47 -46.88
C ILE C 114 -45.47 33.40 -45.97
N HIS C 115 -45.94 33.52 -44.74
CA HIS C 115 -45.33 34.37 -43.73
C HIS C 115 -44.70 33.48 -42.67
N VAL C 116 -43.38 33.57 -42.52
CA VAL C 116 -42.62 32.75 -41.59
C VAL C 116 -41.87 33.67 -40.63
N LEU C 117 -41.95 33.35 -39.35
CA LEU C 117 -41.27 34.10 -38.32
C LEU C 117 -40.45 33.18 -37.44
N PRO C 118 -39.31 33.64 -36.93
CA PRO C 118 -38.43 32.76 -36.16
C PRO C 118 -38.99 32.54 -34.76
N ILE C 119 -38.44 31.53 -34.10
CA ILE C 119 -38.70 31.34 -32.68
C ILE C 119 -37.65 32.06 -31.86
N ASP C 120 -38.09 32.84 -30.87
CA ASP C 120 -37.20 33.68 -30.09
C ASP C 120 -36.12 32.87 -29.39
N ASP C 121 -36.44 31.64 -28.99
CA ASP C 121 -35.50 30.83 -28.23
C ASP C 121 -34.20 30.56 -28.98
N THR C 122 -34.22 30.63 -30.31
CA THR C 122 -33.05 30.32 -31.12
C THR C 122 -32.46 31.53 -31.81
N VAL C 123 -33.21 32.63 -31.91
CA VAL C 123 -32.69 33.87 -32.50
C VAL C 123 -32.41 34.81 -31.34
N GLU C 124 -31.26 34.62 -30.70
CA GLU C 124 -30.75 35.58 -29.74
C GLU C 124 -29.26 35.72 -29.96
N GLY C 125 -28.81 36.97 -30.12
CA GLY C 125 -27.40 37.23 -30.39
C GLY C 125 -27.11 37.25 -31.87
N ILE C 126 -28.13 36.99 -32.69
CA ILE C 126 -27.94 36.98 -34.13
C ILE C 126 -28.93 37.93 -34.78
N THR C 127 -28.48 38.64 -35.81
CA THR C 127 -29.33 39.57 -36.52
C THR C 127 -29.08 39.44 -38.02
N GLY C 128 -29.58 40.40 -38.77
CA GLY C 128 -29.46 40.42 -40.21
C GLY C 128 -30.69 39.85 -40.86
N ASN C 129 -30.57 39.55 -42.16
CA ASN C 129 -31.71 39.11 -42.96
C ASN C 129 -31.77 37.59 -42.90
N LEU C 130 -32.63 37.09 -42.01
CA LEU C 130 -32.75 35.65 -41.80
C LEU C 130 -33.27 34.93 -43.04
N PHE C 131 -34.13 35.59 -43.82
CA PHE C 131 -34.64 34.97 -45.03
C PHE C 131 -33.52 34.66 -46.01
N GLU C 132 -32.66 35.64 -46.29
CA GLU C 132 -31.62 35.44 -47.28
C GLU C 132 -30.64 34.35 -46.87
N VAL C 133 -30.42 34.18 -45.57
CA VAL C 133 -29.40 33.24 -45.10
C VAL C 133 -30.01 31.87 -44.87
N TYR C 134 -31.20 31.82 -44.27
CA TYR C 134 -31.81 30.56 -43.83
C TYR C 134 -33.00 30.15 -44.67
N LEU C 135 -34.08 30.93 -44.68
CA LEU C 135 -35.34 30.46 -45.27
C LEU C 135 -35.24 30.33 -46.78
N LYS C 136 -34.52 31.24 -47.43
CA LYS C 136 -34.45 31.23 -48.89
C LYS C 136 -33.77 29.97 -49.42
N PRO C 137 -32.50 29.68 -49.04
CA PRO C 137 -31.90 28.44 -49.54
C PRO C 137 -32.59 27.19 -49.03
N TYR C 138 -33.25 27.27 -47.87
CA TYR C 138 -33.97 26.13 -47.33
C TYR C 138 -35.12 25.73 -48.24
N PHE C 139 -35.94 26.70 -48.65
CA PHE C 139 -37.10 26.44 -49.49
C PHE C 139 -36.81 26.49 -50.99
N LEU C 140 -35.77 27.20 -51.40
CA LEU C 140 -35.51 27.41 -52.83
C LEU C 140 -35.35 26.07 -53.53
N GLU C 141 -36.18 25.84 -54.55
CA GLU C 141 -36.19 24.62 -55.37
C GLU C 141 -36.39 23.34 -54.56
N ALA C 142 -36.78 23.48 -53.29
CA ALA C 142 -37.01 22.30 -52.46
C ALA C 142 -38.43 21.79 -52.54
N TYR C 143 -39.40 22.67 -52.82
CA TYR C 143 -40.81 22.30 -52.94
C TYR C 143 -41.27 21.51 -51.72
N ARG C 144 -40.94 22.00 -50.54
CA ARG C 144 -41.33 21.38 -49.29
C ARG C 144 -42.81 21.65 -49.02
N PRO C 145 -43.59 20.68 -48.57
CA PRO C 145 -44.94 20.99 -48.06
C PRO C 145 -44.87 21.86 -46.82
N ILE C 146 -45.78 22.82 -46.74
CA ILE C 146 -45.84 23.75 -45.61
C ILE C 146 -47.27 23.83 -45.14
N ARG C 147 -47.48 23.73 -43.84
CA ARG C 147 -48.78 23.93 -43.22
C ARG C 147 -48.67 25.03 -42.17
N LYS C 148 -49.74 25.81 -42.03
CA LYS C 148 -49.82 26.81 -40.98
C LYS C 148 -49.60 26.19 -39.60
N GLY C 149 -48.69 26.77 -38.83
CA GLY C 149 -48.32 26.25 -37.54
C GLY C 149 -47.15 25.30 -37.53
N ASP C 150 -46.62 24.94 -38.70
CA ASP C 150 -45.47 24.04 -38.75
C ASP C 150 -44.26 24.67 -38.08
N ILE C 151 -43.49 23.83 -37.39
CA ILE C 151 -42.20 24.21 -36.82
C ILE C 151 -41.12 23.43 -37.55
N PHE C 152 -40.12 24.14 -38.07
CA PHE C 152 -39.03 23.48 -38.79
C PHE C 152 -37.71 24.15 -38.47
N LEU C 153 -36.62 23.39 -38.64
CA LEU C 153 -35.29 23.84 -38.29
C LEU C 153 -34.45 24.04 -39.54
N VAL C 154 -33.72 25.15 -39.60
CA VAL C 154 -32.75 25.43 -40.64
C VAL C 154 -31.40 25.67 -39.98
N ARG C 155 -30.39 24.91 -40.40
CA ARG C 155 -29.06 24.95 -39.80
C ARG C 155 -28.13 25.76 -40.69
N GLY C 156 -27.27 26.54 -40.05
CA GLY C 156 -26.23 27.25 -40.78
C GLY C 156 -25.66 28.37 -39.94
N GLY C 157 -24.43 28.76 -40.28
CA GLY C 157 -23.77 29.83 -39.58
C GLY C 157 -23.43 29.50 -38.14
N MET C 158 -23.18 28.21 -37.86
CA MET C 158 -22.89 27.73 -36.51
C MET C 158 -24.06 27.96 -35.55
N ARG C 159 -25.25 28.16 -36.08
CA ARG C 159 -26.45 28.29 -35.25
C ARG C 159 -27.58 27.47 -35.85
N ALA C 160 -28.42 26.93 -34.97
CA ALA C 160 -29.60 26.18 -35.37
C ALA C 160 -30.84 27.00 -35.05
N VAL C 161 -31.49 27.52 -36.09
CA VAL C 161 -32.59 28.45 -35.94
C VAL C 161 -33.86 27.78 -36.46
N GLU C 162 -34.91 27.78 -35.65
CA GLU C 162 -36.17 27.20 -36.07
C GLU C 162 -37.22 28.31 -36.23
N PHE C 163 -38.18 28.06 -37.10
CA PHE C 163 -39.19 29.04 -37.49
C PHE C 163 -40.56 28.43 -37.35
N LYS C 164 -41.56 29.29 -37.20
CA LYS C 164 -42.96 28.87 -37.23
C LYS C 164 -43.67 29.56 -38.40
N VAL C 165 -44.58 28.85 -39.03
CA VAL C 165 -45.38 29.42 -40.12
C VAL C 165 -46.62 30.04 -39.50
N VAL C 166 -46.84 31.33 -39.77
CA VAL C 166 -47.96 32.05 -39.17
C VAL C 166 -49.04 32.41 -40.18
N GLU C 167 -48.73 32.47 -41.47
CA GLU C 167 -49.78 32.75 -42.44
C GLU C 167 -49.46 32.05 -43.76
N THR C 168 -50.48 31.44 -44.34
CA THR C 168 -50.41 30.87 -45.67
C THR C 168 -51.63 31.35 -46.46
N ASP C 169 -51.38 31.89 -47.65
CA ASP C 169 -52.48 32.36 -48.48
C ASP C 169 -53.40 31.20 -48.84
N PRO C 170 -52.90 30.11 -49.45
CA PRO C 170 -53.69 28.88 -49.43
C PRO C 170 -53.69 28.28 -48.03
N SER C 171 -54.71 27.48 -47.74
CA SER C 171 -54.86 26.90 -46.41
C SER C 171 -55.45 25.51 -46.51
N PRO C 172 -55.18 24.66 -45.51
CA PRO C 172 -54.24 24.95 -44.43
C PRO C 172 -52.81 24.51 -44.76
N TYR C 173 -52.59 24.00 -45.97
CA TYR C 173 -51.27 23.56 -46.37
C TYR C 173 -51.09 23.73 -47.87
N CYS C 174 -49.83 23.87 -48.28
CA CYS C 174 -49.48 24.12 -49.67
C CYS C 174 -48.05 23.67 -49.93
N ILE C 175 -47.67 23.72 -51.20
CA ILE C 175 -46.31 23.42 -51.62
C ILE C 175 -45.62 24.73 -51.96
N VAL C 176 -44.42 24.93 -51.41
CA VAL C 176 -43.67 26.14 -51.73
C VAL C 176 -43.09 26.00 -53.13
N ALA C 177 -43.08 27.11 -53.88
CA ALA C 177 -42.51 27.14 -55.21
C ALA C 177 -41.53 28.30 -55.32
N PRO C 178 -40.63 28.26 -56.30
CA PRO C 178 -39.76 29.43 -56.55
C PRO C 178 -40.51 30.72 -56.75
N ASP C 179 -41.78 30.69 -57.16
CA ASP C 179 -42.55 31.91 -57.36
C ASP C 179 -43.37 32.31 -56.15
N THR C 180 -43.23 31.61 -55.03
CA THR C 180 -43.97 31.94 -53.82
C THR C 180 -43.33 33.10 -53.10
N VAL C 181 -44.16 34.06 -52.68
CA VAL C 181 -43.72 35.21 -51.91
C VAL C 181 -43.51 34.76 -50.47
N ILE C 182 -42.31 35.01 -49.96
CA ILE C 182 -41.93 34.67 -48.59
C ILE C 182 -41.80 35.97 -47.81
N HIS C 183 -42.58 36.10 -46.75
CA HIS C 183 -42.55 37.30 -45.92
C HIS C 183 -42.04 36.96 -44.53
N CYS C 184 -41.43 37.94 -43.88
CA CYS C 184 -40.90 37.76 -42.54
C CYS C 184 -40.72 39.11 -41.87
N GLU C 185 -41.75 39.55 -41.15
CA GLU C 185 -41.71 40.81 -40.43
C GLU C 185 -42.48 40.64 -39.14
N GLY C 186 -41.88 41.08 -38.03
CA GLY C 186 -42.50 40.97 -36.73
C GLY C 186 -41.55 40.42 -35.68
N GLU C 187 -41.97 40.59 -34.43
CA GLU C 187 -41.15 40.12 -33.33
C GLU C 187 -41.01 38.61 -33.36
N PRO C 188 -39.87 38.07 -32.92
CA PRO C 188 -39.74 36.61 -32.80
C PRO C 188 -40.83 36.02 -31.91
N ILE C 189 -41.24 34.80 -32.26
CA ILE C 189 -42.35 34.13 -31.59
C ILE C 189 -41.86 33.44 -30.33
N LYS C 190 -42.59 33.63 -29.23
CA LYS C 190 -42.27 32.93 -28.00
C LYS C 190 -42.77 31.50 -28.06
N ARG C 191 -41.92 30.56 -27.67
CA ARG C 191 -42.25 29.15 -27.78
C ARG C 191 -43.40 28.78 -26.85
N GLU C 192 -44.27 27.89 -27.32
CA GLU C 192 -45.33 27.38 -26.46
C GLU C 192 -44.73 26.49 -25.37
N ASP C 193 -45.33 26.52 -24.19
CA ASP C 193 -44.79 25.77 -23.06
C ASP C 193 -44.93 24.26 -23.24
N GLU C 194 -45.80 23.83 -24.15
CA GLU C 194 -46.00 22.39 -24.37
C GLU C 194 -45.07 21.82 -25.42
N GLU C 195 -44.21 22.65 -26.02
CA GLU C 195 -43.31 22.23 -27.09
C GLU C 195 -41.87 22.29 -26.59
N GLU C 196 -41.10 21.27 -26.94
CA GLU C 196 -39.69 21.26 -26.57
C GLU C 196 -38.84 21.85 -27.67
N SER C 197 -37.73 22.47 -27.29
CA SER C 197 -36.82 23.04 -28.27
C SER C 197 -36.18 21.95 -29.12
N LEU C 198 -35.98 22.26 -30.40
CA LEU C 198 -35.39 21.31 -31.34
C LEU C 198 -33.88 21.16 -31.15
N ASN C 199 -33.28 21.96 -30.27
CA ASN C 199 -31.86 21.83 -30.00
C ASN C 199 -31.60 21.02 -28.73
N GLU C 200 -32.63 20.38 -28.19
CA GLU C 200 -32.47 19.54 -27.01
C GLU C 200 -31.81 18.23 -27.41
N VAL C 201 -31.27 17.53 -26.41
CA VAL C 201 -30.61 16.25 -26.65
C VAL C 201 -31.63 15.17 -26.95
N GLY C 202 -31.40 14.45 -28.05
CA GLY C 202 -32.22 13.33 -28.45
C GLY C 202 -31.32 12.20 -28.91
N TYR C 203 -31.93 11.18 -29.52
CA TYR C 203 -31.18 10.02 -29.96
C TYR C 203 -30.26 10.35 -31.15
N ASP C 204 -30.62 11.35 -31.96
CA ASP C 204 -29.81 11.71 -33.11
C ASP C 204 -28.52 12.42 -32.72
N ASP C 205 -28.32 12.72 -31.44
CA ASP C 205 -27.10 13.34 -30.96
C ASP C 205 -26.07 12.33 -30.46
N ILE C 206 -26.36 11.04 -30.55
CA ILE C 206 -25.47 9.99 -30.11
C ILE C 206 -24.84 9.35 -31.34
N GLY C 207 -23.51 9.28 -31.36
CA GLY C 207 -22.83 8.70 -32.50
C GLY C 207 -22.57 7.21 -32.40
N GLY C 208 -21.44 6.84 -31.82
CA GLY C 208 -21.11 5.43 -31.69
C GLY C 208 -21.82 4.80 -30.50
N CYS C 209 -21.47 3.55 -30.20
CA CYS C 209 -22.08 2.78 -29.12
C CYS C 209 -23.58 2.54 -29.35
N ARG C 210 -23.93 2.20 -30.59
CA ARG C 210 -25.33 1.92 -30.90
C ARG C 210 -25.82 0.69 -30.14
N LYS C 211 -24.97 -0.32 -29.99
CA LYS C 211 -25.35 -1.52 -29.25
C LYS C 211 -25.71 -1.18 -27.81
N GLN C 212 -24.92 -0.35 -27.16
CA GLN C 212 -25.21 0.04 -25.78
C GLN C 212 -26.52 0.82 -25.68
N LEU C 213 -26.77 1.69 -26.65
CA LEU C 213 -28.02 2.44 -26.67
C LEU C 213 -29.21 1.50 -26.83
N ALA C 214 -29.10 0.49 -27.72
CA ALA C 214 -30.17 -0.48 -27.87
C ALA C 214 -30.43 -1.23 -26.57
N GLN C 215 -29.37 -1.56 -25.83
CA GLN C 215 -29.52 -2.26 -24.56
C GLN C 215 -30.29 -1.40 -23.55
N ILE C 216 -29.99 -0.10 -23.53
CA ILE C 216 -30.70 0.81 -22.62
C ILE C 216 -32.17 0.92 -23.02
N LYS C 217 -32.44 1.02 -24.32
CA LYS C 217 -33.82 1.10 -24.79
C LYS C 217 -34.64 -0.08 -24.27
N GLU C 218 -34.13 -1.30 -24.43
CA GLU C 218 -34.88 -2.47 -23.99
C GLU C 218 -35.10 -2.42 -22.48
N MET C 219 -34.05 -2.10 -21.72
CA MET C 219 -34.14 -2.18 -20.27
C MET C 219 -34.95 -1.02 -19.69
N VAL C 220 -34.96 0.14 -20.33
CA VAL C 220 -35.60 1.33 -19.76
C VAL C 220 -36.98 1.63 -20.33
N GLU C 221 -37.16 1.60 -21.65
CA GLU C 221 -38.44 2.03 -22.22
C GLU C 221 -39.59 1.13 -21.78
N LEU C 222 -39.34 -0.17 -21.67
CA LEU C 222 -40.43 -1.08 -21.28
C LEU C 222 -41.03 -0.71 -19.93
N PRO C 223 -40.30 -0.69 -18.81
CA PRO C 223 -40.97 -0.42 -17.53
C PRO C 223 -41.56 0.98 -17.42
N LEU C 224 -41.06 1.94 -18.19
CA LEU C 224 -41.58 3.29 -18.14
C LEU C 224 -42.78 3.51 -19.07
N ARG C 225 -42.92 2.76 -20.15
CA ARG C 225 -43.96 2.98 -21.15
C ARG C 225 -45.12 1.99 -20.96
N HIS C 226 -44.82 0.76 -20.54
CA HIS C 226 -45.78 -0.34 -20.39
C HIS C 226 -45.59 -1.10 -19.05
N PRO C 227 -45.75 -0.42 -17.89
CA PRO C 227 -45.52 -1.00 -16.56
C PRO C 227 -46.44 -2.18 -16.22
N ALA C 228 -47.57 -2.31 -16.92
CA ALA C 228 -48.56 -3.35 -16.69
C ALA C 228 -47.99 -4.78 -16.79
N LEU C 229 -46.95 -4.98 -17.60
CA LEU C 229 -46.26 -6.27 -17.74
C LEU C 229 -45.62 -6.71 -16.44
N PHE C 230 -45.34 -5.76 -15.54
CA PHE C 230 -44.77 -6.09 -14.24
C PHE C 230 -45.77 -5.85 -13.10
N LYS C 231 -46.81 -5.01 -13.25
CA LYS C 231 -47.72 -4.68 -12.14
C LYS C 231 -48.59 -5.88 -11.75
N ALA C 232 -49.06 -6.62 -12.74
CA ALA C 232 -50.01 -7.71 -12.53
C ALA C 232 -49.30 -9.03 -12.21
N ILE C 233 -47.97 -9.06 -12.17
CA ILE C 233 -47.19 -10.29 -12.01
C ILE C 233 -46.13 -10.13 -10.91
N GLY C 234 -45.63 -11.25 -10.40
CA GLY C 234 -44.67 -11.32 -9.32
C GLY C 234 -43.24 -11.01 -9.68
N VAL C 235 -42.96 -10.68 -10.93
CA VAL C 235 -41.60 -10.36 -11.38
C VAL C 235 -41.46 -8.84 -11.44
N LYS C 236 -40.36 -8.33 -10.89
CA LYS C 236 -40.16 -6.89 -10.82
C LYS C 236 -39.36 -6.40 -12.03
N PRO C 237 -39.51 -5.13 -12.40
CA PRO C 237 -38.75 -4.58 -13.52
C PRO C 237 -37.31 -4.36 -13.14
N PRO C 238 -36.43 -4.07 -14.10
CA PRO C 238 -35.10 -3.56 -13.75
C PRO C 238 -35.20 -2.29 -12.91
N ARG C 239 -34.27 -2.16 -11.97
CA ARG C 239 -34.30 -1.07 -10.99
C ARG C 239 -33.21 -0.04 -11.22
N GLY C 240 -32.02 -0.48 -11.62
CA GLY C 240 -30.93 0.45 -11.85
C GLY C 240 -29.91 -0.06 -12.86
N ILE C 241 -29.38 0.85 -13.66
CA ILE C 241 -28.41 0.55 -14.69
C ILE C 241 -27.14 1.35 -14.40
N LEU C 242 -26.02 0.67 -14.28
CA LEU C 242 -24.73 1.32 -14.03
C LEU C 242 -23.99 1.42 -15.36
N LEU C 243 -23.69 2.63 -15.77
CA LEU C 243 -22.90 2.88 -16.97
C LEU C 243 -21.46 3.14 -16.56
N TYR C 244 -20.51 2.55 -17.27
CA TYR C 244 -19.13 2.86 -16.94
C TYR C 244 -18.27 2.95 -18.20
N GLY C 245 -17.18 3.70 -18.07
CA GLY C 245 -16.23 3.91 -19.12
C GLY C 245 -15.52 5.23 -18.91
N PRO C 246 -14.55 5.55 -19.76
CA PRO C 246 -13.79 6.80 -19.60
C PRO C 246 -14.71 8.00 -19.64
N PRO C 247 -14.31 9.12 -19.05
CA PRO C 247 -15.08 10.36 -19.21
C PRO C 247 -15.17 10.78 -20.67
N GLY C 248 -16.28 11.41 -21.02
CA GLY C 248 -16.47 11.94 -22.36
C GLY C 248 -16.92 10.94 -23.39
N THR C 249 -17.53 9.82 -22.97
CA THR C 249 -17.96 8.79 -23.90
C THR C 249 -19.47 8.78 -24.12
N GLY C 250 -20.22 9.58 -23.40
CA GLY C 250 -21.66 9.64 -23.56
C GLY C 250 -22.49 9.01 -22.47
N LYS C 251 -21.92 8.74 -21.30
CA LYS C 251 -22.71 8.15 -20.21
C LYS C 251 -23.91 9.02 -19.86
N THR C 252 -23.69 10.33 -19.72
CA THR C 252 -24.81 11.22 -19.38
C THR C 252 -25.61 11.55 -20.63
N LEU C 253 -24.96 11.49 -21.79
CA LEU C 253 -25.64 11.80 -23.05
C LEU C 253 -26.74 10.78 -23.34
N ILE C 254 -26.44 9.49 -23.14
CA ILE C 254 -27.44 8.44 -23.39
C ILE C 254 -28.61 8.59 -22.42
N ALA C 255 -28.32 8.72 -21.13
CA ALA C 255 -29.39 8.81 -20.14
C ALA C 255 -30.27 10.02 -20.38
N ARG C 256 -29.67 11.15 -20.76
CA ARG C 256 -30.45 12.35 -21.04
C ARG C 256 -31.27 12.18 -22.32
N ALA C 257 -30.68 11.61 -23.36
CA ALA C 257 -31.40 11.41 -24.61
C ALA C 257 -32.61 10.51 -24.40
N VAL C 258 -32.46 9.47 -23.60
CA VAL C 258 -33.58 8.57 -23.33
C VAL C 258 -34.69 9.29 -22.58
N ALA C 259 -34.33 10.05 -21.55
CA ALA C 259 -35.33 10.80 -20.80
C ALA C 259 -36.09 11.77 -21.69
N ASN C 260 -35.39 12.49 -22.55
CA ASN C 260 -36.06 13.48 -23.39
C ASN C 260 -36.94 12.81 -24.44
N GLU C 261 -36.46 11.73 -25.06
CA GLU C 261 -37.23 11.07 -26.10
C GLU C 261 -38.47 10.39 -25.55
N THR C 262 -38.38 9.80 -24.35
CA THR C 262 -39.54 9.11 -23.79
C THR C 262 -40.45 10.07 -23.02
N GLY C 263 -39.93 11.19 -22.55
CA GLY C 263 -40.72 12.14 -21.81
C GLY C 263 -40.55 12.06 -20.31
N ALA C 264 -39.80 11.08 -19.82
CA ALA C 264 -39.58 10.95 -18.39
C ALA C 264 -38.77 12.13 -17.86
N PHE C 265 -39.13 12.58 -16.66
CA PHE C 265 -38.42 13.67 -16.02
C PHE C 265 -37.01 13.23 -15.66
N PHE C 266 -36.03 14.06 -16.00
CA PHE C 266 -34.63 13.75 -15.77
C PHE C 266 -34.12 14.50 -14.56
N PHE C 267 -33.75 13.77 -13.51
CA PHE C 267 -33.22 14.36 -12.29
C PHE C 267 -31.72 14.06 -12.26
N LEU C 268 -30.92 15.12 -12.26
CA LEU C 268 -29.47 14.98 -12.34
C LEU C 268 -28.86 15.09 -10.95
N ILE C 269 -28.10 14.07 -10.56
CA ILE C 269 -27.35 14.05 -9.32
C ILE C 269 -25.90 13.78 -9.67
N ASN C 270 -24.99 14.34 -8.89
CA ASN C 270 -23.57 14.07 -9.07
C ASN C 270 -22.87 14.06 -7.72
N GLY C 271 -21.78 13.30 -7.66
CA GLY C 271 -20.96 13.22 -6.47
C GLY C 271 -20.66 14.55 -5.81
N PRO C 272 -19.89 15.43 -6.47
CA PRO C 272 -19.49 16.68 -5.80
C PRO C 272 -20.64 17.47 -5.21
N GLU C 273 -21.82 17.47 -5.86
CA GLU C 273 -22.93 18.25 -5.32
C GLU C 273 -23.38 17.70 -3.96
N ILE C 274 -23.29 16.38 -3.78
CA ILE C 274 -23.71 15.78 -2.52
C ILE C 274 -22.56 15.77 -1.53
N MET C 275 -21.36 15.44 -2.00
CA MET C 275 -20.21 15.33 -1.10
C MET C 275 -19.76 16.69 -0.57
N SER C 276 -20.05 17.78 -1.27
CA SER C 276 -19.70 19.10 -0.76
C SER C 276 -20.57 19.51 0.41
N LYS C 277 -21.65 18.79 0.66
CA LYS C 277 -22.58 19.18 1.71
C LYS C 277 -22.18 18.55 3.04
N LEU C 278 -22.75 19.09 4.11
CA LEU C 278 -22.48 18.57 5.45
C LEU C 278 -23.37 17.37 5.74
N ALA C 279 -22.86 16.47 6.59
CA ALA C 279 -23.64 15.31 7.01
C ALA C 279 -25.03 15.73 7.46
N GLY C 280 -26.02 14.97 7.04
CA GLY C 280 -27.41 15.37 7.28
C GLY C 280 -28.04 16.10 6.12
N GLU C 281 -27.43 17.22 5.69
CA GLU C 281 -27.90 17.91 4.50
C GLU C 281 -27.69 17.06 3.26
N SER C 282 -26.57 16.33 3.19
CA SER C 282 -26.27 15.52 2.02
C SER C 282 -27.31 14.43 1.81
N GLU C 283 -27.70 13.76 2.90
CA GLU C 283 -28.73 12.74 2.80
C GLU C 283 -30.10 13.33 2.50
N SER C 284 -30.41 14.51 3.06
CA SER C 284 -31.68 15.13 2.77
C SER C 284 -31.82 15.44 1.28
N ASN C 285 -30.77 15.99 0.67
CA ASN C 285 -30.83 16.32 -0.75
C ASN C 285 -30.96 15.07 -1.61
N LEU C 286 -30.29 13.98 -1.21
CA LEU C 286 -30.35 12.75 -1.98
C LEU C 286 -31.75 12.15 -1.96
N ARG C 287 -32.34 12.04 -0.77
CA ARG C 287 -33.68 11.45 -0.67
C ARG C 287 -34.75 12.39 -1.22
N LYS C 288 -34.54 13.71 -1.17
CA LYS C 288 -35.50 14.61 -1.78
C LYS C 288 -35.60 14.39 -3.27
N ALA C 289 -34.48 14.16 -3.95
CA ALA C 289 -34.52 13.89 -5.39
C ALA C 289 -35.35 12.65 -5.68
N PHE C 290 -35.22 11.62 -4.83
CA PHE C 290 -36.01 10.41 -5.04
C PHE C 290 -37.50 10.69 -4.84
N GLU C 291 -37.86 11.50 -3.86
CA GLU C 291 -39.26 11.85 -3.65
C GLU C 291 -39.82 12.64 -4.83
N GLU C 292 -39.02 13.57 -5.38
CA GLU C 292 -39.46 14.34 -6.53
C GLU C 292 -39.61 13.46 -7.76
N ALA C 293 -38.74 12.46 -7.90
CA ALA C 293 -38.85 11.56 -9.04
C ALA C 293 -40.20 10.85 -9.07
N GLU C 294 -40.72 10.47 -7.90
CA GLU C 294 -42.04 9.85 -7.84
C GLU C 294 -43.13 10.88 -8.12
N LYS C 295 -43.02 12.06 -7.51
CA LYS C 295 -44.04 13.09 -7.71
C LYS C 295 -44.17 13.47 -9.17
N ASN C 296 -43.05 13.49 -9.90
CA ASN C 296 -43.03 13.82 -11.31
C ASN C 296 -42.85 12.59 -12.20
N ALA C 297 -43.15 11.40 -11.70
CA ALA C 297 -42.96 10.19 -12.48
C ALA C 297 -43.85 10.19 -13.72
N PRO C 298 -43.46 9.49 -14.79
CA PRO C 298 -42.21 8.70 -14.90
C PRO C 298 -40.97 9.58 -14.86
N ALA C 299 -39.89 9.06 -14.29
CA ALA C 299 -38.68 9.84 -14.10
C ALA C 299 -37.47 8.91 -14.07
N ILE C 300 -36.31 9.47 -14.38
CA ILE C 300 -35.04 8.77 -14.29
C ILE C 300 -34.13 9.55 -13.35
N ILE C 301 -33.56 8.85 -12.37
CA ILE C 301 -32.63 9.45 -11.43
C ILE C 301 -31.22 9.04 -11.85
N PHE C 302 -30.41 10.02 -12.24
CA PHE C 302 -29.08 9.73 -12.75
C PHE C 302 -28.06 10.28 -11.77
N ILE C 303 -27.21 9.39 -11.24
CA ILE C 303 -26.19 9.75 -10.27
C ILE C 303 -24.85 9.64 -10.98
N ASP C 304 -24.24 10.79 -11.25
CA ASP C 304 -22.93 10.80 -11.89
C ASP C 304 -21.84 10.77 -10.85
N GLU C 305 -20.65 10.33 -11.26
CA GLU C 305 -19.52 10.13 -10.34
C GLU C 305 -19.93 9.29 -9.14
N LEU C 306 -20.54 8.14 -9.43
CA LEU C 306 -21.04 7.28 -8.37
C LEU C 306 -19.93 6.89 -7.40
N ASP C 307 -18.69 6.78 -7.88
CA ASP C 307 -17.56 6.42 -7.04
C ASP C 307 -17.28 7.48 -6.00
N ALA C 308 -17.68 8.72 -6.26
CA ALA C 308 -17.60 9.79 -5.27
C ALA C 308 -18.71 9.72 -4.24
N ILE C 309 -19.91 9.26 -4.62
CA ILE C 309 -20.98 9.08 -3.65
C ILE C 309 -20.74 7.86 -2.79
N ALA C 310 -20.33 6.75 -3.41
CA ALA C 310 -20.14 5.48 -2.71
C ALA C 310 -18.75 4.94 -2.98
N PRO C 311 -17.72 5.58 -2.43
CA PRO C 311 -16.36 5.05 -2.58
C PRO C 311 -16.18 3.81 -1.72
N LYS C 312 -15.11 3.06 -1.96
CA LYS C 312 -14.82 1.90 -1.12
C LYS C 312 -14.69 2.32 0.34
N ARG C 313 -15.41 1.59 1.21
CA ARG C 313 -15.49 1.97 2.62
C ARG C 313 -14.12 1.99 3.28
N GLU C 314 -13.22 1.08 2.89
CA GLU C 314 -11.94 0.98 3.56
C GLU C 314 -11.05 2.18 3.24
N LYS C 315 -11.49 3.04 2.31
CA LYS C 315 -10.73 4.22 1.91
C LYS C 315 -11.17 5.49 2.61
N THR C 316 -12.23 5.46 3.40
CA THR C 316 -12.75 6.69 4.00
C THR C 316 -13.43 6.36 5.32
N HIS C 317 -13.37 7.32 6.25
CA HIS C 317 -14.05 7.22 7.52
C HIS C 317 -14.91 8.43 7.85
N GLY C 318 -15.31 9.20 6.84
CA GLY C 318 -16.12 10.38 7.11
C GLY C 318 -17.58 10.02 7.28
N GLU C 319 -18.32 10.91 7.96
CA GLU C 319 -19.75 10.67 8.17
C GLU C 319 -20.52 10.79 6.87
N VAL C 320 -20.15 11.74 6.01
CA VAL C 320 -20.88 11.93 4.76
C VAL C 320 -20.69 10.74 3.84
N GLU C 321 -19.45 10.27 3.67
CA GLU C 321 -19.17 9.17 2.76
C GLU C 321 -19.82 7.87 3.22
N ARG C 322 -19.93 7.63 4.52
CA ARG C 322 -20.49 6.38 5.02
C ARG C 322 -22.00 6.47 5.11
N ARG C 323 -22.53 7.62 5.53
CA ARG C 323 -23.98 7.73 5.70
C ARG C 323 -24.68 7.84 4.35
N ILE C 324 -24.04 8.46 3.36
CA ILE C 324 -24.70 8.62 2.07
C ILE C 324 -24.86 7.25 1.38
N VAL C 325 -23.96 6.31 1.66
CA VAL C 325 -24.10 4.99 1.07
C VAL C 325 -25.32 4.27 1.66
N SER C 326 -25.46 4.31 2.98
CA SER C 326 -26.64 3.70 3.61
C SER C 326 -27.92 4.36 3.15
N GLN C 327 -27.92 5.69 2.98
CA GLN C 327 -29.11 6.35 2.48
C GLN C 327 -29.41 5.96 1.05
N LEU C 328 -28.39 5.84 0.20
CA LEU C 328 -28.66 5.46 -1.19
C LEU C 328 -29.17 4.02 -1.26
N LEU C 329 -28.59 3.13 -0.44
CA LEU C 329 -28.99 1.73 -0.47
C LEU C 329 -30.47 1.56 -0.14
N THR C 330 -30.95 2.26 0.89
CA THR C 330 -32.37 2.14 1.22
C THR C 330 -33.26 2.86 0.20
N LEU C 331 -32.79 3.95 -0.41
CA LEU C 331 -33.58 4.63 -1.43
C LEU C 331 -33.74 3.75 -2.66
N MET C 332 -32.69 2.99 -3.01
CA MET C 332 -32.80 2.06 -4.12
C MET C 332 -33.85 0.98 -3.83
N ASP C 333 -33.86 0.45 -2.61
CA ASP C 333 -34.90 -0.49 -2.21
C ASP C 333 -36.28 0.12 -2.27
N GLY C 334 -36.43 1.41 -1.98
CA GLY C 334 -37.72 2.07 -2.05
C GLY C 334 -38.35 2.08 -3.42
N LEU C 335 -37.59 1.70 -4.46
CA LEU C 335 -38.13 1.67 -5.82
C LEU C 335 -39.29 0.70 -5.98
N LYS C 336 -39.50 -0.20 -5.02
CA LYS C 336 -40.66 -1.10 -5.11
C LYS C 336 -41.96 -0.31 -5.11
N GLN C 337 -41.98 0.83 -4.42
CA GLN C 337 -43.19 1.64 -4.34
C GLN C 337 -43.13 2.81 -5.32
N ARG C 338 -41.93 3.29 -5.66
CA ARG C 338 -41.74 4.43 -6.54
C ARG C 338 -41.96 3.96 -7.98
N ALA C 339 -43.22 3.70 -8.32
CA ALA C 339 -43.54 3.19 -9.65
C ALA C 339 -43.17 4.19 -10.73
N HIS C 340 -42.74 3.65 -11.88
CA HIS C 340 -42.34 4.42 -13.05
C HIS C 340 -41.05 5.22 -12.85
N VAL C 341 -40.26 4.90 -11.83
CA VAL C 341 -38.98 5.56 -11.61
C VAL C 341 -37.87 4.53 -11.69
N ILE C 342 -36.85 4.82 -12.49
CA ILE C 342 -35.68 3.98 -12.63
C ILE C 342 -34.45 4.83 -12.31
N VAL C 343 -33.42 4.19 -11.78
CA VAL C 343 -32.21 4.90 -11.34
C VAL C 343 -31.06 4.43 -12.22
N MET C 344 -30.29 5.38 -12.74
CA MET C 344 -29.08 5.10 -13.48
C MET C 344 -27.91 5.81 -12.79
N ALA C 345 -26.71 5.30 -13.02
CA ALA C 345 -25.51 5.90 -12.44
C ALA C 345 -24.34 5.74 -13.39
N ALA C 346 -23.33 6.58 -13.21
CA ALA C 346 -22.13 6.55 -14.02
C ALA C 346 -20.91 6.43 -13.13
N THR C 347 -19.98 5.55 -13.52
CA THR C 347 -18.71 5.42 -12.84
C THR C 347 -17.63 5.23 -13.89
N ASN C 348 -16.38 5.15 -13.42
CA ASN C 348 -15.27 4.93 -14.35
C ASN C 348 -15.05 3.45 -14.61
N ARG C 349 -15.21 2.62 -13.58
CA ARG C 349 -15.01 1.19 -13.70
C ARG C 349 -15.99 0.47 -12.78
N PRO C 350 -16.41 -0.74 -13.16
CA PRO C 350 -17.38 -1.46 -12.31
C PRO C 350 -16.84 -1.81 -10.94
N ASN C 351 -15.52 -1.82 -10.76
CA ASN C 351 -14.92 -2.12 -9.47
C ASN C 351 -14.43 -0.87 -8.74
N SER C 352 -14.88 0.32 -9.13
CA SER C 352 -14.47 1.54 -8.44
C SER C 352 -15.49 2.01 -7.42
N ILE C 353 -16.58 1.27 -7.24
CA ILE C 353 -17.66 1.67 -6.36
C ILE C 353 -17.86 0.62 -5.28
N ASP C 354 -18.47 1.05 -4.18
CA ASP C 354 -18.83 0.16 -3.09
C ASP C 354 -19.70 -0.98 -3.62
N PRO C 355 -19.25 -2.24 -3.52
CA PRO C 355 -19.99 -3.33 -4.16
C PRO C 355 -21.41 -3.52 -3.63
N ALA C 356 -21.75 -2.91 -2.49
CA ALA C 356 -23.10 -3.05 -1.96
C ALA C 356 -24.16 -2.61 -2.96
N LEU C 357 -23.85 -1.64 -3.82
CA LEU C 357 -24.85 -1.11 -4.74
C LEU C 357 -25.20 -2.11 -5.83
N ARG C 358 -24.38 -3.14 -6.00
CA ARG C 358 -24.58 -4.13 -7.06
C ARG C 358 -25.22 -5.41 -6.55
N ARG C 359 -25.71 -5.42 -5.31
CA ARG C 359 -26.40 -6.58 -4.76
C ARG C 359 -27.79 -6.70 -5.38
N PHE C 360 -28.41 -7.89 -5.17
CA PHE C 360 -29.72 -8.23 -5.78
C PHE C 360 -30.59 -6.99 -5.77
N GLY C 361 -31.28 -6.72 -6.87
CA GLY C 361 -32.06 -5.50 -6.90
C GLY C 361 -31.11 -4.35 -7.15
N ARG C 362 -31.50 -3.16 -6.67
CA ARG C 362 -30.67 -1.94 -6.81
C ARG C 362 -30.17 -1.75 -8.24
N PHE C 363 -28.86 -1.77 -8.45
CA PHE C 363 -28.27 -1.62 -9.78
C PHE C 363 -27.99 -2.99 -10.40
N ASP C 364 -29.07 -3.61 -10.91
CA ASP C 364 -29.01 -4.99 -11.37
C ASP C 364 -28.37 -5.14 -12.74
N ARG C 365 -28.30 -4.08 -13.54
CA ARG C 365 -27.72 -4.18 -14.88
C ARG C 365 -26.60 -3.17 -15.05
N GLU C 366 -25.67 -3.47 -15.95
CA GLU C 366 -24.55 -2.59 -16.21
C GLU C 366 -24.24 -2.59 -17.69
N VAL C 367 -23.74 -1.47 -18.21
CA VAL C 367 -23.38 -1.37 -19.62
C VAL C 367 -22.02 -0.70 -19.75
N ASP C 368 -21.14 -1.32 -20.54
CA ASP C 368 -19.82 -0.78 -20.86
C ASP C 368 -19.93 0.08 -22.10
N ILE C 369 -19.70 1.39 -21.94
CA ILE C 369 -19.80 2.29 -23.08
C ILE C 369 -18.58 2.18 -23.98
N GLY C 370 -17.38 2.10 -23.41
CA GLY C 370 -16.20 1.92 -24.21
C GLY C 370 -15.75 3.19 -24.90
N ILE C 371 -14.92 3.00 -25.92
CA ILE C 371 -14.32 4.10 -26.68
C ILE C 371 -14.78 4.00 -28.13
N PRO C 372 -15.34 5.07 -28.70
CA PRO C 372 -15.82 4.99 -30.09
C PRO C 372 -14.70 4.58 -31.04
N ASP C 373 -15.06 3.77 -32.03
CA ASP C 373 -14.12 3.37 -33.06
C ASP C 373 -14.13 4.38 -34.19
N ALA C 374 -13.34 4.10 -35.24
CA ALA C 374 -13.19 5.04 -36.34
C ALA C 374 -14.52 5.42 -36.96
N THR C 375 -15.44 4.47 -37.10
CA THR C 375 -16.75 4.77 -37.67
C THR C 375 -17.55 5.65 -36.71
N GLY C 376 -17.56 5.30 -35.42
CA GLY C 376 -18.28 6.09 -34.46
C GLY C 376 -17.73 7.50 -34.34
N ARG C 377 -16.41 7.64 -34.38
CA ARG C 377 -15.80 8.97 -34.29
C ARG C 377 -16.23 9.85 -35.46
N LEU C 378 -16.30 9.29 -36.66
CA LEU C 378 -16.79 10.05 -37.81
C LEU C 378 -18.22 10.50 -37.59
N GLU C 379 -19.09 9.61 -37.12
CA GLU C 379 -20.47 9.98 -36.87
C GLU C 379 -20.58 11.05 -35.79
N ILE C 380 -19.73 10.98 -34.77
CA ILE C 380 -19.73 12.00 -33.72
C ILE C 380 -19.34 13.36 -34.31
N LEU C 381 -18.29 13.39 -35.14
CA LEU C 381 -17.90 14.63 -35.80
C LEU C 381 -19.01 15.17 -36.68
N GLN C 382 -19.69 14.29 -37.41
CA GLN C 382 -20.79 14.74 -38.26
C GLN C 382 -21.91 15.35 -37.43
N ILE C 383 -22.14 14.84 -36.22
CA ILE C 383 -23.15 15.44 -35.34
C ILE C 383 -22.73 16.83 -34.91
N HIS C 384 -21.48 17.00 -34.51
CA HIS C 384 -21.03 18.31 -34.05
C HIS C 384 -20.99 19.34 -35.16
N THR C 385 -20.78 18.92 -36.40
CA THR C 385 -20.68 19.83 -37.53
C THR C 385 -22.04 20.14 -38.15
N LYS C 386 -23.13 19.67 -37.54
CA LYS C 386 -24.47 19.88 -38.09
C LYS C 386 -24.70 21.34 -38.45
N ASN C 387 -24.22 22.26 -37.61
CA ASN C 387 -24.45 23.68 -37.80
C ASN C 387 -23.28 24.37 -38.49
N MET C 388 -22.18 23.66 -38.73
CA MET C 388 -20.95 24.24 -39.22
C MET C 388 -20.95 24.23 -40.74
N LYS C 389 -20.44 25.31 -41.34
CA LYS C 389 -20.21 25.34 -42.79
C LYS C 389 -18.79 24.85 -43.06
N LEU C 390 -18.70 23.72 -43.77
CA LEU C 390 -17.41 23.11 -44.04
C LEU C 390 -17.00 23.41 -45.48
N ALA C 391 -15.71 23.66 -45.68
CA ALA C 391 -15.19 23.85 -47.03
C ALA C 391 -15.09 22.52 -47.75
N ASP C 392 -14.99 22.59 -49.07
CA ASP C 392 -14.91 21.38 -49.88
C ASP C 392 -13.71 20.51 -49.55
N ASP C 393 -12.65 21.07 -48.97
CA ASP C 393 -11.46 20.28 -48.66
C ASP C 393 -11.57 19.52 -47.36
N VAL C 394 -12.62 19.74 -46.58
CA VAL C 394 -12.73 19.12 -45.27
C VAL C 394 -13.10 17.65 -45.44
N ASP C 395 -12.35 16.77 -44.80
CA ASP C 395 -12.57 15.33 -44.86
C ASP C 395 -12.66 14.78 -43.44
N LEU C 396 -13.89 14.65 -42.94
CA LEU C 396 -14.08 14.22 -41.57
C LEU C 396 -13.71 12.75 -41.37
N GLU C 397 -13.81 11.92 -42.41
CA GLU C 397 -13.38 10.54 -42.29
C GLU C 397 -11.87 10.45 -42.05
N GLN C 398 -11.09 11.27 -42.77
CA GLN C 398 -9.66 11.32 -42.52
C GLN C 398 -9.37 11.76 -41.09
N VAL C 399 -10.13 12.73 -40.58
CA VAL C 399 -9.95 13.18 -39.21
C VAL C 399 -10.26 12.04 -38.23
N ALA C 400 -11.39 11.36 -38.44
CA ALA C 400 -11.77 10.27 -37.56
C ALA C 400 -10.71 9.18 -37.52
N ASN C 401 -10.05 8.92 -38.64
CA ASN C 401 -8.98 7.93 -38.64
C ASN C 401 -7.75 8.41 -37.89
N GLU C 402 -7.49 9.72 -37.90
CA GLU C 402 -6.31 10.22 -37.19
C GLU C 402 -6.55 10.35 -35.70
N THR C 403 -7.79 10.61 -35.28
CA THR C 403 -8.06 10.86 -33.87
C THR C 403 -8.15 9.56 -33.07
N HIS C 404 -7.08 8.77 -33.07
CA HIS C 404 -7.03 7.57 -32.24
C HIS C 404 -6.87 7.94 -30.77
N GLY C 405 -7.62 7.26 -29.91
CA GLY C 405 -7.59 7.53 -28.49
C GLY C 405 -8.49 8.64 -28.04
N HIS C 406 -9.23 9.28 -28.94
CA HIS C 406 -10.13 10.36 -28.58
C HIS C 406 -11.53 9.82 -28.28
N VAL C 407 -12.23 10.52 -27.40
CA VAL C 407 -13.62 10.21 -27.08
C VAL C 407 -14.48 11.37 -27.55
N GLY C 408 -15.81 11.22 -27.49
CA GLY C 408 -16.69 12.25 -27.99
C GLY C 408 -16.45 13.63 -27.40
N ALA C 409 -16.09 13.67 -26.11
CA ALA C 409 -15.76 14.96 -25.50
C ALA C 409 -14.57 15.62 -26.18
N ASP C 410 -13.62 14.83 -26.67
CA ASP C 410 -12.47 15.40 -27.36
C ASP C 410 -12.81 15.79 -28.79
N LEU C 411 -13.67 15.01 -29.46
CA LEU C 411 -14.12 15.39 -30.79
C LEU C 411 -14.99 16.63 -30.75
N ALA C 412 -15.77 16.81 -29.68
CA ALA C 412 -16.52 18.05 -29.52
C ALA C 412 -15.58 19.24 -29.38
N ALA C 413 -14.54 19.10 -28.56
CA ALA C 413 -13.54 20.16 -28.43
C ALA C 413 -12.81 20.39 -29.74
N LEU C 414 -12.55 19.32 -30.48
CA LEU C 414 -11.87 19.43 -31.77
C LEU C 414 -12.67 20.30 -32.74
N CYS C 415 -13.97 20.01 -32.86
CA CYS C 415 -14.81 20.82 -33.75
C CYS C 415 -14.89 22.27 -33.29
N SER C 416 -14.98 22.49 -31.97
CA SER C 416 -15.03 23.85 -31.45
C SER C 416 -13.74 24.60 -31.76
N GLU C 417 -12.59 23.96 -31.54
CA GLU C 417 -11.31 24.61 -31.80
C GLU C 417 -11.13 24.92 -33.28
N ALA C 418 -11.55 23.99 -34.16
CA ALA C 418 -11.49 24.27 -35.59
C ALA C 418 -12.39 25.43 -35.97
N ALA C 419 -13.58 25.50 -35.37
CA ALA C 419 -14.47 26.64 -35.61
C ALA C 419 -13.85 27.94 -35.13
N LEU C 420 -13.26 27.93 -33.93
CA LEU C 420 -12.70 29.16 -33.37
C LEU C 420 -11.55 29.68 -34.23
N GLN C 421 -10.73 28.77 -34.78
CA GLN C 421 -9.67 29.18 -35.68
C GLN C 421 -10.24 29.89 -36.91
N ALA C 422 -11.26 29.29 -37.53
CA ALA C 422 -11.89 29.93 -38.67
C ALA C 422 -12.53 31.26 -38.29
N ILE C 423 -13.14 31.31 -37.11
CA ILE C 423 -13.80 32.55 -36.67
C ILE C 423 -12.78 33.68 -36.55
N ARG C 424 -11.65 33.41 -35.88
CA ARG C 424 -10.64 34.45 -35.71
C ARG C 424 -10.13 34.97 -37.04
N LYS C 425 -9.86 34.07 -37.98
CA LYS C 425 -9.33 34.48 -39.28
C LYS C 425 -10.24 35.47 -40.00
N LYS C 426 -11.56 35.30 -39.92
CA LYS C 426 -12.46 36.18 -40.65
C LYS C 426 -12.94 37.37 -39.83
N MET C 427 -13.15 37.16 -38.51
CA MET C 427 -13.67 38.23 -37.66
C MET C 427 -12.68 39.37 -37.53
N ASP C 428 -11.38 39.07 -37.64
CA ASP C 428 -10.38 40.13 -37.63
C ASP C 428 -10.57 41.07 -38.80
N LEU C 429 -11.19 40.58 -39.89
CA LEU C 429 -11.45 41.43 -41.05
C LEU C 429 -12.88 41.94 -41.07
N ILE C 430 -13.84 41.19 -40.52
CA ILE C 430 -15.24 41.62 -40.49
C ILE C 430 -15.45 42.82 -39.56
N ASP C 431 -14.87 42.78 -38.36
CA ASP C 431 -14.96 43.84 -37.35
C ASP C 431 -16.40 44.26 -37.05
N LEU C 432 -17.24 43.34 -36.59
CA LEU C 432 -18.63 43.66 -36.24
C LEU C 432 -18.67 43.92 -34.73
N GLU C 433 -18.76 45.20 -34.36
CA GLU C 433 -18.76 45.60 -32.96
C GLU C 433 -20.18 45.95 -32.55
N ASP C 434 -20.89 44.98 -31.96
CA ASP C 434 -22.27 45.14 -31.53
C ASP C 434 -22.61 43.98 -30.61
N GLU C 435 -23.84 43.97 -30.08
CA GLU C 435 -24.30 42.84 -29.28
C GLU C 435 -24.61 41.61 -30.12
N THR C 436 -25.12 41.76 -31.34
CA THR C 436 -25.50 40.63 -32.17
C THR C 436 -24.56 40.58 -33.37
N ILE C 437 -24.53 39.42 -34.03
CA ILE C 437 -23.73 39.20 -35.24
C ILE C 437 -24.68 39.06 -36.40
N ASP C 438 -24.30 39.64 -37.55
CA ASP C 438 -25.10 39.52 -38.76
C ASP C 438 -25.12 38.07 -39.23
N ALA C 439 -26.28 37.61 -39.70
CA ALA C 439 -26.37 36.27 -40.26
C ALA C 439 -25.55 36.13 -41.53
N GLU C 440 -25.40 37.23 -42.29
CA GLU C 440 -24.70 37.15 -43.57
C GLU C 440 -23.22 36.85 -43.38
N VAL C 441 -22.58 37.46 -42.38
CA VAL C 441 -21.15 37.29 -42.19
C VAL C 441 -20.85 35.90 -41.63
N MET C 442 -21.80 35.33 -40.88
CA MET C 442 -21.66 33.95 -40.43
C MET C 442 -21.91 32.99 -41.58
N ASN C 443 -22.83 33.34 -42.49
CA ASN C 443 -23.13 32.47 -43.61
C ASN C 443 -21.92 32.22 -44.48
N SER C 444 -21.05 33.21 -44.66
CA SER C 444 -19.86 33.07 -45.50
C SER C 444 -18.66 32.50 -44.74
N LEU C 445 -18.81 32.16 -43.47
CA LEU C 445 -17.69 31.67 -42.67
C LEU C 445 -17.63 30.15 -42.81
N ALA C 446 -16.53 29.66 -43.37
CA ALA C 446 -16.33 28.23 -43.56
C ALA C 446 -15.10 27.75 -42.83
N VAL C 447 -15.13 26.51 -42.37
CA VAL C 447 -14.02 25.87 -41.68
C VAL C 447 -13.33 24.93 -42.67
N THR C 448 -12.02 25.11 -42.85
CA THR C 448 -11.25 24.37 -43.82
C THR C 448 -10.51 23.21 -43.16
N MET C 449 -9.89 22.38 -44.00
CA MET C 449 -9.14 21.23 -43.50
C MET C 449 -7.92 21.67 -42.71
N ASP C 450 -7.35 22.82 -43.04
CA ASP C 450 -6.20 23.34 -42.30
C ASP C 450 -6.60 23.74 -40.89
N ASP C 451 -7.87 24.13 -40.72
CA ASP C 451 -8.35 24.51 -39.39
C ASP C 451 -8.61 23.29 -38.52
N PHE C 452 -9.07 22.19 -39.11
CA PHE C 452 -9.16 20.94 -38.38
C PHE C 452 -7.78 20.37 -38.08
N ARG C 453 -6.87 20.41 -39.05
CA ARG C 453 -5.51 19.93 -38.81
C ARG C 453 -4.81 20.74 -37.72
N TRP C 454 -5.01 22.06 -37.74
CA TRP C 454 -4.49 22.89 -36.66
C TRP C 454 -5.05 22.48 -35.31
N ALA C 455 -6.37 22.31 -35.23
CA ALA C 455 -7.00 21.91 -33.98
C ALA C 455 -6.53 20.53 -33.53
N LEU C 456 -6.27 19.64 -34.49
CA LEU C 456 -5.79 18.30 -34.15
C LEU C 456 -4.43 18.37 -33.47
N SER C 457 -3.58 19.28 -33.92
CA SER C 457 -2.26 19.42 -33.32
C SER C 457 -2.36 20.00 -31.92
N GLN C 458 -3.42 20.75 -31.64
CA GLN C 458 -3.59 21.31 -30.30
C GLN C 458 -4.38 20.39 -29.37
N SER C 459 -5.22 19.52 -29.92
CA SER C 459 -6.03 18.64 -29.09
C SER C 459 -5.20 17.49 -28.54
N ASN C 460 -5.57 17.03 -27.34
CA ASN C 460 -4.88 15.93 -26.68
C ASN C 460 -5.87 14.90 -26.11
N PRO C 461 -5.80 13.67 -26.60
CA PRO C 461 -6.83 12.69 -26.24
C PRO C 461 -6.87 12.43 -24.74
N SER C 462 -8.10 12.31 -24.21
CA SER C 462 -8.29 12.03 -22.81
C SER C 462 -8.34 10.53 -22.50
N ALA C 463 -8.41 9.69 -23.52
CA ALA C 463 -8.54 8.24 -23.34
C ALA C 463 -7.41 7.51 -24.03
N LEU C 464 -6.20 8.08 -24.01
CA LEU C 464 -5.06 7.44 -24.64
C LEU C 464 -4.47 6.30 -23.82
N ARG C 465 -4.70 6.27 -22.51
CA ARG C 465 -4.14 5.20 -21.71
C ARG C 465 -4.97 3.92 -21.76
N GLU C 466 -6.27 4.02 -22.01
CA GLU C 466 -7.12 2.83 -21.97
C GLU C 466 -7.02 2.06 -23.29
N THR C 467 -7.16 0.74 -23.20
CA THR C 467 -7.15 -0.11 -24.38
C THR C 467 -8.31 0.21 -25.31
N VAL C 468 -8.01 0.38 -26.59
CA VAL C 468 -9.04 0.65 -27.59
C VAL C 468 -9.43 -0.66 -28.28
N VAL C 469 -10.72 -0.95 -28.27
CA VAL C 469 -11.25 -2.21 -28.81
C VAL C 469 -12.23 -1.84 -29.92
N GLU C 470 -12.03 -2.41 -31.11
CA GLU C 470 -12.88 -2.10 -32.24
C GLU C 470 -12.82 -3.26 -33.22
N VAL C 471 -13.68 -3.20 -34.24
CA VAL C 471 -13.70 -4.20 -35.29
C VAL C 471 -12.49 -3.99 -36.18
N PRO C 472 -11.67 -5.01 -36.40
CA PRO C 472 -10.46 -4.82 -37.21
C PRO C 472 -10.78 -4.66 -38.69
N GLN C 473 -9.83 -4.08 -39.41
CA GLN C 473 -10.00 -3.87 -40.84
C GLN C 473 -9.33 -4.95 -41.68
N VAL C 474 -8.71 -5.93 -41.03
CA VAL C 474 -8.05 -7.00 -41.77
C VAL C 474 -9.10 -8.02 -42.23
N THR C 475 -9.09 -8.30 -43.53
CA THR C 475 -10.06 -9.20 -44.14
C THR C 475 -9.30 -10.41 -44.67
N TRP C 476 -10.01 -11.41 -45.21
CA TRP C 476 -9.41 -12.64 -45.71
C TRP C 476 -8.54 -12.41 -46.93
N GLU C 477 -8.85 -11.39 -47.75
CA GLU C 477 -8.04 -11.09 -48.92
C GLU C 477 -6.66 -10.56 -48.54
N ASP C 478 -6.45 -10.19 -47.27
CA ASP C 478 -5.16 -9.71 -46.82
C ASP C 478 -4.23 -10.83 -46.38
N ILE C 479 -4.69 -12.07 -46.39
CA ILE C 479 -3.90 -13.21 -45.94
C ILE C 479 -3.65 -14.12 -47.12
N GLY C 480 -2.38 -14.32 -47.46
CA GLY C 480 -2.04 -15.23 -48.55
C GLY C 480 -1.99 -16.66 -48.06
N GLY C 481 -2.48 -17.58 -48.88
CA GLY C 481 -2.39 -18.98 -48.55
C GLY C 481 -3.32 -19.35 -47.40
N LEU C 482 -3.01 -20.48 -46.77
CA LEU C 482 -3.76 -20.99 -45.61
C LEU C 482 -5.25 -21.10 -45.88
N GLU C 483 -5.64 -21.60 -47.06
CA GLU C 483 -7.06 -21.69 -47.39
C GLU C 483 -7.80 -22.62 -46.43
N ASP C 484 -7.16 -23.72 -46.03
CA ASP C 484 -7.82 -24.66 -45.13
C ASP C 484 -8.03 -24.04 -43.76
N VAL C 485 -7.13 -23.16 -43.32
CA VAL C 485 -7.30 -22.51 -42.02
C VAL C 485 -8.44 -21.51 -42.08
N LYS C 486 -8.53 -20.74 -43.17
CA LYS C 486 -9.66 -19.82 -43.33
C LYS C 486 -10.99 -20.55 -43.20
N ARG C 487 -11.10 -21.73 -43.82
CA ARG C 487 -12.35 -22.47 -43.75
C ARG C 487 -12.67 -22.89 -42.32
N GLU C 488 -11.68 -23.47 -41.62
CA GLU C 488 -11.91 -23.97 -40.28
C GLU C 488 -12.42 -22.87 -39.36
N LEU C 489 -11.81 -21.69 -39.42
CA LEU C 489 -12.26 -20.58 -38.58
C LEU C 489 -13.68 -20.17 -38.91
N GLN C 490 -14.08 -20.22 -40.17
CA GLN C 490 -15.46 -19.91 -40.53
C GLN C 490 -16.40 -21.01 -40.07
N GLU C 491 -16.00 -22.28 -40.20
CA GLU C 491 -16.86 -23.36 -39.75
C GLU C 491 -17.07 -23.33 -38.24
N LEU C 492 -16.04 -22.95 -37.49
CA LEU C 492 -16.16 -22.88 -36.04
C LEU C 492 -17.19 -21.84 -35.61
N VAL C 493 -17.58 -20.94 -36.51
CA VAL C 493 -18.65 -19.99 -36.20
C VAL C 493 -19.98 -20.34 -36.84
N GLN C 494 -19.99 -20.87 -38.07
CA GLN C 494 -21.25 -21.17 -38.78
C GLN C 494 -21.90 -22.48 -38.33
N TYR C 495 -21.16 -23.57 -38.21
CA TYR C 495 -21.76 -24.86 -37.92
C TYR C 495 -22.33 -24.98 -36.50
N PRO C 496 -21.68 -24.47 -35.45
CA PRO C 496 -22.28 -24.59 -34.10
C PRO C 496 -23.58 -23.83 -33.93
N VAL C 497 -23.91 -22.92 -34.84
CA VAL C 497 -25.10 -22.09 -34.68
C VAL C 497 -26.18 -22.43 -35.72
N GLU C 498 -25.83 -22.90 -36.91
CA GLU C 498 -26.81 -23.35 -37.89
C GLU C 498 -27.30 -24.78 -37.62
N HIS C 499 -26.51 -25.65 -36.96
CA HIS C 499 -26.91 -27.04 -36.76
C HIS C 499 -26.79 -27.44 -35.29
N PRO C 500 -27.37 -26.66 -34.36
CA PRO C 500 -27.26 -27.04 -32.94
C PRO C 500 -27.89 -28.39 -32.63
N ASP C 501 -28.87 -28.82 -33.42
CA ASP C 501 -29.50 -30.11 -33.20
C ASP C 501 -28.55 -31.27 -33.46
N LYS C 502 -27.60 -31.10 -34.40
CA LYS C 502 -26.67 -32.18 -34.70
C LYS C 502 -25.60 -32.29 -33.63
N PHE C 503 -25.15 -31.15 -33.08
CA PHE C 503 -24.21 -31.19 -31.96
C PHE C 503 -24.84 -31.79 -30.72
N LEU C 504 -26.09 -31.44 -30.44
CA LEU C 504 -26.79 -32.07 -29.31
C LEU C 504 -27.04 -33.55 -29.57
N LYS C 505 -27.40 -33.90 -30.82
CA LYS C 505 -27.70 -35.29 -31.14
C LYS C 505 -26.55 -36.21 -30.79
N PHE C 506 -25.31 -35.79 -31.02
CA PHE C 506 -24.15 -36.60 -30.72
C PHE C 506 -23.45 -36.18 -29.43
N GLY C 507 -24.08 -35.35 -28.61
CA GLY C 507 -23.53 -35.02 -27.31
C GLY C 507 -22.22 -34.27 -27.34
N MET C 508 -22.00 -33.46 -28.36
CA MET C 508 -20.74 -32.75 -28.55
C MET C 508 -20.92 -31.28 -28.15
N THR C 509 -19.92 -30.72 -27.48
CA THR C 509 -19.92 -29.30 -27.19
C THR C 509 -18.97 -28.59 -28.15
N PRO C 510 -19.43 -27.56 -28.86
CA PRO C 510 -18.52 -26.84 -29.78
C PRO C 510 -17.34 -26.25 -29.01
N SER C 511 -16.18 -26.24 -29.67
CA SER C 511 -15.00 -25.62 -29.09
C SER C 511 -15.17 -24.11 -29.04
N LYS C 512 -14.61 -23.51 -28.00
CA LYS C 512 -14.64 -22.07 -27.83
C LYS C 512 -13.27 -21.41 -27.89
N GLY C 513 -12.27 -22.09 -28.43
CA GLY C 513 -10.96 -21.49 -28.56
C GLY C 513 -10.01 -22.34 -29.36
N VAL C 514 -8.97 -21.69 -29.88
CA VAL C 514 -7.96 -22.31 -30.73
C VAL C 514 -6.61 -21.72 -30.39
N LEU C 515 -5.57 -22.54 -30.49
CA LEU C 515 -4.19 -22.09 -30.36
C LEU C 515 -3.54 -22.17 -31.74
N PHE C 516 -2.88 -21.09 -32.14
CA PHE C 516 -2.10 -21.08 -33.37
C PHE C 516 -0.62 -21.21 -33.03
N TYR C 517 0.06 -22.11 -33.72
CA TYR C 517 1.49 -22.29 -33.49
C TYR C 517 2.18 -22.56 -34.82
N GLY C 518 3.49 -22.30 -34.83
CA GLY C 518 4.28 -22.47 -36.03
C GLY C 518 5.28 -21.34 -36.20
N PRO C 519 5.97 -21.32 -37.33
CA PRO C 519 6.98 -20.29 -37.57
C PRO C 519 6.39 -18.89 -37.50
N PRO C 520 7.17 -17.91 -37.05
CA PRO C 520 6.67 -16.54 -37.00
C PRO C 520 6.53 -15.92 -38.38
N GLY C 521 5.69 -14.89 -38.46
CA GLY C 521 5.53 -14.13 -39.68
C GLY C 521 4.69 -14.82 -40.75
N CYS C 522 3.77 -15.69 -40.34
CA CYS C 522 2.93 -16.41 -41.29
C CYS C 522 1.47 -15.99 -41.26
N GLY C 523 1.09 -15.07 -40.39
CA GLY C 523 -0.28 -14.59 -40.31
C GLY C 523 -1.08 -14.97 -39.10
N LYS C 524 -0.44 -15.43 -38.02
CA LYS C 524 -1.19 -15.80 -36.82
C LYS C 524 -2.15 -14.70 -36.39
N THR C 525 -1.65 -13.48 -36.24
CA THR C 525 -2.51 -12.38 -35.80
C THR C 525 -3.56 -12.05 -36.85
N LEU C 526 -3.18 -12.06 -38.13
CA LEU C 526 -4.11 -11.70 -39.19
C LEU C 526 -5.30 -12.65 -39.23
N LEU C 527 -5.05 -13.94 -38.97
CA LEU C 527 -6.14 -14.92 -38.98
C LEU C 527 -7.19 -14.59 -37.93
N ALA C 528 -6.74 -14.24 -36.72
CA ALA C 528 -7.68 -13.88 -35.67
C ALA C 528 -8.44 -12.61 -36.02
N LYS C 529 -7.78 -11.63 -36.64
CA LYS C 529 -8.46 -10.41 -37.03
C LYS C 529 -9.44 -10.65 -38.18
N ALA C 530 -9.04 -11.47 -39.16
CA ALA C 530 -9.86 -11.64 -40.35
C ALA C 530 -11.21 -12.25 -40.02
N ILE C 531 -11.25 -13.22 -39.09
CA ILE C 531 -12.52 -13.80 -38.70
C ILE C 531 -13.37 -12.79 -37.94
N ALA C 532 -12.73 -11.95 -37.13
CA ALA C 532 -13.46 -10.87 -36.47
C ALA C 532 -14.00 -9.87 -37.49
N ASN C 533 -13.22 -9.61 -38.54
CA ASN C 533 -13.63 -8.62 -39.54
C ASN C 533 -14.91 -9.06 -40.24
N GLU C 534 -14.87 -10.25 -40.80
CA GLU C 534 -15.99 -10.81 -41.53
C GLU C 534 -17.25 -10.92 -40.66
N CYS C 535 -17.12 -11.24 -39.38
CA CYS C 535 -18.24 -11.28 -38.44
C CYS C 535 -18.68 -9.90 -37.92
N GLN C 536 -17.96 -8.83 -38.25
CA GLN C 536 -18.08 -7.49 -37.67
C GLN C 536 -18.01 -7.50 -36.13
N ALA C 537 -17.09 -8.31 -35.60
CA ALA C 537 -16.86 -8.54 -34.17
C ALA C 537 -15.68 -7.71 -33.71
N ASN C 538 -15.71 -7.33 -32.43
CA ASN C 538 -14.61 -6.56 -31.87
C ASN C 538 -13.39 -7.45 -31.65
N PHE C 539 -12.22 -6.88 -31.87
CA PHE C 539 -10.97 -7.60 -31.70
C PHE C 539 -10.20 -7.00 -30.53
N ILE C 540 -9.95 -7.83 -29.51
CA ILE C 540 -9.22 -7.42 -28.33
C ILE C 540 -7.84 -8.06 -28.40
N SER C 541 -6.81 -7.23 -28.48
CA SER C 541 -5.44 -7.70 -28.69
C SER C 541 -4.67 -7.58 -27.39
N ILE C 542 -4.26 -8.72 -26.84
CA ILE C 542 -3.39 -8.78 -25.67
C ILE C 542 -2.02 -9.22 -26.17
N LYS C 543 -1.02 -8.38 -25.93
CA LYS C 543 0.32 -8.65 -26.40
C LYS C 543 1.25 -8.99 -25.23
N GLY C 544 2.39 -9.58 -25.57
CA GLY C 544 3.39 -9.95 -24.60
C GLY C 544 3.62 -8.93 -23.51
N PRO C 545 3.94 -7.68 -23.87
CA PRO C 545 4.16 -6.66 -22.84
C PRO C 545 3.03 -6.53 -21.85
N GLU C 546 1.78 -6.76 -22.24
CA GLU C 546 0.67 -6.66 -21.30
C GLU C 546 0.64 -7.84 -20.33
N LEU C 547 0.87 -9.05 -20.83
CA LEU C 547 0.98 -10.22 -19.95
C LEU C 547 2.19 -10.08 -19.04
N LEU C 548 3.28 -9.51 -19.56
CA LEU C 548 4.47 -9.32 -18.73
C LEU C 548 4.25 -8.25 -17.68
N THR C 549 3.54 -7.19 -18.02
CA THR C 549 3.25 -6.13 -17.05
C THR C 549 2.49 -6.69 -15.86
N MET C 550 1.46 -7.49 -16.13
CA MET C 550 0.71 -8.11 -15.02
C MET C 550 1.59 -9.05 -14.20
N TRP C 551 2.43 -9.85 -14.85
CA TRP C 551 3.31 -10.75 -14.11
C TRP C 551 4.32 -9.97 -13.26
N PHE C 552 5.06 -9.05 -13.89
CA PHE C 552 6.11 -8.34 -13.18
C PHE C 552 5.55 -7.52 -12.02
N GLY C 553 4.39 -6.89 -12.22
CA GLY C 553 3.83 -6.04 -11.19
C GLY C 553 2.96 -6.76 -10.19
N GLU C 554 2.87 -8.09 -10.28
CA GLU C 554 2.03 -8.89 -9.41
C GLU C 554 0.61 -8.35 -9.37
N SER C 555 0.06 -8.09 -10.56
CA SER C 555 -1.30 -7.58 -10.73
C SER C 555 -2.10 -8.49 -11.65
N GLU C 556 -1.93 -9.80 -11.47
CA GLU C 556 -2.63 -10.77 -12.30
C GLU C 556 -4.15 -10.68 -12.17
N ALA C 557 -4.65 -10.04 -11.12
CA ALA C 557 -6.09 -9.89 -10.97
C ALA C 557 -6.70 -9.18 -12.16
N ASN C 558 -5.90 -8.38 -12.87
CA ASN C 558 -6.41 -7.64 -14.03
C ASN C 558 -6.87 -8.57 -15.14
N VAL C 559 -6.48 -9.84 -15.10
CA VAL C 559 -6.94 -10.79 -16.12
C VAL C 559 -8.45 -10.89 -16.08
N ARG C 560 -9.04 -10.82 -14.89
CA ARG C 560 -10.49 -10.92 -14.77
C ARG C 560 -11.17 -9.77 -15.52
N GLU C 561 -10.53 -8.59 -15.52
CA GLU C 561 -11.09 -7.45 -16.24
C GLU C 561 -11.02 -7.69 -17.74
N ILE C 562 -9.96 -8.37 -18.21
CA ILE C 562 -9.81 -8.63 -19.64
C ILE C 562 -10.93 -9.54 -20.10
N PHE C 563 -11.21 -10.59 -19.33
CA PHE C 563 -12.28 -11.51 -19.73
C PHE C 563 -13.63 -10.82 -19.62
N ASP C 564 -13.80 -9.96 -18.62
CA ASP C 564 -15.06 -9.25 -18.48
C ASP C 564 -15.26 -8.28 -19.63
N LYS C 565 -14.19 -7.64 -20.11
CA LYS C 565 -14.33 -6.76 -21.25
C LYS C 565 -14.73 -7.55 -22.49
N ALA C 566 -14.18 -8.76 -22.64
CA ALA C 566 -14.52 -9.58 -23.79
C ALA C 566 -16.01 -9.89 -23.82
N ARG C 567 -16.60 -10.14 -22.65
CA ARG C 567 -18.03 -10.38 -22.59
C ARG C 567 -18.81 -9.14 -22.96
N GLN C 568 -18.41 -7.98 -22.42
CA GLN C 568 -19.12 -6.74 -22.75
C GLN C 568 -18.96 -6.38 -24.22
N ALA C 569 -17.81 -6.70 -24.81
CA ALA C 569 -17.54 -6.40 -26.21
C ALA C 569 -18.18 -7.40 -27.16
N ALA C 570 -18.83 -8.44 -26.66
CA ALA C 570 -19.38 -9.48 -27.52
C ALA C 570 -20.34 -8.86 -28.53
N PRO C 571 -20.33 -9.34 -29.80
CA PRO C 571 -19.45 -10.38 -30.32
C PRO C 571 -18.00 -9.89 -30.45
N CYS C 572 -17.01 -10.69 -30.05
CA CYS C 572 -15.63 -10.27 -30.11
C CYS C 572 -14.73 -11.49 -30.18
N VAL C 573 -13.48 -11.26 -30.55
CA VAL C 573 -12.43 -12.28 -30.51
C VAL C 573 -11.40 -11.84 -29.48
N LEU C 574 -11.15 -12.70 -28.49
CA LEU C 574 -10.23 -12.39 -27.40
C LEU C 574 -8.91 -13.09 -27.71
N PHE C 575 -7.93 -12.32 -28.17
CA PHE C 575 -6.69 -12.85 -28.71
C PHE C 575 -5.57 -12.66 -27.70
N PHE C 576 -5.02 -13.76 -27.21
CA PHE C 576 -3.89 -13.74 -26.29
C PHE C 576 -2.64 -14.10 -27.07
N ASP C 577 -1.88 -13.09 -27.47
CA ASP C 577 -0.66 -13.31 -28.24
C ASP C 577 0.51 -13.59 -27.30
N GLU C 578 1.56 -14.17 -27.85
CA GLU C 578 2.81 -14.40 -27.13
C GLU C 578 2.53 -15.05 -25.77
N LEU C 579 1.83 -16.18 -25.81
CA LEU C 579 1.54 -16.91 -24.57
C LEU C 579 2.83 -17.31 -23.85
N ASP C 580 3.96 -17.34 -24.55
CA ASP C 580 5.24 -17.70 -23.99
C ASP C 580 6.06 -16.49 -23.55
N SER C 581 5.49 -15.30 -23.58
CA SER C 581 6.24 -14.10 -23.22
C SER C 581 6.77 -14.17 -21.80
N ILE C 582 5.97 -14.70 -20.87
CA ILE C 582 6.42 -14.82 -19.49
C ILE C 582 7.39 -15.98 -19.33
N ALA C 583 7.11 -17.11 -19.99
CA ALA C 583 8.03 -18.24 -19.95
C ALA C 583 9.41 -17.85 -20.47
N LYS C 584 9.45 -17.02 -21.51
CA LYS C 584 10.73 -16.55 -22.03
C LYS C 584 11.37 -15.54 -21.09
N ALA C 585 10.55 -14.65 -20.50
CA ALA C 585 11.08 -13.71 -19.53
C ALA C 585 11.70 -14.42 -18.34
N ARG C 586 11.21 -15.60 -18.01
CA ARG C 586 11.76 -16.43 -16.93
C ARG C 586 12.91 -17.30 -17.39
N GLY C 587 13.33 -17.19 -18.65
CA GLY C 587 14.49 -17.91 -19.15
C GLY C 587 14.23 -18.58 -20.47
N GLY C 588 13.00 -19.04 -20.68
CA GLY C 588 12.65 -19.73 -21.91
C GLY C 588 13.39 -21.04 -22.13
N ASN C 589 14.67 -20.94 -22.52
CA ASN C 589 15.49 -22.14 -22.82
C ASN C 589 16.30 -22.49 -21.58
N ILE C 590 16.52 -21.51 -20.70
CA ILE C 590 17.37 -21.77 -19.49
C ILE C 590 16.40 -21.90 -18.31
N GLY C 591 15.91 -20.78 -17.77
CA GLY C 591 14.83 -20.81 -16.77
C GLY C 591 15.25 -20.33 -15.39
N ASP C 592 14.37 -19.61 -14.69
CA ASP C 592 14.65 -19.18 -13.34
C ASP C 592 14.12 -20.20 -12.34
N GLY C 593 13.70 -19.73 -11.18
CA GLY C 593 13.27 -20.61 -10.10
C GLY C 593 11.85 -21.12 -10.21
N GLY C 594 11.17 -20.84 -11.32
CA GLY C 594 9.82 -21.33 -11.54
C GLY C 594 9.72 -22.29 -12.71
N GLY C 595 8.48 -22.66 -13.02
CA GLY C 595 8.19 -23.57 -14.11
C GLY C 595 7.38 -22.89 -15.20
N ALA C 596 6.52 -23.71 -15.82
CA ALA C 596 5.68 -23.22 -16.91
C ALA C 596 4.53 -22.36 -16.42
N ALA C 597 4.00 -22.64 -15.23
CA ALA C 597 2.87 -21.87 -14.71
C ALA C 597 3.33 -20.60 -14.00
N ASP C 598 2.49 -19.58 -14.06
CA ASP C 598 2.78 -18.30 -13.42
C ASP C 598 1.46 -17.66 -12.97
N ARG C 599 1.57 -16.50 -12.35
CA ARG C 599 0.41 -15.83 -11.77
C ARG C 599 -0.61 -15.44 -12.83
N VAL C 600 -0.13 -15.01 -14.00
CA VAL C 600 -1.02 -14.46 -15.01
C VAL C 600 -1.75 -15.57 -15.75
N ILE C 601 -1.02 -16.61 -16.17
CA ILE C 601 -1.66 -17.71 -16.87
C ILE C 601 -2.62 -18.45 -15.93
N ASN C 602 -2.31 -18.49 -14.63
CA ASN C 602 -3.22 -19.14 -13.69
C ASN C 602 -4.56 -18.43 -13.63
N GLN C 603 -4.54 -17.09 -13.65
CA GLN C 603 -5.81 -16.35 -13.71
C GLN C 603 -6.52 -16.57 -15.04
N ILE C 604 -5.76 -16.65 -16.13
CA ILE C 604 -6.35 -16.90 -17.43
C ILE C 604 -7.02 -18.27 -17.46
N LEU C 605 -6.34 -19.28 -16.90
CA LEU C 605 -6.92 -20.62 -16.83
C LEU C 605 -8.20 -20.64 -16.03
N THR C 606 -8.20 -19.94 -14.89
CA THR C 606 -9.41 -19.89 -14.05
C THR C 606 -10.56 -19.21 -14.78
N GLU C 607 -10.29 -18.09 -15.44
CA GLU C 607 -11.34 -17.38 -16.17
C GLU C 607 -11.79 -18.15 -17.40
N MET C 608 -10.87 -18.82 -18.09
CA MET C 608 -11.22 -19.58 -19.28
C MET C 608 -12.28 -20.63 -18.97
N ASP C 609 -12.16 -21.28 -17.81
CA ASP C 609 -13.15 -22.27 -17.42
C ASP C 609 -14.55 -21.68 -17.29
N GLY C 610 -14.67 -20.38 -17.12
CA GLY C 610 -15.96 -19.73 -16.97
C GLY C 610 -16.57 -19.21 -18.25
N MET C 611 -15.93 -19.42 -19.38
CA MET C 611 -16.44 -18.90 -20.65
C MET C 611 -17.39 -19.93 -21.27
N SER C 612 -18.53 -19.44 -21.77
CA SER C 612 -19.51 -20.30 -22.41
C SER C 612 -19.62 -19.98 -23.90
N THR C 613 -20.06 -20.98 -24.67
CA THR C 613 -20.23 -20.78 -26.11
C THR C 613 -21.38 -19.83 -26.40
N LYS C 614 -22.21 -19.54 -25.42
CA LYS C 614 -23.35 -18.63 -25.59
C LYS C 614 -22.97 -17.17 -25.38
N LYS C 615 -21.71 -16.87 -25.06
CA LYS C 615 -21.31 -15.49 -24.83
C LYS C 615 -20.90 -14.78 -26.10
N ASN C 616 -20.84 -15.49 -27.23
CA ASN C 616 -20.44 -14.93 -28.52
C ASN C 616 -19.01 -14.35 -28.44
N VAL C 617 -18.15 -15.06 -27.71
CA VAL C 617 -16.74 -14.70 -27.58
C VAL C 617 -15.92 -15.90 -27.98
N PHE C 618 -15.01 -15.71 -28.94
CA PHE C 618 -14.11 -16.76 -29.38
C PHE C 618 -12.69 -16.41 -28.95
N ILE C 619 -12.08 -17.30 -28.17
CA ILE C 619 -10.77 -17.07 -27.57
C ILE C 619 -9.72 -17.70 -28.48
N ILE C 620 -8.74 -16.91 -28.89
CA ILE C 620 -7.66 -17.37 -29.76
C ILE C 620 -6.34 -17.10 -29.07
N GLY C 621 -5.47 -18.10 -29.04
CA GLY C 621 -4.12 -17.90 -28.56
C GLY C 621 -3.11 -18.06 -29.70
N ALA C 622 -1.90 -17.55 -29.45
CA ALA C 622 -0.81 -17.73 -30.39
C ALA C 622 0.51 -17.76 -29.64
N THR C 623 1.45 -18.56 -30.13
CA THR C 623 2.80 -18.59 -29.58
C THR C 623 3.75 -19.13 -30.64
N ASN C 624 5.00 -18.70 -30.56
CA ASN C 624 6.05 -19.20 -31.44
C ASN C 624 6.85 -20.31 -30.76
N ARG C 625 6.52 -20.61 -29.51
CA ARG C 625 7.23 -21.62 -28.72
C ARG C 625 6.21 -22.35 -27.85
N PRO C 626 5.36 -23.17 -28.47
CA PRO C 626 4.32 -23.84 -27.68
C PRO C 626 4.86 -24.89 -26.72
N ASP C 627 6.15 -25.22 -26.81
CA ASP C 627 6.72 -26.23 -25.92
C ASP C 627 6.97 -25.68 -24.52
N ILE C 628 6.90 -24.36 -24.35
CA ILE C 628 7.19 -23.75 -23.06
C ILE C 628 6.02 -22.95 -22.51
N ILE C 629 4.79 -23.37 -22.79
CA ILE C 629 3.63 -22.71 -22.20
C ILE C 629 2.88 -23.69 -21.32
N ASP C 630 2.17 -23.16 -20.33
CA ASP C 630 1.48 -24.03 -19.38
C ASP C 630 0.56 -25.00 -20.12
N PRO C 631 0.84 -26.30 -20.11
CA PRO C 631 0.00 -27.24 -20.86
C PRO C 631 -1.46 -27.22 -20.46
N ALA C 632 -1.77 -26.70 -19.27
CA ALA C 632 -3.16 -26.69 -18.81
C ALA C 632 -4.08 -25.98 -19.80
N ILE C 633 -3.54 -25.01 -20.54
CA ILE C 633 -4.37 -24.24 -21.46
C ILE C 633 -4.95 -25.10 -22.57
N LEU C 634 -4.36 -26.27 -22.83
CA LEU C 634 -4.84 -27.15 -23.89
C LEU C 634 -5.76 -28.25 -23.39
N ARG C 635 -6.09 -28.26 -22.10
CA ARG C 635 -6.96 -29.29 -21.55
C ARG C 635 -8.38 -29.14 -22.11
N PRO C 636 -9.13 -30.23 -22.19
CA PRO C 636 -10.48 -30.17 -22.78
C PRO C 636 -11.32 -29.07 -22.14
N GLY C 637 -12.05 -28.34 -22.98
CA GLY C 637 -12.88 -27.24 -22.51
C GLY C 637 -12.25 -25.88 -22.70
N ARG C 638 -10.96 -25.82 -23.02
CA ARG C 638 -10.24 -24.57 -23.24
C ARG C 638 -9.85 -24.50 -24.72
N LEU C 639 -8.56 -24.41 -25.03
CA LEU C 639 -8.10 -24.26 -26.41
C LEU C 639 -8.01 -25.64 -27.06
N ASP C 640 -9.19 -26.19 -27.38
CA ASP C 640 -9.28 -27.55 -27.87
C ASP C 640 -8.88 -27.66 -29.34
N GLN C 641 -9.01 -26.58 -30.11
CA GLN C 641 -8.59 -26.57 -31.50
C GLN C 641 -7.11 -26.22 -31.59
N LEU C 642 -6.36 -26.98 -32.39
CA LEU C 642 -4.95 -26.69 -32.57
C LEU C 642 -4.60 -26.64 -34.05
N ILE C 643 -4.18 -25.47 -34.53
CA ILE C 643 -3.91 -25.24 -35.95
C ILE C 643 -2.43 -24.93 -36.12
N TYR C 644 -1.76 -25.69 -36.97
CA TYR C 644 -0.38 -25.43 -37.33
C TYR C 644 -0.33 -24.55 -38.58
N ILE C 645 0.44 -23.46 -38.50
CA ILE C 645 0.57 -22.53 -39.62
C ILE C 645 1.97 -22.70 -40.21
N PRO C 646 2.12 -23.45 -41.29
CA PRO C 646 3.44 -23.63 -41.89
C PRO C 646 3.87 -22.42 -42.70
N LEU C 647 5.13 -22.46 -43.11
CA LEU C 647 5.65 -21.44 -44.01
C LEU C 647 4.90 -21.51 -45.34
N PRO C 648 4.72 -20.38 -46.03
CA PRO C 648 3.98 -20.40 -47.29
C PRO C 648 4.73 -21.15 -48.38
N ASP C 649 3.98 -21.77 -49.29
CA ASP C 649 4.57 -22.36 -50.48
C ASP C 649 4.68 -21.31 -51.59
N GLU C 650 5.11 -21.77 -52.76
CA GLU C 650 5.41 -20.84 -53.86
C GLU C 650 4.20 -19.99 -54.26
N LYS C 651 3.05 -20.63 -54.46
CA LYS C 651 1.87 -19.87 -54.87
C LYS C 651 1.38 -18.95 -53.76
N SER C 652 1.57 -19.36 -52.51
CA SER C 652 1.21 -18.49 -51.39
C SER C 652 2.15 -17.30 -51.30
N ARG C 653 3.46 -17.50 -51.51
CA ARG C 653 4.38 -16.38 -51.48
C ARG C 653 4.02 -15.33 -52.52
N VAL C 654 3.57 -15.76 -53.70
CA VAL C 654 3.14 -14.81 -54.72
C VAL C 654 1.92 -14.05 -54.23
N ALA C 655 0.96 -14.77 -53.65
CA ALA C 655 -0.22 -14.12 -53.09
C ALA C 655 0.15 -13.12 -52.01
N ILE C 656 1.18 -13.44 -51.21
CA ILE C 656 1.63 -12.52 -50.16
C ILE C 656 2.22 -11.26 -50.78
N LEU C 657 3.06 -11.44 -51.80
CA LEU C 657 3.65 -10.28 -52.47
C LEU C 657 2.57 -9.41 -53.10
N LYS C 658 1.58 -10.03 -53.73
CA LYS C 658 0.50 -9.27 -54.37
C LYS C 658 -0.33 -8.53 -53.34
N ALA C 659 -0.62 -9.16 -52.20
CA ALA C 659 -1.34 -8.47 -51.13
C ALA C 659 -0.53 -7.32 -50.56
N ASN C 660 0.77 -7.52 -50.34
CA ASN C 660 1.60 -6.45 -49.80
C ASN C 660 1.69 -5.27 -50.77
N LEU C 661 1.64 -5.53 -52.07
CA LEU C 661 1.66 -4.46 -53.06
C LEU C 661 0.26 -4.04 -53.51
N ARG C 662 -0.80 -4.52 -52.85
CA ARG C 662 -2.14 -4.24 -53.33
C ARG C 662 -2.42 -2.75 -53.42
N LYS C 663 -1.83 -1.96 -52.51
CA LYS C 663 -2.08 -0.52 -52.48
C LYS C 663 -0.96 0.29 -53.11
N SER C 664 0.00 -0.35 -53.79
CA SER C 664 1.08 0.46 -54.32
C SER C 664 1.14 0.36 -55.84
N PRO C 665 1.60 1.41 -56.52
CA PRO C 665 1.86 1.30 -57.96
C PRO C 665 3.06 0.40 -58.22
N VAL C 666 2.86 -0.59 -59.10
CA VAL C 666 3.89 -1.57 -59.43
C VAL C 666 4.06 -1.59 -60.95
N ALA C 667 5.30 -1.51 -61.40
CA ALA C 667 5.58 -1.51 -62.83
C ALA C 667 5.29 -2.88 -63.43
N LYS C 668 4.97 -2.90 -64.73
CA LYS C 668 4.66 -4.15 -65.41
C LYS C 668 5.88 -5.06 -65.54
N ASP C 669 7.09 -4.52 -65.36
CA ASP C 669 8.29 -5.35 -65.49
C ASP C 669 8.57 -6.14 -64.22
N VAL C 670 7.79 -5.94 -63.16
CA VAL C 670 8.04 -6.64 -61.90
C VAL C 670 7.45 -8.05 -61.98
N ASP C 671 8.31 -9.04 -61.82
CA ASP C 671 7.92 -10.45 -61.95
C ASP C 671 7.86 -11.03 -60.54
N LEU C 672 6.65 -11.07 -59.97
CA LEU C 672 6.49 -11.50 -58.59
C LEU C 672 6.65 -13.00 -58.46
N GLU C 673 6.27 -13.76 -59.50
CA GLU C 673 6.50 -15.19 -59.51
C GLU C 673 7.97 -15.54 -59.53
N PHE C 674 8.78 -14.83 -60.32
CA PHE C 674 10.22 -15.02 -60.28
C PHE C 674 10.78 -14.84 -58.86
N LEU C 675 10.40 -13.75 -58.19
CA LEU C 675 10.89 -13.51 -56.84
C LEU C 675 10.45 -14.62 -55.90
N ALA C 676 9.17 -15.02 -56.00
CA ALA C 676 8.67 -16.07 -55.12
C ALA C 676 9.43 -17.37 -55.32
N LYS C 677 9.86 -17.66 -56.55
CA LYS C 677 10.58 -18.89 -56.82
C LYS C 677 11.93 -18.90 -56.10
N MET C 678 12.55 -17.73 -55.93
CA MET C 678 13.85 -17.67 -55.28
C MET C 678 13.72 -17.59 -53.77
N THR C 679 12.74 -16.82 -53.28
CA THR C 679 12.62 -16.53 -51.85
C THR C 679 11.94 -17.69 -51.14
N ASN C 680 12.55 -18.86 -51.23
CA ASN C 680 11.91 -20.09 -50.77
C ASN C 680 11.80 -20.13 -49.25
N GLY C 681 12.76 -19.54 -48.55
CA GLY C 681 12.76 -19.57 -47.10
C GLY C 681 12.13 -18.36 -46.44
N PHE C 682 11.51 -17.50 -47.24
CA PHE C 682 11.00 -16.23 -46.75
C PHE C 682 9.54 -16.39 -46.32
N SER C 683 9.24 -15.93 -45.11
CA SER C 683 7.87 -15.92 -44.63
C SER C 683 7.14 -14.66 -45.10
N GLY C 684 5.85 -14.60 -44.83
CA GLY C 684 5.09 -13.43 -45.21
C GLY C 684 5.68 -12.14 -44.67
N ALA C 685 6.16 -12.18 -43.43
CA ALA C 685 6.82 -11.01 -42.84
C ALA C 685 8.08 -10.65 -43.60
N ASP C 686 8.79 -11.65 -44.14
CA ASP C 686 10.03 -11.37 -44.85
C ASP C 686 9.76 -10.89 -46.27
N LEU C 687 8.71 -11.39 -46.90
CA LEU C 687 8.33 -10.89 -48.21
C LEU C 687 7.85 -9.44 -48.12
N THR C 688 7.21 -9.08 -47.01
CA THR C 688 6.82 -7.69 -46.80
C THR C 688 8.05 -6.78 -46.71
N GLU C 689 9.09 -7.21 -45.99
CA GLU C 689 10.30 -6.41 -45.96
C GLU C 689 10.81 -6.13 -47.38
N ILE C 690 10.78 -7.13 -48.26
CA ILE C 690 11.23 -6.90 -49.63
C ILE C 690 10.35 -5.85 -50.31
N CYS C 691 9.04 -5.98 -50.15
CA CYS C 691 8.13 -5.02 -50.78
C CYS C 691 8.38 -3.61 -50.27
N GLN C 692 8.53 -3.46 -48.95
CA GLN C 692 8.73 -2.14 -48.36
C GLN C 692 10.09 -1.56 -48.74
N ARG C 693 11.12 -2.41 -48.84
CA ARG C 693 12.42 -1.95 -49.31
C ARG C 693 12.33 -1.42 -50.73
N ALA C 694 11.67 -2.18 -51.62
CA ALA C 694 11.48 -1.71 -52.99
C ALA C 694 10.69 -0.41 -53.02
N CYS C 695 9.68 -0.28 -52.15
CA CYS C 695 8.95 0.97 -52.03
C CYS C 695 9.87 2.12 -51.64
N LYS C 696 10.66 1.92 -50.58
CA LYS C 696 11.57 2.98 -50.12
C LYS C 696 12.56 3.36 -51.21
N LEU C 697 13.06 2.38 -51.96
CA LEU C 697 13.98 2.67 -53.06
C LEU C 697 13.30 3.52 -54.12
N ALA C 698 12.03 3.22 -54.44
CA ALA C 698 11.32 4.01 -55.43
C ALA C 698 11.12 5.45 -54.94
N ILE C 699 10.90 5.62 -53.64
CA ILE C 699 10.70 6.95 -53.08
C ILE C 699 11.97 7.78 -53.22
N ARG C 700 13.13 7.19 -52.87
CA ARG C 700 14.39 7.90 -53.02
C ARG C 700 14.62 8.31 -54.47
N GLU C 701 14.33 7.42 -55.41
CA GLU C 701 14.51 7.75 -56.82
C GLU C 701 13.65 8.94 -57.23
N SER C 702 12.40 8.97 -56.78
CA SER C 702 11.51 10.08 -57.13
C SER C 702 12.01 11.38 -56.53
N ILE C 703 12.40 11.36 -55.26
CA ILE C 703 12.84 12.59 -54.60
C ILE C 703 14.11 13.13 -55.24
N GLU C 704 15.08 12.25 -55.50
CA GLU C 704 16.32 12.67 -56.15
C GLU C 704 16.10 13.18 -57.57
N SER C 705 15.16 12.61 -58.32
CA SER C 705 14.85 13.13 -59.64
C SER C 705 14.33 14.55 -59.59
N GLU C 706 13.43 14.86 -58.66
CA GLU C 706 12.95 16.24 -58.52
C GLU C 706 14.08 17.18 -58.13
N ILE C 707 15.00 16.73 -57.28
CA ILE C 707 16.14 17.53 -56.87
C ILE C 707 17.25 17.45 -57.92
N VAL C 728 9.84 5.71 -62.48
CA VAL C 728 10.00 6.60 -61.33
C VAL C 728 8.71 6.78 -60.52
N PRO C 729 7.57 7.05 -61.17
CA PRO C 729 6.31 7.13 -60.41
C PRO C 729 5.79 5.79 -59.95
N GLU C 730 6.40 4.69 -60.37
CA GLU C 730 5.99 3.35 -59.97
C GLU C 730 7.23 2.54 -59.61
N ILE C 731 7.02 1.49 -58.82
CA ILE C 731 8.14 0.68 -58.34
C ILE C 731 8.59 -0.27 -59.44
N ARG C 732 9.84 -0.11 -59.87
CA ARG C 732 10.36 -0.86 -61.01
C ARG C 732 11.06 -2.11 -60.52
N ARG C 733 11.25 -3.05 -61.45
CA ARG C 733 11.91 -4.31 -61.11
C ARG C 733 13.26 -4.07 -60.46
N ASP C 734 14.02 -3.07 -60.92
CA ASP C 734 15.33 -2.80 -60.34
C ASP C 734 15.26 -2.59 -58.83
N HIS C 735 14.18 -1.99 -58.33
CA HIS C 735 14.05 -1.77 -56.89
C HIS C 735 13.70 -3.06 -56.16
N PHE C 736 12.94 -3.95 -56.79
CA PHE C 736 12.66 -5.25 -56.17
C PHE C 736 13.89 -6.15 -56.20
N GLU C 737 14.66 -6.10 -57.29
CA GLU C 737 15.86 -6.93 -57.37
C GLU C 737 16.89 -6.51 -56.34
N GLU C 738 17.03 -5.21 -56.08
CA GLU C 738 17.92 -4.76 -55.03
C GLU C 738 17.37 -5.08 -53.64
N ALA C 739 16.06 -4.90 -53.44
CA ALA C 739 15.45 -5.22 -52.15
C ALA C 739 15.69 -6.67 -51.77
N MET C 740 15.63 -7.58 -52.75
CA MET C 740 15.86 -8.99 -52.47
C MET C 740 17.29 -9.27 -52.05
N ARG C 741 18.21 -8.33 -52.28
CA ARG C 741 19.61 -8.56 -51.93
C ARG C 741 19.88 -8.18 -50.48
N PHE C 742 18.90 -7.54 -49.82
CA PHE C 742 19.09 -7.12 -48.44
C PHE C 742 18.23 -7.92 -47.46
N ALA C 743 17.07 -8.38 -47.90
CA ALA C 743 16.21 -9.19 -47.06
C ALA C 743 16.73 -10.61 -46.95
N ARG C 744 16.48 -11.23 -45.79
CA ARG C 744 16.89 -12.61 -45.55
C ARG C 744 15.72 -13.36 -44.91
N ARG C 745 15.75 -14.68 -45.05
CA ARG C 745 14.78 -15.53 -44.38
C ARG C 745 14.94 -15.41 -42.86
N SER C 746 13.81 -15.24 -42.17
CA SER C 746 13.83 -15.16 -40.71
C SER C 746 13.76 -16.53 -40.04
N VAL C 747 13.28 -17.56 -40.73
CA VAL C 747 13.12 -18.89 -40.15
C VAL C 747 14.11 -19.84 -40.80
N SER C 748 15.03 -20.35 -40.00
CA SER C 748 16.11 -21.22 -40.47
C SER C 748 15.59 -22.63 -40.65
N ASP C 749 16.37 -23.47 -41.32
CA ASP C 749 15.99 -24.87 -41.50
C ASP C 749 15.85 -25.61 -40.17
N ASN C 750 16.68 -25.28 -39.17
CA ASN C 750 16.55 -25.93 -37.87
C ASN C 750 15.22 -25.60 -37.22
N ASP C 751 14.76 -24.36 -37.34
CA ASP C 751 13.48 -24.00 -36.76
C ASP C 751 12.32 -24.67 -37.48
N ILE C 752 12.41 -24.85 -38.81
CA ILE C 752 11.33 -25.50 -39.54
C ILE C 752 11.15 -26.93 -39.02
N ARG C 753 12.24 -27.66 -38.82
CA ARG C 753 12.10 -29.02 -38.31
C ARG C 753 11.53 -29.02 -36.90
N LYS C 754 11.94 -28.07 -36.06
CA LYS C 754 11.40 -28.01 -34.70
C LYS C 754 9.89 -27.81 -34.72
N TYR C 755 9.41 -26.92 -35.60
CA TYR C 755 7.99 -26.62 -35.67
C TYR C 755 7.21 -27.81 -36.23
N GLU C 756 7.76 -28.47 -37.26
CA GLU C 756 7.06 -29.60 -37.86
C GLU C 756 6.97 -30.77 -36.89
N MET C 757 8.05 -31.06 -36.17
CA MET C 757 8.04 -32.16 -35.22
C MET C 757 7.01 -31.94 -34.13
N PHE C 758 6.89 -30.71 -33.62
CA PHE C 758 5.85 -30.43 -32.63
C PHE C 758 4.47 -30.67 -33.22
N ALA C 759 4.22 -30.16 -34.43
CA ALA C 759 2.92 -30.34 -35.05
C ALA C 759 2.59 -31.82 -35.21
N GLN C 760 3.58 -32.63 -35.58
CA GLN C 760 3.36 -34.06 -35.76
C GLN C 760 3.15 -34.76 -34.43
N THR C 761 3.75 -34.24 -33.35
CA THR C 761 3.57 -34.83 -32.03
C THR C 761 2.12 -34.75 -31.57
N LEU C 762 1.47 -33.62 -31.76
CA LEU C 762 0.09 -33.43 -31.31
C LEU C 762 -0.95 -33.75 -32.39
N GLN C 763 -0.59 -33.63 -33.67
CA GLN C 763 -1.52 -33.83 -34.78
C GLN C 763 -2.69 -32.85 -34.73
N PRO D 23 -9.87 50.26 -44.94
CA PRO D 23 -8.64 51.04 -45.00
C PRO D 23 -8.50 51.96 -43.80
N ASN D 24 -7.25 52.17 -43.38
CA ASN D 24 -6.94 53.06 -42.26
C ASN D 24 -7.54 52.55 -40.96
N ARG D 25 -8.02 51.31 -40.97
CA ARG D 25 -8.70 50.76 -39.80
C ARG D 25 -8.07 49.40 -39.50
N LEU D 26 -7.26 49.33 -38.44
CA LEU D 26 -6.48 48.13 -38.17
C LEU D 26 -6.61 47.71 -36.70
N ILE D 27 -6.29 46.44 -36.45
CA ILE D 27 -6.41 45.86 -35.12
C ILE D 27 -5.12 46.12 -34.34
N VAL D 28 -5.26 46.38 -33.04
CA VAL D 28 -4.13 46.66 -32.17
C VAL D 28 -3.48 45.35 -31.74
N ASP D 29 -2.17 45.24 -31.94
CA ASP D 29 -1.41 44.06 -31.56
C ASP D 29 -0.15 44.48 -30.82
N GLU D 30 0.63 43.48 -30.41
CA GLU D 30 1.84 43.74 -29.64
C GLU D 30 2.98 44.17 -30.54
N ALA D 31 3.96 44.86 -29.96
CA ALA D 31 5.14 45.26 -30.72
C ALA D 31 6.39 44.56 -30.19
N ILE D 32 7.37 44.40 -31.07
CA ILE D 32 8.70 43.95 -30.69
C ILE D 32 9.59 45.14 -30.30
N ASN D 33 9.47 46.25 -31.01
CA ASN D 33 10.23 47.44 -30.68
C ASN D 33 9.60 48.14 -29.48
N GLU D 34 10.35 48.20 -28.38
CA GLU D 34 9.78 48.74 -27.14
C GLU D 34 9.73 50.26 -27.14
N ASP D 35 10.31 50.90 -28.14
CA ASP D 35 10.37 52.36 -28.15
C ASP D 35 8.96 52.96 -28.13
N ASN D 36 8.84 54.07 -27.38
CA ASN D 36 7.57 54.76 -27.18
C ASN D 36 7.19 55.70 -28.31
N SER D 37 8.09 55.97 -29.27
CA SER D 37 7.75 56.85 -30.38
C SER D 37 7.63 56.08 -31.69
N VAL D 38 7.58 54.75 -31.60
CA VAL D 38 7.60 53.93 -32.81
C VAL D 38 6.35 53.07 -32.88
N VAL D 39 5.70 53.09 -34.04
CA VAL D 39 4.62 52.17 -34.36
C VAL D 39 4.99 51.44 -35.64
N SER D 40 4.73 50.14 -35.68
CA SER D 40 5.13 49.32 -36.81
C SER D 40 3.90 48.81 -37.56
N LEU D 41 3.96 48.95 -38.89
CA LEU D 41 2.91 48.46 -39.77
C LEU D 41 3.52 47.63 -40.89
N SER D 42 2.70 46.74 -41.44
CA SER D 42 3.15 45.91 -42.56
C SER D 42 3.19 46.75 -43.82
N GLN D 43 4.25 46.58 -44.62
CA GLN D 43 4.44 47.46 -45.77
C GLN D 43 3.27 47.48 -46.76
N PRO D 44 2.61 46.36 -47.11
CA PRO D 44 1.57 46.47 -48.14
C PRO D 44 0.53 47.51 -47.81
N LYS D 45 0.20 47.70 -46.52
CA LYS D 45 -0.78 48.71 -46.15
C LYS D 45 -0.15 50.09 -46.05
N MET D 46 1.12 50.15 -45.65
CA MET D 46 1.82 51.43 -45.68
C MET D 46 1.87 52.00 -47.10
N ASP D 47 2.07 51.15 -48.11
CA ASP D 47 2.04 51.67 -49.48
C ASP D 47 0.61 52.03 -49.91
N GLU D 48 -0.37 51.18 -49.62
CA GLU D 48 -1.72 51.55 -50.06
C GLU D 48 -2.23 52.81 -49.35
N LEU D 49 -1.87 53.02 -48.09
CA LEU D 49 -2.39 54.19 -47.38
C LEU D 49 -1.47 55.39 -47.47
N GLN D 50 -0.40 55.31 -48.26
CA GLN D 50 0.61 56.37 -48.38
C GLN D 50 1.16 56.77 -47.00
N LEU D 51 1.45 55.77 -46.18
CA LEU D 51 1.99 55.99 -44.85
C LEU D 51 3.35 55.33 -44.76
N PHE D 52 4.39 56.11 -45.04
CA PHE D 52 5.70 55.55 -45.35
C PHE D 52 6.62 55.69 -44.15
N ARG D 53 7.61 54.80 -44.09
CA ARG D 53 8.56 54.77 -42.99
C ARG D 53 9.16 56.15 -42.78
N GLY D 54 9.15 56.61 -41.54
CA GLY D 54 9.62 57.93 -41.19
C GLY D 54 8.57 59.00 -41.11
N ASP D 55 7.38 58.77 -41.66
CA ASP D 55 6.32 59.75 -41.56
C ASP D 55 5.80 59.83 -40.13
N THR D 56 5.35 61.01 -39.74
CA THR D 56 4.63 61.15 -38.47
C THR D 56 3.15 60.83 -38.67
N VAL D 57 2.63 59.98 -37.78
CA VAL D 57 1.30 59.41 -37.92
C VAL D 57 0.52 59.64 -36.64
N LEU D 58 -0.79 59.78 -36.78
CA LEU D 58 -1.70 59.93 -35.65
C LEU D 58 -2.52 58.64 -35.52
N LEU D 59 -2.69 58.18 -34.29
CA LEU D 59 -3.51 57.03 -33.96
C LEU D 59 -4.75 57.51 -33.21
N LYS D 60 -5.92 57.14 -33.73
CA LYS D 60 -7.18 57.57 -33.15
C LYS D 60 -7.72 56.50 -32.20
N GLY D 61 -7.81 56.84 -30.92
CA GLY D 61 -8.22 55.91 -29.90
C GLY D 61 -9.63 56.14 -29.43
N LYS D 62 -9.85 55.88 -28.14
CA LYS D 62 -11.18 55.98 -27.57
C LYS D 62 -11.34 57.30 -26.83
N LYS D 63 -12.60 57.70 -26.66
CA LYS D 63 -13.00 58.93 -25.95
C LYS D 63 -12.35 60.17 -26.57
N ARG D 64 -12.33 60.20 -27.90
CA ARG D 64 -11.78 61.33 -28.68
C ARG D 64 -10.34 61.64 -28.26
N ARG D 65 -9.55 60.58 -28.10
CA ARG D 65 -8.14 60.69 -27.76
C ARG D 65 -7.31 60.20 -28.93
N GLU D 66 -6.06 60.67 -28.99
CA GLU D 66 -5.16 60.29 -30.07
C GLU D 66 -3.74 60.32 -29.57
N ALA D 67 -2.87 59.63 -30.30
CA ALA D 67 -1.44 59.62 -30.01
C ALA D 67 -0.67 59.84 -31.30
N VAL D 68 0.50 60.46 -31.16
CA VAL D 68 1.35 60.82 -32.29
C VAL D 68 2.66 60.06 -32.17
N CYS D 69 3.14 59.51 -33.28
CA CYS D 69 4.35 58.72 -33.29
C CYS D 69 4.89 58.61 -34.71
N ILE D 70 6.06 58.00 -34.85
CA ILE D 70 6.70 57.78 -36.14
C ILE D 70 6.44 56.33 -36.55
N VAL D 71 6.08 56.14 -37.82
CA VAL D 71 5.76 54.82 -38.34
C VAL D 71 6.98 54.24 -39.03
N LEU D 72 7.24 52.96 -38.76
CA LEU D 72 8.28 52.20 -39.43
C LEU D 72 7.69 50.89 -39.95
N SER D 73 8.38 50.30 -40.93
CA SER D 73 7.97 49.02 -41.48
C SER D 73 8.76 47.90 -40.81
N ASP D 74 8.24 46.67 -40.96
CA ASP D 74 8.94 45.48 -40.52
C ASP D 74 8.45 44.31 -41.36
N ASP D 75 9.00 43.13 -41.08
CA ASP D 75 8.62 41.90 -41.76
C ASP D 75 7.86 40.93 -40.87
N THR D 76 7.30 41.41 -39.76
CA THR D 76 6.60 40.54 -38.82
C THR D 76 5.15 40.92 -38.57
N CYS D 77 4.74 42.14 -38.91
CA CYS D 77 3.38 42.58 -38.63
C CYS D 77 2.42 42.01 -39.68
N SER D 78 1.24 41.61 -39.21
CA SER D 78 0.17 41.24 -40.13
C SER D 78 -0.39 42.48 -40.83
N ASP D 79 -0.92 42.27 -42.03
CA ASP D 79 -1.38 43.38 -42.84
C ASP D 79 -2.50 44.16 -42.15
N GLU D 80 -3.38 43.46 -41.45
CA GLU D 80 -4.57 44.09 -40.87
C GLU D 80 -4.36 44.54 -39.42
N LYS D 81 -3.13 44.52 -38.92
CA LYS D 81 -2.85 44.85 -37.52
C LYS D 81 -1.83 45.96 -37.43
N ILE D 82 -1.81 46.66 -36.30
CA ILE D 82 -0.76 47.62 -35.99
C ILE D 82 -0.03 47.15 -34.73
N ARG D 83 1.29 47.14 -34.79
CA ARG D 83 2.11 46.74 -33.65
C ARG D 83 2.53 47.96 -32.86
N MET D 84 2.13 48.01 -31.59
CA MET D 84 2.46 49.11 -30.70
C MET D 84 2.71 48.55 -29.30
N ASN D 85 3.44 49.31 -28.49
CA ASN D 85 3.74 48.90 -27.13
C ASN D 85 2.63 49.33 -26.16
N ARG D 86 2.87 49.06 -24.88
CA ARG D 86 1.88 49.35 -23.85
C ARG D 86 1.66 50.85 -23.68
N VAL D 87 2.71 51.65 -23.84
CA VAL D 87 2.59 53.08 -23.61
C VAL D 87 1.59 53.69 -24.58
N VAL D 88 1.67 53.31 -25.87
CA VAL D 88 0.72 53.80 -26.86
C VAL D 88 -0.70 53.33 -26.58
N ARG D 89 -0.88 52.05 -26.23
CA ARG D 89 -2.23 51.55 -25.94
C ARG D 89 -2.84 52.24 -24.74
N ASN D 90 -2.05 52.50 -23.71
CA ASN D 90 -2.56 53.23 -22.54
C ASN D 90 -3.01 54.64 -22.91
N ASN D 91 -2.19 55.36 -23.68
CA ASN D 91 -2.56 56.72 -24.06
C ASN D 91 -3.83 56.75 -24.90
N LEU D 92 -4.03 55.74 -25.75
CA LEU D 92 -5.22 55.67 -26.59
C LEU D 92 -6.41 55.07 -25.88
N ARG D 93 -6.23 54.57 -24.65
CA ARG D 93 -7.29 53.86 -23.92
C ARG D 93 -7.83 52.70 -24.75
N VAL D 94 -6.91 51.93 -25.33
CA VAL D 94 -7.25 50.75 -26.12
C VAL D 94 -6.50 49.56 -25.54
N ARG D 95 -6.91 48.36 -25.97
CA ARG D 95 -6.30 47.12 -25.52
C ARG D 95 -6.07 46.22 -26.72
N LEU D 96 -5.20 45.23 -26.52
CA LEU D 96 -4.92 44.26 -27.58
C LEU D 96 -6.21 43.60 -28.06
N GLY D 97 -6.37 43.54 -29.38
CA GLY D 97 -7.59 43.06 -29.98
C GLY D 97 -8.58 44.13 -30.36
N ASP D 98 -8.36 45.37 -29.95
CA ASP D 98 -9.26 46.46 -30.32
C ASP D 98 -8.92 46.96 -31.73
N VAL D 99 -9.70 47.93 -32.20
CA VAL D 99 -9.54 48.48 -33.53
C VAL D 99 -9.45 50.00 -33.43
N ILE D 100 -8.46 50.58 -34.10
CA ILE D 100 -8.24 52.03 -34.12
C ILE D 100 -8.11 52.49 -35.56
N SER D 101 -8.23 53.80 -35.74
CA SER D 101 -7.97 54.41 -37.05
C SER D 101 -6.58 55.05 -37.07
N ILE D 102 -5.92 54.95 -38.22
CA ILE D 102 -4.56 55.45 -38.40
C ILE D 102 -4.53 56.37 -39.61
N GLN D 103 -3.88 57.54 -39.45
CA GLN D 103 -3.78 58.47 -40.57
C GLN D 103 -2.44 59.20 -40.49
N PRO D 104 -1.83 59.49 -41.63
CA PRO D 104 -0.62 60.33 -41.60
C PRO D 104 -0.95 61.78 -41.30
N CYS D 105 0.05 62.49 -40.78
CA CYS D 105 -0.06 63.92 -40.52
C CYS D 105 1.23 64.62 -40.93
N PRO D 106 1.49 64.74 -42.23
CA PRO D 106 2.79 65.28 -42.67
C PRO D 106 3.00 66.73 -42.29
N ASP D 107 1.96 67.44 -41.85
CA ASP D 107 2.08 68.84 -41.47
C ASP D 107 2.53 69.03 -40.03
N VAL D 108 2.95 67.97 -39.34
CA VAL D 108 3.45 68.11 -37.98
C VAL D 108 4.62 69.09 -37.98
N LYS D 109 4.62 69.99 -37.00
CA LYS D 109 5.67 70.99 -36.89
C LYS D 109 6.54 70.69 -35.67
N TYR D 110 7.69 71.36 -35.62
CA TYR D 110 8.57 71.22 -34.46
C TYR D 110 8.13 72.19 -33.36
N GLY D 111 8.32 71.77 -32.12
CA GLY D 111 7.95 72.61 -31.00
C GLY D 111 9.04 73.60 -30.61
N LYS D 112 8.77 74.40 -29.59
CA LYS D 112 9.75 75.38 -29.11
C LYS D 112 9.81 75.33 -27.59
N ARG D 113 8.67 75.33 -26.91
CA ARG D 113 8.59 75.27 -25.46
C ARG D 113 7.74 74.08 -25.06
N ILE D 114 8.34 73.18 -24.28
CA ILE D 114 7.64 71.97 -23.85
C ILE D 114 7.72 71.91 -22.34
N HIS D 115 6.57 71.74 -21.70
CA HIS D 115 6.47 71.68 -20.25
C HIS D 115 6.04 70.27 -19.87
N VAL D 116 6.90 69.59 -19.12
CA VAL D 116 6.67 68.21 -18.71
C VAL D 116 6.84 68.12 -17.20
N LEU D 117 5.94 67.37 -16.57
CA LEU D 117 6.01 67.11 -15.14
C LEU D 117 6.02 65.62 -14.87
N PRO D 118 6.65 65.19 -13.79
CA PRO D 118 6.64 63.77 -13.44
C PRO D 118 5.30 63.37 -12.83
N ILE D 119 5.07 62.07 -12.79
CA ILE D 119 3.89 61.54 -12.12
C ILE D 119 4.25 61.26 -10.66
N ASP D 120 3.36 61.68 -9.76
CA ASP D 120 3.61 61.58 -8.32
C ASP D 120 3.82 60.13 -7.88
N ASP D 121 3.15 59.19 -8.55
CA ASP D 121 3.20 57.80 -8.12
C ASP D 121 4.52 57.12 -8.46
N THR D 122 5.36 57.76 -9.28
CA THR D 122 6.60 57.14 -9.73
C THR D 122 7.86 57.83 -9.21
N VAL D 123 7.74 59.06 -8.73
CA VAL D 123 8.87 59.78 -8.15
C VAL D 123 8.65 59.80 -6.64
N GLU D 124 9.29 58.86 -5.96
CA GLU D 124 9.17 58.76 -4.51
C GLU D 124 10.47 58.16 -3.97
N GLY D 125 11.01 58.78 -2.93
CA GLY D 125 12.23 58.29 -2.31
C GLY D 125 13.46 58.78 -3.04
N ILE D 126 13.26 59.57 -4.11
CA ILE D 126 14.38 60.04 -4.89
C ILE D 126 14.29 61.56 -5.02
N THR D 127 15.44 62.22 -5.09
CA THR D 127 15.48 63.66 -5.25
C THR D 127 16.48 64.03 -6.33
N GLY D 128 16.58 65.31 -6.63
CA GLY D 128 17.53 65.82 -7.57
C GLY D 128 16.84 66.43 -8.77
N ASN D 129 17.60 66.61 -9.84
CA ASN D 129 17.09 67.28 -11.05
C ASN D 129 16.53 66.21 -11.98
N LEU D 130 15.21 66.10 -11.98
CA LEU D 130 14.54 65.04 -12.75
C LEU D 130 14.76 65.22 -14.25
N PHE D 131 14.84 66.47 -14.72
CA PHE D 131 15.08 66.70 -16.14
C PHE D 131 16.46 66.18 -16.57
N GLU D 132 17.51 66.56 -15.82
CA GLU D 132 18.85 66.22 -16.25
C GLU D 132 19.06 64.71 -16.27
N VAL D 133 18.42 63.98 -15.36
CA VAL D 133 18.62 62.54 -15.28
C VAL D 133 17.78 61.82 -16.32
N TYR D 134 16.49 62.19 -16.41
CA TYR D 134 15.53 61.44 -17.22
C TYR D 134 15.15 62.14 -18.51
N LEU D 135 14.51 63.31 -18.43
CA LEU D 135 13.91 63.92 -19.61
C LEU D 135 14.98 64.35 -20.63
N LYS D 136 16.12 64.84 -20.15
CA LYS D 136 17.14 65.35 -21.06
C LYS D 136 17.67 64.27 -21.99
N PRO D 137 18.17 63.13 -21.50
CA PRO D 137 18.61 62.08 -22.44
C PRO D 137 17.47 61.47 -23.22
N TYR D 138 16.26 61.50 -22.66
CA TYR D 138 15.09 61.00 -23.38
C TYR D 138 14.83 61.81 -24.65
N PHE D 139 14.91 63.13 -24.56
CA PHE D 139 14.67 64.00 -25.71
C PHE D 139 15.95 64.49 -26.39
N LEU D 140 17.11 63.93 -26.04
CA LEU D 140 18.38 64.41 -26.57
C LEU D 140 18.55 63.93 -28.01
N GLU D 141 18.34 64.84 -28.96
CA GLU D 141 18.40 64.58 -30.41
C GLU D 141 17.49 63.42 -30.85
N ALA D 142 16.37 63.23 -30.15
CA ALA D 142 15.50 62.09 -30.44
C ALA D 142 14.38 62.44 -31.39
N TYR D 143 13.99 63.72 -31.47
CA TYR D 143 12.91 64.17 -32.34
C TYR D 143 11.64 63.37 -32.11
N ARG D 144 11.30 63.17 -30.85
CA ARG D 144 10.13 62.39 -30.48
C ARG D 144 8.87 63.24 -30.65
N PRO D 145 7.87 62.77 -31.39
CA PRO D 145 6.57 63.43 -31.36
C PRO D 145 5.91 63.28 -29.99
N ILE D 146 5.31 64.36 -29.51
CA ILE D 146 4.60 64.36 -28.24
C ILE D 146 3.25 65.03 -28.44
N ARG D 147 2.31 64.76 -27.55
CA ARG D 147 1.02 65.43 -27.53
C ARG D 147 0.63 65.73 -26.09
N LYS D 148 -0.05 66.86 -25.89
CA LYS D 148 -0.57 67.21 -24.57
C LYS D 148 -1.46 66.10 -24.02
N GLY D 149 -1.19 65.69 -22.79
CA GLY D 149 -1.94 64.64 -22.15
C GLY D 149 -1.36 63.25 -22.25
N ASP D 150 -0.36 63.05 -23.10
CA ASP D 150 0.25 61.73 -23.24
C ASP D 150 1.14 61.42 -22.05
N ILE D 151 1.23 60.13 -21.73
CA ILE D 151 2.13 59.62 -20.70
C ILE D 151 3.25 58.86 -21.39
N PHE D 152 4.49 59.06 -20.95
CA PHE D 152 5.60 58.26 -21.45
C PHE D 152 6.53 57.91 -20.30
N LEU D 153 7.21 56.78 -20.44
CA LEU D 153 8.06 56.23 -19.40
C LEU D 153 9.51 56.41 -19.75
N VAL D 154 10.28 56.96 -18.81
CA VAL D 154 11.72 57.15 -18.94
C VAL D 154 12.40 56.37 -17.82
N ARG D 155 13.39 55.55 -18.18
CA ARG D 155 14.04 54.64 -17.26
C ARG D 155 15.45 55.13 -16.95
N GLY D 156 15.89 54.91 -15.73
CA GLY D 156 17.24 55.24 -15.34
C GLY D 156 17.38 55.32 -13.84
N GLY D 157 18.61 55.08 -13.39
CA GLY D 157 18.89 55.10 -11.96
C GLY D 157 18.21 53.99 -11.19
N MET D 158 17.94 52.86 -11.85
CA MET D 158 17.22 51.74 -11.27
C MET D 158 15.79 52.11 -10.88
N ARG D 159 15.24 53.14 -11.50
CA ARG D 159 13.83 53.47 -11.33
C ARG D 159 13.20 53.72 -12.68
N ALA D 160 11.88 53.52 -12.75
CA ALA D 160 11.11 53.78 -13.95
C ALA D 160 10.11 54.89 -13.65
N VAL D 161 10.36 56.07 -14.20
CA VAL D 161 9.64 57.28 -13.84
C VAL D 161 8.75 57.68 -15.00
N GLU D 162 7.48 57.96 -14.71
CA GLU D 162 6.55 58.39 -15.74
C GLU D 162 6.47 59.90 -15.76
N PHE D 163 6.32 60.45 -16.97
CA PHE D 163 6.18 61.88 -17.18
C PHE D 163 4.97 62.14 -18.06
N LYS D 164 4.36 63.30 -17.87
CA LYS D 164 3.20 63.71 -18.65
C LYS D 164 3.48 65.07 -19.28
N VAL D 165 3.01 65.25 -20.52
CA VAL D 165 3.13 66.55 -21.18
C VAL D 165 1.89 67.37 -20.81
N VAL D 166 2.12 68.56 -20.24
CA VAL D 166 1.02 69.39 -19.77
C VAL D 166 0.83 70.64 -20.61
N GLU D 167 1.89 71.21 -21.16
CA GLU D 167 1.72 72.45 -21.91
C GLU D 167 2.82 72.59 -22.95
N THR D 168 2.43 72.91 -24.17
CA THR D 168 3.35 73.18 -25.26
C THR D 168 2.85 74.42 -26.00
N ASP D 169 3.78 75.17 -26.60
CA ASP D 169 3.39 76.32 -27.41
C ASP D 169 2.56 75.86 -28.61
N PRO D 170 3.04 74.92 -29.43
CA PRO D 170 2.18 74.39 -30.50
C PRO D 170 1.11 73.49 -29.90
N SER D 171 0.10 73.19 -30.69
CA SER D 171 -0.98 72.31 -30.25
C SER D 171 -1.58 71.59 -31.44
N PRO D 172 -2.16 70.41 -31.20
CA PRO D 172 -2.08 69.71 -29.92
C PRO D 172 -0.86 68.80 -29.81
N TYR D 173 -0.03 68.78 -30.85
CA TYR D 173 1.16 67.93 -30.84
C TYR D 173 2.28 68.59 -31.64
N CYS D 174 3.51 68.12 -31.38
CA CYS D 174 4.69 68.64 -32.04
C CYS D 174 5.84 67.66 -31.88
N ILE D 175 6.91 67.93 -32.60
CA ILE D 175 8.14 67.15 -32.51
C ILE D 175 9.08 67.86 -31.56
N VAL D 176 9.66 67.13 -30.61
CA VAL D 176 10.59 67.75 -29.67
C VAL D 176 11.99 67.67 -30.26
N ALA D 177 12.45 68.80 -30.81
CA ALA D 177 13.76 68.88 -31.42
C ALA D 177 14.81 69.18 -30.37
N PRO D 178 16.07 68.80 -30.60
CA PRO D 178 17.12 69.07 -29.61
C PRO D 178 17.34 70.54 -29.32
N ASP D 179 16.85 71.44 -30.16
CA ASP D 179 17.03 72.87 -29.93
C ASP D 179 15.87 73.51 -29.18
N THR D 180 14.92 72.71 -28.69
CA THR D 180 13.78 73.24 -27.96
C THR D 180 14.11 73.39 -26.48
N VAL D 181 13.27 74.13 -25.78
CA VAL D 181 13.43 74.34 -24.35
C VAL D 181 12.39 73.48 -23.61
N ILE D 182 12.90 72.63 -22.73
CA ILE D 182 12.07 71.68 -21.99
C ILE D 182 12.06 72.13 -20.53
N HIS D 183 10.87 72.31 -19.97
CA HIS D 183 10.74 72.73 -18.59
C HIS D 183 10.37 71.53 -17.73
N CYS D 184 10.81 71.54 -16.47
CA CYS D 184 10.47 70.50 -15.52
C CYS D 184 10.33 71.10 -14.13
N GLU D 185 9.48 72.12 -14.02
CA GLU D 185 9.28 72.81 -12.76
C GLU D 185 7.81 72.71 -12.37
N GLY D 186 7.57 72.39 -11.11
CA GLY D 186 6.22 72.23 -10.62
C GLY D 186 6.03 70.93 -9.86
N GLU D 187 4.89 70.84 -9.18
CA GLU D 187 4.59 69.66 -8.39
C GLU D 187 4.39 68.45 -9.29
N PRO D 188 4.66 67.24 -8.80
CA PRO D 188 4.27 66.04 -9.55
C PRO D 188 2.77 65.95 -9.74
N ILE D 189 2.37 65.27 -10.80
CA ILE D 189 0.96 65.14 -11.17
C ILE D 189 0.37 63.89 -10.53
N LYS D 190 -0.81 64.04 -9.95
CA LYS D 190 -1.52 62.89 -9.40
C LYS D 190 -2.11 62.06 -10.52
N ARG D 191 -2.03 60.73 -10.36
CA ARG D 191 -2.49 59.83 -11.42
C ARG D 191 -4.00 59.92 -11.57
N GLU D 192 -4.46 59.86 -12.82
CA GLU D 192 -5.89 59.90 -13.09
C GLU D 192 -6.47 58.49 -13.01
N ASP D 193 -7.76 58.39 -12.69
CA ASP D 193 -8.39 57.09 -12.52
C ASP D 193 -8.63 56.38 -13.84
N GLU D 194 -8.53 57.09 -14.96
CA GLU D 194 -8.81 56.49 -16.25
C GLU D 194 -7.57 55.94 -16.94
N GLU D 195 -6.41 56.03 -16.29
CA GLU D 195 -5.15 55.57 -16.86
C GLU D 195 -4.53 54.54 -15.94
N GLU D 196 -3.76 53.61 -16.53
CA GLU D 196 -3.12 52.56 -15.73
C GLU D 196 -1.64 52.84 -15.60
N SER D 197 -1.03 52.27 -14.55
CA SER D 197 0.40 52.42 -14.35
C SER D 197 1.17 51.56 -15.36
N LEU D 198 2.18 52.18 -15.97
CA LEU D 198 3.02 51.48 -16.93
C LEU D 198 4.01 50.54 -16.28
N ASN D 199 4.12 50.56 -14.94
CA ASN D 199 4.99 49.62 -14.25
C ASN D 199 4.22 48.39 -13.79
N GLU D 200 2.94 48.28 -14.15
CA GLU D 200 2.16 47.10 -13.83
C GLU D 200 2.54 45.95 -14.77
N VAL D 201 2.33 44.73 -14.28
CA VAL D 201 2.74 43.55 -15.04
C VAL D 201 1.93 43.45 -16.33
N GLY D 202 2.66 43.32 -17.45
CA GLY D 202 2.06 43.15 -18.75
C GLY D 202 2.80 42.06 -19.50
N TYR D 203 2.51 41.92 -20.79
CA TYR D 203 3.16 40.89 -21.60
C TYR D 203 4.63 41.16 -21.83
N ASP D 204 5.04 42.43 -21.83
CA ASP D 204 6.45 42.77 -22.04
C ASP D 204 7.32 42.43 -20.85
N ASP D 205 6.74 41.97 -19.75
CA ASP D 205 7.50 41.54 -18.58
C ASP D 205 7.73 40.03 -18.55
N ILE D 206 7.24 39.30 -19.55
CA ILE D 206 7.38 37.85 -19.62
C ILE D 206 8.45 37.54 -20.66
N GLY D 207 9.48 36.80 -20.25
CA GLY D 207 10.58 36.51 -21.16
C GLY D 207 10.44 35.24 -21.96
N GLY D 208 10.88 34.13 -21.38
CA GLY D 208 10.78 32.86 -22.09
C GLY D 208 9.38 32.32 -22.09
N CYS D 209 9.17 31.19 -22.75
CA CYS D 209 7.85 30.55 -22.89
C CYS D 209 6.86 31.44 -23.64
N ARG D 210 7.35 32.15 -24.66
CA ARG D 210 6.46 32.97 -25.47
C ARG D 210 5.48 32.12 -26.25
N LYS D 211 5.89 30.91 -26.64
CA LYS D 211 4.97 29.99 -27.33
C LYS D 211 3.76 29.67 -26.45
N GLN D 212 4.01 29.39 -25.16
CA GLN D 212 2.90 29.09 -24.26
C GLN D 212 2.01 30.31 -24.06
N LEU D 213 2.61 31.49 -23.97
CA LEU D 213 1.81 32.71 -23.82
C LEU D 213 0.91 32.93 -25.02
N ALA D 214 1.42 32.68 -26.23
CA ALA D 214 0.60 32.82 -27.43
C ALA D 214 -0.61 31.88 -27.38
N GLN D 215 -0.40 30.64 -26.97
CA GLN D 215 -1.50 29.68 -26.88
C GLN D 215 -2.56 30.15 -25.89
N ILE D 216 -2.13 30.68 -24.75
CA ILE D 216 -3.08 31.16 -23.74
C ILE D 216 -3.83 32.37 -24.24
N LYS D 217 -3.12 33.31 -24.87
CA LYS D 217 -3.76 34.51 -25.39
C LYS D 217 -4.89 34.15 -26.34
N GLU D 218 -4.64 33.21 -27.26
CA GLU D 218 -5.68 32.81 -28.20
C GLU D 218 -6.89 32.25 -27.46
N MET D 219 -6.65 31.51 -26.39
CA MET D 219 -7.76 30.88 -25.66
C MET D 219 -8.50 31.87 -24.76
N VAL D 220 -7.81 32.86 -24.22
CA VAL D 220 -8.40 33.71 -23.18
C VAL D 220 -8.79 35.10 -23.66
N GLU D 221 -7.98 35.76 -24.49
CA GLU D 221 -8.21 37.19 -24.75
C GLU D 221 -9.54 37.41 -25.45
N LEU D 222 -9.89 36.56 -26.42
CA LEU D 222 -11.07 36.82 -27.22
C LEU D 222 -12.37 36.62 -26.43
N PRO D 223 -12.56 35.53 -25.67
CA PRO D 223 -13.77 35.44 -24.83
C PRO D 223 -13.99 36.64 -23.94
N LEU D 224 -12.93 37.23 -23.40
CA LEU D 224 -13.08 38.34 -22.46
C LEU D 224 -13.18 39.70 -23.14
N ARG D 225 -12.41 39.93 -24.20
CA ARG D 225 -12.40 41.24 -24.81
C ARG D 225 -13.63 41.47 -25.69
N HIS D 226 -14.14 40.42 -26.32
CA HIS D 226 -15.30 40.51 -27.22
C HIS D 226 -16.35 39.48 -26.83
N PRO D 227 -16.94 39.61 -25.63
CA PRO D 227 -17.90 38.59 -25.19
C PRO D 227 -19.13 38.48 -26.08
N ALA D 228 -19.44 39.55 -26.81
CA ALA D 228 -20.58 39.51 -27.73
C ALA D 228 -20.37 38.46 -28.82
N LEU D 229 -19.12 38.20 -29.19
CA LEU D 229 -18.85 37.25 -30.26
C LEU D 229 -19.21 35.83 -29.83
N PHE D 230 -18.88 35.45 -28.60
CA PHE D 230 -19.23 34.13 -28.10
C PHE D 230 -20.70 34.01 -27.75
N LYS D 231 -21.34 35.11 -27.31
CA LYS D 231 -22.78 35.06 -27.15
C LYS D 231 -23.49 34.94 -28.50
N ALA D 232 -22.93 35.58 -29.53
CA ALA D 232 -23.57 35.59 -30.84
C ALA D 232 -23.32 34.29 -31.60
N ILE D 233 -22.16 33.66 -31.37
CA ILE D 233 -21.83 32.44 -32.09
C ILE D 233 -21.91 31.23 -31.15
N GLY D 234 -22.62 30.20 -31.60
CA GLY D 234 -22.84 29.01 -30.80
C GLY D 234 -21.64 28.14 -30.58
N VAL D 235 -20.58 28.65 -29.93
CA VAL D 235 -19.40 27.86 -29.61
C VAL D 235 -19.07 28.06 -28.14
N LYS D 236 -18.56 27.01 -27.50
CA LYS D 236 -18.24 27.06 -26.08
C LYS D 236 -16.80 27.53 -25.87
N PRO D 237 -16.60 28.56 -25.04
CA PRO D 237 -15.24 29.02 -24.76
C PRO D 237 -14.53 28.07 -23.83
N PRO D 238 -13.19 28.13 -23.75
CA PRO D 238 -12.50 27.52 -22.62
C PRO D 238 -12.93 28.14 -21.30
N ARG D 239 -13.07 27.29 -20.28
CA ARG D 239 -13.49 27.73 -18.96
C ARG D 239 -12.38 27.66 -17.93
N GLY D 240 -11.38 26.82 -18.15
CA GLY D 240 -10.30 26.67 -17.19
C GLY D 240 -9.04 26.10 -17.79
N ILE D 241 -7.91 26.72 -17.47
CA ILE D 241 -6.60 26.35 -18.00
C ILE D 241 -5.68 26.05 -16.83
N LEU D 242 -5.06 24.88 -16.85
CA LEU D 242 -4.11 24.49 -15.82
C LEU D 242 -2.71 24.74 -16.34
N LEU D 243 -1.95 25.55 -15.62
CA LEU D 243 -0.55 25.80 -15.93
C LEU D 243 0.31 24.98 -14.99
N TYR D 244 1.27 24.23 -15.53
CA TYR D 244 2.11 23.45 -14.64
C TYR D 244 3.57 23.56 -15.03
N GLY D 245 4.42 23.38 -14.03
CA GLY D 245 5.86 23.44 -14.18
C GLY D 245 6.49 23.75 -12.83
N PRO D 246 7.81 23.77 -12.77
CA PRO D 246 8.50 24.02 -11.49
C PRO D 246 8.25 25.44 -11.00
N PRO D 247 8.48 25.70 -9.72
CA PRO D 247 8.33 27.07 -9.22
C PRO D 247 9.29 28.03 -9.91
N GLY D 248 8.85 29.27 -10.07
CA GLY D 248 9.69 30.32 -10.59
C GLY D 248 9.72 30.44 -12.10
N THR D 249 8.83 29.75 -12.81
CA THR D 249 8.78 29.81 -14.26
C THR D 249 7.87 30.91 -14.80
N GLY D 250 7.03 31.50 -13.96
CA GLY D 250 6.11 32.51 -14.39
C GLY D 250 4.64 32.13 -14.44
N LYS D 251 4.26 31.00 -13.86
CA LYS D 251 2.85 30.61 -13.87
C LYS D 251 1.96 31.72 -13.34
N THR D 252 2.36 32.37 -12.24
CA THR D 252 1.56 33.42 -11.66
C THR D 252 1.75 34.74 -12.42
N LEU D 253 2.90 34.85 -13.09
CA LEU D 253 3.19 36.05 -13.86
C LEU D 253 2.29 36.14 -15.09
N ILE D 254 2.08 35.02 -15.78
CA ILE D 254 1.20 35.01 -16.95
C ILE D 254 -0.22 35.36 -16.57
N ALA D 255 -0.74 34.72 -15.52
CA ALA D 255 -2.11 34.99 -15.10
C ALA D 255 -2.33 36.46 -14.79
N ARG D 256 -1.35 37.10 -14.16
CA ARG D 256 -1.47 38.53 -13.86
C ARG D 256 -1.36 39.36 -15.13
N ALA D 257 -0.40 39.03 -16.00
CA ALA D 257 -0.22 39.81 -17.22
C ALA D 257 -1.46 39.74 -18.10
N VAL D 258 -2.08 38.57 -18.21
CA VAL D 258 -3.23 38.41 -19.08
C VAL D 258 -4.39 39.26 -18.59
N ALA D 259 -4.68 39.20 -17.29
CA ALA D 259 -5.78 39.99 -16.74
C ALA D 259 -5.54 41.48 -16.91
N ASN D 260 -4.29 41.94 -16.74
CA ASN D 260 -4.00 43.36 -16.85
C ASN D 260 -4.10 43.83 -18.30
N GLU D 261 -3.75 42.97 -19.25
CA GLU D 261 -3.80 43.37 -20.66
C GLU D 261 -5.21 43.32 -21.22
N THR D 262 -6.03 42.38 -20.76
CA THR D 262 -7.40 42.29 -21.27
C THR D 262 -8.34 43.22 -20.52
N GLY D 263 -8.05 43.55 -19.27
CA GLY D 263 -8.90 44.41 -18.48
C GLY D 263 -9.92 43.69 -17.63
N ALA D 264 -9.92 42.36 -17.66
CA ALA D 264 -10.86 41.59 -16.85
C ALA D 264 -10.54 41.72 -15.38
N PHE D 265 -11.59 41.68 -14.56
CA PHE D 265 -11.42 41.71 -13.11
C PHE D 265 -10.63 40.49 -12.65
N PHE D 266 -9.59 40.70 -11.87
CA PHE D 266 -8.69 39.64 -11.43
C PHE D 266 -8.95 39.34 -9.96
N PHE D 267 -9.15 38.06 -9.65
CA PHE D 267 -9.30 37.61 -8.27
C PHE D 267 -8.27 36.53 -8.01
N LEU D 268 -7.51 36.68 -6.93
CA LEU D 268 -6.44 35.75 -6.60
C LEU D 268 -6.88 34.84 -5.47
N ILE D 269 -6.72 33.53 -5.67
CA ILE D 269 -6.96 32.53 -4.65
C ILE D 269 -5.61 31.86 -4.35
N ASN D 270 -5.29 31.74 -3.08
CA ASN D 270 -4.07 31.05 -2.67
C ASN D 270 -4.42 29.87 -1.79
N GLY D 271 -4.03 28.69 -2.25
CA GLY D 271 -4.21 27.46 -1.53
C GLY D 271 -4.08 27.58 -0.02
N PRO D 272 -2.91 28.02 0.46
CA PRO D 272 -2.76 28.22 1.92
C PRO D 272 -3.83 29.12 2.52
N GLU D 273 -4.27 30.16 1.82
CA GLU D 273 -5.25 31.08 2.40
C GLU D 273 -6.61 30.41 2.55
N ILE D 274 -6.91 29.45 1.67
CA ILE D 274 -8.14 28.68 1.81
C ILE D 274 -8.01 27.64 2.91
N MET D 275 -6.87 26.94 2.93
CA MET D 275 -6.68 25.88 3.92
C MET D 275 -6.45 26.42 5.33
N SER D 276 -6.02 27.68 5.47
CA SER D 276 -5.80 28.25 6.80
C SER D 276 -7.12 28.54 7.51
N LYS D 277 -8.24 28.44 6.81
CA LYS D 277 -9.53 28.76 7.40
C LYS D 277 -10.15 27.54 8.03
N LEU D 278 -11.09 27.77 8.96
CA LEU D 278 -11.74 26.68 9.66
C LEU D 278 -12.84 26.07 8.80
N ALA D 279 -13.31 24.90 9.22
CA ALA D 279 -14.38 24.23 8.50
C ALA D 279 -15.56 25.17 8.29
N GLY D 280 -16.02 25.24 7.05
CA GLY D 280 -17.11 26.16 6.71
C GLY D 280 -16.63 27.51 6.23
N GLU D 281 -15.52 28.00 6.80
CA GLU D 281 -14.96 29.26 6.35
C GLU D 281 -14.22 29.10 5.02
N SER D 282 -13.50 27.98 4.86
CA SER D 282 -12.76 27.74 3.63
C SER D 282 -13.70 27.54 2.45
N GLU D 283 -14.79 26.79 2.66
CA GLU D 283 -15.77 26.62 1.60
C GLU D 283 -16.50 27.91 1.27
N SER D 284 -16.90 28.67 2.29
CA SER D 284 -17.60 29.92 2.02
C SER D 284 -16.71 30.90 1.26
N ASN D 285 -15.44 31.03 1.69
CA ASN D 285 -14.55 31.97 1.04
C ASN D 285 -14.27 31.56 -0.40
N LEU D 286 -14.15 30.26 -0.65
CA LEU D 286 -13.94 29.78 -2.02
C LEU D 286 -15.16 30.09 -2.90
N ARG D 287 -16.36 29.89 -2.35
CA ARG D 287 -17.56 30.28 -3.09
C ARG D 287 -17.61 31.79 -3.34
N LYS D 288 -17.24 32.60 -2.34
CA LYS D 288 -17.27 34.05 -2.56
C LYS D 288 -16.37 34.45 -3.72
N ALA D 289 -15.20 33.81 -3.85
CA ALA D 289 -14.29 34.16 -4.92
C ALA D 289 -14.97 34.04 -6.27
N PHE D 290 -15.78 32.99 -6.46
CA PHE D 290 -16.51 32.84 -7.71
C PHE D 290 -17.64 33.85 -7.84
N GLU D 291 -18.32 34.15 -6.72
CA GLU D 291 -19.39 35.15 -6.76
C GLU D 291 -18.86 36.53 -7.12
N GLU D 292 -17.69 36.89 -6.61
CA GLU D 292 -17.10 38.19 -6.93
C GLU D 292 -16.70 38.26 -8.39
N ALA D 293 -16.17 37.17 -8.93
CA ALA D 293 -15.81 37.15 -10.35
C ALA D 293 -17.03 37.36 -11.24
N GLU D 294 -18.17 36.78 -10.86
CA GLU D 294 -19.38 36.96 -11.64
C GLU D 294 -19.89 38.39 -11.56
N LYS D 295 -19.94 38.94 -10.35
CA LYS D 295 -20.43 40.31 -10.17
C LYS D 295 -19.60 41.30 -10.97
N ASN D 296 -18.30 41.07 -11.05
CA ASN D 296 -17.38 41.93 -11.79
C ASN D 296 -17.02 41.39 -13.17
N ALA D 297 -17.81 40.46 -13.70
CA ALA D 297 -17.49 39.86 -14.98
C ALA D 297 -17.45 40.94 -16.07
N PRO D 298 -16.63 40.74 -17.12
CA PRO D 298 -15.70 39.62 -17.31
C PRO D 298 -14.59 39.60 -16.26
N ALA D 299 -14.19 38.40 -15.84
CA ALA D 299 -13.25 38.25 -14.75
C ALA D 299 -12.41 37.00 -14.95
N ILE D 300 -11.23 36.99 -14.33
CA ILE D 300 -10.35 35.84 -14.32
C ILE D 300 -10.09 35.45 -12.87
N ILE D 301 -10.26 34.18 -12.55
CA ILE D 301 -9.91 33.64 -11.24
C ILE D 301 -8.63 32.84 -11.39
N PHE D 302 -7.66 33.10 -10.53
CA PHE D 302 -6.41 32.37 -10.54
C PHE D 302 -6.25 31.66 -9.20
N ILE D 303 -6.01 30.36 -9.25
CA ILE D 303 -5.83 29.54 -8.06
C ILE D 303 -4.37 29.12 -8.03
N ASP D 304 -3.61 29.66 -7.10
CA ASP D 304 -2.22 29.27 -6.93
C ASP D 304 -2.11 28.11 -5.95
N GLU D 305 -1.03 27.35 -6.08
CA GLU D 305 -0.82 26.15 -5.26
C GLU D 305 -2.05 25.25 -5.28
N LEU D 306 -2.50 24.92 -6.49
CA LEU D 306 -3.73 24.16 -6.64
C LEU D 306 -3.70 22.88 -5.84
N ASP D 307 -2.53 22.23 -5.77
CA ASP D 307 -2.41 20.94 -5.10
C ASP D 307 -2.67 21.07 -3.60
N ALA D 308 -2.62 22.29 -3.07
CA ALA D 308 -2.94 22.53 -1.68
C ALA D 308 -4.44 22.53 -1.40
N ILE D 309 -5.26 22.82 -2.41
CA ILE D 309 -6.71 22.85 -2.20
C ILE D 309 -7.35 21.57 -2.74
N ALA D 310 -6.92 21.13 -3.91
CA ALA D 310 -7.53 19.99 -4.60
C ALA D 310 -6.48 18.92 -4.88
N PRO D 311 -5.90 18.32 -3.84
CA PRO D 311 -4.90 17.29 -4.05
C PRO D 311 -5.55 16.01 -4.56
N LYS D 312 -4.76 15.10 -5.12
CA LYS D 312 -5.29 13.81 -5.54
C LYS D 312 -6.13 13.20 -4.41
N ARG D 313 -7.28 12.65 -4.78
CA ARG D 313 -8.24 12.18 -3.79
C ARG D 313 -7.63 11.14 -2.86
N GLU D 314 -6.66 10.38 -3.35
CA GLU D 314 -6.08 9.30 -2.54
C GLU D 314 -5.32 9.86 -1.35
N LYS D 315 -5.06 11.17 -1.34
CA LYS D 315 -4.33 11.82 -0.27
C LYS D 315 -5.21 12.57 0.73
N THR D 316 -6.54 12.49 0.59
CA THR D 316 -7.42 13.18 1.52
C THR D 316 -7.98 12.19 2.52
N HIS D 317 -8.12 12.65 3.77
CA HIS D 317 -8.64 11.83 4.85
C HIS D 317 -9.78 12.49 5.62
N GLY D 318 -9.61 13.73 6.05
CA GLY D 318 -10.62 14.36 6.90
C GLY D 318 -11.77 14.91 6.10
N GLU D 319 -12.88 15.19 6.79
CA GLU D 319 -14.06 15.69 6.10
C GLU D 319 -13.81 17.07 5.50
N VAL D 320 -13.02 17.91 6.18
CA VAL D 320 -12.85 19.28 5.74
C VAL D 320 -12.06 19.33 4.43
N GLU D 321 -10.94 18.60 4.35
CA GLU D 321 -10.15 18.59 3.14
C GLU D 321 -10.82 17.80 2.01
N ARG D 322 -11.73 16.89 2.34
CA ARG D 322 -12.50 16.20 1.31
C ARG D 322 -13.58 17.12 0.75
N ARG D 323 -14.24 17.89 1.61
CA ARG D 323 -15.33 18.72 1.13
C ARG D 323 -14.83 19.87 0.27
N ILE D 324 -13.68 20.45 0.62
CA ILE D 324 -13.18 21.57 -0.17
C ILE D 324 -12.84 21.12 -1.59
N VAL D 325 -12.50 19.85 -1.76
CA VAL D 325 -12.29 19.34 -3.12
C VAL D 325 -13.62 19.32 -3.89
N SER D 326 -14.68 18.78 -3.27
CA SER D 326 -15.97 18.76 -3.93
C SER D 326 -16.50 20.17 -4.16
N GLN D 327 -16.23 21.09 -3.23
CA GLN D 327 -16.69 22.46 -3.42
C GLN D 327 -16.06 23.11 -4.63
N LEU D 328 -14.76 22.88 -4.86
CA LEU D 328 -14.14 23.47 -6.04
C LEU D 328 -14.72 22.88 -7.32
N LEU D 329 -14.97 21.57 -7.33
CA LEU D 329 -15.51 20.91 -8.51
C LEU D 329 -16.90 21.45 -8.86
N THR D 330 -17.75 21.66 -7.85
CA THR D 330 -19.07 22.22 -8.14
C THR D 330 -18.99 23.67 -8.58
N LEU D 331 -18.06 24.46 -8.03
CA LEU D 331 -17.91 25.85 -8.46
C LEU D 331 -17.43 25.93 -9.90
N MET D 332 -16.52 25.02 -10.28
CA MET D 332 -16.08 24.97 -11.67
C MET D 332 -17.23 24.63 -12.60
N ASP D 333 -18.04 23.64 -12.23
CA ASP D 333 -19.22 23.29 -13.02
C ASP D 333 -20.23 24.43 -13.07
N GLY D 334 -20.35 25.23 -12.01
CA GLY D 334 -21.26 26.36 -12.00
C GLY D 334 -20.88 27.47 -12.96
N LEU D 335 -19.72 27.38 -13.59
CA LEU D 335 -19.30 28.39 -14.57
C LEU D 335 -20.22 28.47 -15.78
N LYS D 336 -21.07 27.47 -16.01
CA LYS D 336 -22.03 27.55 -17.10
C LYS D 336 -22.94 28.77 -16.94
N GLN D 337 -23.30 29.09 -15.69
CA GLN D 337 -24.16 30.23 -15.44
C GLN D 337 -23.36 31.51 -15.23
N ARG D 338 -22.17 31.40 -14.65
CA ARG D 338 -21.31 32.56 -14.39
C ARG D 338 -20.62 32.94 -15.70
N ALA D 339 -21.37 33.61 -16.57
CA ALA D 339 -20.86 33.92 -17.90
C ALA D 339 -19.66 34.85 -17.84
N HIS D 340 -18.74 34.67 -18.79
CA HIS D 340 -17.56 35.51 -18.96
C HIS D 340 -16.56 35.40 -17.82
N VAL D 341 -16.46 34.24 -17.17
CA VAL D 341 -15.48 34.02 -16.12
C VAL D 341 -14.61 32.83 -16.50
N ILE D 342 -13.30 33.05 -16.51
CA ILE D 342 -12.33 32.01 -16.82
C ILE D 342 -11.49 31.75 -15.59
N VAL D 343 -11.27 30.49 -15.26
CA VAL D 343 -10.53 30.10 -14.08
C VAL D 343 -9.23 29.45 -14.54
N MET D 344 -8.12 29.96 -14.04
CA MET D 344 -6.80 29.38 -14.28
C MET D 344 -6.22 28.91 -12.95
N ALA D 345 -5.39 27.87 -13.01
CA ALA D 345 -4.77 27.32 -11.82
C ALA D 345 -3.33 26.95 -12.12
N ALA D 346 -2.49 27.00 -11.09
CA ALA D 346 -1.09 26.67 -11.19
C ALA D 346 -0.76 25.51 -10.26
N THR D 347 -0.05 24.52 -10.78
CA THR D 347 0.39 23.38 -9.99
C THR D 347 1.81 23.04 -10.41
N ASN D 348 2.48 22.25 -9.59
CA ASN D 348 3.82 21.78 -9.95
C ASN D 348 3.74 20.49 -10.76
N ARG D 349 2.75 19.65 -10.49
CA ARG D 349 2.62 18.37 -11.17
C ARG D 349 1.14 18.10 -11.44
N PRO D 350 0.78 17.81 -12.70
CA PRO D 350 -0.60 17.39 -12.98
C PRO D 350 -1.00 16.10 -12.26
N ASN D 351 -0.03 15.33 -11.78
CA ASN D 351 -0.32 14.08 -11.08
C ASN D 351 -0.48 14.27 -9.57
N SER D 352 -0.44 15.50 -9.07
CA SER D 352 -0.63 15.74 -7.64
C SER D 352 -2.03 16.25 -7.32
N ILE D 353 -2.89 16.39 -8.31
CA ILE D 353 -4.20 16.99 -8.13
C ILE D 353 -5.28 16.00 -8.51
N ASP D 354 -6.50 16.29 -8.06
CA ASP D 354 -7.65 15.44 -8.31
C ASP D 354 -7.85 15.30 -9.82
N PRO D 355 -7.73 14.10 -10.38
CA PRO D 355 -7.95 13.94 -11.83
C PRO D 355 -9.30 14.42 -12.32
N ALA D 356 -10.31 14.49 -11.45
CA ALA D 356 -11.62 14.97 -11.88
C ALA D 356 -11.57 16.39 -12.42
N LEU D 357 -10.57 17.18 -12.00
CA LEU D 357 -10.52 18.57 -12.40
C LEU D 357 -10.38 18.73 -13.91
N ARG D 358 -9.73 17.76 -14.56
CA ARG D 358 -9.43 17.85 -15.98
C ARG D 358 -10.53 17.27 -16.86
N ARG D 359 -11.65 16.88 -16.28
CA ARG D 359 -12.78 16.37 -17.04
C ARG D 359 -13.34 17.47 -17.94
N PHE D 360 -13.84 17.03 -19.13
CA PHE D 360 -14.45 17.96 -20.12
C PHE D 360 -15.08 19.12 -19.38
N GLY D 361 -14.77 20.35 -19.79
CA GLY D 361 -15.20 21.45 -18.97
C GLY D 361 -14.13 21.71 -17.93
N ARG D 362 -14.56 22.28 -16.80
CA ARG D 362 -13.64 22.53 -15.65
C ARG D 362 -12.26 22.97 -16.12
N PHE D 363 -11.25 22.14 -15.89
CA PHE D 363 -9.87 22.43 -16.31
C PHE D 363 -9.43 21.48 -17.42
N ASP D 364 -10.23 21.44 -18.48
CA ASP D 364 -9.94 20.58 -19.62
C ASP D 364 -8.87 21.13 -20.55
N ARG D 365 -8.32 22.31 -20.27
CA ARG D 365 -7.14 22.79 -20.98
C ARG D 365 -5.96 22.89 -20.04
N GLU D 366 -4.77 22.67 -20.58
CA GLU D 366 -3.55 22.73 -19.78
C GLU D 366 -2.40 23.19 -20.65
N VAL D 367 -1.43 23.86 -20.04
CA VAL D 367 -0.25 24.32 -20.78
C VAL D 367 1.00 24.01 -19.95
N ASP D 368 1.99 23.41 -20.60
CA ASP D 368 3.28 23.07 -20.00
C ASP D 368 4.21 24.26 -20.15
N ILE D 369 4.53 24.92 -19.02
CA ILE D 369 5.40 26.09 -19.08
C ILE D 369 6.85 25.68 -19.21
N GLY D 370 7.28 24.68 -18.42
CA GLY D 370 8.63 24.19 -18.57
C GLY D 370 9.68 25.15 -18.04
N ILE D 371 10.90 24.95 -18.52
CA ILE D 371 12.06 25.74 -18.10
C ILE D 371 12.63 26.47 -19.31
N PRO D 372 12.79 27.79 -19.26
CA PRO D 372 13.31 28.51 -20.43
C PRO D 372 14.68 28.00 -20.83
N ASP D 373 14.93 28.02 -22.14
CA ASP D 373 16.24 27.70 -22.66
C ASP D 373 17.13 28.94 -22.67
N ALA D 374 18.34 28.79 -23.23
CA ALA D 374 19.30 29.88 -23.22
C ALA D 374 18.74 31.15 -23.84
N THR D 375 17.95 31.02 -24.90
CA THR D 375 17.35 32.20 -25.53
C THR D 375 16.33 32.83 -24.60
N GLY D 376 15.46 32.02 -24.01
CA GLY D 376 14.47 32.55 -23.08
C GLY D 376 15.11 33.18 -21.86
N ARG D 377 16.19 32.57 -21.35
CA ARG D 377 16.86 33.12 -20.18
C ARG D 377 17.48 34.48 -20.48
N LEU D 378 18.05 34.64 -21.68
CA LEU D 378 18.57 35.95 -22.08
C LEU D 378 17.46 36.98 -22.14
N GLU D 379 16.31 36.62 -22.71
CA GLU D 379 15.19 37.55 -22.75
C GLU D 379 14.77 37.99 -21.35
N ILE D 380 14.72 37.06 -20.40
CA ILE D 380 14.33 37.39 -19.03
C ILE D 380 15.34 38.36 -18.42
N LEU D 381 16.63 38.10 -18.59
CA LEU D 381 17.65 38.99 -18.06
C LEU D 381 17.52 40.39 -18.64
N GLN D 382 17.22 40.49 -19.94
CA GLN D 382 17.03 41.79 -20.55
C GLN D 382 15.79 42.49 -20.01
N ILE D 383 14.75 41.72 -19.69
CA ILE D 383 13.53 42.32 -19.13
C ILE D 383 13.79 42.89 -17.74
N HIS D 384 14.48 42.11 -16.89
CA HIS D 384 14.70 42.58 -15.53
C HIS D 384 15.85 43.57 -15.42
N THR D 385 16.40 44.02 -16.55
CA THR D 385 17.38 45.09 -16.57
C THR D 385 16.93 46.29 -17.38
N LYS D 386 15.64 46.35 -17.74
CA LYS D 386 15.14 47.44 -18.57
C LYS D 386 15.48 48.80 -17.97
N ASN D 387 15.40 48.92 -16.65
CA ASN D 387 15.69 50.17 -15.96
C ASN D 387 16.98 50.12 -15.16
N MET D 388 17.87 49.18 -15.46
CA MET D 388 19.13 49.02 -14.75
C MET D 388 20.27 49.50 -15.62
N LYS D 389 21.18 50.26 -15.02
CA LYS D 389 22.34 50.79 -15.74
C LYS D 389 23.43 49.73 -15.73
N LEU D 390 23.76 49.23 -16.92
CA LEU D 390 24.78 48.20 -17.04
C LEU D 390 26.07 48.79 -17.60
N ALA D 391 27.20 48.28 -17.14
CA ALA D 391 28.48 48.70 -17.68
C ALA D 391 28.71 48.08 -19.05
N ASP D 392 29.60 48.70 -19.83
CA ASP D 392 29.91 48.20 -21.16
C ASP D 392 30.50 46.80 -21.16
N ASP D 393 31.06 46.34 -20.04
CA ASP D 393 31.65 45.00 -20.01
C ASP D 393 30.63 43.92 -19.73
N VAL D 394 29.39 44.27 -19.44
CA VAL D 394 28.38 43.26 -19.09
C VAL D 394 27.85 42.62 -20.35
N ASP D 395 27.80 41.29 -20.37
CA ASP D 395 27.27 40.53 -21.48
C ASP D 395 26.24 39.53 -20.95
N LEU D 396 24.97 39.86 -21.12
CA LEU D 396 23.91 39.01 -20.59
C LEU D 396 23.78 37.70 -21.34
N GLU D 397 24.34 37.60 -22.56
CA GLU D 397 24.35 36.32 -23.26
C GLU D 397 25.27 35.32 -22.57
N GLN D 398 26.41 35.78 -22.05
CA GLN D 398 27.28 34.91 -21.27
C GLN D 398 26.57 34.42 -20.02
N VAL D 399 25.79 35.29 -19.38
CA VAL D 399 25.05 34.89 -18.18
C VAL D 399 23.99 33.87 -18.54
N ALA D 400 23.20 34.15 -19.58
CA ALA D 400 22.14 33.24 -19.99
C ALA D 400 22.68 31.86 -20.34
N ASN D 401 23.86 31.81 -20.96
CA ASN D 401 24.46 30.51 -21.26
C ASN D 401 25.00 29.83 -20.01
N GLU D 402 25.44 30.60 -19.01
CA GLU D 402 25.99 29.97 -17.81
C GLU D 402 24.89 29.58 -16.82
N THR D 403 23.76 30.27 -16.85
CA THR D 403 22.71 30.01 -15.86
C THR D 403 21.89 28.78 -16.22
N HIS D 404 22.54 27.62 -16.29
CA HIS D 404 21.82 26.37 -16.52
C HIS D 404 21.03 25.96 -15.29
N GLY D 405 19.79 25.53 -15.51
CA GLY D 405 18.92 25.13 -14.43
C GLY D 405 18.20 26.26 -13.74
N HIS D 406 18.40 27.50 -14.15
CA HIS D 406 17.74 28.64 -13.53
C HIS D 406 16.41 28.93 -14.22
N VAL D 407 15.47 29.45 -13.45
CA VAL D 407 14.17 29.87 -13.96
C VAL D 407 14.05 31.37 -13.73
N GLY D 408 12.98 31.97 -14.25
CA GLY D 408 12.84 33.42 -14.16
C GLY D 408 12.98 33.96 -12.75
N ALA D 409 12.48 33.23 -11.75
CA ALA D 409 12.65 33.67 -10.37
C ALA D 409 14.12 33.76 -9.99
N ASP D 410 14.96 32.87 -10.51
CA ASP D 410 16.37 32.90 -10.16
C ASP D 410 17.11 33.95 -10.98
N LEU D 411 16.72 34.16 -12.24
CA LEU D 411 17.34 35.21 -13.04
C LEU D 411 17.00 36.59 -12.49
N ALA D 412 15.78 36.77 -11.99
CA ALA D 412 15.44 38.02 -11.32
C ALA D 412 16.29 38.22 -10.07
N ALA D 413 16.53 37.14 -9.32
CA ALA D 413 17.39 37.24 -8.15
C ALA D 413 18.81 37.65 -8.53
N LEU D 414 19.32 37.10 -9.63
CA LEU D 414 20.66 37.46 -10.09
C LEU D 414 20.74 38.94 -10.46
N CYS D 415 19.70 39.47 -11.11
CA CYS D 415 19.70 40.89 -11.45
C CYS D 415 19.68 41.76 -10.19
N SER D 416 18.86 41.40 -9.20
CA SER D 416 18.80 42.19 -7.99
C SER D 416 20.08 42.08 -7.18
N GLU D 417 20.65 40.87 -7.10
CA GLU D 417 21.88 40.67 -6.34
C GLU D 417 23.06 41.37 -6.99
N ALA D 418 23.15 41.31 -8.32
CA ALA D 418 24.23 42.02 -9.00
C ALA D 418 24.09 43.53 -8.81
N ALA D 419 22.86 44.04 -8.88
CA ALA D 419 22.64 45.47 -8.64
C ALA D 419 22.99 45.85 -7.21
N LEU D 420 22.60 45.03 -6.24
CA LEU D 420 22.88 45.35 -4.84
C LEU D 420 24.37 45.36 -4.56
N GLN D 421 25.13 44.44 -5.16
CA GLN D 421 26.57 44.44 -4.99
C GLN D 421 27.19 45.70 -5.57
N ALA D 422 26.74 46.12 -6.75
CA ALA D 422 27.21 47.37 -7.33
C ALA D 422 26.84 48.56 -6.43
N ILE D 423 25.67 48.51 -5.81
CA ILE D 423 25.25 49.59 -4.91
C ILE D 423 26.17 49.66 -3.70
N ARG D 424 26.45 48.52 -3.09
CA ARG D 424 27.33 48.51 -1.91
C ARG D 424 28.68 49.13 -2.23
N LYS D 425 29.23 48.85 -3.41
CA LYS D 425 30.55 49.35 -3.76
C LYS D 425 30.61 50.87 -3.81
N LYS D 426 29.47 51.54 -3.88
CA LYS D 426 29.46 53.00 -3.94
C LYS D 426 28.84 53.65 -2.71
N MET D 427 27.67 53.15 -2.29
CA MET D 427 26.92 53.82 -1.23
C MET D 427 27.66 53.76 0.10
N ASP D 428 28.46 52.71 0.31
CA ASP D 428 29.15 52.56 1.58
C ASP D 428 30.45 53.37 1.61
N LEU D 429 30.77 54.03 0.49
CA LEU D 429 31.98 54.84 0.42
C LEU D 429 31.67 56.33 0.34
N ILE D 430 30.63 56.73 -0.40
CA ILE D 430 30.29 58.14 -0.56
C ILE D 430 29.65 58.72 0.71
N ASP D 431 29.26 57.88 1.67
CA ASP D 431 28.67 58.28 2.94
C ASP D 431 27.42 59.13 2.78
N LEU D 432 26.46 58.70 1.96
CA LEU D 432 25.23 59.47 1.74
C LEU D 432 24.13 58.85 2.59
N GLU D 433 23.87 59.47 3.74
CA GLU D 433 22.85 58.99 4.66
C GLU D 433 21.77 60.04 4.82
N ASP D 434 20.59 59.76 4.26
CA ASP D 434 19.45 60.67 4.29
C ASP D 434 18.19 59.87 4.03
N GLU D 435 17.04 60.53 4.04
CA GLU D 435 15.78 59.86 3.70
C GLU D 435 15.67 59.49 2.23
N THR D 436 16.28 60.26 1.32
CA THR D 436 16.21 59.98 -0.11
C THR D 436 17.62 59.94 -0.67
N ILE D 437 17.73 59.41 -1.89
CA ILE D 437 18.99 59.37 -2.61
C ILE D 437 18.83 60.17 -3.90
N ASP D 438 19.82 61.03 -4.19
CA ASP D 438 19.78 61.83 -5.40
C ASP D 438 19.77 60.91 -6.63
N ALA D 439 18.93 61.23 -7.60
CA ALA D 439 18.84 60.41 -8.81
C ALA D 439 20.17 60.39 -9.57
N GLU D 440 20.91 61.50 -9.55
CA GLU D 440 22.21 61.54 -10.22
C GLU D 440 23.17 60.51 -9.64
N VAL D 441 23.09 60.27 -8.33
CA VAL D 441 23.99 59.30 -7.71
C VAL D 441 23.70 57.90 -8.23
N MET D 442 22.43 57.55 -8.36
CA MET D 442 22.07 56.23 -8.87
C MET D 442 22.27 56.16 -10.38
N ASN D 443 21.99 57.27 -11.07
CA ASN D 443 22.08 57.28 -12.52
C ASN D 443 23.50 57.02 -13.01
N SER D 444 24.51 57.46 -12.26
CA SER D 444 25.90 57.24 -12.63
C SER D 444 26.46 55.90 -12.16
N LEU D 445 25.65 55.09 -11.47
CA LEU D 445 26.10 53.78 -10.98
C LEU D 445 25.81 52.74 -12.04
N ALA D 446 26.82 51.95 -12.39
CA ALA D 446 26.67 50.87 -13.35
C ALA D 446 27.05 49.54 -12.73
N VAL D 447 26.34 48.49 -13.13
CA VAL D 447 26.60 47.13 -12.69
C VAL D 447 27.60 46.50 -13.66
N THR D 448 28.68 45.95 -13.13
CA THR D 448 29.78 45.43 -13.92
C THR D 448 29.66 43.92 -14.09
N MET D 449 30.50 43.39 -14.98
CA MET D 449 30.50 41.95 -15.24
C MET D 449 30.87 41.15 -14.01
N ASP D 450 31.72 41.72 -13.14
CA ASP D 450 32.12 41.02 -11.92
C ASP D 450 30.94 40.92 -10.95
N ASP D 451 29.97 41.83 -11.08
CA ASP D 451 28.82 41.83 -10.19
C ASP D 451 27.78 40.79 -10.61
N PHE D 452 27.61 40.60 -11.92
CA PHE D 452 26.74 39.53 -12.39
C PHE D 452 27.37 38.15 -12.16
N ARG D 453 28.68 38.04 -12.38
CA ARG D 453 29.36 36.77 -12.12
C ARG D 453 29.42 36.49 -10.62
N TRP D 454 29.58 37.53 -9.81
CA TRP D 454 29.50 37.37 -8.36
C TRP D 454 28.14 36.83 -7.95
N ALA D 455 27.06 37.45 -8.45
CA ALA D 455 25.72 36.98 -8.13
C ALA D 455 25.52 35.53 -8.58
N LEU D 456 26.12 35.15 -9.71
CA LEU D 456 25.98 33.78 -10.19
C LEU D 456 26.54 32.79 -9.19
N SER D 457 27.67 33.13 -8.55
CA SER D 457 28.27 32.23 -7.59
C SER D 457 27.43 32.13 -6.33
N GLN D 458 26.62 33.15 -6.05
CA GLN D 458 25.81 33.13 -4.83
C GLN D 458 24.43 32.49 -5.04
N SER D 459 23.89 32.56 -6.25
CA SER D 459 22.56 32.00 -6.50
C SER D 459 22.63 30.49 -6.70
N ASN D 460 21.54 29.82 -6.31
CA ASN D 460 21.41 28.40 -6.48
C ASN D 460 20.13 28.04 -7.23
N PRO D 461 20.26 27.45 -8.43
CA PRO D 461 19.09 27.25 -9.28
C PRO D 461 18.02 26.41 -8.60
N SER D 462 16.76 26.84 -8.76
CA SER D 462 15.64 26.14 -8.17
C SER D 462 15.10 25.01 -9.04
N ALA D 463 15.56 24.91 -10.28
CA ALA D 463 15.07 23.92 -11.22
C ALA D 463 16.21 23.06 -11.75
N LEU D 464 17.17 22.74 -10.89
CA LEU D 464 18.29 21.90 -11.31
C LEU D 464 17.95 20.42 -11.39
N ARG D 465 16.87 19.98 -10.75
CA ARG D 465 16.55 18.56 -10.76
C ARG D 465 15.79 18.13 -12.01
N GLU D 466 15.04 19.03 -12.63
CA GLU D 466 14.23 18.63 -13.77
C GLU D 466 15.02 18.74 -15.07
N THR D 467 14.68 17.87 -16.03
CA THR D 467 15.31 17.90 -17.34
C THR D 467 14.82 19.08 -18.17
N VAL D 468 15.75 19.81 -18.78
CA VAL D 468 15.40 20.90 -19.68
C VAL D 468 15.33 20.38 -21.10
N VAL D 469 14.19 20.57 -21.74
CA VAL D 469 13.93 20.06 -23.09
C VAL D 469 13.98 21.24 -24.04
N GLU D 470 14.90 21.19 -25.01
CA GLU D 470 15.12 22.31 -25.91
C GLU D 470 15.70 21.79 -27.21
N VAL D 471 15.71 22.65 -28.23
CA VAL D 471 16.33 22.33 -29.50
C VAL D 471 17.85 22.35 -29.30
N PRO D 472 18.55 21.27 -29.64
CA PRO D 472 19.99 21.22 -29.39
C PRO D 472 20.76 22.12 -30.32
N GLN D 473 22.01 22.41 -29.93
CA GLN D 473 22.87 23.27 -30.74
C GLN D 473 23.83 22.47 -31.61
N VAL D 474 23.72 21.13 -31.60
CA VAL D 474 24.60 20.31 -32.42
C VAL D 474 24.13 20.34 -33.87
N THR D 475 25.07 20.59 -34.77
CA THR D 475 24.78 20.65 -36.20
C THR D 475 25.64 19.60 -36.90
N TRP D 476 25.42 19.43 -38.21
CA TRP D 476 26.14 18.42 -38.96
C TRP D 476 27.63 18.75 -39.06
N GLU D 477 27.97 20.03 -38.99
CA GLU D 477 29.37 20.43 -39.02
C GLU D 477 30.14 19.95 -37.80
N ASP D 478 29.45 19.50 -36.76
CA ASP D 478 30.11 19.01 -35.56
C ASP D 478 30.50 17.54 -35.67
N ILE D 479 30.07 16.85 -36.72
CA ILE D 479 30.29 15.42 -36.84
C ILE D 479 31.19 15.17 -38.05
N GLY D 480 32.35 14.56 -37.79
CA GLY D 480 33.25 14.20 -38.88
C GLY D 480 32.86 12.86 -39.47
N GLY D 481 32.95 12.75 -40.79
CA GLY D 481 32.67 11.49 -41.44
C GLY D 481 31.19 11.16 -41.43
N LEU D 482 30.88 9.88 -41.67
CA LEU D 482 29.52 9.35 -41.66
C LEU D 482 28.58 10.13 -42.58
N GLU D 483 29.02 10.48 -43.78
CA GLU D 483 28.19 11.28 -44.67
C GLU D 483 26.89 10.57 -45.02
N ASP D 484 26.93 9.24 -45.16
CA ASP D 484 25.74 8.49 -45.54
C ASP D 484 24.77 8.39 -44.38
N VAL D 485 25.26 8.28 -43.15
CA VAL D 485 24.39 8.22 -41.99
C VAL D 485 23.63 9.54 -41.84
N LYS D 486 24.31 10.66 -42.06
CA LYS D 486 23.62 11.95 -42.01
C LYS D 486 22.44 11.99 -42.96
N ARG D 487 22.63 11.49 -44.19
CA ARG D 487 21.52 11.46 -45.15
C ARG D 487 20.43 10.50 -44.70
N GLU D 488 20.82 9.36 -44.13
CA GLU D 488 19.85 8.36 -43.69
C GLU D 488 18.92 8.93 -42.63
N LEU D 489 19.46 9.69 -41.69
CA LEU D 489 18.63 10.32 -40.66
C LEU D 489 17.67 11.34 -41.28
N GLN D 490 18.13 12.09 -42.28
CA GLN D 490 17.23 13.02 -42.97
C GLN D 490 16.10 12.27 -43.65
N GLU D 491 16.41 11.11 -44.24
CA GLU D 491 15.35 10.31 -44.87
C GLU D 491 14.37 9.77 -43.85
N LEU D 492 14.86 9.40 -42.66
CA LEU D 492 14.00 8.84 -41.64
C LEU D 492 13.22 9.91 -40.88
N VAL D 493 13.81 11.08 -40.67
CA VAL D 493 13.20 12.10 -39.82
C VAL D 493 12.56 13.23 -40.60
N GLN D 494 13.19 13.73 -41.67
CA GLN D 494 12.70 14.92 -42.35
C GLN D 494 11.79 14.59 -43.53
N TYR D 495 12.18 13.62 -44.35
CA TYR D 495 11.41 13.29 -45.55
C TYR D 495 9.96 12.89 -45.27
N PRO D 496 9.62 12.21 -44.16
CA PRO D 496 8.21 11.88 -43.93
C PRO D 496 7.30 13.10 -43.88
N VAL D 497 7.82 14.29 -43.60
CA VAL D 497 7.01 15.49 -43.58
C VAL D 497 7.37 16.46 -44.71
N GLU D 498 8.57 16.36 -45.28
CA GLU D 498 8.90 17.18 -46.45
C GLU D 498 8.35 16.60 -47.74
N HIS D 499 8.20 15.27 -47.81
CA HIS D 499 7.66 14.66 -49.03
C HIS D 499 6.51 13.70 -48.70
N PRO D 500 5.47 14.16 -48.02
CA PRO D 500 4.44 13.22 -47.54
C PRO D 500 3.70 12.53 -48.67
N ASP D 501 3.66 13.14 -49.86
CA ASP D 501 2.94 12.56 -50.98
C ASP D 501 3.69 11.36 -51.56
N LYS D 502 5.01 11.30 -51.39
CA LYS D 502 5.76 10.17 -51.89
C LYS D 502 5.57 8.94 -51.00
N PHE D 503 5.53 9.14 -49.68
CA PHE D 503 5.26 8.01 -48.79
C PHE D 503 3.87 7.44 -49.00
N LEU D 504 2.87 8.31 -49.23
CA LEU D 504 1.54 7.82 -49.51
C LEU D 504 1.45 7.21 -50.91
N LYS D 505 2.04 7.88 -51.90
CA LYS D 505 1.90 7.45 -53.29
C LYS D 505 2.40 6.02 -53.48
N PHE D 506 3.53 5.67 -52.87
CA PHE D 506 4.13 4.36 -53.07
C PHE D 506 3.72 3.35 -52.02
N GLY D 507 2.83 3.72 -51.11
CA GLY D 507 2.37 2.79 -50.08
C GLY D 507 3.42 2.44 -49.04
N MET D 508 4.21 3.42 -48.61
CA MET D 508 5.29 3.20 -47.66
C MET D 508 4.74 3.23 -46.25
N THR D 509 5.25 2.36 -45.39
CA THR D 509 4.99 2.47 -43.96
C THR D 509 6.19 3.13 -43.29
N PRO D 510 6.15 4.42 -42.99
CA PRO D 510 7.37 5.11 -42.55
C PRO D 510 7.85 4.62 -41.21
N SER D 511 9.17 4.54 -41.05
CA SER D 511 9.75 4.18 -39.77
C SER D 511 9.73 5.38 -38.83
N LYS D 512 9.45 5.10 -37.56
CA LYS D 512 9.49 6.12 -36.53
C LYS D 512 10.59 5.91 -35.49
N GLY D 513 11.61 5.13 -35.80
CA GLY D 513 12.70 4.94 -34.86
C GLY D 513 13.81 4.11 -35.44
N VAL D 514 15.02 4.41 -35.00
CA VAL D 514 16.24 3.75 -35.44
C VAL D 514 17.12 3.49 -34.23
N LEU D 515 17.85 2.38 -34.25
CA LEU D 515 18.83 2.04 -33.22
C LEU D 515 20.21 2.15 -33.84
N PHE D 516 21.13 2.79 -33.11
CA PHE D 516 22.52 2.88 -33.55
C PHE D 516 23.35 1.87 -32.78
N TYR D 517 24.27 1.21 -33.47
CA TYR D 517 25.15 0.25 -32.83
C TYR D 517 26.54 0.35 -33.45
N GLY D 518 27.52 -0.17 -32.72
CA GLY D 518 28.89 -0.12 -33.14
C GLY D 518 29.82 0.29 -32.02
N PRO D 519 31.09 0.47 -32.34
CA PRO D 519 32.08 0.85 -31.32
C PRO D 519 31.68 2.13 -30.62
N PRO D 520 32.02 2.27 -29.34
CA PRO D 520 31.69 3.51 -28.62
C PRO D 520 32.54 4.69 -29.07
N GLY D 521 32.03 5.88 -28.82
CA GLY D 521 32.78 7.11 -29.09
C GLY D 521 32.89 7.47 -30.55
N CYS D 522 31.90 7.08 -31.37
CA CYS D 522 31.94 7.38 -32.80
C CYS D 522 30.90 8.39 -33.24
N GLY D 523 30.23 9.07 -32.31
CA GLY D 523 29.26 10.09 -32.66
C GLY D 523 27.80 9.71 -32.53
N LYS D 524 27.47 8.59 -31.86
CA LYS D 524 26.08 8.18 -31.75
C LYS D 524 25.22 9.29 -31.16
N THR D 525 25.74 10.00 -30.15
CA THR D 525 24.95 11.05 -29.50
C THR D 525 24.79 12.25 -30.42
N LEU D 526 25.87 12.67 -31.08
CA LEU D 526 25.81 13.86 -31.93
C LEU D 526 24.87 13.63 -33.10
N LEU D 527 24.83 12.40 -33.63
CA LEU D 527 23.96 12.11 -34.75
C LEU D 527 22.50 12.36 -34.39
N ALA D 528 22.08 11.89 -33.21
CA ALA D 528 20.70 12.11 -32.79
C ALA D 528 20.41 13.59 -32.57
N LYS D 529 21.35 14.31 -31.98
CA LYS D 529 21.13 15.74 -31.74
C LYS D 529 21.16 16.54 -33.03
N ALA D 530 22.07 16.20 -33.95
CA ALA D 530 22.24 16.99 -35.16
C ALA D 530 20.98 16.97 -36.01
N ILE D 531 20.33 15.82 -36.13
CA ILE D 531 19.10 15.76 -36.91
C ILE D 531 17.98 16.51 -36.21
N ALA D 532 17.93 16.47 -34.88
CA ALA D 532 16.95 17.24 -34.14
C ALA D 532 17.16 18.73 -34.37
N ASN D 533 18.42 19.16 -34.45
CA ASN D 533 18.72 20.58 -34.60
C ASN D 533 18.30 21.09 -35.97
N GLU D 534 18.71 20.40 -37.03
CA GLU D 534 18.43 20.87 -38.39
C GLU D 534 16.93 21.03 -38.62
N CYS D 535 16.12 20.11 -38.09
CA CYS D 535 14.68 20.20 -38.23
C CYS D 535 14.04 21.06 -37.16
N GLN D 536 14.84 21.70 -36.30
CA GLN D 536 14.34 22.57 -35.24
C GLN D 536 13.34 21.84 -34.35
N ALA D 537 13.72 20.65 -33.89
CA ALA D 537 12.88 19.88 -33.00
C ALA D 537 13.52 19.77 -31.62
N ASN D 538 12.67 19.63 -30.61
CA ASN D 538 13.17 19.48 -29.25
C ASN D 538 13.85 18.13 -29.07
N PHE D 539 14.93 18.12 -28.31
CA PHE D 539 15.68 16.90 -28.07
C PHE D 539 15.55 16.52 -26.61
N ILE D 540 15.09 15.30 -26.35
CA ILE D 540 14.95 14.77 -25.00
C ILE D 540 15.96 13.64 -24.85
N SER D 541 16.87 13.78 -23.90
CA SER D 541 17.95 12.83 -23.70
C SER D 541 17.64 12.00 -22.46
N ILE D 542 17.45 10.69 -22.66
CA ILE D 542 17.27 9.74 -21.57
C ILE D 542 18.57 8.96 -21.45
N LYS D 543 19.22 9.07 -20.30
CA LYS D 543 20.54 8.49 -20.11
C LYS D 543 20.45 7.12 -19.47
N GLY D 544 21.51 6.33 -19.64
CA GLY D 544 21.62 5.03 -19.03
C GLY D 544 21.22 4.99 -17.57
N PRO D 545 21.84 5.83 -16.73
CA PRO D 545 21.47 5.81 -15.30
C PRO D 545 20.02 6.13 -15.03
N GLU D 546 19.33 6.83 -15.93
CA GLU D 546 17.91 7.11 -15.72
C GLU D 546 17.05 5.87 -15.98
N LEU D 547 17.38 5.11 -17.02
CA LEU D 547 16.73 3.82 -17.24
C LEU D 547 17.02 2.86 -16.10
N LEU D 548 18.23 2.91 -15.55
CA LEU D 548 18.57 2.05 -14.43
C LEU D 548 17.86 2.48 -13.16
N THR D 549 17.75 3.79 -12.93
CA THR D 549 17.04 4.28 -11.75
C THR D 549 15.61 3.78 -11.72
N MET D 550 14.92 3.87 -12.86
CA MET D 550 13.55 3.36 -12.92
C MET D 550 13.49 1.86 -12.66
N TRP D 551 14.40 1.09 -13.25
CA TRP D 551 14.39 -0.36 -13.02
C TRP D 551 14.67 -0.69 -11.56
N PHE D 552 15.78 -0.19 -11.02
CA PHE D 552 16.19 -0.56 -9.66
C PHE D 552 15.15 -0.11 -8.64
N GLY D 553 14.57 1.08 -8.83
CA GLY D 553 13.65 1.60 -7.85
C GLY D 553 12.22 1.16 -8.03
N GLU D 554 11.96 0.25 -8.98
CA GLU D 554 10.62 -0.24 -9.27
C GLU D 554 9.67 0.91 -9.53
N SER D 555 10.12 1.86 -10.34
CA SER D 555 9.34 3.03 -10.72
C SER D 555 9.26 3.16 -12.24
N GLU D 556 9.07 2.03 -12.91
CA GLU D 556 8.95 2.02 -14.36
C GLU D 556 7.76 2.83 -14.87
N ALA D 557 6.83 3.20 -13.98
CA ALA D 557 5.72 4.05 -14.39
C ALA D 557 6.22 5.36 -14.97
N ASN D 558 7.41 5.80 -14.55
CA ASN D 558 7.98 7.05 -15.05
C ASN D 558 8.24 6.99 -16.55
N VAL D 559 8.31 5.80 -17.14
CA VAL D 559 8.47 5.70 -18.58
C VAL D 559 7.31 6.36 -19.28
N ARG D 560 6.10 6.22 -18.73
CA ARG D 560 4.92 6.80 -19.36
C ARG D 560 4.99 8.33 -19.34
N GLU D 561 5.64 8.89 -18.32
CA GLU D 561 5.81 10.34 -18.26
C GLU D 561 6.82 10.81 -19.28
N ILE D 562 7.84 9.98 -19.56
CA ILE D 562 8.84 10.36 -20.55
C ILE D 562 8.21 10.43 -21.92
N PHE D 563 7.40 9.42 -22.26
CA PHE D 563 6.80 9.41 -23.58
C PHE D 563 5.72 10.48 -23.67
N ASP D 564 5.04 10.76 -22.56
CA ASP D 564 4.06 11.83 -22.57
C ASP D 564 4.73 13.19 -22.71
N LYS D 565 5.91 13.37 -22.11
CA LYS D 565 6.63 14.61 -22.31
C LYS D 565 7.04 14.77 -23.76
N ALA D 566 7.46 13.67 -24.39
CA ALA D 566 7.84 13.73 -25.80
C ALA D 566 6.68 14.22 -26.65
N ARG D 567 5.47 13.75 -26.35
CA ARG D 567 4.30 14.22 -27.07
C ARG D 567 4.06 15.70 -26.80
N GLN D 568 4.16 16.11 -25.52
CA GLN D 568 3.93 17.51 -25.18
C GLN D 568 4.96 18.42 -25.86
N ALA D 569 6.21 17.95 -25.98
CA ALA D 569 7.28 18.72 -26.58
C ALA D 569 7.33 18.60 -28.09
N ALA D 570 6.41 17.86 -28.70
CA ALA D 570 6.47 17.61 -30.13
C ALA D 570 6.36 18.93 -30.91
N PRO D 571 7.00 19.02 -32.10
CA PRO D 571 7.90 18.01 -32.65
C PRO D 571 9.19 17.85 -31.84
N CYS D 572 9.65 16.61 -31.67
CA CYS D 572 10.82 16.35 -30.87
C CYS D 572 11.44 15.03 -31.28
N VAL D 573 12.67 14.81 -30.82
CA VAL D 573 13.36 13.54 -30.99
C VAL D 573 13.66 12.99 -29.61
N LEU D 574 13.15 11.79 -29.33
CA LEU D 574 13.29 11.16 -28.02
C LEU D 574 14.39 10.13 -28.12
N PHE D 575 15.49 10.37 -27.43
CA PHE D 575 16.70 9.57 -27.54
C PHE D 575 16.87 8.74 -26.27
N PHE D 576 16.92 7.42 -26.43
CA PHE D 576 17.14 6.49 -25.34
C PHE D 576 18.56 5.96 -25.45
N ASP D 577 19.47 6.47 -24.62
CA ASP D 577 20.85 6.06 -24.66
C ASP D 577 21.05 4.80 -23.83
N GLU D 578 22.14 4.09 -24.12
CA GLU D 578 22.54 2.91 -23.36
C GLU D 578 21.35 2.00 -23.13
N LEU D 579 20.72 1.56 -24.23
CA LEU D 579 19.61 0.63 -24.14
C LEU D 579 20.03 -0.67 -23.48
N ASP D 580 21.33 -0.99 -23.48
CA ASP D 580 21.86 -2.18 -22.84
C ASP D 580 22.22 -1.98 -21.39
N SER D 581 21.96 -0.79 -20.83
CA SER D 581 22.35 -0.51 -19.45
C SER D 581 21.70 -1.48 -18.48
N ILE D 582 20.43 -1.82 -18.71
CA ILE D 582 19.74 -2.76 -17.82
C ILE D 582 20.21 -4.18 -18.08
N ALA D 583 20.34 -4.56 -19.35
CA ALA D 583 20.83 -5.90 -19.67
C ALA D 583 22.19 -6.16 -19.02
N LYS D 584 23.06 -5.14 -19.02
CA LYS D 584 24.34 -5.26 -18.34
C LYS D 584 24.15 -5.24 -16.83
N ALA D 585 23.24 -4.39 -16.34
CA ALA D 585 22.96 -4.35 -14.90
C ALA D 585 22.37 -5.66 -14.41
N ARG D 586 21.82 -6.47 -15.30
CA ARG D 586 21.33 -7.80 -14.99
C ARG D 586 22.39 -8.87 -15.16
N GLY D 587 23.64 -8.50 -15.43
CA GLY D 587 24.72 -9.45 -15.53
C GLY D 587 25.28 -9.54 -16.93
N GLY D 588 24.59 -8.95 -17.90
CA GLY D 588 25.07 -8.92 -19.26
C GLY D 588 25.16 -10.28 -19.93
N ASN D 589 26.31 -10.94 -19.76
CA ASN D 589 26.60 -12.20 -20.51
C ASN D 589 26.19 -13.38 -19.62
N ILE D 590 26.16 -13.16 -18.30
CA ILE D 590 25.83 -14.29 -17.38
C ILE D 590 24.48 -13.97 -16.75
N GLY D 591 24.45 -13.12 -15.71
CA GLY D 591 23.18 -12.68 -15.11
C GLY D 591 22.35 -13.80 -14.51
N ASP D 592 21.02 -13.67 -14.55
CA ASP D 592 20.15 -14.71 -14.02
C ASP D 592 19.75 -15.68 -15.13
N GLY D 593 18.81 -16.57 -14.82
CA GLY D 593 18.36 -17.56 -15.77
C GLY D 593 17.24 -17.13 -16.69
N GLY D 594 16.85 -15.86 -16.65
CA GLY D 594 15.69 -15.39 -17.37
C GLY D 594 16.03 -14.85 -18.75
N GLY D 595 15.12 -14.02 -19.26
CA GLY D 595 15.24 -13.49 -20.59
C GLY D 595 15.59 -12.02 -20.60
N ALA D 596 15.34 -11.39 -21.75
CA ALA D 596 15.70 -9.98 -21.92
C ALA D 596 14.62 -9.03 -21.41
N ALA D 597 13.42 -9.53 -21.14
CA ALA D 597 12.33 -8.66 -20.73
C ALA D 597 12.49 -8.23 -19.28
N ASP D 598 12.14 -6.97 -19.02
CA ASP D 598 12.16 -6.42 -17.67
C ASP D 598 11.08 -5.36 -17.55
N ARG D 599 10.96 -4.79 -16.34
CA ARG D 599 9.87 -3.86 -16.04
C ARG D 599 9.91 -2.62 -16.92
N VAL D 600 11.11 -2.11 -17.18
CA VAL D 600 11.25 -0.82 -17.85
C VAL D 600 11.09 -0.97 -19.36
N ILE D 601 11.75 -1.98 -19.94
CA ILE D 601 11.62 -2.18 -21.38
C ILE D 601 10.18 -2.52 -21.74
N ASN D 602 9.45 -3.21 -20.85
CA ASN D 602 8.05 -3.53 -21.13
C ASN D 602 7.21 -2.26 -21.21
N GLN D 603 7.44 -1.31 -20.30
CA GLN D 603 6.71 -0.05 -20.38
C GLN D 603 7.13 0.76 -21.59
N ILE D 604 8.42 0.71 -21.95
CA ILE D 604 8.90 1.45 -23.11
C ILE D 604 8.25 0.93 -24.38
N LEU D 605 8.25 -0.40 -24.56
CA LEU D 605 7.67 -1.00 -25.76
C LEU D 605 6.18 -0.73 -25.86
N THR D 606 5.49 -0.77 -24.72
CA THR D 606 4.06 -0.47 -24.70
C THR D 606 3.79 0.97 -25.13
N GLU D 607 4.54 1.92 -24.58
CA GLU D 607 4.36 3.33 -24.95
C GLU D 607 4.73 3.58 -26.41
N MET D 608 5.75 2.90 -26.92
CA MET D 608 6.12 3.04 -28.33
C MET D 608 4.98 2.61 -29.24
N ASP D 609 4.38 1.46 -28.94
CA ASP D 609 3.25 1.01 -29.74
C ASP D 609 2.06 1.96 -29.71
N GLY D 610 1.83 2.63 -28.58
CA GLY D 610 0.77 3.59 -28.45
C GLY D 610 1.07 4.97 -28.97
N MET D 611 2.27 5.20 -29.48
CA MET D 611 2.64 6.52 -29.98
C MET D 611 2.44 6.58 -31.49
N SER D 612 1.63 7.55 -31.92
CA SER D 612 1.31 7.70 -33.34
C SER D 612 2.34 8.58 -34.05
N THR D 613 2.57 8.30 -35.33
CA THR D 613 3.49 9.10 -36.11
C THR D 613 2.95 10.51 -36.37
N LYS D 614 1.65 10.70 -36.14
CA LYS D 614 1.01 11.99 -36.35
C LYS D 614 1.43 13.04 -35.33
N LYS D 615 2.12 12.65 -34.25
CA LYS D 615 2.59 13.63 -33.29
C LYS D 615 3.98 14.15 -33.62
N ASN D 616 4.58 13.69 -34.72
CA ASN D 616 5.90 14.15 -35.17
C ASN D 616 6.95 13.94 -34.07
N VAL D 617 6.91 12.76 -33.45
CA VAL D 617 7.89 12.35 -32.44
C VAL D 617 8.68 11.19 -33.01
N PHE D 618 9.99 11.37 -33.14
CA PHE D 618 10.88 10.33 -33.64
C PHE D 618 11.74 9.82 -32.50
N ILE D 619 11.90 8.49 -32.43
CA ILE D 619 12.61 7.83 -31.35
C ILE D 619 13.91 7.28 -31.90
N ILE D 620 15.02 7.60 -31.22
CA ILE D 620 16.34 7.08 -31.59
C ILE D 620 16.90 6.35 -30.38
N GLY D 621 17.46 5.16 -30.61
CA GLY D 621 18.16 4.45 -29.57
C GLY D 621 19.62 4.28 -29.90
N ALA D 622 20.41 3.96 -28.87
CA ALA D 622 21.82 3.67 -29.06
C ALA D 622 22.25 2.62 -28.04
N THR D 623 23.17 1.76 -28.45
CA THR D 623 23.73 0.74 -27.58
C THR D 623 25.14 0.42 -28.02
N ASN D 624 25.96 -0.03 -27.08
CA ASN D 624 27.29 -0.51 -27.39
C ASN D 624 27.34 -2.04 -27.41
N ARG D 625 26.22 -2.69 -27.14
CA ARG D 625 26.13 -4.14 -27.05
C ARG D 625 24.81 -4.58 -27.65
N PRO D 626 24.67 -4.46 -28.97
CA PRO D 626 23.38 -4.79 -29.60
C PRO D 626 22.99 -6.26 -29.45
N ASP D 627 23.94 -7.14 -29.15
CA ASP D 627 23.65 -8.57 -29.09
C ASP D 627 22.82 -8.91 -27.85
N ILE D 628 22.71 -7.99 -26.89
CA ILE D 628 21.92 -8.23 -25.68
C ILE D 628 20.75 -7.28 -25.55
N ILE D 629 20.29 -6.69 -26.65
CA ILE D 629 19.09 -5.86 -26.60
C ILE D 629 17.86 -6.72 -26.85
N ASP D 630 16.84 -6.54 -26.02
CA ASP D 630 15.60 -7.30 -26.21
C ASP D 630 15.15 -7.21 -27.66
N PRO D 631 15.18 -8.32 -28.40
CA PRO D 631 14.86 -8.25 -29.84
C PRO D 631 13.51 -7.62 -30.13
N ALA D 632 12.60 -7.58 -29.15
CA ALA D 632 11.28 -6.99 -29.38
C ALA D 632 11.38 -5.55 -29.86
N ILE D 633 12.37 -4.81 -29.38
CA ILE D 633 12.49 -3.40 -29.75
C ILE D 633 12.87 -3.22 -31.21
N LEU D 634 13.31 -4.28 -31.88
CA LEU D 634 13.68 -4.20 -33.28
C LEU D 634 12.57 -4.65 -34.23
N ARG D 635 11.39 -4.97 -33.71
CA ARG D 635 10.29 -5.39 -34.56
C ARG D 635 9.67 -4.18 -35.27
N PRO D 636 8.97 -4.40 -36.37
CA PRO D 636 8.25 -3.31 -37.03
C PRO D 636 7.35 -2.56 -36.05
N GLY D 637 7.37 -1.24 -36.12
CA GLY D 637 6.66 -0.40 -35.19
C GLY D 637 7.52 0.15 -34.07
N ARG D 638 8.72 -0.39 -33.89
CA ARG D 638 9.66 0.07 -32.89
C ARG D 638 10.94 0.55 -33.58
N LEU D 639 12.11 0.19 -33.06
CA LEU D 639 13.38 0.61 -33.67
C LEU D 639 13.78 -0.40 -34.73
N ASP D 640 12.99 -0.42 -35.81
CA ASP D 640 13.17 -1.41 -36.87
C ASP D 640 14.36 -1.11 -37.76
N GLN D 641 14.81 0.14 -37.78
CA GLN D 641 15.95 0.54 -38.61
C GLN D 641 17.25 0.34 -37.84
N LEU D 642 18.29 -0.12 -38.52
CA LEU D 642 19.58 -0.34 -37.87
C LEU D 642 20.68 0.34 -38.66
N ILE D 643 21.48 1.15 -37.97
CA ILE D 643 22.61 1.84 -38.57
C ILE D 643 23.88 1.48 -37.81
N TYR D 644 24.89 1.02 -38.53
CA TYR D 644 26.19 0.70 -37.94
C TYR D 644 27.11 1.91 -38.05
N ILE D 645 27.71 2.29 -36.93
CA ILE D 645 28.64 3.42 -36.89
C ILE D 645 30.03 2.86 -36.62
N PRO D 646 30.85 2.63 -37.63
CA PRO D 646 32.18 2.08 -37.41
C PRO D 646 33.16 3.12 -36.91
N LEU D 647 34.34 2.64 -36.53
CA LEU D 647 35.43 3.54 -36.21
C LEU D 647 35.77 4.40 -37.43
N PRO D 648 36.12 5.66 -37.24
CA PRO D 648 36.37 6.54 -38.38
C PRO D 648 37.57 6.09 -39.19
N ASP D 649 37.51 6.27 -40.51
CA ASP D 649 38.64 5.98 -41.36
C ASP D 649 39.56 7.19 -41.44
N GLU D 650 40.58 7.09 -42.31
CA GLU D 650 41.63 8.10 -42.37
C GLU D 650 41.08 9.49 -42.69
N LYS D 651 40.19 9.59 -43.68
CA LYS D 651 39.66 10.90 -44.04
C LYS D 651 38.69 11.41 -42.98
N SER D 652 37.98 10.50 -42.32
CA SER D 652 37.08 10.91 -41.25
C SER D 652 37.84 11.34 -40.01
N ARG D 653 38.93 10.64 -39.67
CA ARG D 653 39.67 11.03 -38.47
C ARG D 653 40.28 12.41 -38.62
N VAL D 654 40.74 12.75 -39.83
CA VAL D 654 41.23 14.11 -40.07
C VAL D 654 40.10 15.12 -39.91
N ALA D 655 38.94 14.80 -40.48
CA ALA D 655 37.78 15.68 -40.36
C ALA D 655 37.39 15.87 -38.89
N ILE D 656 37.50 14.82 -38.08
CA ILE D 656 37.16 14.93 -36.67
C ILE D 656 38.14 15.86 -35.96
N LEU D 657 39.44 15.70 -36.23
CA LEU D 657 40.44 16.57 -35.64
C LEU D 657 40.21 18.02 -36.05
N LYS D 658 39.89 18.24 -37.34
CA LYS D 658 39.63 19.60 -37.79
C LYS D 658 38.42 20.21 -37.11
N ALA D 659 37.35 19.43 -36.95
CA ALA D 659 36.16 19.94 -36.26
C ALA D 659 36.45 20.29 -34.81
N ASN D 660 37.20 19.44 -34.10
CA ASN D 660 37.47 19.70 -32.69
C ASN D 660 38.33 20.94 -32.51
N LEU D 661 39.17 21.25 -33.49
CA LEU D 661 40.10 22.37 -33.36
C LEU D 661 39.54 23.68 -33.87
N ARG D 662 38.27 23.72 -34.26
CA ARG D 662 37.68 24.95 -34.78
C ARG D 662 37.63 26.05 -33.71
N LYS D 663 37.74 25.67 -32.44
CA LYS D 663 37.63 26.63 -31.34
C LYS D 663 38.98 27.09 -30.80
N SER D 664 40.09 26.69 -31.45
CA SER D 664 41.35 27.13 -30.88
C SER D 664 42.34 27.51 -31.98
N PRO D 665 43.24 28.45 -31.70
CA PRO D 665 44.36 28.70 -32.63
C PRO D 665 45.26 27.48 -32.72
N VAL D 666 45.61 27.11 -33.96
CA VAL D 666 46.47 25.97 -34.23
C VAL D 666 47.49 26.38 -35.29
N ALA D 667 48.74 25.97 -35.08
CA ALA D 667 49.80 26.33 -36.01
C ALA D 667 49.64 25.59 -37.32
N LYS D 668 50.15 26.20 -38.41
CA LYS D 668 50.12 25.56 -39.71
C LYS D 668 51.03 24.34 -39.79
N ASP D 669 51.93 24.16 -38.84
CA ASP D 669 52.87 23.04 -38.90
C ASP D 669 52.27 21.76 -38.36
N VAL D 670 51.00 21.78 -37.96
CA VAL D 670 50.35 20.57 -37.46
C VAL D 670 49.89 19.73 -38.64
N ASP D 671 50.37 18.49 -38.69
CA ASP D 671 50.09 17.57 -39.80
C ASP D 671 48.97 16.64 -39.35
N LEU D 672 47.73 17.01 -39.67
CA LEU D 672 46.58 16.25 -39.19
C LEU D 672 46.45 14.92 -39.90
N GLU D 673 46.88 14.85 -41.16
CA GLU D 673 46.88 13.59 -41.88
C GLU D 673 47.88 12.60 -41.30
N PHE D 674 49.09 13.05 -40.93
CA PHE D 674 50.03 12.18 -40.27
C PHE D 674 49.47 11.64 -38.95
N LEU D 675 48.88 12.52 -38.13
CA LEU D 675 48.29 12.06 -36.87
C LEU D 675 47.17 11.07 -37.13
N ALA D 676 46.32 11.34 -38.12
CA ALA D 676 45.22 10.43 -38.41
C ALA D 676 45.71 9.06 -38.84
N LYS D 677 46.85 9.01 -39.54
CA LYS D 677 47.41 7.74 -39.97
C LYS D 677 47.89 6.93 -38.78
N MET D 678 48.51 7.59 -37.79
CA MET D 678 48.97 6.87 -36.61
C MET D 678 47.81 6.39 -35.75
N THR D 679 46.74 7.19 -35.67
CA THR D 679 45.61 6.89 -34.80
C THR D 679 44.65 5.93 -35.52
N ASN D 680 45.20 4.84 -36.02
CA ASN D 680 44.46 3.98 -36.95
C ASN D 680 43.27 3.32 -36.26
N GLY D 681 43.40 2.99 -34.98
CA GLY D 681 42.34 2.32 -34.26
C GLY D 681 41.59 3.19 -33.28
N PHE D 682 41.74 4.50 -33.41
CA PHE D 682 41.16 5.44 -32.46
C PHE D 682 39.70 5.70 -32.81
N SER D 683 38.89 5.98 -31.78
CA SER D 683 37.55 6.48 -32.00
C SER D 683 37.54 8.00 -32.02
N GLY D 684 36.41 8.56 -32.44
CA GLY D 684 36.27 10.01 -32.40
C GLY D 684 36.46 10.58 -31.01
N ALA D 685 36.00 9.84 -29.99
CA ALA D 685 36.21 10.27 -28.62
C ALA D 685 37.69 10.33 -28.28
N ASP D 686 38.50 9.43 -28.86
CA ASP D 686 39.93 9.44 -28.56
C ASP D 686 40.65 10.56 -29.30
N LEU D 687 40.17 10.90 -30.51
CA LEU D 687 40.75 12.04 -31.22
C LEU D 687 40.48 13.34 -30.48
N THR D 688 39.31 13.46 -29.86
CA THR D 688 39.04 14.64 -29.04
C THR D 688 39.98 14.72 -27.85
N GLU D 689 40.26 13.60 -27.19
CA GLU D 689 41.22 13.63 -26.09
C GLU D 689 42.57 14.14 -26.57
N ILE D 690 43.01 13.72 -27.77
CA ILE D 690 44.29 14.20 -28.28
C ILE D 690 44.28 15.72 -28.43
N CYS D 691 43.18 16.25 -28.97
CA CYS D 691 43.07 17.69 -29.13
C CYS D 691 43.14 18.40 -27.78
N GLN D 692 42.46 17.85 -26.78
CA GLN D 692 42.47 18.45 -25.44
C GLN D 692 43.84 18.30 -24.77
N ARG D 693 44.54 17.20 -25.03
CA ARG D 693 45.89 17.04 -24.51
C ARG D 693 46.84 18.09 -25.06
N ALA D 694 46.81 18.30 -26.39
CA ALA D 694 47.65 19.32 -26.98
C ALA D 694 47.25 20.71 -26.50
N CYS D 695 45.94 20.95 -26.32
CA CYS D 695 45.50 22.21 -25.75
C CYS D 695 46.04 22.41 -24.34
N LYS D 696 45.91 21.38 -23.49
CA LYS D 696 46.41 21.47 -22.12
C LYS D 696 47.89 21.86 -22.11
N LEU D 697 48.68 21.25 -22.99
CA LEU D 697 50.10 21.57 -23.03
C LEU D 697 50.33 23.01 -23.45
N ALA D 698 49.56 23.49 -24.43
CA ALA D 698 49.73 24.86 -24.91
C ALA D 698 49.46 25.86 -23.80
N ILE D 699 48.45 25.60 -22.97
CA ILE D 699 48.11 26.51 -21.88
C ILE D 699 49.21 26.51 -20.83
N ARG D 700 49.70 25.34 -20.45
CA ARG D 700 50.75 25.27 -19.43
C ARG D 700 51.99 26.04 -19.87
N GLU D 701 52.38 25.89 -21.14
CA GLU D 701 53.55 26.62 -21.64
C GLU D 701 53.33 28.12 -21.60
N SER D 702 52.13 28.57 -21.96
CA SER D 702 51.82 29.99 -21.88
C SER D 702 51.94 30.50 -20.46
N ILE D 703 51.47 29.73 -19.49
CA ILE D 703 51.57 30.12 -18.08
C ILE D 703 53.04 30.23 -17.68
N GLU D 704 53.86 29.24 -18.07
CA GLU D 704 55.28 29.28 -17.75
C GLU D 704 55.99 30.48 -18.36
N SER D 705 55.55 30.97 -19.52
CA SER D 705 56.20 32.12 -20.13
C SER D 705 56.04 33.39 -19.30
N GLU D 706 55.10 33.40 -18.35
CA GLU D 706 54.90 34.59 -17.53
C GLU D 706 55.83 34.61 -16.33
N ILE D 707 56.60 33.55 -16.13
CA ILE D 707 57.47 33.44 -14.97
C ILE D 707 58.92 33.67 -15.38
N VAL D 728 53.42 29.26 -28.77
CA VAL D 728 52.90 29.57 -27.44
C VAL D 728 51.48 30.15 -27.47
N PRO D 729 51.20 31.13 -28.34
CA PRO D 729 49.82 31.62 -28.45
C PRO D 729 48.90 30.68 -29.21
N GLU D 730 49.43 29.61 -29.81
CA GLU D 730 48.65 28.66 -30.57
C GLU D 730 49.17 27.25 -30.30
N ILE D 731 48.32 26.26 -30.60
CA ILE D 731 48.71 24.87 -30.41
C ILE D 731 49.57 24.42 -31.58
N ARG D 732 50.80 24.00 -31.28
CA ARG D 732 51.80 23.74 -32.31
C ARG D 732 51.99 22.24 -32.48
N ARG D 733 52.62 21.87 -33.59
CA ARG D 733 52.95 20.47 -33.82
C ARG D 733 53.54 19.80 -32.59
N ASP D 734 54.45 20.49 -31.90
CA ASP D 734 55.09 19.90 -30.73
C ASP D 734 54.09 19.44 -29.68
N HIS D 735 52.97 20.15 -29.54
CA HIS D 735 51.97 19.78 -28.54
C HIS D 735 51.19 18.54 -28.98
N PHE D 736 50.94 18.38 -30.28
CA PHE D 736 50.25 17.20 -30.75
C PHE D 736 51.15 15.97 -30.71
N GLU D 737 52.43 16.14 -31.04
CA GLU D 737 53.35 15.01 -31.00
C GLU D 737 53.56 14.52 -29.57
N GLU D 738 53.58 15.43 -28.60
CA GLU D 738 53.64 15.00 -27.21
C GLU D 738 52.35 14.31 -26.77
N ALA D 739 51.19 14.83 -27.19
CA ALA D 739 49.92 14.20 -26.85
C ALA D 739 49.86 12.76 -27.35
N MET D 740 50.45 12.50 -28.52
CA MET D 740 50.44 11.16 -29.07
C MET D 740 51.20 10.17 -28.19
N ARG D 741 52.04 10.66 -27.28
CA ARG D 741 52.81 9.75 -26.44
C ARG D 741 51.96 9.19 -25.30
N PHE D 742 50.79 9.77 -25.08
CA PHE D 742 49.92 9.32 -23.99
C PHE D 742 48.58 8.81 -24.49
N ALA D 743 48.06 9.40 -25.57
CA ALA D 743 46.75 9.03 -26.07
C ALA D 743 46.78 7.66 -26.73
N ARG D 744 45.84 6.81 -26.35
CA ARG D 744 45.70 5.47 -26.93
C ARG D 744 44.23 5.19 -27.18
N ARG D 745 43.98 4.31 -28.15
CA ARG D 745 42.62 3.99 -28.53
C ARG D 745 41.88 3.31 -27.39
N SER D 746 40.61 3.65 -27.21
CA SER D 746 39.78 3.00 -26.21
C SER D 746 39.10 1.74 -26.72
N VAL D 747 39.07 1.51 -28.03
CA VAL D 747 38.42 0.34 -28.62
C VAL D 747 39.49 -0.63 -29.10
N SER D 748 39.59 -1.76 -28.43
CA SER D 748 40.61 -2.76 -28.71
C SER D 748 40.02 -3.86 -29.59
N ASP D 749 40.88 -4.75 -30.08
CA ASP D 749 40.43 -5.80 -30.99
C ASP D 749 39.40 -6.73 -30.35
N ASN D 750 39.38 -6.83 -29.02
CA ASN D 750 38.41 -7.70 -28.36
C ASN D 750 36.99 -7.25 -28.64
N ASP D 751 36.78 -5.95 -28.83
CA ASP D 751 35.45 -5.46 -29.15
C ASP D 751 35.26 -5.27 -30.66
N ILE D 752 36.33 -4.96 -31.39
CA ILE D 752 36.19 -4.68 -32.82
C ILE D 752 35.66 -5.91 -33.54
N ARG D 753 36.20 -7.09 -33.24
CA ARG D 753 35.72 -8.29 -33.91
C ARG D 753 34.30 -8.63 -33.51
N LYS D 754 33.88 -8.23 -32.31
CA LYS D 754 32.51 -8.48 -31.89
C LYS D 754 31.53 -7.62 -32.69
N TYR D 755 31.88 -6.36 -32.92
CA TYR D 755 31.03 -5.48 -33.72
C TYR D 755 31.00 -5.92 -35.18
N GLU D 756 32.14 -6.38 -35.69
CA GLU D 756 32.19 -6.82 -37.09
C GLU D 756 31.36 -8.08 -37.30
N MET D 757 31.48 -9.06 -36.40
CA MET D 757 30.72 -10.29 -36.53
C MET D 757 29.23 -10.02 -36.43
N PHE D 758 28.81 -9.12 -35.54
CA PHE D 758 27.40 -8.78 -35.46
C PHE D 758 26.92 -8.10 -36.74
N ALA D 759 27.69 -7.13 -37.23
CA ALA D 759 27.30 -6.42 -38.44
C ALA D 759 27.21 -7.38 -39.63
N GLN D 760 28.12 -8.36 -39.68
CA GLN D 760 28.07 -9.37 -40.74
C GLN D 760 26.85 -10.26 -40.61
N THR D 761 26.50 -10.64 -39.38
CA THR D 761 25.31 -11.45 -39.15
C THR D 761 24.05 -10.77 -39.71
N LEU D 762 23.94 -9.47 -39.57
CA LEU D 762 22.81 -8.72 -40.12
C LEU D 762 22.84 -8.60 -41.65
N GLN D 763 23.95 -8.97 -42.28
CA GLN D 763 24.11 -8.85 -43.73
C GLN D 763 23.86 -7.42 -44.21
N PRO E 23 36.62 65.61 7.24
CA PRO E 23 38.03 65.29 7.49
C PRO E 23 38.20 64.50 8.78
N ASN E 24 39.16 63.58 8.75
CA ASN E 24 39.42 62.68 9.88
C ASN E 24 38.17 61.89 10.27
N ARG E 25 37.39 61.49 9.27
CA ARG E 25 36.14 60.79 9.53
C ARG E 25 36.33 59.34 9.08
N LEU E 26 36.22 58.40 10.02
CA LEU E 26 36.48 57.00 9.72
C LEU E 26 35.24 56.15 9.98
N ILE E 27 35.15 55.04 9.25
CA ILE E 27 34.03 54.12 9.37
C ILE E 27 34.28 53.14 10.51
N VAL E 28 33.26 52.91 11.33
CA VAL E 28 33.38 52.07 12.52
C VAL E 28 33.40 50.61 12.10
N ASP E 29 34.47 49.91 12.45
CA ASP E 29 34.67 48.52 12.06
C ASP E 29 34.84 47.67 13.31
N GLU E 30 35.02 46.37 13.09
CA GLU E 30 35.24 45.45 14.20
C GLU E 30 36.73 45.39 14.57
N ALA E 31 37.00 45.10 15.84
CA ALA E 31 38.37 45.02 16.31
C ALA E 31 38.78 43.58 16.59
N ILE E 32 40.05 43.30 16.40
CA ILE E 32 40.65 42.02 16.81
C ILE E 32 41.22 42.10 18.22
N ASN E 33 41.87 43.21 18.56
CA ASN E 33 42.36 43.40 19.92
C ASN E 33 41.23 43.89 20.81
N GLU E 34 40.86 43.06 21.79
CA GLU E 34 39.69 43.36 22.62
C GLU E 34 39.99 44.37 23.71
N ASP E 35 41.25 44.81 23.83
CA ASP E 35 41.61 45.75 24.88
C ASP E 35 40.83 47.05 24.74
N ASN E 36 40.19 47.45 25.84
CA ASN E 36 39.35 48.64 25.90
C ASN E 36 40.12 49.94 25.74
N SER E 37 41.44 49.93 25.87
CA SER E 37 42.21 51.16 25.73
C SER E 37 42.86 51.28 24.36
N VAL E 38 42.61 50.29 23.50
CA VAL E 38 43.33 50.23 22.23
C VAL E 38 42.34 50.34 21.06
N VAL E 39 42.66 51.21 20.11
CA VAL E 39 41.96 51.29 18.84
C VAL E 39 42.98 51.15 17.73
N SER E 40 42.59 50.50 16.64
CA SER E 40 43.52 50.20 15.57
C SER E 40 43.20 51.00 14.31
N LEU E 41 44.22 51.67 13.79
CA LEU E 41 44.12 52.40 12.53
C LEU E 41 45.24 51.96 11.59
N SER E 42 44.95 51.99 10.30
CA SER E 42 45.94 51.60 9.30
C SER E 42 47.12 52.56 9.36
N GLN E 43 48.34 52.02 9.25
CA GLN E 43 49.51 52.87 9.30
C GLN E 43 49.46 54.09 8.37
N PRO E 44 49.22 53.98 7.05
CA PRO E 44 49.28 55.20 6.23
C PRO E 44 48.27 56.24 6.66
N LYS E 45 47.14 55.82 7.26
CA LYS E 45 46.17 56.78 7.75
C LYS E 45 46.68 57.50 8.99
N MET E 46 47.41 56.79 9.84
CA MET E 46 48.02 57.44 11.00
C MET E 46 49.04 58.49 10.58
N ASP E 47 49.72 58.28 9.44
CA ASP E 47 50.61 59.33 8.95
C ASP E 47 49.84 60.51 8.37
N GLU E 48 48.74 60.25 7.65
CA GLU E 48 47.93 61.42 7.25
C GLU E 48 47.39 62.18 8.45
N LEU E 49 47.09 61.52 9.56
CA LEU E 49 46.58 62.23 10.73
C LEU E 49 47.69 62.90 11.54
N GLN E 50 48.94 62.75 11.12
CA GLN E 50 50.09 63.37 11.79
C GLN E 50 50.15 62.99 13.27
N LEU E 51 49.96 61.70 13.53
CA LEU E 51 50.10 61.17 14.88
C LEU E 51 51.08 60.01 14.83
N PHE E 52 51.65 59.67 15.98
CA PHE E 52 52.59 58.56 16.08
C PHE E 52 51.95 57.39 16.80
N ARG E 53 52.52 56.21 16.57
CA ARG E 53 52.05 54.98 17.20
C ARG E 53 52.16 55.10 18.71
N GLY E 54 51.06 54.82 19.40
CA GLY E 54 50.99 54.99 20.83
C GLY E 54 50.51 56.35 21.31
N ASP E 55 50.21 57.26 20.39
CA ASP E 55 49.71 58.57 20.79
C ASP E 55 48.28 58.45 21.30
N THR E 56 47.85 59.44 22.07
CA THR E 56 46.48 59.45 22.57
C THR E 56 45.59 60.31 21.68
N VAL E 57 44.46 59.73 21.29
CA VAL E 57 43.52 60.37 20.37
C VAL E 57 42.15 60.39 21.01
N LEU E 58 41.33 61.37 20.61
CA LEU E 58 39.94 61.47 21.01
C LEU E 58 39.07 61.05 19.82
N LEU E 59 37.97 60.36 20.13
CA LEU E 59 37.00 59.92 19.13
C LEU E 59 35.66 60.58 19.43
N LYS E 60 35.08 61.23 18.42
CA LYS E 60 33.82 61.93 18.57
C LYS E 60 32.66 61.03 18.15
N GLY E 61 31.74 60.79 19.08
CA GLY E 61 30.61 59.92 18.85
C GLY E 61 29.31 60.69 18.71
N LYS E 62 28.25 60.09 19.22
CA LYS E 62 26.92 60.67 19.11
C LYS E 62 26.47 61.25 20.45
N LYS E 63 25.50 62.17 20.37
CA LYS E 63 24.90 62.83 21.54
C LYS E 63 25.94 63.59 22.38
N ARG E 64 26.86 64.27 21.68
CA ARG E 64 27.89 65.10 22.31
C ARG E 64 28.72 64.30 23.31
N ARG E 65 29.18 63.13 22.86
CA ARG E 65 29.99 62.24 23.68
C ARG E 65 31.27 61.93 22.92
N GLU E 66 32.29 61.50 23.67
CA GLU E 66 33.57 61.18 23.07
C GLU E 66 34.26 60.10 23.92
N ALA E 67 35.28 59.49 23.32
CA ALA E 67 36.11 58.51 24.01
C ALA E 67 37.57 58.79 23.71
N VAL E 68 38.42 58.42 24.66
CA VAL E 68 39.87 58.62 24.57
C VAL E 68 40.53 57.26 24.59
N CYS E 69 41.44 57.04 23.63
CA CYS E 69 42.10 55.74 23.48
C CYS E 69 43.51 55.95 22.94
N ILE E 70 44.29 54.87 22.97
CA ILE E 70 45.61 54.84 22.37
C ILE E 70 45.49 54.16 21.01
N VAL E 71 46.07 54.78 19.98
CA VAL E 71 45.96 54.27 18.62
C VAL E 71 47.25 53.58 18.23
N LEU E 72 47.12 52.34 17.75
CA LEU E 72 48.24 51.54 17.28
C LEU E 72 48.07 51.26 15.78
N SER E 73 49.18 50.94 15.13
CA SER E 73 49.19 50.74 13.69
C SER E 73 48.65 49.36 13.36
N ASP E 74 48.32 49.17 12.09
CA ASP E 74 47.78 47.91 11.59
C ASP E 74 48.05 47.83 10.09
N ASP E 75 47.89 46.62 9.55
CA ASP E 75 48.03 46.40 8.12
C ASP E 75 46.95 45.49 7.54
N THR E 76 45.93 45.15 8.34
CA THR E 76 44.83 44.34 7.86
C THR E 76 43.50 45.09 7.72
N CYS E 77 43.46 46.36 8.09
CA CYS E 77 42.21 47.11 8.00
C CYS E 77 42.29 48.14 6.87
N SER E 78 41.12 48.49 6.33
CA SER E 78 41.05 49.54 5.33
C SER E 78 41.44 50.88 5.94
N ASP E 79 42.05 51.74 5.11
CA ASP E 79 42.56 53.01 5.62
C ASP E 79 41.44 53.89 6.16
N GLU E 80 40.26 53.82 5.54
CA GLU E 80 39.14 54.66 5.93
C GLU E 80 38.35 54.10 7.12
N LYS E 81 38.76 52.98 7.68
CA LYS E 81 38.03 52.33 8.77
C LYS E 81 38.80 52.47 10.08
N ILE E 82 38.07 52.59 11.18
CA ILE E 82 38.65 52.52 12.51
C ILE E 82 38.09 51.29 13.23
N ARG E 83 38.97 50.47 13.78
CA ARG E 83 38.57 49.22 14.41
C ARG E 83 38.47 49.44 15.92
N MET E 84 37.28 49.18 16.46
CA MET E 84 37.00 49.37 17.88
C MET E 84 36.20 48.18 18.38
N ASN E 85 36.33 47.90 19.68
CA ASN E 85 35.54 46.85 20.31
C ASN E 85 34.17 47.36 20.77
N ARG E 86 33.42 46.46 21.40
CA ARG E 86 32.06 46.79 21.83
C ARG E 86 32.06 47.85 22.92
N VAL E 87 33.07 47.83 23.80
CA VAL E 87 33.09 48.76 24.92
C VAL E 87 33.25 50.19 24.43
N VAL E 88 34.18 50.42 23.49
CA VAL E 88 34.37 51.75 22.94
C VAL E 88 33.17 52.22 22.13
N ARG E 89 32.56 51.36 21.32
CA ARG E 89 31.38 51.75 20.57
C ARG E 89 30.21 52.11 21.48
N ASN E 90 30.02 51.34 22.56
CA ASN E 90 28.98 51.70 23.53
C ASN E 90 29.22 53.08 24.14
N ASN E 91 30.46 53.36 24.54
CA ASN E 91 30.75 54.67 25.13
C ASN E 91 30.50 55.80 24.14
N LEU E 92 30.77 55.57 22.85
CA LEU E 92 30.54 56.58 21.83
C LEU E 92 29.10 56.61 21.33
N ARG E 93 28.27 55.66 21.77
CA ARG E 93 26.90 55.53 21.26
C ARG E 93 26.90 55.40 19.74
N VAL E 94 27.77 54.54 19.23
CA VAL E 94 27.89 54.26 17.81
C VAL E 94 27.78 52.76 17.59
N ARG E 95 27.52 52.39 16.35
CA ARG E 95 27.41 50.98 15.97
C ARG E 95 28.23 50.74 14.71
N LEU E 96 28.48 49.46 14.43
CA LEU E 96 29.24 49.09 13.23
C LEU E 96 28.58 49.66 11.99
N GLY E 97 29.40 50.26 11.12
CA GLY E 97 28.91 50.92 9.94
C GLY E 97 28.75 52.42 10.07
N ASP E 98 28.78 52.96 11.29
CA ASP E 98 28.67 54.39 11.47
C ASP E 98 30.02 55.06 11.17
N VAL E 99 30.04 56.39 11.28
CA VAL E 99 31.23 57.18 11.03
C VAL E 99 31.50 58.09 12.22
N ILE E 100 32.75 58.11 12.67
CA ILE E 100 33.18 58.94 13.79
C ILE E 100 34.37 59.78 13.37
N SER E 101 34.64 60.83 14.15
CA SER E 101 35.79 61.67 13.90
C SER E 101 36.91 61.38 14.90
N ILE E 102 38.15 61.45 14.43
CA ILE E 102 39.33 61.21 15.25
C ILE E 102 40.13 62.50 15.35
N GLN E 103 40.54 62.85 16.57
CA GLN E 103 41.31 64.07 16.75
C GLN E 103 42.43 63.82 17.76
N PRO E 104 43.68 63.82 17.33
CA PRO E 104 44.77 63.60 18.27
C PRO E 104 44.78 64.65 19.36
N CYS E 105 45.20 64.24 20.56
CA CYS E 105 45.29 65.11 21.72
C CYS E 105 46.59 64.85 22.47
N PRO E 106 47.72 65.20 21.86
CA PRO E 106 49.02 64.83 22.48
C PRO E 106 49.29 65.53 23.80
N ASP E 107 48.49 66.54 24.16
CA ASP E 107 48.70 67.28 25.40
C ASP E 107 48.04 66.62 26.61
N VAL E 108 47.50 65.42 26.45
CA VAL E 108 46.89 64.73 27.60
C VAL E 108 47.93 64.51 28.68
N LYS E 109 47.54 64.76 29.92
CA LYS E 109 48.44 64.60 31.05
C LYS E 109 47.99 63.42 31.91
N TYR E 110 48.80 63.11 32.93
CA TYR E 110 48.47 62.02 33.83
C TYR E 110 47.58 62.55 34.95
N GLY E 111 46.73 61.67 35.46
CA GLY E 111 45.87 62.04 36.56
C GLY E 111 46.49 61.76 37.92
N LYS E 112 45.83 62.22 38.98
CA LYS E 112 46.33 62.04 40.35
C LYS E 112 45.31 61.24 41.16
N ARG E 113 44.02 61.45 40.93
CA ARG E 113 42.96 60.77 41.65
C ARG E 113 41.90 60.32 40.66
N ILE E 114 41.56 59.05 40.70
CA ILE E 114 40.51 58.50 39.86
C ILE E 114 39.52 57.78 40.75
N HIS E 115 38.24 58.09 40.56
CA HIS E 115 37.17 57.52 41.37
C HIS E 115 36.28 56.70 40.44
N VAL E 116 36.21 55.40 40.71
CA VAL E 116 35.45 54.46 39.89
C VAL E 116 34.58 53.61 40.81
N LEU E 117 33.34 53.38 40.37
CA LEU E 117 32.41 52.54 41.11
C LEU E 117 31.81 51.49 40.18
N PRO E 118 31.50 50.31 40.70
CA PRO E 118 30.93 49.25 39.86
C PRO E 118 29.48 49.54 39.53
N ILE E 119 28.98 48.81 38.54
CA ILE E 119 27.57 48.90 38.19
C ILE E 119 26.81 47.79 38.92
N ASP E 120 25.67 48.17 39.51
CA ASP E 120 24.89 47.25 40.33
C ASP E 120 24.48 46.00 39.55
N ASP E 121 24.27 46.15 38.25
CA ASP E 121 23.80 45.02 37.44
C ASP E 121 24.72 43.81 37.53
N THR E 122 26.01 44.01 37.83
CA THR E 122 26.97 42.91 37.89
C THR E 122 27.41 42.58 39.31
N VAL E 123 27.25 43.50 40.25
CA VAL E 123 27.63 43.26 41.64
C VAL E 123 26.44 42.59 42.31
N GLU E 124 26.22 41.33 41.98
CA GLU E 124 25.15 40.55 42.58
C GLU E 124 25.72 39.19 42.98
N GLY E 125 25.64 38.88 44.27
CA GLY E 125 26.15 37.61 44.76
C GLY E 125 27.64 37.67 45.03
N ILE E 126 28.27 38.79 44.64
CA ILE E 126 29.71 38.89 44.79
C ILE E 126 30.02 39.99 45.79
N THR E 127 30.93 39.69 46.72
CA THR E 127 31.31 40.64 47.76
C THR E 127 32.82 40.66 47.89
N GLY E 128 33.29 41.28 48.97
CA GLY E 128 34.71 41.36 49.26
C GLY E 128 35.31 42.57 48.59
N ASN E 129 36.64 42.54 48.46
CA ASN E 129 37.41 43.70 47.99
C ASN E 129 37.45 43.65 46.47
N LEU E 130 36.36 44.12 45.87
CA LEU E 130 36.28 44.16 44.40
C LEU E 130 37.30 45.12 43.80
N PHE E 131 37.69 46.16 44.54
CA PHE E 131 38.71 47.08 44.05
C PHE E 131 40.00 46.34 43.74
N GLU E 132 40.54 45.60 44.72
CA GLU E 132 41.81 44.93 44.50
C GLU E 132 41.69 43.83 43.46
N VAL E 133 40.56 43.13 43.44
CA VAL E 133 40.39 42.01 42.52
C VAL E 133 40.28 42.48 41.08
N TYR E 134 39.50 43.54 40.85
CA TYR E 134 39.21 44.03 39.51
C TYR E 134 39.93 45.31 39.15
N LEU E 135 39.73 46.38 39.93
CA LEU E 135 40.15 47.71 39.50
C LEU E 135 41.66 47.89 39.63
N LYS E 136 42.26 47.34 40.68
CA LYS E 136 43.69 47.53 40.90
C LYS E 136 44.52 46.96 39.74
N PRO E 137 44.37 45.69 39.37
CA PRO E 137 45.16 45.19 38.22
C PRO E 137 44.77 45.83 36.91
N TYR E 138 43.54 46.33 36.81
CA TYR E 138 43.11 47.03 35.60
C TYR E 138 43.93 48.30 35.38
N PHE E 139 44.11 49.10 36.44
CA PHE E 139 44.83 50.36 36.34
C PHE E 139 46.32 50.25 36.65
N LEU E 140 46.74 49.26 37.43
CA LEU E 140 48.11 49.18 37.91
C LEU E 140 49.07 49.12 36.73
N GLU E 141 49.90 50.17 36.59
CA GLU E 141 50.91 50.32 35.53
C GLU E 141 50.35 50.02 34.14
N ALA E 142 49.07 50.33 33.89
CA ALA E 142 48.47 50.00 32.61
C ALA E 142 48.51 51.17 31.63
N TYR E 143 48.68 52.39 32.12
CA TYR E 143 48.76 53.58 31.28
C TYR E 143 47.53 53.70 30.38
N ARG E 144 46.38 53.37 30.94
CA ARG E 144 45.12 53.44 30.22
C ARG E 144 44.64 54.90 30.15
N PRO E 145 44.14 55.37 29.02
CA PRO E 145 43.37 56.61 29.02
C PRO E 145 42.05 56.42 29.74
N ILE E 146 41.61 57.47 30.44
CA ILE E 146 40.36 57.44 31.19
C ILE E 146 39.64 58.76 30.95
N ARG E 147 38.31 58.71 30.89
CA ARG E 147 37.48 59.89 30.79
C ARG E 147 36.27 59.73 31.70
N LYS E 148 35.85 60.82 32.31
CA LYS E 148 34.63 60.82 33.13
C LYS E 148 33.44 60.32 32.32
N GLY E 149 32.71 59.37 32.90
CA GLY E 149 31.60 58.73 32.23
C GLY E 149 31.94 57.49 31.44
N ASP E 150 33.21 57.15 31.31
CA ASP E 150 33.60 55.95 30.59
C ASP E 150 33.11 54.70 31.30
N ILE E 151 32.56 53.76 30.52
CA ILE E 151 32.16 52.45 31.02
C ILE E 151 33.15 51.43 30.48
N PHE E 152 33.67 50.59 31.37
CA PHE E 152 34.61 49.56 30.95
C PHE E 152 34.36 48.28 31.73
N LEU E 153 34.80 47.17 31.17
CA LEU E 153 34.57 45.85 31.73
C LEU E 153 35.89 45.23 32.17
N VAL E 154 35.89 44.66 33.37
CA VAL E 154 37.01 43.90 33.92
C VAL E 154 36.52 42.48 34.19
N ARG E 155 37.24 41.50 33.65
CA ARG E 155 36.87 40.09 33.75
C ARG E 155 37.75 39.40 34.78
N GLY E 156 37.17 38.51 35.56
CA GLY E 156 37.91 37.71 36.50
C GLY E 156 37.02 37.15 37.58
N GLY E 157 37.49 36.06 38.19
CA GLY E 157 36.74 35.42 39.24
C GLY E 157 35.47 34.74 38.77
N MET E 158 35.43 34.36 37.50
CA MET E 158 34.25 33.77 36.86
C MET E 158 33.07 34.75 36.82
N ARG E 159 33.35 36.04 36.92
CA ARG E 159 32.32 37.07 36.74
C ARG E 159 32.85 38.17 35.84
N ALA E 160 31.92 38.85 35.17
CA ALA E 160 32.25 39.99 34.34
C ALA E 160 31.62 41.24 34.95
N VAL E 161 32.45 42.09 35.54
CA VAL E 161 31.99 43.24 36.32
C VAL E 161 32.37 44.50 35.58
N GLU E 162 31.40 45.35 35.31
CA GLU E 162 31.67 46.61 34.62
C GLU E 162 31.59 47.76 35.61
N PHE E 163 32.34 48.82 35.31
CA PHE E 163 32.50 49.96 36.19
C PHE E 163 32.24 51.24 35.41
N LYS E 164 31.85 52.29 36.13
CA LYS E 164 31.71 53.61 35.55
C LYS E 164 32.67 54.56 36.23
N VAL E 165 33.24 55.49 35.46
CA VAL E 165 34.12 56.51 36.02
C VAL E 165 33.23 57.68 36.46
N VAL E 166 33.34 58.05 37.74
CA VAL E 166 32.50 59.12 38.28
C VAL E 166 33.27 60.39 38.57
N GLU E 167 34.58 60.32 38.80
CA GLU E 167 35.33 61.55 39.01
C GLU E 167 36.78 61.34 38.62
N THR E 168 37.34 62.32 37.92
CA THR E 168 38.76 62.38 37.63
C THR E 168 39.27 63.76 38.02
N ASP E 169 40.41 63.80 38.71
CA ASP E 169 40.95 65.07 39.16
C ASP E 169 41.23 65.98 37.96
N PRO E 170 42.03 65.55 36.97
CA PRO E 170 42.03 66.27 35.70
C PRO E 170 40.75 65.98 34.94
N SER E 171 40.38 66.89 34.04
CA SER E 171 39.15 66.73 33.27
C SER E 171 39.36 67.21 31.84
N PRO E 172 38.58 66.69 30.90
CA PRO E 172 37.64 65.59 31.13
C PRO E 172 38.28 64.21 30.92
N TYR E 173 39.58 64.18 30.68
CA TYR E 173 40.27 62.92 30.46
C TYR E 173 41.74 63.03 30.86
N CYS E 174 42.37 61.88 31.08
CA CYS E 174 43.76 61.80 31.45
C CYS E 174 44.28 60.39 31.24
N ILE E 175 45.57 60.22 31.51
CA ILE E 175 46.19 58.90 31.50
C ILE E 175 46.45 58.48 32.93
N VAL E 176 46.20 57.22 33.26
CA VAL E 176 46.51 56.73 34.59
C VAL E 176 48.00 56.42 34.68
N ALA E 177 48.63 56.92 35.73
CA ALA E 177 50.05 56.71 35.95
C ALA E 177 50.25 55.62 36.98
N PRO E 178 51.43 54.98 37.01
CA PRO E 178 51.76 54.08 38.12
C PRO E 178 51.61 54.70 39.49
N ASP E 179 51.75 56.03 39.63
CA ASP E 179 51.57 56.68 40.91
C ASP E 179 50.21 57.36 41.07
N THR E 180 49.24 57.04 40.21
CA THR E 180 47.91 57.58 40.34
C THR E 180 47.10 56.78 41.35
N VAL E 181 46.41 57.50 42.23
CA VAL E 181 45.60 56.88 43.28
C VAL E 181 44.23 56.55 42.69
N ILE E 182 43.87 55.27 42.78
CA ILE E 182 42.59 54.77 42.29
C ILE E 182 41.70 54.51 43.50
N HIS E 183 40.55 55.16 43.53
CA HIS E 183 39.65 55.07 44.67
C HIS E 183 38.34 54.43 44.26
N CYS E 184 37.79 53.59 45.13
CA CYS E 184 36.53 52.92 44.86
C CYS E 184 35.79 52.68 46.18
N GLU E 185 34.96 53.63 46.57
CA GLU E 185 34.11 53.50 47.74
C GLU E 185 32.76 54.13 47.45
N GLY E 186 31.70 53.43 47.84
CA GLY E 186 30.36 53.91 47.57
C GLY E 186 29.47 52.82 47.03
N GLU E 187 28.18 53.14 46.96
CA GLU E 187 27.20 52.18 46.49
C GLU E 187 27.42 51.87 45.01
N PRO E 188 27.04 50.68 44.55
CA PRO E 188 27.03 50.43 43.11
C PRO E 188 26.09 51.37 42.37
N ILE E 189 26.44 51.64 41.11
CA ILE E 189 25.68 52.57 40.29
C ILE E 189 24.65 51.82 39.46
N LYS E 190 23.43 52.38 39.39
CA LYS E 190 22.41 51.80 38.54
C LYS E 190 22.66 52.19 37.09
N ARG E 191 22.49 51.22 36.19
CA ARG E 191 22.74 51.46 34.77
C ARG E 191 21.71 52.43 34.21
N GLU E 192 22.16 53.31 33.31
CA GLU E 192 21.28 54.29 32.71
C GLU E 192 20.59 53.69 31.49
N ASP E 193 19.42 54.22 31.15
CA ASP E 193 18.66 53.68 30.03
C ASP E 193 19.33 53.95 28.69
N GLU E 194 20.26 54.90 28.63
CA GLU E 194 20.86 55.28 27.35
C GLU E 194 22.09 54.44 27.03
N GLU E 195 22.49 53.54 27.91
CA GLU E 195 23.68 52.72 27.73
C GLU E 195 23.31 51.25 27.84
N GLU E 196 24.02 50.41 27.09
CA GLU E 196 23.75 48.98 27.11
C GLU E 196 24.76 48.27 28.01
N SER E 197 24.32 47.16 28.61
CA SER E 197 25.23 46.35 29.39
C SER E 197 26.28 45.70 28.51
N LEU E 198 27.51 45.64 29.02
CA LEU E 198 28.63 45.09 28.26
C LEU E 198 28.65 43.57 28.27
N ASN E 199 27.70 42.93 28.97
CA ASN E 199 27.62 41.48 28.95
C ASN E 199 26.54 40.98 28.01
N GLU E 200 26.01 41.86 27.16
CA GLU E 200 24.98 41.47 26.21
C GLU E 200 25.61 40.69 25.07
N VAL E 201 24.78 39.91 24.38
CA VAL E 201 25.27 39.10 23.26
C VAL E 201 25.59 39.99 22.06
N GLY E 202 26.78 39.79 21.51
CA GLY E 202 27.24 40.51 20.34
C GLY E 202 28.12 39.61 19.51
N TYR E 203 28.81 40.21 18.54
CA TYR E 203 29.67 39.43 17.65
C TYR E 203 30.89 38.85 18.36
N ASP E 204 31.34 39.49 19.44
CA ASP E 204 32.48 38.98 20.19
C ASP E 204 32.21 37.64 20.83
N ASP E 205 30.95 37.24 20.95
CA ASP E 205 30.57 35.99 21.61
C ASP E 205 30.53 34.80 20.64
N ILE E 206 30.73 35.04 19.35
CA ILE E 206 30.63 34.01 18.32
C ILE E 206 32.05 33.58 17.95
N GLY E 207 32.33 32.29 18.07
CA GLY E 207 33.65 31.79 17.73
C GLY E 207 33.82 31.37 16.29
N GLY E 208 33.59 30.09 16.00
CA GLY E 208 33.74 29.61 14.64
C GLY E 208 32.56 30.01 13.78
N CYS E 209 32.59 29.58 12.52
CA CYS E 209 31.56 29.95 11.53
C CYS E 209 31.52 31.45 11.26
N ARG E 210 32.70 32.07 11.23
CA ARG E 210 32.77 33.50 10.96
C ARG E 210 32.41 33.81 9.52
N LYS E 211 32.68 32.89 8.60
CA LYS E 211 32.31 33.08 7.20
C LYS E 211 30.80 33.24 7.05
N GLN E 212 30.03 32.47 7.82
CA GLN E 212 28.57 32.57 7.73
C GLN E 212 28.07 33.87 8.35
N LEU E 213 28.68 34.29 9.45
CA LEU E 213 28.30 35.55 10.07
C LEU E 213 28.50 36.72 9.11
N ALA E 214 29.64 36.73 8.42
CA ALA E 214 29.90 37.80 7.44
C ALA E 214 28.86 37.81 6.34
N GLN E 215 28.52 36.63 5.81
CA GLN E 215 27.52 36.55 4.75
C GLN E 215 26.16 37.07 5.24
N ILE E 216 25.78 36.71 6.46
CA ILE E 216 24.51 37.17 7.00
C ILE E 216 24.52 38.68 7.19
N LYS E 217 25.61 39.21 7.74
CA LYS E 217 25.71 40.65 7.95
C LYS E 217 25.48 41.42 6.66
N GLU E 218 26.07 40.95 5.56
CA GLU E 218 25.85 41.61 4.28
C GLU E 218 24.38 41.62 3.91
N MET E 219 23.67 40.53 4.22
CA MET E 219 22.25 40.44 3.85
C MET E 219 21.37 41.24 4.81
N VAL E 220 21.76 41.35 6.09
CA VAL E 220 20.85 41.90 7.09
C VAL E 220 21.18 43.34 7.51
N GLU E 221 22.46 43.68 7.70
CA GLU E 221 22.78 44.94 8.35
C GLU E 221 22.33 46.13 7.51
N LEU E 222 22.50 46.07 6.20
CA LEU E 222 22.20 47.24 5.37
C LEU E 222 20.70 47.50 5.26
N PRO E 223 19.83 46.51 4.98
CA PRO E 223 18.39 46.81 4.98
C PRO E 223 17.88 47.44 6.27
N LEU E 224 18.49 47.10 7.41
CA LEU E 224 18.04 47.62 8.69
C LEU E 224 18.70 48.93 9.08
N ARG E 225 19.98 49.12 8.75
CA ARG E 225 20.66 50.33 9.15
C ARG E 225 20.35 51.49 8.22
N HIS E 226 20.12 51.23 6.93
CA HIS E 226 19.86 52.25 5.93
C HIS E 226 18.59 51.92 5.15
N PRO E 227 17.43 51.92 5.82
CA PRO E 227 16.18 51.60 5.10
C PRO E 227 15.89 52.55 3.95
N ALA E 228 16.40 53.77 4.01
CA ALA E 228 16.20 54.73 2.93
C ALA E 228 16.78 54.22 1.63
N LEU E 229 17.83 53.40 1.70
CA LEU E 229 18.47 52.92 0.48
C LEU E 229 17.52 52.07 -0.35
N PHE E 230 16.79 51.16 0.31
CA PHE E 230 15.91 50.26 -0.41
C PHE E 230 14.56 50.89 -0.74
N LYS E 231 14.19 51.98 -0.07
CA LYS E 231 13.01 52.71 -0.51
C LYS E 231 13.31 53.54 -1.75
N ALA E 232 14.50 54.15 -1.81
CA ALA E 232 14.84 55.01 -2.94
C ALA E 232 15.18 54.20 -4.19
N ILE E 233 15.72 52.98 -4.00
CA ILE E 233 16.17 52.19 -5.14
C ILE E 233 15.20 51.04 -5.39
N GLY E 234 14.99 50.73 -6.67
CA GLY E 234 14.07 49.68 -7.05
C GLY E 234 14.49 48.27 -6.72
N VAL E 235 15.69 48.08 -6.15
CA VAL E 235 16.18 46.76 -5.75
C VAL E 235 15.58 46.42 -4.39
N LYS E 236 14.93 45.26 -4.31
CA LYS E 236 14.25 44.87 -3.08
C LYS E 236 15.19 44.07 -2.19
N PRO E 237 15.08 44.24 -0.87
CA PRO E 237 15.94 43.50 0.06
C PRO E 237 15.46 42.07 0.21
N PRO E 238 16.30 41.18 0.75
CA PRO E 238 15.78 39.90 1.25
C PRO E 238 14.87 40.11 2.44
N ARG E 239 13.84 39.26 2.55
CA ARG E 239 12.87 39.34 3.63
C ARG E 239 13.00 38.21 4.63
N GLY E 240 13.62 37.11 4.26
CA GLY E 240 13.80 36.00 5.17
C GLY E 240 15.08 35.22 4.93
N ILE E 241 15.66 34.72 6.02
CA ILE E 241 16.90 33.96 5.97
C ILE E 241 16.71 32.72 6.82
N LEU E 242 17.04 31.55 6.25
CA LEU E 242 16.96 30.29 6.98
C LEU E 242 18.37 29.87 7.38
N LEU E 243 18.59 29.75 8.68
CA LEU E 243 19.86 29.26 9.20
C LEU E 243 19.68 27.79 9.58
N TYR E 244 20.54 26.92 9.07
CA TYR E 244 20.38 25.52 9.40
C TYR E 244 21.71 24.90 9.78
N GLY E 245 21.62 23.87 10.62
CA GLY E 245 22.76 23.11 11.09
C GLY E 245 22.37 22.35 12.34
N PRO E 246 23.27 21.51 12.85
CA PRO E 246 22.95 20.72 14.04
C PRO E 246 22.61 21.61 15.21
N PRO E 247 21.88 21.09 16.21
CA PRO E 247 21.64 21.88 17.42
C PRO E 247 22.93 22.26 18.12
N GLY E 248 22.92 23.45 18.73
CA GLY E 248 24.05 23.90 19.52
C GLY E 248 25.18 24.51 18.73
N THR E 249 24.94 24.92 17.49
CA THR E 249 25.99 25.52 16.67
C THR E 249 25.95 27.04 16.66
N GLY E 250 25.01 27.66 17.35
CA GLY E 250 24.94 29.10 17.43
C GLY E 250 23.90 29.77 16.56
N LYS E 251 22.92 29.03 16.01
CA LYS E 251 21.92 29.65 15.17
C LYS E 251 21.18 30.76 15.91
N THR E 252 20.76 30.50 17.14
CA THR E 252 20.12 31.54 17.93
C THR E 252 21.12 32.61 18.32
N LEU E 253 22.35 32.19 18.66
CA LEU E 253 23.38 33.13 19.07
C LEU E 253 23.61 34.18 18.00
N ILE E 254 23.68 33.77 16.73
CA ILE E 254 23.88 34.71 15.63
C ILE E 254 22.69 35.66 15.52
N ALA E 255 21.47 35.11 15.53
CA ALA E 255 20.29 35.95 15.39
C ALA E 255 20.24 37.04 16.46
N ARG E 256 20.59 36.69 17.69
CA ARG E 256 20.59 37.67 18.76
C ARG E 256 21.76 38.65 18.63
N ALA E 257 22.94 38.14 18.27
CA ALA E 257 24.11 39.00 18.15
C ALA E 257 23.89 40.05 17.07
N VAL E 258 23.29 39.66 15.95
CA VAL E 258 23.06 40.61 14.86
C VAL E 258 22.07 41.68 15.27
N ALA E 259 20.96 41.28 15.90
CA ALA E 259 19.96 42.24 16.34
C ALA E 259 20.53 43.22 17.35
N ASN E 260 21.35 42.72 18.28
CA ASN E 260 21.91 43.58 19.32
C ASN E 260 22.95 44.54 18.75
N GLU E 261 23.80 44.05 17.84
CA GLU E 261 24.83 44.92 17.26
C GLU E 261 24.23 46.00 16.38
N THR E 262 23.16 45.68 15.63
CA THR E 262 22.55 46.69 14.78
C THR E 262 21.54 47.54 15.53
N GLY E 263 20.96 47.02 16.61
CA GLY E 263 19.96 47.75 17.37
C GLY E 263 18.54 47.48 16.95
N ALA E 264 18.32 46.60 15.99
CA ALA E 264 16.98 46.28 15.53
C ALA E 264 16.18 45.61 16.64
N PHE E 265 14.88 45.87 16.66
CA PHE E 265 13.99 45.24 17.62
C PHE E 265 13.97 43.73 17.39
N PHE E 266 14.18 42.97 18.44
CA PHE E 266 14.28 41.52 18.36
C PHE E 266 13.05 40.88 19.00
N PHE E 267 12.40 40.00 18.26
CA PHE E 267 11.26 39.24 18.76
C PHE E 267 11.58 37.76 18.63
N LEU E 268 11.44 37.02 19.71
CA LEU E 268 11.79 35.62 19.76
C LEU E 268 10.54 34.75 19.63
N ILE E 269 10.57 33.82 18.68
CA ILE E 269 9.54 32.80 18.52
C ILE E 269 10.22 31.44 18.57
N ASN E 270 9.53 30.45 19.12
CA ASN E 270 10.01 29.08 19.08
C ASN E 270 8.83 28.12 18.93
N GLY E 271 9.08 27.05 18.20
CA GLY E 271 8.10 26.01 17.98
C GLY E 271 7.27 25.64 19.20
N PRO E 272 7.91 25.12 20.25
CA PRO E 272 7.13 24.69 21.42
C PRO E 272 6.19 25.76 21.95
N GLU E 273 6.58 27.03 21.95
CA GLU E 273 5.71 28.06 22.49
C GLU E 273 4.46 28.24 21.63
N ILE E 274 4.61 28.09 20.31
CA ILE E 274 3.47 28.26 19.42
C ILE E 274 2.61 27.01 19.38
N MET E 275 3.25 25.85 19.27
CA MET E 275 2.52 24.61 19.09
C MET E 275 1.81 24.16 20.37
N SER E 276 2.27 24.61 21.54
CA SER E 276 1.62 24.21 22.79
C SER E 276 0.25 24.86 22.95
N LYS E 277 -0.07 25.85 22.11
CA LYS E 277 -1.30 26.62 22.29
C LYS E 277 -2.45 25.95 21.55
N LEU E 278 -3.66 26.35 21.91
CA LEU E 278 -4.86 25.78 21.28
C LEU E 278 -5.11 26.44 19.92
N ALA E 279 -5.97 25.79 19.14
CA ALA E 279 -6.34 26.34 17.84
C ALA E 279 -6.85 27.77 17.99
N GLY E 280 -6.32 28.67 17.17
CA GLY E 280 -6.67 30.08 17.28
C GLY E 280 -5.71 30.88 18.13
N GLU E 281 -5.15 30.25 19.16
CA GLU E 281 -4.15 30.94 19.98
C GLU E 281 -2.79 30.92 19.32
N SER E 282 -2.42 29.78 18.72
CA SER E 282 -1.12 29.67 18.05
C SER E 282 -1.02 30.62 16.87
N GLU E 283 -2.13 30.79 16.14
CA GLU E 283 -2.14 31.73 15.02
C GLU E 283 -2.14 33.18 15.50
N SER E 284 -2.89 33.48 16.56
CA SER E 284 -2.90 34.85 17.08
C SER E 284 -1.51 35.26 17.53
N ASN E 285 -0.78 34.36 18.20
CA ASN E 285 0.55 34.69 18.69
C ASN E 285 1.49 35.02 17.55
N LEU E 286 1.42 34.26 16.46
CA LEU E 286 2.26 34.55 15.29
C LEU E 286 1.87 35.89 14.67
N ARG E 287 0.57 36.16 14.57
CA ARG E 287 0.14 37.45 14.04
C ARG E 287 0.62 38.60 14.90
N LYS E 288 0.55 38.49 16.23
CA LYS E 288 1.01 39.58 17.08
C LYS E 288 2.51 39.82 16.91
N ALA E 289 3.30 38.75 16.81
CA ALA E 289 4.74 38.90 16.65
C ALA E 289 5.06 39.73 15.42
N PHE E 290 4.36 39.49 14.32
CA PHE E 290 4.61 40.25 13.11
C PHE E 290 4.14 41.71 13.26
N GLU E 291 2.99 41.91 13.91
CA GLU E 291 2.50 43.27 14.12
C GLU E 291 3.44 44.07 15.02
N GLU E 292 3.99 43.44 16.06
CA GLU E 292 4.91 44.13 16.95
C GLU E 292 6.21 44.47 16.25
N ALA E 293 6.71 43.57 15.41
CA ALA E 293 7.94 43.84 14.69
C ALA E 293 7.79 45.05 13.77
N GLU E 294 6.65 45.17 13.10
CA GLU E 294 6.42 46.31 12.22
C GLU E 294 6.35 47.61 13.01
N LYS E 295 5.61 47.60 14.12
CA LYS E 295 5.49 48.80 14.94
C LYS E 295 6.85 49.25 15.48
N ASN E 296 7.72 48.29 15.79
CA ASN E 296 9.05 48.56 16.29
C ASN E 296 10.13 48.46 15.22
N ALA E 297 9.75 48.50 13.94
CA ALA E 297 10.72 48.36 12.86
C ALA E 297 11.75 49.50 12.93
N PRO E 298 12.98 49.25 12.47
CA PRO E 298 13.49 47.98 11.94
C PRO E 298 13.52 46.89 12.99
N ALA E 299 13.20 45.66 12.59
CA ALA E 299 13.04 44.55 13.53
C ALA E 299 13.46 43.25 12.87
N ILE E 300 13.84 42.29 13.69
CA ILE E 300 14.16 40.93 13.26
C ILE E 300 13.28 39.97 14.05
N ILE E 301 12.63 39.06 13.34
CA ILE E 301 11.85 38.01 13.97
C ILE E 301 12.61 36.70 13.81
N PHE E 302 12.94 36.07 14.94
CA PHE E 302 13.69 34.82 14.90
C PHE E 302 12.76 33.69 15.33
N ILE E 303 12.63 32.68 14.49
CA ILE E 303 11.77 31.54 14.73
C ILE E 303 12.68 30.33 14.92
N ASP E 304 12.75 29.85 16.17
CA ASP E 304 13.54 28.67 16.45
C ASP E 304 12.70 27.42 16.30
N GLU E 305 13.36 26.29 16.04
CA GLU E 305 12.69 25.02 15.78
C GLU E 305 11.62 25.18 14.71
N LEU E 306 12.02 25.75 13.58
CA LEU E 306 11.09 25.96 12.47
C LEU E 306 10.39 24.67 12.09
N ASP E 307 11.11 23.55 12.11
CA ASP E 307 10.55 22.26 11.70
C ASP E 307 9.49 21.79 12.68
N ALA E 308 9.45 22.38 13.88
CA ALA E 308 8.41 22.06 14.85
C ALA E 308 7.10 22.77 14.58
N ILE E 309 7.12 23.88 13.84
CA ILE E 309 5.90 24.61 13.54
C ILE E 309 5.39 24.28 12.14
N ALA E 310 6.29 24.27 11.16
CA ALA E 310 5.91 24.09 9.76
C ALA E 310 6.72 22.96 9.15
N PRO E 311 6.50 21.72 9.61
CA PRO E 311 7.16 20.59 8.96
C PRO E 311 6.52 20.26 7.63
N LYS E 312 7.02 19.26 6.92
CA LYS E 312 6.42 18.85 5.67
C LYS E 312 4.93 18.57 5.87
N ARG E 313 4.12 19.10 4.96
CA ARG E 313 2.66 18.99 5.09
C ARG E 313 2.20 17.54 4.98
N GLU E 314 2.86 16.75 4.14
CA GLU E 314 2.43 15.37 3.93
C GLU E 314 2.69 14.51 5.16
N LYS E 315 3.42 15.06 6.14
CA LYS E 315 3.69 14.36 7.38
C LYS E 315 2.73 14.71 8.51
N THR E 316 1.78 15.62 8.29
CA THR E 316 0.86 16.02 9.36
C THR E 316 -0.57 15.84 8.88
N HIS E 317 -1.48 15.68 9.84
CA HIS E 317 -2.89 15.49 9.57
C HIS E 317 -3.79 16.34 10.45
N GLY E 318 -3.25 16.93 11.50
CA GLY E 318 -4.09 17.70 12.42
C GLY E 318 -4.52 19.02 11.82
N GLU E 319 -5.67 19.52 12.25
CA GLU E 319 -6.16 20.80 11.76
C GLU E 319 -5.18 21.92 12.12
N VAL E 320 -4.66 21.93 13.35
CA VAL E 320 -3.71 22.97 13.74
C VAL E 320 -2.44 22.86 12.92
N GLU E 321 -1.96 21.64 12.67
CA GLU E 321 -0.75 21.46 11.88
C GLU E 321 -0.90 21.95 10.45
N ARG E 322 -2.06 21.74 9.82
CA ARG E 322 -2.27 22.20 8.45
C ARG E 322 -2.50 23.70 8.41
N ARG E 323 -3.19 24.24 9.41
CA ARG E 323 -3.47 25.67 9.39
C ARG E 323 -2.26 26.48 9.85
N ILE E 324 -1.45 25.93 10.74
CA ILE E 324 -0.28 26.68 11.22
C ILE E 324 0.78 26.80 10.11
N VAL E 325 0.87 25.79 9.24
CA VAL E 325 1.74 25.92 8.08
C VAL E 325 1.27 27.05 7.19
N SER E 326 -0.03 27.08 6.86
CA SER E 326 -0.55 28.13 6.00
C SER E 326 -0.44 29.50 6.67
N GLN E 327 -0.66 29.56 7.99
CA GLN E 327 -0.55 30.85 8.68
C GLN E 327 0.85 31.42 8.57
N LEU E 328 1.89 30.59 8.70
CA LEU E 328 3.25 31.11 8.59
C LEU E 328 3.53 31.57 7.17
N LEU E 329 3.07 30.80 6.17
CA LEU E 329 3.28 31.16 4.77
C LEU E 329 2.62 32.50 4.44
N THR E 330 1.40 32.71 4.92
CA THR E 330 0.73 33.98 4.63
C THR E 330 1.34 35.14 5.39
N LEU E 331 1.88 34.91 6.60
CA LEU E 331 2.55 35.96 7.34
C LEU E 331 3.83 36.39 6.62
N MET E 332 4.55 35.43 6.04
CA MET E 332 5.75 35.76 5.28
C MET E 332 5.40 36.60 4.05
N ASP E 333 4.30 36.25 3.37
CA ASP E 333 3.82 37.07 2.25
C ASP E 333 3.45 38.48 2.69
N GLY E 334 2.92 38.65 3.90
CA GLY E 334 2.60 39.97 4.39
C GLY E 334 3.78 40.90 4.54
N LEU E 335 5.01 40.37 4.46
CA LEU E 335 6.21 41.21 4.55
C LEU E 335 6.39 42.14 3.38
N LYS E 336 5.55 42.04 2.35
CA LYS E 336 5.60 43.03 1.27
C LYS E 336 5.14 44.39 1.76
N GLN E 337 4.29 44.41 2.78
CA GLN E 337 3.80 45.68 3.33
C GLN E 337 4.55 46.06 4.60
N ARG E 338 4.97 45.07 5.39
CA ARG E 338 5.66 45.30 6.65
C ARG E 338 7.12 45.64 6.36
N ALA E 339 7.35 46.87 5.92
CA ALA E 339 8.67 47.27 5.47
C ALA E 339 9.68 47.28 6.62
N HIS E 340 10.94 47.00 6.29
CA HIS E 340 12.06 47.05 7.23
C HIS E 340 12.03 45.95 8.28
N VAL E 341 11.38 44.83 8.01
CA VAL E 341 11.36 43.69 8.93
C VAL E 341 11.90 42.47 8.22
N ILE E 342 12.88 41.81 8.83
CA ILE E 342 13.48 40.59 8.31
C ILE E 342 13.13 39.46 9.26
N VAL E 343 12.69 38.33 8.69
CA VAL E 343 12.34 37.15 9.48
C VAL E 343 13.40 36.10 9.26
N MET E 344 14.02 35.65 10.34
CA MET E 344 15.03 34.60 10.30
C MET E 344 14.49 33.38 11.02
N ALA E 345 14.83 32.20 10.51
CA ALA E 345 14.38 30.94 11.11
C ALA E 345 15.55 29.99 11.24
N ALA E 346 15.46 29.13 12.26
CA ALA E 346 16.48 28.13 12.52
C ALA E 346 15.87 26.74 12.40
N THR E 347 16.54 25.86 11.66
CA THR E 347 16.11 24.48 11.52
C THR E 347 17.34 23.59 11.62
N ASN E 348 17.10 22.31 11.86
CA ASN E 348 18.21 21.37 11.96
C ASN E 348 18.71 20.96 10.57
N ARG E 349 17.81 20.86 9.61
CA ARG E 349 18.16 20.47 8.25
C ARG E 349 17.32 21.27 7.26
N PRO E 350 17.90 21.71 6.16
CA PRO E 350 17.15 22.56 5.22
C PRO E 350 15.99 21.84 4.55
N ASN E 351 15.99 20.51 4.55
CA ASN E 351 14.92 19.74 3.92
C ASN E 351 13.97 19.10 4.91
N SER E 352 13.91 19.58 6.15
CA SER E 352 12.97 19.05 7.12
C SER E 352 11.74 19.92 7.28
N ILE E 353 11.55 20.90 6.41
CA ILE E 353 10.44 21.84 6.53
C ILE E 353 9.63 21.83 5.25
N ASP E 354 8.44 22.42 5.32
CA ASP E 354 7.57 22.58 4.18
C ASP E 354 8.32 23.27 3.04
N PRO E 355 8.54 22.60 1.90
CA PRO E 355 9.31 23.24 0.82
C PRO E 355 8.78 24.59 0.39
N ALA E 356 7.49 24.88 0.60
CA ALA E 356 6.94 26.17 0.18
C ALA E 356 7.67 27.33 0.85
N LEU E 357 8.19 27.13 2.06
CA LEU E 357 8.80 28.23 2.79
C LEU E 357 10.01 28.80 2.07
N ARG E 358 10.68 27.97 1.25
CA ARG E 358 11.92 28.36 0.59
C ARG E 358 11.72 28.81 -0.84
N ARG E 359 10.46 28.98 -1.28
CA ARG E 359 10.18 29.47 -2.62
C ARG E 359 10.49 30.96 -2.70
N PHE E 360 10.71 31.44 -3.95
CA PHE E 360 11.06 32.87 -4.22
C PHE E 360 10.36 33.73 -3.20
N GLY E 361 11.11 34.60 -2.52
CA GLY E 361 10.48 35.32 -1.45
C GLY E 361 10.64 34.52 -0.17
N ARG E 362 9.75 34.78 0.79
CA ARG E 362 9.74 34.02 2.07
C ARG E 362 11.14 33.76 2.58
N PHE E 363 11.57 32.49 2.57
CA PHE E 363 12.90 32.11 3.04
C PHE E 363 13.74 31.56 1.87
N ASP E 364 13.83 32.38 0.82
CA ASP E 364 14.63 32.01 -0.34
C ASP E 364 16.12 32.22 -0.15
N ARG E 365 16.56 32.72 1.00
CA ARG E 365 17.98 32.72 1.32
C ARG E 365 18.25 31.83 2.53
N GLU E 366 19.32 31.05 2.44
CA GLU E 366 19.64 30.09 3.50
C GLU E 366 21.15 30.07 3.70
N VAL E 367 21.59 29.81 4.93
CA VAL E 367 23.01 29.77 5.24
C VAL E 367 23.31 28.50 6.03
N ASP E 368 24.35 27.79 5.60
CA ASP E 368 24.79 26.54 6.22
C ASP E 368 25.78 26.87 7.33
N ILE E 369 25.36 26.69 8.58
CA ILE E 369 26.24 27.01 9.70
C ILE E 369 27.27 25.90 9.91
N GLY E 370 26.84 24.65 9.86
CA GLY E 370 27.77 23.55 9.98
C GLY E 370 28.30 23.37 11.40
N ILE E 371 29.43 22.69 11.48
CA ILE E 371 30.07 22.37 12.76
C ILE E 371 31.44 23.02 12.79
N PRO E 372 31.75 23.81 13.83
CA PRO E 372 33.06 24.47 13.88
C PRO E 372 34.20 23.47 13.81
N ASP E 373 35.28 23.87 13.14
CA ASP E 373 36.48 23.05 13.08
C ASP E 373 37.36 23.30 14.29
N ALA E 374 38.54 22.67 14.29
CA ALA E 374 39.42 22.76 15.44
C ALA E 374 39.78 24.20 15.78
N THR E 375 39.98 25.05 14.77
CA THR E 375 40.28 26.45 15.04
C THR E 375 39.08 27.16 15.64
N GLY E 376 37.89 26.93 15.08
CA GLY E 376 36.69 27.53 15.63
C GLY E 376 36.40 27.04 17.04
N ARG E 377 36.64 25.76 17.31
CA ARG E 377 36.41 25.23 18.64
C ARG E 377 37.35 25.87 19.66
N LEU E 378 38.60 26.10 19.27
CA LEU E 378 39.53 26.81 20.16
C LEU E 378 39.02 28.22 20.45
N GLU E 379 38.55 28.93 19.43
CA GLU E 379 37.99 30.26 19.66
C GLU E 379 36.80 30.21 20.61
N ILE E 380 35.92 29.21 20.45
CA ILE E 380 34.76 29.09 21.32
C ILE E 380 35.18 28.84 22.75
N LEU E 381 36.16 27.95 22.95
CA LEU E 381 36.67 27.69 24.30
C LEU E 381 37.24 28.96 24.93
N GLN E 382 38.00 29.72 24.15
CA GLN E 382 38.58 30.96 24.67
C GLN E 382 37.50 31.96 25.05
N ILE E 383 36.40 31.99 24.30
CA ILE E 383 35.30 32.89 24.62
C ILE E 383 34.67 32.51 25.96
N HIS E 384 34.43 31.21 26.17
CA HIS E 384 33.78 30.80 27.41
C HIS E 384 34.65 31.00 28.63
N THR E 385 35.97 30.95 28.48
CA THR E 385 36.90 31.10 29.60
C THR E 385 37.35 32.54 29.79
N LYS E 386 36.66 33.50 29.16
CA LYS E 386 37.06 34.90 29.28
C LYS E 386 37.01 35.37 30.72
N ASN E 387 36.05 34.86 31.49
CA ASN E 387 35.90 35.22 32.89
C ASN E 387 36.62 34.26 33.84
N MET E 388 37.02 33.09 33.34
CA MET E 388 37.60 32.04 34.17
C MET E 388 39.09 32.28 34.32
N LYS E 389 39.62 32.00 35.52
CA LYS E 389 41.05 32.00 35.75
C LYS E 389 41.60 30.63 35.39
N LEU E 390 42.56 30.61 34.46
CA LEU E 390 43.14 29.35 34.01
C LEU E 390 44.56 29.20 34.54
N ALA E 391 44.93 27.98 34.90
CA ALA E 391 46.28 27.70 35.33
C ALA E 391 47.22 27.68 34.12
N ASP E 392 48.51 27.83 34.40
CA ASP E 392 49.52 27.83 33.34
C ASP E 392 49.55 26.52 32.55
N ASP E 393 49.08 25.41 33.12
CA ASP E 393 49.10 24.14 32.41
C ASP E 393 47.92 23.95 31.48
N VAL E 394 46.95 24.87 31.49
CA VAL E 394 45.76 24.70 30.68
C VAL E 394 46.10 24.98 29.21
N ASP E 395 45.71 24.06 28.35
CA ASP E 395 45.97 24.17 26.91
C ASP E 395 44.66 23.93 26.16
N LEU E 396 44.00 25.02 25.77
CA LEU E 396 42.71 24.90 25.09
C LEU E 396 42.85 24.40 23.67
N GLU E 397 44.03 24.53 23.05
CA GLU E 397 44.23 23.96 21.73
C GLU E 397 44.20 22.43 21.78
N GLN E 398 44.81 21.85 22.82
CA GLN E 398 44.70 20.40 23.02
C GLN E 398 43.25 19.98 23.16
N VAL E 399 42.46 20.76 23.90
CA VAL E 399 41.05 20.43 24.08
C VAL E 399 40.32 20.53 22.75
N ALA E 400 40.52 21.64 22.03
CA ALA E 400 39.85 21.83 20.75
C ALA E 400 40.17 20.70 19.78
N ASN E 401 41.39 20.18 19.81
CA ASN E 401 41.72 19.06 18.94
C ASN E 401 41.08 17.76 19.40
N GLU E 402 40.88 17.58 20.71
CA GLU E 402 40.30 16.33 21.19
C GLU E 402 38.78 16.35 21.12
N THR E 403 38.16 17.53 21.13
CA THR E 403 36.70 17.62 21.12
C THR E 403 36.12 17.37 19.73
N HIS E 404 36.34 16.18 19.19
CA HIS E 404 35.74 15.83 17.91
C HIS E 404 34.24 15.59 18.07
N GLY E 405 33.47 16.16 17.15
CA GLY E 405 32.02 16.01 17.17
C GLY E 405 31.29 16.98 18.06
N HIS E 406 32.00 17.87 18.76
CA HIS E 406 31.36 18.82 19.66
C HIS E 406 30.95 20.07 18.91
N VAL E 407 29.91 20.73 19.41
CA VAL E 407 29.50 22.04 18.91
C VAL E 407 29.64 23.03 20.06
N GLY E 408 29.45 24.32 19.77
CA GLY E 408 29.65 25.34 20.78
C GLY E 408 28.84 25.11 22.04
N ALA E 409 27.62 24.58 21.90
CA ALA E 409 26.82 24.25 23.08
C ALA E 409 27.50 23.21 23.96
N ASP E 410 28.24 22.28 23.36
CA ASP E 410 28.95 21.27 24.13
C ASP E 410 30.23 21.83 24.73
N LEU E 411 30.92 22.72 24.01
CA LEU E 411 32.10 23.35 24.56
C LEU E 411 31.75 24.29 25.71
N ALA E 412 30.57 24.91 25.66
CA ALA E 412 30.09 25.68 26.80
C ALA E 412 29.89 24.79 28.02
N ALA E 413 29.25 23.64 27.83
CA ALA E 413 29.08 22.69 28.92
C ALA E 413 30.43 22.17 29.41
N LEU E 414 31.37 21.98 28.49
CA LEU E 414 32.69 21.49 28.85
C LEU E 414 33.42 22.47 29.76
N CYS E 415 33.41 23.75 29.40
CA CYS E 415 34.07 24.75 30.22
C CYS E 415 33.39 24.88 31.59
N SER E 416 32.06 24.84 31.62
CA SER E 416 31.36 24.90 32.90
C SER E 416 31.64 23.68 33.75
N GLU E 417 31.66 22.49 33.14
CA GLU E 417 31.89 21.27 33.87
C GLU E 417 33.30 21.24 34.46
N ALA E 418 34.30 21.67 33.68
CA ALA E 418 35.66 21.75 34.22
C ALA E 418 35.73 22.77 35.36
N ALA E 419 35.04 23.90 35.21
CA ALA E 419 35.04 24.90 36.27
C ALA E 419 34.37 24.36 37.52
N LEU E 420 33.28 23.62 37.37
CA LEU E 420 32.57 23.09 38.53
C LEU E 420 33.46 22.14 39.34
N GLN E 421 34.30 21.34 38.65
CA GLN E 421 35.25 20.50 39.35
C GLN E 421 36.26 21.32 40.14
N ALA E 422 36.79 22.37 39.51
CA ALA E 422 37.70 23.27 40.20
C ALA E 422 37.02 23.95 41.39
N ILE E 423 35.74 24.29 41.24
CA ILE E 423 35.01 24.96 42.32
C ILE E 423 34.85 24.02 43.51
N ARG E 424 34.45 22.77 43.26
CA ARG E 424 34.27 21.82 44.36
C ARG E 424 35.56 21.61 45.12
N LYS E 425 36.68 21.51 44.42
CA LYS E 425 37.96 21.21 45.08
C LYS E 425 38.35 22.27 46.09
N LYS E 426 37.77 23.47 46.03
CA LYS E 426 38.13 24.52 46.96
C LYS E 426 36.97 24.97 47.85
N MET E 427 35.82 25.28 47.23
CA MET E 427 34.73 25.91 47.96
C MET E 427 34.17 24.97 49.03
N ASP E 428 34.27 23.66 48.82
CA ASP E 428 33.78 22.71 49.81
C ASP E 428 34.70 22.64 51.02
N LEU E 429 35.93 23.14 50.88
CA LEU E 429 36.91 23.03 51.95
C LEU E 429 37.00 24.31 52.78
N ILE E 430 36.77 25.48 52.17
CA ILE E 430 36.87 26.76 52.88
C ILE E 430 35.72 26.94 53.88
N ASP E 431 34.68 26.11 53.81
CA ASP E 431 33.53 26.13 54.72
C ASP E 431 32.87 27.50 54.83
N LEU E 432 32.60 28.16 53.70
CA LEU E 432 31.98 29.49 53.71
C LEU E 432 30.50 29.33 53.39
N GLU E 433 29.66 29.63 54.37
CA GLU E 433 28.21 29.55 54.19
C GLU E 433 27.59 30.93 54.39
N ASP E 434 27.24 31.58 53.29
CA ASP E 434 26.67 32.92 53.31
C ASP E 434 25.94 33.14 51.98
N GLU E 435 25.32 34.31 51.82
CA GLU E 435 24.65 34.63 50.56
C GLU E 435 25.62 35.00 49.45
N THR E 436 26.79 35.55 49.76
CA THR E 436 27.76 35.95 48.75
C THR E 436 29.09 35.28 49.05
N ILE E 437 29.96 35.30 48.04
CA ILE E 437 31.32 34.77 48.17
C ILE E 437 32.30 35.90 47.86
N ASP E 438 33.40 35.95 48.60
CA ASP E 438 34.38 37.01 48.43
C ASP E 438 34.94 36.97 47.01
N ALA E 439 35.15 38.15 46.42
CA ALA E 439 35.70 38.21 45.07
C ALA E 439 37.11 37.61 45.01
N GLU E 440 37.87 37.72 46.09
CA GLU E 440 39.26 37.27 46.07
C GLU E 440 39.35 35.75 46.05
N VAL E 441 38.55 35.08 46.87
CA VAL E 441 38.63 33.63 46.95
C VAL E 441 38.15 33.00 45.65
N MET E 442 37.25 33.66 44.94
CA MET E 442 36.83 33.20 43.63
C MET E 442 37.89 33.47 42.58
N ASN E 443 38.42 34.69 42.57
CA ASN E 443 39.38 35.09 41.55
C ASN E 443 40.67 34.29 41.64
N SER E 444 41.08 33.90 42.85
CA SER E 444 42.29 33.12 43.04
C SER E 444 42.14 31.65 42.66
N LEU E 445 40.94 31.20 42.31
CA LEU E 445 40.71 29.80 41.95
C LEU E 445 41.00 29.63 40.47
N ALA E 446 41.96 28.76 40.16
CA ALA E 446 42.32 28.49 38.78
C ALA E 446 41.91 27.08 38.37
N VAL E 447 41.45 26.94 37.13
CA VAL E 447 41.09 25.66 36.55
C VAL E 447 42.33 25.07 35.88
N THR E 448 42.63 23.82 36.19
CA THR E 448 43.83 23.15 35.70
C THR E 448 43.49 22.24 34.53
N MET E 449 44.55 21.75 33.87
CA MET E 449 44.38 20.89 32.71
C MET E 449 43.73 19.57 33.09
N ASP E 450 43.91 19.13 34.34
CA ASP E 450 43.27 17.89 34.80
C ASP E 450 41.77 18.06 34.91
N ASP E 451 41.31 19.30 35.10
CA ASP E 451 39.88 19.55 35.23
C ASP E 451 39.20 19.62 33.86
N PHE E 452 39.90 20.15 32.86
CA PHE E 452 39.38 20.10 31.50
C PHE E 452 39.40 18.69 30.94
N ARG E 453 40.50 17.95 31.16
CA ARG E 453 40.57 16.58 30.67
C ARG E 453 39.56 15.69 31.39
N TRP E 454 39.36 15.90 32.68
CA TRP E 454 38.31 15.19 33.41
C TRP E 454 36.94 15.48 32.82
N ALA E 455 36.64 16.75 32.59
CA ALA E 455 35.35 17.14 32.04
C ALA E 455 35.13 16.50 30.67
N LEU E 456 36.20 16.36 29.87
CA LEU E 456 36.08 15.73 28.56
C LEU E 456 35.59 14.30 28.68
N SER E 457 36.06 13.59 29.70
CA SER E 457 35.63 12.21 29.89
C SER E 457 34.18 12.15 30.36
N GLN E 458 33.66 13.26 30.91
CA GLN E 458 32.27 13.27 31.35
C GLN E 458 31.33 13.81 30.29
N SER E 459 31.81 14.63 29.36
CA SER E 459 30.95 15.22 28.35
C SER E 459 30.80 14.30 27.15
N ASN E 460 29.67 14.44 26.45
CA ASN E 460 29.39 13.65 25.26
C ASN E 460 28.88 14.51 24.12
N PRO E 461 29.57 14.48 22.98
CA PRO E 461 29.22 15.39 21.88
C PRO E 461 27.81 15.16 21.37
N SER E 462 27.14 16.25 21.02
CA SER E 462 25.79 16.17 20.49
C SER E 462 25.77 16.07 18.96
N ALA E 463 26.89 16.34 18.29
CA ALA E 463 26.95 16.37 16.85
C ALA E 463 27.96 15.37 16.32
N LEU E 464 28.15 14.27 17.04
CA LEU E 464 29.08 13.23 16.58
C LEU E 464 28.58 12.45 15.38
N ARG E 465 27.27 12.33 15.19
CA ARG E 465 26.77 11.60 14.03
C ARG E 465 26.69 12.45 12.77
N GLU E 466 26.66 13.77 12.90
CA GLU E 466 26.55 14.62 11.72
C GLU E 466 27.91 14.77 11.04
N THR E 467 27.87 14.85 9.71
CA THR E 467 29.10 14.98 8.92
C THR E 467 29.83 16.27 9.24
N VAL E 468 31.14 16.15 9.47
CA VAL E 468 31.96 17.33 9.72
C VAL E 468 32.76 17.68 8.47
N VAL E 469 32.57 18.92 8.00
CA VAL E 469 33.20 19.39 6.77
C VAL E 469 34.03 20.62 7.11
N GLU E 470 35.32 20.57 6.80
CA GLU E 470 36.23 21.65 7.15
C GLU E 470 37.42 21.61 6.22
N VAL E 471 38.20 22.70 6.23
CA VAL E 471 39.46 22.75 5.50
C VAL E 471 40.46 21.84 6.20
N PRO E 472 41.07 20.89 5.50
CA PRO E 472 41.97 19.94 6.15
C PRO E 472 43.29 20.59 6.55
N GLN E 473 44.00 19.92 7.46
CA GLN E 473 45.28 20.42 7.93
C GLN E 473 46.46 19.70 7.29
N VAL E 474 46.20 18.86 6.28
CA VAL E 474 47.29 18.16 5.61
C VAL E 474 47.96 19.11 4.63
N THR E 475 49.29 19.16 4.69
CA THR E 475 50.09 20.02 3.83
C THR E 475 50.88 19.13 2.88
N TRP E 476 51.49 19.75 1.87
CA TRP E 476 52.30 18.99 0.90
C TRP E 476 53.55 18.42 1.55
N GLU E 477 54.07 19.09 2.59
CA GLU E 477 55.24 18.59 3.28
C GLU E 477 54.98 17.26 3.98
N ASP E 478 53.71 16.89 4.16
CA ASP E 478 53.38 15.62 4.81
C ASP E 478 53.38 14.45 3.86
N ILE E 479 53.56 14.69 2.56
CA ILE E 479 53.48 13.63 1.55
C ILE E 479 54.87 13.46 0.93
N GLY E 480 55.46 12.30 1.14
CA GLY E 480 56.76 12.01 0.55
C GLY E 480 56.63 11.65 -0.92
N GLY E 481 57.57 12.15 -1.72
CA GLY E 481 57.59 11.78 -3.13
C GLY E 481 56.42 12.38 -3.89
N LEU E 482 56.09 11.76 -5.03
CA LEU E 482 54.99 12.16 -5.88
C LEU E 482 55.02 13.64 -6.24
N GLU E 483 56.21 14.17 -6.55
CA GLU E 483 56.31 15.60 -6.87
C GLU E 483 55.49 15.97 -8.11
N ASP E 484 55.42 15.06 -9.08
CA ASP E 484 54.69 15.37 -10.31
C ASP E 484 53.19 15.31 -10.09
N VAL E 485 52.72 14.44 -9.21
CA VAL E 485 51.29 14.40 -8.89
C VAL E 485 50.88 15.67 -8.15
N LYS E 486 51.72 16.15 -7.23
CA LYS E 486 51.42 17.41 -6.55
C LYS E 486 51.19 18.53 -7.55
N ARG E 487 52.07 18.65 -8.55
CA ARG E 487 51.91 19.67 -9.57
C ARG E 487 50.66 19.40 -10.42
N GLU E 488 50.40 18.13 -10.71
CA GLU E 488 49.24 17.78 -11.52
C GLU E 488 47.94 18.24 -10.88
N LEU E 489 47.83 18.07 -9.55
CA LEU E 489 46.63 18.53 -8.85
C LEU E 489 46.52 20.05 -8.89
N GLN E 490 47.64 20.75 -8.79
CA GLN E 490 47.61 22.20 -8.95
C GLN E 490 47.09 22.60 -10.33
N GLU E 491 47.52 21.88 -11.38
CA GLU E 491 47.04 22.18 -12.72
C GLU E 491 45.55 21.91 -12.85
N LEU E 492 45.06 20.84 -12.22
CA LEU E 492 43.65 20.48 -12.35
C LEU E 492 42.75 21.35 -11.49
N VAL E 493 43.23 21.80 -10.33
CA VAL E 493 42.38 22.53 -9.39
C VAL E 493 42.59 24.04 -9.44
N GLN E 494 43.83 24.53 -9.56
CA GLN E 494 44.08 25.96 -9.49
C GLN E 494 43.98 26.64 -10.85
N TYR E 495 44.65 26.10 -11.87
CA TYR E 495 44.69 26.76 -13.16
C TYR E 495 43.33 27.10 -13.75
N PRO E 496 42.29 26.26 -13.64
CA PRO E 496 40.99 26.62 -14.22
C PRO E 496 40.42 27.92 -13.69
N VAL E 497 40.84 28.36 -12.50
CA VAL E 497 40.35 29.61 -11.94
C VAL E 497 41.44 30.68 -11.85
N GLU E 498 42.72 30.29 -11.85
CA GLU E 498 43.78 31.29 -11.90
C GLU E 498 44.01 31.81 -13.31
N HIS E 499 43.75 31.00 -14.34
CA HIS E 499 43.95 31.46 -15.71
C HIS E 499 42.72 31.19 -16.56
N PRO E 500 41.55 31.73 -16.20
CA PRO E 500 40.33 31.36 -16.94
C PRO E 500 40.33 31.82 -18.39
N ASP E 501 41.13 32.84 -18.70
CA ASP E 501 41.20 33.35 -20.06
C ASP E 501 41.97 32.40 -20.98
N LYS E 502 43.07 31.82 -20.49
CA LYS E 502 43.83 30.88 -21.31
C LYS E 502 43.00 29.65 -21.65
N PHE E 503 42.18 29.18 -20.71
CA PHE E 503 41.31 28.04 -21.00
C PHE E 503 40.33 28.36 -22.12
N LEU E 504 39.75 29.57 -22.11
CA LEU E 504 38.86 29.96 -23.20
C LEU E 504 39.62 30.13 -24.51
N LYS E 505 40.79 30.78 -24.46
CA LYS E 505 41.53 31.10 -25.67
C LYS E 505 41.88 29.85 -26.47
N PHE E 506 42.26 28.78 -25.79
CA PHE E 506 42.69 27.56 -26.46
C PHE E 506 41.60 26.51 -26.55
N GLY E 507 40.38 26.83 -26.14
CA GLY E 507 39.29 25.88 -26.22
C GLY E 507 39.40 24.71 -25.28
N MET E 508 39.90 24.91 -24.07
CA MET E 508 40.10 23.84 -23.10
C MET E 508 38.82 23.59 -22.34
N THR E 509 38.52 22.33 -22.08
CA THR E 509 37.41 21.98 -21.21
C THR E 509 37.96 21.59 -19.83
N PRO E 510 37.72 22.39 -18.79
CA PRO E 510 38.26 22.05 -17.47
C PRO E 510 37.75 20.70 -16.99
N SER E 511 38.60 19.97 -16.28
CA SER E 511 38.19 18.72 -15.68
C SER E 511 37.51 18.98 -14.33
N LYS E 512 36.45 18.21 -14.08
CA LYS E 512 35.72 18.33 -12.82
C LYS E 512 36.10 17.25 -11.80
N GLY E 513 37.05 16.38 -12.11
CA GLY E 513 37.44 15.36 -11.17
C GLY E 513 38.49 14.43 -11.74
N VAL E 514 39.12 13.69 -10.83
CA VAL E 514 40.18 12.73 -11.16
C VAL E 514 40.01 11.51 -10.29
N LEU E 515 40.30 10.34 -10.86
CA LEU E 515 40.31 9.08 -10.13
C LEU E 515 41.76 8.65 -9.95
N PHE E 516 42.15 8.37 -8.71
CA PHE E 516 43.47 7.82 -8.43
C PHE E 516 43.41 6.30 -8.42
N TYR E 517 44.41 5.64 -8.99
CA TYR E 517 44.45 4.19 -8.98
C TYR E 517 45.88 3.74 -8.71
N GLY E 518 46.00 2.51 -8.22
CA GLY E 518 47.28 1.96 -7.88
C GLY E 518 47.25 1.21 -6.56
N PRO E 519 48.41 0.81 -6.07
CA PRO E 519 48.48 0.05 -4.82
C PRO E 519 47.89 0.84 -3.66
N PRO E 520 47.34 0.16 -2.65
CA PRO E 520 46.88 0.87 -1.46
C PRO E 520 48.04 1.37 -0.60
N GLY E 521 47.74 2.38 0.20
CA GLY E 521 48.70 2.90 1.16
C GLY E 521 49.80 3.75 0.57
N CYS E 522 49.52 4.45 -0.54
CA CYS E 522 50.51 5.29 -1.17
C CYS E 522 50.20 6.78 -1.07
N GLY E 523 49.23 7.17 -0.24
CA GLY E 523 48.92 8.58 -0.05
C GLY E 523 47.78 9.14 -0.85
N LYS E 524 46.90 8.32 -1.41
CA LYS E 524 45.80 8.84 -2.23
C LYS E 524 44.94 9.80 -1.43
N THR E 525 44.71 9.52 -0.15
CA THR E 525 43.88 10.38 0.67
C THR E 525 44.58 11.69 1.00
N LEU E 526 45.87 11.62 1.33
CA LEU E 526 46.62 12.82 1.66
C LEU E 526 46.70 13.77 0.47
N LEU E 527 46.82 13.21 -0.74
CA LEU E 527 46.88 14.03 -1.94
C LEU E 527 45.63 14.89 -2.09
N ALA E 528 44.46 14.29 -1.89
CA ALA E 528 43.21 15.04 -2.00
C ALA E 528 43.10 16.09 -0.91
N LYS E 529 43.52 15.76 0.32
CA LYS E 529 43.45 16.73 1.41
C LYS E 529 44.45 17.87 1.21
N ALA E 530 45.66 17.55 0.77
CA ALA E 530 46.70 18.57 0.67
C ALA E 530 46.33 19.66 -0.32
N ILE E 531 45.73 19.29 -1.45
CA ILE E 531 45.33 20.30 -2.42
C ILE E 531 44.15 21.11 -1.91
N ALA E 532 43.24 20.48 -1.16
CA ALA E 532 42.16 21.22 -0.52
C ALA E 532 42.71 22.22 0.49
N ASN E 533 43.76 21.83 1.21
CA ASN E 533 44.37 22.74 2.18
C ASN E 533 45.03 23.93 1.49
N GLU E 534 45.87 23.66 0.49
CA GLU E 534 46.52 24.75 -0.23
C GLU E 534 45.51 25.76 -0.77
N CYS E 535 44.38 25.29 -1.28
CA CYS E 535 43.37 26.18 -1.82
C CYS E 535 42.43 26.71 -0.76
N GLN E 536 42.62 26.32 0.50
CA GLN E 536 41.73 26.69 1.60
C GLN E 536 40.29 26.34 1.29
N ALA E 537 40.07 25.16 0.73
CA ALA E 537 38.74 24.71 0.37
C ALA E 537 38.27 23.63 1.34
N ASN E 538 36.96 23.53 1.49
CA ASN E 538 36.39 22.53 2.38
C ASN E 538 36.59 21.13 1.80
N PHE E 539 36.90 20.19 2.68
CA PHE E 539 37.14 18.81 2.27
C PHE E 539 36.05 17.93 2.85
N ILE E 540 35.39 17.16 1.98
CA ILE E 540 34.33 16.25 2.38
C ILE E 540 34.84 14.84 2.12
N SER E 541 34.88 14.02 3.16
CA SER E 541 35.43 12.67 3.09
C SER E 541 34.28 11.68 3.09
N ILE E 542 34.11 10.96 1.98
CA ILE E 542 33.13 9.90 1.86
C ILE E 542 33.91 8.60 1.72
N LYS E 543 33.57 7.63 2.56
CA LYS E 543 34.31 6.37 2.59
C LYS E 543 33.43 5.22 2.12
N GLY E 544 34.09 4.11 1.80
CA GLY E 544 33.41 2.93 1.30
C GLY E 544 32.19 2.52 2.10
N PRO E 545 32.31 2.37 3.42
CA PRO E 545 31.16 1.97 4.22
C PRO E 545 29.94 2.85 4.03
N GLU E 546 30.12 4.14 3.70
CA GLU E 546 28.96 5.01 3.47
C GLU E 546 28.25 4.65 2.16
N LEU E 547 29.01 4.36 1.11
CA LEU E 547 28.41 3.93 -0.15
C LEU E 547 27.76 2.56 0.00
N LEU E 548 28.39 1.68 0.76
CA LEU E 548 27.80 0.36 0.99
C LEU E 548 26.52 0.47 1.81
N THR E 549 26.51 1.34 2.82
CA THR E 549 25.30 1.52 3.63
C THR E 549 24.15 2.02 2.76
N MET E 550 24.40 3.02 1.92
CA MET E 550 23.36 3.51 1.02
C MET E 550 22.86 2.42 0.07
N TRP E 551 23.78 1.64 -0.49
CA TRP E 551 23.35 0.55 -1.39
C TRP E 551 22.51 -0.48 -0.65
N PHE E 552 23.04 -1.04 0.45
CA PHE E 552 22.36 -2.12 1.14
C PHE E 552 21.01 -1.67 1.68
N GLY E 553 20.93 -0.44 2.19
CA GLY E 553 19.70 0.02 2.80
C GLY E 553 18.72 0.65 1.84
N GLU E 554 19.02 0.62 0.54
CA GLU E 554 18.17 1.24 -0.49
C GLU E 554 17.85 2.68 -0.13
N SER E 555 18.88 3.43 0.23
CA SER E 555 18.77 4.84 0.60
C SER E 555 19.70 5.69 -0.25
N GLU E 556 19.74 5.40 -1.55
CA GLU E 556 20.61 6.13 -2.46
C GLU E 556 20.24 7.61 -2.57
N ALA E 557 19.09 8.01 -2.05
CA ALA E 557 18.75 9.43 -2.02
C ALA E 557 19.77 10.23 -1.23
N ASN E 558 20.44 9.57 -0.27
CA ASN E 558 21.47 10.24 0.52
C ASN E 558 22.65 10.68 -0.33
N VAL E 559 22.82 10.12 -1.53
CA VAL E 559 23.86 10.58 -2.43
C VAL E 559 23.60 12.03 -2.81
N ARG E 560 22.33 12.38 -3.06
CA ARG E 560 22.01 13.75 -3.45
C ARG E 560 22.31 14.72 -2.32
N GLU E 561 22.06 14.29 -1.07
CA GLU E 561 22.37 15.14 0.07
C GLU E 561 23.86 15.39 0.17
N ILE E 562 24.68 14.39 -0.18
CA ILE E 562 26.13 14.56 -0.13
C ILE E 562 26.56 15.61 -1.14
N PHE E 563 26.03 15.52 -2.35
CA PHE E 563 26.43 16.47 -3.37
C PHE E 563 25.87 17.85 -3.05
N ASP E 564 24.68 17.91 -2.45
CA ASP E 564 24.14 19.18 -2.02
C ASP E 564 25.05 19.85 -0.99
N LYS E 565 25.65 19.06 -0.10
CA LYS E 565 26.58 19.64 0.85
C LYS E 565 27.82 20.17 0.15
N ALA E 566 28.31 19.41 -0.85
CA ALA E 566 29.48 19.86 -1.60
C ALA E 566 29.21 21.19 -2.28
N ARG E 567 28.01 21.35 -2.85
CA ARG E 567 27.65 22.61 -3.49
C ARG E 567 27.58 23.73 -2.47
N GLN E 568 26.85 23.50 -1.37
CA GLN E 568 26.66 24.56 -0.38
C GLN E 568 27.96 24.92 0.32
N ALA E 569 28.84 23.94 0.51
CA ALA E 569 30.13 24.15 1.14
C ALA E 569 31.20 24.65 0.18
N ALA E 570 30.85 24.87 -1.09
CA ALA E 570 31.85 25.24 -2.08
C ALA E 570 32.47 26.60 -1.74
N PRO E 571 33.72 26.84 -2.17
CA PRO E 571 34.59 25.87 -2.84
C PRO E 571 34.99 24.71 -1.96
N CYS E 572 35.09 23.52 -2.54
CA CYS E 572 35.36 22.32 -1.76
C CYS E 572 35.94 21.25 -2.67
N VAL E 573 36.51 20.23 -2.04
CA VAL E 573 36.96 19.03 -2.73
C VAL E 573 36.20 17.85 -2.15
N LEU E 574 35.46 17.14 -3.00
CA LEU E 574 34.61 16.04 -2.58
C LEU E 574 35.33 14.74 -2.94
N PHE E 575 35.74 13.99 -1.92
CA PHE E 575 36.60 12.83 -2.08
C PHE E 575 35.77 11.57 -1.85
N PHE E 576 35.70 10.72 -2.87
CA PHE E 576 35.01 9.43 -2.77
C PHE E 576 36.06 8.33 -2.72
N ASP E 577 36.38 7.89 -1.51
CA ASP E 577 37.30 6.78 -1.34
C ASP E 577 36.59 5.45 -1.58
N GLU E 578 37.38 4.42 -1.86
CA GLU E 578 36.85 3.07 -2.07
C GLU E 578 35.72 3.08 -3.08
N LEU E 579 35.98 3.69 -4.23
CA LEU E 579 34.94 3.82 -5.24
C LEU E 579 34.38 2.48 -5.66
N ASP E 580 35.17 1.41 -5.52
CA ASP E 580 34.75 0.06 -5.88
C ASP E 580 34.20 -0.73 -4.70
N SER E 581 33.95 -0.07 -3.57
CA SER E 581 33.50 -0.79 -2.39
C SER E 581 32.28 -1.66 -2.68
N ILE E 582 31.33 -1.14 -3.46
CA ILE E 582 30.14 -1.93 -3.79
C ILE E 582 30.49 -3.04 -4.78
N ALA E 583 31.27 -2.72 -5.81
CA ALA E 583 31.64 -3.74 -6.78
C ALA E 583 32.34 -4.91 -6.11
N LYS E 584 33.22 -4.64 -5.14
CA LYS E 584 33.89 -5.72 -4.41
C LYS E 584 32.91 -6.48 -3.53
N ALA E 585 31.98 -5.76 -2.88
CA ALA E 585 30.93 -6.42 -2.13
C ALA E 585 30.10 -7.34 -3.01
N ARG E 586 30.01 -7.03 -4.30
CA ARG E 586 29.29 -7.86 -5.27
C ARG E 586 30.23 -8.73 -6.09
N GLY E 587 31.49 -8.87 -5.69
CA GLY E 587 32.41 -9.78 -6.34
C GLY E 587 33.39 -9.06 -7.23
N GLY E 588 32.98 -7.95 -7.83
CA GLY E 588 33.84 -7.20 -8.72
C GLY E 588 34.03 -7.84 -10.09
N ASN E 589 34.64 -9.03 -10.10
CA ASN E 589 34.96 -9.72 -11.38
C ASN E 589 33.89 -10.80 -11.60
N ILE E 590 33.19 -11.20 -10.54
CA ILE E 590 32.23 -12.34 -10.66
C ILE E 590 30.83 -11.72 -10.72
N GLY E 591 30.27 -11.33 -9.56
CA GLY E 591 28.97 -10.65 -9.54
C GLY E 591 27.81 -11.53 -9.10
N ASP E 592 26.70 -10.93 -8.67
CA ASP E 592 25.55 -11.70 -8.22
C ASP E 592 24.52 -11.80 -9.34
N GLY E 593 23.24 -11.70 -8.97
CA GLY E 593 22.17 -11.77 -9.92
C GLY E 593 22.19 -10.72 -11.01
N GLY E 594 22.96 -9.66 -10.83
CA GLY E 594 23.08 -8.62 -11.84
C GLY E 594 24.53 -8.32 -12.21
N GLY E 595 24.76 -7.06 -12.56
CA GLY E 595 26.07 -6.62 -12.97
C GLY E 595 26.68 -5.64 -11.98
N ALA E 596 27.50 -4.74 -12.52
CA ALA E 596 28.20 -3.76 -11.67
C ALA E 596 27.30 -2.59 -11.28
N ALA E 597 26.33 -2.24 -12.11
CA ALA E 597 25.50 -1.06 -11.84
C ALA E 597 24.65 -1.27 -10.59
N ASP E 598 24.50 -0.21 -9.80
CA ASP E 598 23.68 -0.23 -8.60
C ASP E 598 23.07 1.14 -8.39
N ARG E 599 22.23 1.24 -7.37
CA ARG E 599 21.47 2.47 -7.12
C ARG E 599 22.36 3.63 -6.71
N VAL E 600 23.43 3.33 -5.97
CA VAL E 600 24.28 4.39 -5.43
C VAL E 600 25.15 5.00 -6.52
N ILE E 601 25.80 4.16 -7.32
CA ILE E 601 26.64 4.69 -8.39
C ILE E 601 25.78 5.41 -9.41
N ASN E 602 24.54 4.96 -9.64
CA ASN E 602 23.68 5.64 -10.59
C ASN E 602 23.33 7.04 -10.12
N GLN E 603 23.06 7.20 -8.83
CA GLN E 603 22.81 8.54 -8.31
C GLN E 603 24.06 9.40 -8.36
N ILE E 604 25.23 8.80 -8.11
CA ILE E 604 26.48 9.55 -8.18
C ILE E 604 26.72 10.04 -9.60
N LEU E 605 26.52 9.16 -10.59
CA LEU E 605 26.72 9.53 -11.99
C LEU E 605 25.80 10.68 -12.38
N THR E 606 24.54 10.63 -11.97
CA THR E 606 23.60 11.69 -12.30
C THR E 606 23.97 13.00 -11.62
N GLU E 607 24.29 12.96 -10.34
CA GLU E 607 24.57 14.18 -9.59
C GLU E 607 25.82 14.87 -10.09
N MET E 608 26.85 14.10 -10.47
CA MET E 608 28.08 14.69 -10.99
C MET E 608 27.80 15.46 -12.27
N ASP E 609 27.01 14.89 -13.18
CA ASP E 609 26.68 15.59 -14.41
C ASP E 609 25.97 16.91 -14.17
N GLY E 610 25.16 17.01 -13.13
CA GLY E 610 24.45 18.23 -12.80
C GLY E 610 25.26 19.25 -12.03
N MET E 611 26.51 18.95 -11.70
CA MET E 611 27.34 19.87 -10.92
C MET E 611 28.01 20.86 -11.86
N SER E 612 27.75 22.15 -11.65
CA SER E 612 28.26 23.20 -12.52
C SER E 612 29.71 23.51 -12.21
N THR E 613 30.48 23.85 -13.24
CA THR E 613 31.87 24.24 -13.05
C THR E 613 31.99 25.57 -12.30
N LYS E 614 30.93 26.36 -12.31
CA LYS E 614 30.94 27.68 -11.68
C LYS E 614 30.87 27.62 -10.16
N LYS E 615 30.71 26.44 -9.57
CA LYS E 615 30.69 26.32 -8.12
C LYS E 615 32.04 25.93 -7.55
N ASN E 616 33.06 25.76 -8.40
CA ASN E 616 34.42 25.45 -7.95
C ASN E 616 34.43 24.22 -7.05
N VAL E 617 33.71 23.18 -7.47
CA VAL E 617 33.68 21.90 -6.79
C VAL E 617 34.48 20.91 -7.61
N PHE E 618 35.53 20.36 -7.01
CA PHE E 618 36.38 19.37 -7.66
C PHE E 618 36.25 18.04 -6.95
N ILE E 619 35.94 16.98 -7.71
CA ILE E 619 35.64 15.67 -7.17
C ILE E 619 36.82 14.76 -7.42
N ILE E 620 37.30 14.10 -6.38
CA ILE E 620 38.43 13.18 -6.46
C ILE E 620 37.95 11.81 -6.00
N GLY E 621 38.29 10.78 -6.77
CA GLY E 621 38.01 9.42 -6.35
C GLY E 621 39.29 8.64 -6.12
N ALA E 622 39.16 7.49 -5.48
CA ALA E 622 40.28 6.58 -5.31
C ALA E 622 39.78 5.14 -5.36
N THR E 623 40.56 4.28 -6.00
CA THR E 623 40.27 2.86 -6.05
C THR E 623 41.57 2.08 -6.06
N ASN E 624 41.51 0.85 -5.56
CA ASN E 624 42.64 -0.07 -5.65
C ASN E 624 42.38 -1.16 -6.68
N ARG E 625 41.24 -1.10 -7.37
CA ARG E 625 40.84 -2.11 -8.35
C ARG E 625 40.17 -1.39 -9.51
N PRO E 626 40.95 -0.65 -10.30
CA PRO E 626 40.36 0.08 -11.43
C PRO E 626 39.70 -0.81 -12.46
N ASP E 627 40.04 -2.09 -12.50
CA ASP E 627 39.50 -2.97 -13.52
C ASP E 627 38.01 -3.26 -13.31
N ILE E 628 37.49 -2.93 -12.12
CA ILE E 628 36.08 -3.16 -11.83
C ILE E 628 35.31 -1.87 -11.58
N ILE E 629 35.83 -0.73 -12.05
CA ILE E 629 35.10 0.53 -11.93
C ILE E 629 34.17 0.69 -13.11
N ASP E 630 32.92 1.07 -12.83
CA ASP E 630 31.98 1.30 -13.91
C ASP E 630 32.51 2.37 -14.86
N PRO E 631 32.78 2.03 -16.12
CA PRO E 631 33.39 3.00 -17.03
C PRO E 631 32.65 4.33 -17.12
N ALA E 632 31.35 4.34 -16.78
CA ALA E 632 30.58 5.57 -16.86
C ALA E 632 31.20 6.67 -16.03
N ILE E 633 31.80 6.33 -14.88
CA ILE E 633 32.36 7.34 -13.99
C ILE E 633 33.54 8.06 -14.62
N LEU E 634 34.17 7.48 -15.64
CA LEU E 634 35.35 8.06 -16.26
C LEU E 634 35.05 8.86 -17.52
N ARG E 635 33.78 8.99 -17.91
CA ARG E 635 33.43 9.69 -19.12
C ARG E 635 33.63 11.20 -18.94
N PRO E 636 33.80 11.94 -20.04
CA PRO E 636 34.01 13.39 -19.93
C PRO E 636 32.94 14.05 -19.09
N GLY E 637 33.37 14.98 -18.24
CA GLY E 637 32.49 15.65 -17.31
C GLY E 637 32.50 15.07 -15.92
N ARG E 638 33.08 13.90 -15.73
CA ARG E 638 33.19 13.24 -14.44
C ARG E 638 34.66 12.99 -14.14
N LEU E 639 35.04 11.77 -13.75
CA LEU E 639 36.42 11.47 -13.37
C LEU E 639 37.20 11.06 -14.63
N ASP E 640 37.33 12.04 -15.53
CA ASP E 640 37.96 11.79 -16.82
C ASP E 640 39.48 11.73 -16.72
N GLN E 641 40.05 12.30 -15.67
CA GLN E 641 41.51 12.28 -15.48
C GLN E 641 41.90 11.03 -14.69
N LEU E 642 43.03 10.44 -15.03
CA LEU E 642 43.50 9.26 -14.31
C LEU E 642 44.97 9.42 -13.95
N ILE E 643 45.28 9.27 -12.66
CA ILE E 643 46.64 9.40 -12.16
C ILE E 643 47.04 8.09 -11.50
N TYR E 644 48.20 7.56 -11.88
CA TYR E 644 48.76 6.37 -11.28
C TYR E 644 49.65 6.75 -10.10
N ILE E 645 49.43 6.10 -8.96
CA ILE E 645 50.23 6.33 -7.76
C ILE E 645 50.99 5.03 -7.44
N PRO E 646 52.20 4.86 -7.96
CA PRO E 646 52.94 3.63 -7.70
C PRO E 646 53.51 3.57 -6.30
N LEU E 647 54.13 2.44 -5.99
CA LEU E 647 54.88 2.32 -4.76
C LEU E 647 56.01 3.35 -4.74
N PRO E 648 56.28 3.95 -3.58
CA PRO E 648 57.33 4.97 -3.57
C PRO E 648 58.71 4.40 -3.91
N ASP E 649 59.55 5.22 -4.55
CA ASP E 649 60.91 4.83 -4.89
C ASP E 649 61.84 5.15 -3.73
N GLU E 650 63.14 4.97 -3.96
CA GLU E 650 64.14 5.09 -2.90
C GLU E 650 64.11 6.47 -2.25
N LYS E 651 64.13 7.53 -3.05
CA LYS E 651 64.14 8.88 -2.47
C LYS E 651 62.80 9.20 -1.81
N SER E 652 61.71 8.64 -2.34
CA SER E 652 60.41 8.89 -1.72
C SER E 652 60.26 8.12 -0.41
N ARG E 653 60.74 6.88 -0.35
CA ARG E 653 60.59 6.11 0.88
C ARG E 653 61.36 6.76 2.04
N VAL E 654 62.53 7.33 1.74
CA VAL E 654 63.27 8.05 2.78
C VAL E 654 62.48 9.26 3.24
N ALA E 655 61.91 10.01 2.28
CA ALA E 655 61.08 11.15 2.64
C ALA E 655 59.89 10.75 3.48
N ILE E 656 59.31 9.58 3.20
CA ILE E 656 58.16 9.10 3.97
C ILE E 656 58.57 8.79 5.40
N LEU E 657 59.70 8.09 5.56
CA LEU E 657 60.17 7.76 6.91
C LEU E 657 60.49 9.03 7.69
N LYS E 658 61.12 10.00 7.05
CA LYS E 658 61.45 11.25 7.74
C LYS E 658 60.20 12.02 8.13
N ALA E 659 59.20 12.06 7.24
CA ALA E 659 57.95 12.74 7.57
C ALA E 659 57.22 12.07 8.73
N ASN E 660 57.18 10.74 8.75
CA ASN E 660 56.47 10.03 9.81
C ASN E 660 57.15 10.23 11.16
N LEU E 661 58.47 10.42 11.16
CA LEU E 661 59.21 10.53 12.41
C LEU E 661 59.33 11.97 12.91
N ARG E 662 58.66 12.92 12.26
CA ARG E 662 58.75 14.32 12.69
C ARG E 662 58.21 14.52 14.10
N LYS E 663 57.34 13.63 14.56
CA LYS E 663 56.71 13.78 15.87
C LYS E 663 57.41 13.01 16.97
N SER E 664 58.58 12.42 16.69
CA SER E 664 59.19 11.65 17.77
C SER E 664 60.70 11.89 17.81
N PRO E 665 61.32 11.77 18.99
CA PRO E 665 62.78 11.78 19.06
C PRO E 665 63.36 10.51 18.46
N VAL E 666 64.39 10.67 17.63
CA VAL E 666 65.02 9.57 16.93
C VAL E 666 66.53 9.70 17.09
N ALA E 667 67.20 8.58 17.36
CA ALA E 667 68.64 8.60 17.57
C ALA E 667 69.36 8.90 16.26
N LYS E 668 70.56 9.47 16.36
CA LYS E 668 71.36 9.76 15.19
C LYS E 668 71.91 8.50 14.53
N ASP E 669 71.84 7.35 15.21
CA ASP E 669 72.37 6.12 14.64
C ASP E 669 71.37 5.44 13.71
N VAL E 670 70.20 6.04 13.51
CA VAL E 670 69.20 5.45 12.62
C VAL E 670 69.50 5.83 11.18
N ASP E 671 69.77 4.82 10.35
CA ASP E 671 70.12 5.04 8.95
C ASP E 671 68.84 4.84 8.13
N LEU E 672 68.13 5.94 7.87
CA LEU E 672 66.84 5.85 7.20
C LEU E 672 67.01 5.52 5.72
N GLU E 673 68.13 5.94 5.13
CA GLU E 673 68.40 5.59 3.74
C GLU E 673 68.66 4.11 3.57
N PHE E 674 69.42 3.49 4.48
CA PHE E 674 69.62 2.05 4.41
C PHE E 674 68.30 1.29 4.56
N LEU E 675 67.47 1.69 5.53
CA LEU E 675 66.18 1.03 5.71
C LEU E 675 65.31 1.19 4.46
N ALA E 676 65.31 2.37 3.87
CA ALA E 676 64.52 2.60 2.67
C ALA E 676 64.98 1.71 1.52
N LYS E 677 66.28 1.43 1.45
CA LYS E 677 66.78 0.57 0.38
C LYS E 677 66.31 -0.86 0.57
N MET E 678 66.22 -1.33 1.82
CA MET E 678 65.75 -2.69 2.06
C MET E 678 64.24 -2.82 1.84
N THR E 679 63.48 -1.78 2.15
CA THR E 679 62.02 -1.82 2.08
C THR E 679 61.58 -1.49 0.65
N ASN E 680 62.16 -2.21 -0.30
CA ASN E 680 62.00 -1.85 -1.71
C ASN E 680 60.55 -2.04 -2.17
N GLY E 681 59.83 -2.99 -1.56
CA GLY E 681 58.47 -3.27 -1.97
C GLY E 681 57.40 -2.70 -1.06
N PHE E 682 57.81 -1.84 -0.13
CA PHE E 682 56.91 -1.33 0.89
C PHE E 682 56.14 -0.13 0.37
N SER E 683 54.88 -0.02 0.76
CA SER E 683 54.10 1.19 0.53
C SER E 683 54.36 2.21 1.64
N GLY E 684 53.87 3.43 1.42
CA GLY E 684 53.98 4.43 2.46
C GLY E 684 53.34 4.00 3.76
N ALA E 685 52.18 3.33 3.67
CA ALA E 685 51.54 2.80 4.86
C ALA E 685 52.40 1.73 5.53
N ASP E 686 53.14 0.95 4.73
CA ASP E 686 53.99 -0.08 5.31
C ASP E 686 55.21 0.52 6.00
N LEU E 687 55.73 1.62 5.45
CA LEU E 687 56.82 2.33 6.14
C LEU E 687 56.34 2.93 7.45
N THR E 688 55.08 3.38 7.49
CA THR E 688 54.51 3.86 8.75
C THR E 688 54.46 2.74 9.79
N GLU E 689 54.08 1.52 9.39
CA GLU E 689 54.09 0.42 10.35
C GLU E 689 55.46 0.26 10.98
N ILE E 690 56.53 0.39 10.19
CA ILE E 690 57.88 0.26 10.75
C ILE E 690 58.12 1.36 11.78
N CYS E 691 57.74 2.60 11.44
CA CYS E 691 57.95 3.71 12.36
C CYS E 691 57.16 3.50 13.65
N GLN E 692 55.92 3.00 13.53
CA GLN E 692 55.08 2.81 14.70
C GLN E 692 55.57 1.63 15.55
N ARG E 693 56.06 0.57 14.90
CA ARG E 693 56.61 -0.57 15.64
C ARG E 693 57.85 -0.14 16.42
N ALA E 694 58.76 0.59 15.77
CA ALA E 694 59.93 1.10 16.47
C ALA E 694 59.54 2.04 17.60
N CYS E 695 58.50 2.85 17.38
CA CYS E 695 57.99 3.70 18.46
C CYS E 695 57.52 2.87 19.64
N LYS E 696 56.68 1.86 19.38
CA LYS E 696 56.17 1.01 20.45
C LYS E 696 57.31 0.35 21.22
N LEU E 697 58.33 -0.11 20.50
CA LEU E 697 59.47 -0.74 21.17
C LEU E 697 60.20 0.24 22.08
N ALA E 698 60.37 1.48 21.61
CA ALA E 698 61.00 2.50 22.46
C ALA E 698 60.19 2.75 23.71
N ILE E 699 58.85 2.75 23.59
CA ILE E 699 58.00 2.95 24.75
C ILE E 699 58.09 1.76 25.69
N ARG E 700 58.06 0.54 25.16
CA ARG E 700 58.14 -0.63 26.01
C ARG E 700 59.42 -0.63 26.83
N GLU E 701 60.56 -0.33 26.19
CA GLU E 701 61.83 -0.32 26.91
C GLU E 701 61.82 0.74 28.01
N SER E 702 61.28 1.92 27.72
CA SER E 702 61.22 2.97 28.73
C SER E 702 60.38 2.53 29.93
N ILE E 703 59.24 1.89 29.66
CA ILE E 703 58.39 1.42 30.76
C ILE E 703 59.13 0.37 31.60
N GLU E 704 59.80 -0.58 30.94
CA GLU E 704 60.54 -1.60 31.65
C GLU E 704 61.70 -1.05 32.46
N SER E 705 62.31 0.07 32.02
CA SER E 705 63.41 0.64 32.79
C SER E 705 62.97 1.19 34.13
N GLU E 706 61.66 1.35 34.35
CA GLU E 706 61.18 1.89 35.60
C GLU E 706 61.04 0.80 36.66
N ILE E 707 61.30 -0.45 36.29
CA ILE E 707 61.17 -1.58 37.21
C ILE E 707 62.51 -1.86 37.88
N VAL E 728 66.80 4.92 25.16
CA VAL E 728 65.56 4.90 25.93
C VAL E 728 64.70 6.16 25.73
N PRO E 729 65.28 7.36 25.86
CA PRO E 729 64.49 8.57 25.62
C PRO E 729 64.22 8.84 24.15
N GLU E 730 64.80 8.06 23.24
CA GLU E 730 64.64 8.26 21.81
C GLU E 730 64.54 6.90 21.13
N ILE E 731 64.01 6.91 19.91
CA ILE E 731 63.89 5.67 19.13
C ILE E 731 65.24 5.37 18.47
N ARG E 732 65.82 4.23 18.82
CA ARG E 732 67.19 3.91 18.45
C ARG E 732 67.18 2.95 17.26
N ARG E 733 68.33 2.89 16.57
CA ARG E 733 68.48 1.95 15.47
C ARG E 733 68.00 0.56 15.85
N ASP E 734 68.30 0.10 17.07
CA ASP E 734 67.88 -1.24 17.48
C ASP E 734 66.37 -1.43 17.38
N HIS E 735 65.60 -0.37 17.62
CA HIS E 735 64.15 -0.48 17.53
C HIS E 735 63.67 -0.59 16.09
N PHE E 736 64.36 0.09 15.16
CA PHE E 736 63.99 -0.02 13.76
C PHE E 736 64.39 -1.37 13.18
N GLU E 737 65.54 -1.90 13.59
CA GLU E 737 65.98 -3.20 13.09
C GLU E 737 65.05 -4.32 13.56
N GLU E 738 64.55 -4.22 14.80
CA GLU E 738 63.57 -5.19 15.28
C GLU E 738 62.22 -5.00 14.61
N ALA E 739 61.80 -3.75 14.37
CA ALA E 739 60.57 -3.50 13.66
C ALA E 739 60.59 -4.11 12.27
N MET E 740 61.76 -4.10 11.62
CA MET E 740 61.87 -4.71 10.30
C MET E 740 61.62 -6.20 10.31
N ARG E 741 61.69 -6.85 11.49
CA ARG E 741 61.46 -8.28 11.55
C ARG E 741 59.99 -8.64 11.43
N PHE E 742 59.11 -7.64 11.61
CA PHE E 742 57.68 -7.90 11.57
C PHE E 742 56.98 -7.15 10.44
N ALA E 743 57.47 -5.96 10.09
CA ALA E 743 56.86 -5.19 9.02
C ALA E 743 57.16 -5.82 7.66
N ARG E 744 56.13 -5.87 6.82
CA ARG E 744 56.23 -6.48 5.50
C ARG E 744 55.41 -5.66 4.51
N ARG E 745 55.75 -5.81 3.23
CA ARG E 745 54.97 -5.20 2.16
C ARG E 745 53.58 -5.80 2.13
N SER E 746 52.56 -4.94 2.03
CA SER E 746 51.18 -5.38 1.98
C SER E 746 50.69 -5.69 0.57
N VAL E 747 51.44 -5.31 -0.47
CA VAL E 747 51.03 -5.48 -1.85
C VAL E 747 51.99 -6.44 -2.54
N SER E 748 51.47 -7.60 -2.92
CA SER E 748 52.27 -8.66 -3.52
C SER E 748 52.49 -8.36 -4.99
N ASP E 749 53.41 -9.11 -5.61
CA ASP E 749 53.69 -8.92 -7.03
C ASP E 749 52.50 -9.28 -7.91
N ASN E 750 51.57 -10.10 -7.42
CA ASN E 750 50.36 -10.41 -8.18
C ASN E 750 49.51 -9.16 -8.38
N ASP E 751 49.56 -8.22 -7.44
CA ASP E 751 48.81 -6.99 -7.60
C ASP E 751 49.63 -5.92 -8.34
N ILE E 752 50.94 -5.89 -8.13
CA ILE E 752 51.76 -4.88 -8.81
C ILE E 752 51.72 -5.09 -10.30
N ARG E 753 51.83 -6.35 -10.76
CA ARG E 753 51.76 -6.58 -12.20
C ARG E 753 50.44 -6.08 -12.77
N LYS E 754 49.34 -6.22 -12.03
CA LYS E 754 48.06 -5.72 -12.52
C LYS E 754 48.05 -4.20 -12.57
N TYR E 755 48.61 -3.56 -11.54
CA TYR E 755 48.69 -2.10 -11.52
C TYR E 755 49.56 -1.58 -12.65
N GLU E 756 50.67 -2.26 -12.93
CA GLU E 756 51.60 -1.76 -13.94
C GLU E 756 51.03 -1.99 -15.35
N MET E 757 50.36 -3.12 -15.56
CA MET E 757 49.75 -3.40 -16.86
C MET E 757 48.63 -2.43 -17.17
N PHE E 758 47.82 -2.09 -16.15
CA PHE E 758 46.78 -1.09 -16.37
C PHE E 758 47.37 0.29 -16.57
N ALA E 759 48.35 0.66 -15.74
CA ALA E 759 48.99 1.97 -15.89
C ALA E 759 49.71 2.08 -17.23
N GLN E 760 50.30 0.97 -17.69
CA GLN E 760 50.99 0.98 -18.98
C GLN E 760 50.00 1.13 -20.13
N THR E 761 48.84 0.47 -20.03
CA THR E 761 47.79 0.66 -21.02
C THR E 761 47.38 2.12 -21.16
N LEU E 762 47.28 2.84 -20.05
CA LEU E 762 46.96 4.27 -20.08
C LEU E 762 48.19 5.15 -20.33
N GLN E 763 49.37 4.54 -20.52
CA GLN E 763 50.61 5.30 -20.70
C GLN E 763 50.92 6.20 -19.51
N PRO F 23 40.18 23.39 62.25
CA PRO F 23 40.62 22.22 63.00
C PRO F 23 39.46 21.57 63.73
N ASN F 24 39.50 20.23 63.78
CA ASN F 24 38.45 19.43 64.41
C ASN F 24 37.10 19.65 63.72
N ARG F 25 37.13 19.97 62.44
CA ARG F 25 35.90 20.22 61.68
C ARG F 25 36.00 19.42 60.39
N LEU F 26 35.05 18.51 60.17
CA LEU F 26 35.12 17.58 59.04
C LEU F 26 33.83 17.59 58.24
N ILE F 27 33.95 17.27 56.96
CA ILE F 27 32.82 17.19 56.05
C ILE F 27 32.09 15.86 56.25
N VAL F 28 30.77 15.93 56.37
CA VAL F 28 29.94 14.76 56.64
C VAL F 28 29.83 13.91 55.38
N ASP F 29 30.22 12.65 55.48
CA ASP F 29 30.19 11.73 54.35
C ASP F 29 29.47 10.44 54.77
N GLU F 30 29.36 9.52 53.82
CA GLU F 30 28.65 8.27 54.06
C GLU F 30 29.51 7.31 54.87
N ALA F 31 28.85 6.46 55.66
CA ALA F 31 29.56 5.45 56.43
C ALA F 31 29.45 4.08 55.77
N ILE F 32 30.42 3.22 56.08
CA ILE F 32 30.41 1.83 55.65
C ILE F 32 29.96 0.91 56.79
N ASN F 33 30.46 1.16 58.00
CA ASN F 33 30.11 0.30 59.12
C ASN F 33 28.63 0.42 59.43
N GLU F 34 27.98 -0.73 59.62
CA GLU F 34 26.54 -0.74 59.84
C GLU F 34 26.18 -0.38 61.28
N ASP F 35 27.15 -0.31 62.17
CA ASP F 35 26.86 -0.05 63.58
C ASP F 35 26.55 1.43 63.81
N ASN F 36 25.35 1.66 64.35
CA ASN F 36 24.83 3.00 64.60
C ASN F 36 25.63 3.79 65.62
N SER F 37 26.46 3.16 66.43
CA SER F 37 27.19 3.88 67.46
C SER F 37 28.62 4.17 67.05
N VAL F 38 28.99 3.77 65.83
CA VAL F 38 30.37 3.85 65.40
C VAL F 38 30.52 4.78 64.20
N VAL F 39 31.53 5.63 64.24
CA VAL F 39 31.92 6.45 63.11
C VAL F 39 33.40 6.18 62.83
N SER F 40 33.82 6.46 61.60
CA SER F 40 35.20 6.22 61.20
C SER F 40 35.90 7.52 60.85
N LEU F 41 37.17 7.60 61.23
CA LEU F 41 38.02 8.74 60.92
C LEU F 41 39.38 8.27 60.46
N SER F 42 39.95 8.99 59.50
CA SER F 42 41.31 8.72 59.06
C SER F 42 42.29 9.11 60.17
N GLN F 43 43.36 8.34 60.30
CA GLN F 43 44.28 8.56 61.41
C GLN F 43 44.74 10.01 61.58
N PRO F 44 45.06 10.78 60.52
CA PRO F 44 45.59 12.13 60.80
C PRO F 44 44.62 12.98 61.58
N LYS F 45 43.31 12.69 61.52
CA LYS F 45 42.34 13.45 62.29
C LYS F 45 42.12 12.83 63.66
N MET F 46 42.32 11.52 63.78
CA MET F 46 42.39 10.92 65.11
C MET F 46 43.58 11.45 65.91
N ASP F 47 44.69 11.75 65.24
CA ASP F 47 45.78 12.41 65.96
C ASP F 47 45.47 13.88 66.25
N GLU F 48 44.91 14.60 65.26
CA GLU F 48 44.54 15.98 65.59
C GLU F 48 43.56 16.05 66.77
N LEU F 49 42.59 15.15 66.85
CA LEU F 49 41.68 15.17 67.98
C LEU F 49 42.28 14.56 69.24
N GLN F 50 43.49 14.00 69.15
CA GLN F 50 44.18 13.39 70.29
C GLN F 50 43.30 12.33 70.97
N LEU F 51 42.74 11.43 70.16
CA LEU F 51 41.92 10.35 70.66
C LEU F 51 42.58 9.04 70.25
N PHE F 52 42.20 7.96 70.95
CA PHE F 52 42.65 6.63 70.58
C PHE F 52 41.51 5.83 69.98
N ARG F 53 41.88 4.77 69.26
CA ARG F 53 40.91 3.87 68.65
C ARG F 53 39.98 3.30 69.72
N GLY F 54 38.68 3.48 69.51
CA GLY F 54 37.69 3.06 70.49
C GLY F 54 37.31 4.10 71.51
N ASP F 55 37.87 5.31 71.43
CA ASP F 55 37.54 6.35 72.39
C ASP F 55 36.16 6.92 72.08
N THR F 56 35.56 7.56 73.07
CA THR F 56 34.24 8.16 72.88
C THR F 56 34.37 9.66 72.61
N VAL F 57 33.68 10.11 71.57
CA VAL F 57 33.73 11.49 71.13
C VAL F 57 32.31 12.04 71.04
N LEU F 58 32.19 13.36 71.06
CA LEU F 58 30.93 14.05 70.84
C LEU F 58 30.99 14.75 69.49
N LEU F 59 29.85 14.77 68.79
CA LEU F 59 29.70 15.45 67.52
C LEU F 59 28.73 16.61 67.70
N LYS F 60 29.13 17.80 67.25
CA LYS F 60 28.31 19.00 67.38
C LYS F 60 27.66 19.34 66.05
N GLY F 61 26.33 19.36 66.04
CA GLY F 61 25.56 19.60 64.85
C GLY F 61 24.86 20.94 64.87
N LYS F 62 23.59 20.91 64.48
CA LYS F 62 22.82 22.15 64.36
C LYS F 62 21.82 22.26 65.51
N LYS F 63 21.41 23.51 65.78
CA LYS F 63 20.45 23.85 66.84
C LYS F 63 20.91 23.38 68.21
N ARG F 64 22.20 23.54 68.48
CA ARG F 64 22.83 23.19 69.75
C ARG F 64 22.52 21.74 70.15
N ARG F 65 22.60 20.86 69.15
CA ARG F 65 22.39 19.44 69.35
C ARG F 65 23.73 18.72 69.18
N GLU F 66 23.88 17.62 69.91
CA GLU F 66 25.11 16.84 69.84
C GLU F 66 24.78 15.36 69.93
N ALA F 67 25.73 14.55 69.48
CA ALA F 67 25.61 13.11 69.54
C ALA F 67 26.92 12.50 70.01
N VAL F 68 26.83 11.31 70.62
CA VAL F 68 27.97 10.62 71.19
C VAL F 68 28.17 9.32 70.42
N CYS F 69 29.42 9.02 70.08
CA CYS F 69 29.74 7.86 69.26
C CYS F 69 31.17 7.42 69.55
N ILE F 70 31.51 6.24 69.02
CA ILE F 70 32.85 5.67 69.18
C ILE F 70 33.58 5.81 67.86
N VAL F 71 34.85 6.21 67.92
CA VAL F 71 35.66 6.40 66.73
C VAL F 71 36.58 5.21 66.52
N LEU F 72 36.57 4.66 65.32
CA LEU F 72 37.53 3.65 64.88
C LEU F 72 38.24 4.14 63.63
N SER F 73 39.42 3.58 63.39
CA SER F 73 40.18 3.89 62.18
C SER F 73 39.76 2.97 61.04
N ASP F 74 40.10 3.39 59.83
CA ASP F 74 39.94 2.55 58.65
C ASP F 74 40.90 3.04 57.58
N ASP F 75 40.86 2.39 56.42
CA ASP F 75 41.69 2.75 55.29
C ASP F 75 40.88 3.34 54.13
N THR F 76 39.68 3.84 54.40
CA THR F 76 38.83 4.37 53.34
C THR F 76 38.38 5.80 53.57
N CYS F 77 38.45 6.33 54.79
CA CYS F 77 37.99 7.68 55.05
C CYS F 77 38.99 8.71 54.55
N SER F 78 38.46 9.75 53.91
CA SER F 78 39.29 10.88 53.53
C SER F 78 39.68 11.70 54.75
N ASP F 79 40.84 12.34 54.68
CA ASP F 79 41.37 13.06 55.83
C ASP F 79 40.43 14.17 56.27
N GLU F 80 39.79 14.85 55.32
CA GLU F 80 38.95 16.00 55.62
C GLU F 80 37.50 15.63 55.88
N LYS F 81 37.16 14.34 55.87
CA LYS F 81 35.77 13.90 55.97
C LYS F 81 35.57 13.05 57.22
N ILE F 82 34.32 12.94 57.65
CA ILE F 82 33.95 12.01 58.71
C ILE F 82 32.87 11.07 58.17
N ARG F 83 33.06 9.77 58.39
CA ARG F 83 32.12 8.76 57.93
C ARG F 83 31.10 8.46 59.01
N MET F 84 29.85 8.81 58.75
CA MET F 84 28.77 8.66 59.71
C MET F 84 27.49 8.33 58.96
N ASN F 85 26.67 7.47 59.55
CA ASN F 85 25.48 6.96 58.89
C ASN F 85 24.28 7.86 59.10
N ARG F 86 23.13 7.42 58.56
CA ARG F 86 21.92 8.24 58.60
C ARG F 86 21.41 8.44 60.02
N VAL F 87 21.53 7.41 60.86
CA VAL F 87 20.98 7.48 62.20
C VAL F 87 21.62 8.60 63.00
N VAL F 88 22.95 8.73 62.92
CA VAL F 88 23.64 9.81 63.60
C VAL F 88 23.37 11.16 62.95
N ARG F 89 23.34 11.24 61.63
CA ARG F 89 23.05 12.51 60.96
C ARG F 89 21.69 13.05 61.31
N ASN F 90 20.67 12.18 61.36
CA ASN F 90 19.34 12.63 61.75
C ASN F 90 19.31 13.18 63.16
N ASN F 91 20.03 12.54 64.09
CA ASN F 91 20.04 13.04 65.46
C ASN F 91 20.68 14.42 65.54
N LEU F 92 21.67 14.70 64.69
CA LEU F 92 22.35 15.99 64.69
C LEU F 92 21.66 17.03 63.82
N ARG F 93 20.61 16.64 63.09
CA ARG F 93 19.95 17.52 62.13
C ARG F 93 20.95 18.04 61.10
N VAL F 94 21.79 17.14 60.60
CA VAL F 94 22.78 17.45 59.59
C VAL F 94 22.55 16.54 58.39
N ARG F 95 23.16 16.91 57.27
CA ARG F 95 23.02 16.17 56.03
C ARG F 95 24.39 16.02 55.37
N LEU F 96 24.49 15.07 54.44
CA LEU F 96 25.72 14.86 53.70
C LEU F 96 26.20 16.15 53.05
N GLY F 97 27.49 16.42 53.18
CA GLY F 97 28.08 17.64 52.66
C GLY F 97 28.23 18.76 53.68
N ASP F 98 27.62 18.64 54.86
CA ASP F 98 27.77 19.65 55.88
C ASP F 98 29.10 19.48 56.60
N VAL F 99 29.38 20.38 57.53
CA VAL F 99 30.58 20.33 58.34
C VAL F 99 30.18 20.37 59.81
N ILE F 100 30.73 19.43 60.59
CA ILE F 100 30.44 19.32 62.02
C ILE F 100 31.74 19.33 62.80
N SER F 101 31.63 19.62 64.10
CA SER F 101 32.80 19.63 64.97
C SER F 101 32.85 18.36 65.81
N ILE F 102 34.06 17.90 66.08
CA ILE F 102 34.30 16.67 66.84
C ILE F 102 35.21 16.98 68.02
N GLN F 103 34.89 16.44 69.19
CA GLN F 103 35.79 16.56 70.32
C GLN F 103 35.72 15.30 71.17
N PRO F 104 36.83 14.87 71.75
CA PRO F 104 36.79 13.71 72.63
C PRO F 104 36.13 14.04 73.96
N CYS F 105 35.62 13.00 74.62
CA CYS F 105 35.00 13.13 75.94
C CYS F 105 35.29 11.90 76.77
N PRO F 106 36.55 11.71 77.18
CA PRO F 106 36.92 10.44 77.85
C PRO F 106 36.31 10.28 79.23
N ASP F 107 35.72 11.33 79.80
CA ASP F 107 35.17 11.28 81.15
C ASP F 107 33.73 10.79 81.21
N VAL F 108 33.19 10.31 80.09
CA VAL F 108 31.83 9.78 80.11
C VAL F 108 31.75 8.60 81.07
N LYS F 109 30.67 8.55 81.85
CA LYS F 109 30.51 7.52 82.85
C LYS F 109 29.41 6.56 82.43
N TYR F 110 29.34 5.42 83.12
CA TYR F 110 28.30 4.44 82.85
C TYR F 110 27.03 4.82 83.60
N GLY F 111 25.90 4.51 82.99
CA GLY F 111 24.63 4.65 83.70
C GLY F 111 24.18 3.38 84.38
N LYS F 112 23.00 3.43 85.02
CA LYS F 112 22.42 2.25 85.66
C LYS F 112 20.99 2.08 85.18
N ARG F 113 20.22 3.15 85.10
CA ARG F 113 18.82 3.12 84.69
C ARG F 113 18.67 3.85 83.37
N ILE F 114 18.38 3.10 82.32
CA ILE F 114 18.23 3.69 81.00
C ILE F 114 16.78 3.50 80.57
N HIS F 115 16.14 4.59 80.19
CA HIS F 115 14.74 4.60 79.82
C HIS F 115 14.64 5.01 78.36
N VAL F 116 14.08 4.10 77.54
CA VAL F 116 13.83 4.35 76.13
C VAL F 116 12.39 3.98 75.81
N LEU F 117 11.85 4.63 74.79
CA LEU F 117 10.50 4.34 74.32
C LEU F 117 10.48 4.27 72.81
N PRO F 118 9.61 3.42 72.25
CA PRO F 118 9.54 3.30 70.79
C PRO F 118 8.89 4.53 70.18
N ILE F 119 9.13 4.70 68.89
CA ILE F 119 8.43 5.73 68.14
C ILE F 119 7.20 5.12 67.48
N ASP F 120 6.07 5.81 67.60
CA ASP F 120 4.79 5.27 67.17
C ASP F 120 4.78 4.91 65.69
N ASP F 121 5.55 5.64 64.88
CA ASP F 121 5.53 5.43 63.44
C ASP F 121 6.15 4.09 63.03
N THR F 122 6.87 3.43 63.93
CA THR F 122 7.50 2.16 63.61
C THR F 122 6.93 0.99 64.38
N VAL F 123 6.17 1.24 65.44
CA VAL F 123 5.50 0.18 66.21
C VAL F 123 4.02 0.33 65.93
N GLU F 124 3.52 -0.46 64.97
CA GLU F 124 2.10 -0.46 64.64
C GLU F 124 1.75 -1.84 64.12
N GLY F 125 0.69 -2.42 64.68
CA GLY F 125 0.25 -3.74 64.25
C GLY F 125 1.03 -4.84 64.91
N ILE F 126 1.93 -4.47 65.82
CA ILE F 126 2.79 -5.47 66.46
C ILE F 126 2.68 -5.31 67.98
N THR F 127 3.01 -6.39 68.69
CA THR F 127 2.96 -6.37 70.15
C THR F 127 4.09 -7.22 70.69
N GLY F 128 3.99 -7.56 71.98
CA GLY F 128 4.96 -8.39 72.63
C GLY F 128 5.95 -7.55 73.40
N ASN F 129 7.03 -8.19 73.85
CA ASN F 129 8.02 -7.56 74.71
C ASN F 129 9.12 -6.99 73.82
N LEU F 130 9.07 -5.67 73.62
CA LEU F 130 10.02 -5.01 72.74
C LEU F 130 11.45 -5.09 73.27
N PHE F 131 11.62 -5.02 74.59
CA PHE F 131 12.95 -5.12 75.17
C PHE F 131 13.60 -6.47 74.85
N GLU F 132 12.89 -7.56 75.11
CA GLU F 132 13.49 -8.88 74.92
C GLU F 132 13.84 -9.14 73.47
N VAL F 133 13.05 -8.60 72.54
CA VAL F 133 13.28 -8.86 71.12
C VAL F 133 14.33 -7.93 70.55
N TYR F 134 14.21 -6.63 70.85
CA TYR F 134 15.03 -5.60 70.21
C TYR F 134 16.12 -5.04 71.11
N LEU F 135 15.75 -4.42 72.23
CA LEU F 135 16.71 -3.62 73.00
C LEU F 135 17.75 -4.52 73.68
N LYS F 136 17.34 -5.68 74.16
CA LYS F 136 18.26 -6.55 74.89
C LYS F 136 19.43 -7.02 74.02
N PRO F 137 19.19 -7.68 72.88
CA PRO F 137 20.34 -8.05 72.04
C PRO F 137 21.05 -6.85 71.44
N TYR F 138 20.35 -5.74 71.27
CA TYR F 138 20.97 -4.52 70.77
C TYR F 138 22.05 -4.02 71.72
N PHE F 139 21.74 -3.92 73.00
CA PHE F 139 22.69 -3.44 74.01
C PHE F 139 23.52 -4.55 74.65
N LEU F 140 23.20 -5.81 74.40
CA LEU F 140 23.90 -6.92 75.04
C LEU F 140 25.39 -6.85 74.72
N GLU F 141 26.21 -6.66 75.75
CA GLU F 141 27.68 -6.55 75.67
C GLU F 141 28.15 -5.56 74.61
N ALA F 142 27.36 -4.53 74.33
CA ALA F 142 27.68 -3.61 73.25
C ALA F 142 28.39 -2.36 73.74
N TYR F 143 28.20 -2.00 75.01
CA TYR F 143 28.83 -0.83 75.62
C TYR F 143 28.58 0.42 74.77
N ARG F 144 27.34 0.59 74.33
CA ARG F 144 26.97 1.68 73.44
C ARG F 144 26.88 2.98 74.23
N PRO F 145 27.38 4.09 73.71
CA PRO F 145 27.00 5.39 74.27
C PRO F 145 25.61 5.79 73.79
N ILE F 146 24.86 6.46 74.68
CA ILE F 146 23.54 6.98 74.35
C ILE F 146 23.44 8.39 74.93
N ARG F 147 22.56 9.20 74.34
CA ARG F 147 22.29 10.54 74.83
C ARG F 147 20.79 10.77 74.80
N LYS F 148 20.29 11.50 75.81
CA LYS F 148 18.89 11.89 75.84
C LYS F 148 18.52 12.71 74.61
N GLY F 149 17.44 12.32 73.95
CA GLY F 149 17.00 12.97 72.73
C GLY F 149 17.40 12.28 71.44
N ASP F 150 18.33 11.33 71.50
CA ASP F 150 18.73 10.58 70.31
C ASP F 150 17.74 9.47 70.01
N ILE F 151 17.67 9.08 68.74
CA ILE F 151 16.86 7.95 68.29
C ILE F 151 17.79 6.94 67.63
N PHE F 152 17.58 5.66 67.92
CA PHE F 152 18.37 4.62 67.28
C PHE F 152 17.44 3.53 66.76
N LEU F 153 17.85 2.91 65.65
CA LEU F 153 17.03 1.93 64.96
C LEU F 153 17.55 0.52 65.26
N VAL F 154 16.65 -0.35 65.69
CA VAL F 154 16.94 -1.75 65.95
C VAL F 154 16.08 -2.60 65.03
N ARG F 155 16.73 -3.49 64.28
CA ARG F 155 16.06 -4.27 63.23
C ARG F 155 15.84 -5.70 63.70
N GLY F 156 14.72 -6.27 63.32
CA GLY F 156 14.46 -7.68 63.59
C GLY F 156 13.00 -8.00 63.48
N GLY F 157 12.71 -9.26 63.20
CA GLY F 157 11.33 -9.72 63.09
C GLY F 157 10.62 -9.17 61.87
N MET F 158 11.37 -8.89 60.80
CA MET F 158 10.83 -8.30 59.57
C MET F 158 10.24 -6.92 59.80
N ARG F 159 10.59 -6.28 60.92
CA ARG F 159 10.23 -4.90 61.14
C ARG F 159 11.45 -4.13 61.65
N ALA F 160 11.46 -2.83 61.41
CA ALA F 160 12.51 -1.95 61.87
C ALA F 160 11.94 -0.96 62.86
N VAL F 161 12.30 -1.10 64.13
CA VAL F 161 11.70 -0.34 65.22
C VAL F 161 12.76 0.58 65.80
N GLU F 162 12.44 1.86 65.91
CA GLU F 162 13.38 2.83 66.47
C GLU F 162 12.88 3.28 67.84
N PHE F 163 13.83 3.56 68.72
CA PHE F 163 13.56 3.97 70.08
C PHE F 163 14.24 5.30 70.36
N LYS F 164 13.64 6.09 71.24
CA LYS F 164 14.20 7.36 71.66
C LYS F 164 14.63 7.28 73.11
N VAL F 165 15.78 7.89 73.42
CA VAL F 165 16.29 7.89 74.79
C VAL F 165 15.68 9.08 75.51
N VAL F 166 15.02 8.81 76.64
CA VAL F 166 14.37 9.87 77.41
C VAL F 166 15.01 10.12 78.76
N GLU F 167 15.67 9.12 79.35
CA GLU F 167 16.33 9.36 80.63
C GLU F 167 17.66 8.63 80.67
N THR F 168 18.68 9.33 81.18
CA THR F 168 19.98 8.75 81.43
C THR F 168 20.43 9.17 82.81
N ASP F 169 21.35 8.39 83.40
CA ASP F 169 21.79 8.68 84.76
C ASP F 169 22.88 9.76 84.74
N PRO F 170 24.05 9.51 84.17
CA PRO F 170 24.88 10.65 83.72
C PRO F 170 24.11 11.45 82.69
N SER F 171 24.36 12.76 82.66
CA SER F 171 23.67 13.65 81.73
C SER F 171 24.68 14.47 80.96
N PRO F 172 24.36 14.84 79.70
CA PRO F 172 23.18 14.39 78.96
C PRO F 172 23.33 13.00 78.34
N TYR F 173 24.49 12.38 78.51
CA TYR F 173 24.79 11.11 77.86
C TYR F 173 25.56 10.20 78.79
N CYS F 174 25.48 8.90 78.51
CA CYS F 174 26.12 7.88 79.32
C CYS F 174 26.45 6.67 78.47
N ILE F 175 27.15 5.72 79.07
CA ILE F 175 27.47 4.45 78.44
C ILE F 175 26.56 3.39 79.03
N VAL F 176 26.03 2.51 78.19
CA VAL F 176 25.18 1.43 78.69
C VAL F 176 26.03 0.19 78.94
N ALA F 177 26.14 -0.20 80.20
CA ALA F 177 26.95 -1.33 80.60
C ALA F 177 26.10 -2.59 80.63
N PRO F 178 26.73 -3.76 80.56
CA PRO F 178 25.96 -5.02 80.62
C PRO F 178 25.17 -5.19 81.91
N ASP F 179 25.51 -4.49 82.99
CA ASP F 179 24.84 -4.67 84.27
C ASP F 179 23.75 -3.63 84.51
N THR F 180 23.36 -2.85 83.50
CA THR F 180 22.34 -1.83 83.67
C THR F 180 20.96 -2.42 83.42
N VAL F 181 19.94 -1.67 83.81
CA VAL F 181 18.55 -2.04 83.55
C VAL F 181 17.97 -1.03 82.55
N ILE F 182 17.31 -1.56 81.54
CA ILE F 182 16.72 -0.76 80.47
C ILE F 182 15.20 -0.91 80.57
N HIS F 183 14.50 0.22 80.59
CA HIS F 183 13.06 0.21 80.68
C HIS F 183 12.45 0.58 79.32
N CYS F 184 11.34 -0.07 78.98
CA CYS F 184 10.68 0.17 77.71
C CYS F 184 9.20 -0.13 77.85
N GLU F 185 8.52 0.62 78.71
CA GLU F 185 7.10 0.42 78.96
C GLU F 185 6.39 1.76 78.83
N GLY F 186 5.14 1.71 78.40
CA GLY F 186 4.35 2.91 78.23
C GLY F 186 4.04 3.18 76.77
N GLU F 187 3.33 4.28 76.56
CA GLU F 187 2.90 4.64 75.21
C GLU F 187 4.11 4.98 74.34
N PRO F 188 4.07 4.62 73.06
CA PRO F 188 5.11 5.09 72.14
C PRO F 188 5.13 6.61 72.02
N ILE F 189 6.30 7.14 71.71
CA ILE F 189 6.47 8.58 71.52
C ILE F 189 6.09 8.96 70.10
N LYS F 190 5.37 10.06 69.97
CA LYS F 190 5.00 10.57 68.66
C LYS F 190 6.21 11.24 68.02
N ARG F 191 6.54 10.80 66.81
CA ARG F 191 7.68 11.37 66.09
C ARG F 191 7.51 12.88 65.92
N GLU F 192 8.60 13.61 66.12
CA GLU F 192 8.54 15.07 66.02
C GLU F 192 8.58 15.49 64.55
N ASP F 193 8.01 16.65 64.25
CA ASP F 193 7.95 17.09 62.86
C ASP F 193 9.29 17.59 62.34
N GLU F 194 10.27 17.81 63.24
CA GLU F 194 11.56 18.33 62.82
C GLU F 194 12.58 17.22 62.59
N GLU F 195 12.16 15.96 62.68
CA GLU F 195 13.05 14.82 62.48
C GLU F 195 12.42 13.85 61.49
N GLU F 196 13.27 13.15 60.74
CA GLU F 196 12.78 12.22 59.72
C GLU F 196 12.83 10.79 60.25
N SER F 197 11.89 9.97 59.80
CA SER F 197 11.89 8.56 60.17
C SER F 197 13.11 7.86 59.61
N LEU F 198 13.69 6.97 60.41
CA LEU F 198 14.88 6.23 60.02
C LEU F 198 14.57 5.12 59.02
N ASN F 199 13.29 4.87 58.73
CA ASN F 199 12.94 3.89 57.72
C ASN F 199 12.66 4.55 56.38
N GLU F 200 12.90 5.85 56.26
CA GLU F 200 12.69 6.55 55.01
C GLU F 200 13.77 6.18 54.01
N VAL F 201 13.44 6.30 52.73
CA VAL F 201 14.38 5.95 51.68
C VAL F 201 15.56 6.91 51.66
N GLY F 202 16.76 6.35 51.66
CA GLY F 202 18.00 7.11 51.60
C GLY F 202 18.97 6.42 50.68
N TYR F 203 20.23 6.87 50.71
CA TYR F 203 21.23 6.29 49.83
C TYR F 203 21.60 4.87 50.22
N ASP F 204 21.47 4.52 51.51
CA ASP F 204 21.84 3.19 51.97
C ASP F 204 20.85 2.12 51.55
N ASP F 205 19.76 2.51 50.89
CA ASP F 205 18.79 1.56 50.36
C ASP F 205 19.07 1.16 48.92
N ILE F 206 20.12 1.70 48.30
CA ILE F 206 20.47 1.44 46.91
C ILE F 206 21.63 0.46 46.90
N GLY F 207 21.49 -0.64 46.17
CA GLY F 207 22.54 -1.63 46.11
C GLY F 207 23.58 -1.40 45.03
N GLY F 208 23.34 -1.94 43.85
CA GLY F 208 24.27 -1.75 42.76
C GLY F 208 24.13 -0.38 42.13
N CYS F 209 24.90 -0.12 41.07
CA CYS F 209 24.94 1.17 40.39
C CYS F 209 25.44 2.29 41.30
N ARG F 210 26.43 1.96 42.14
CA ARG F 210 26.97 2.96 43.05
C ARG F 210 27.69 4.06 42.29
N LYS F 211 28.35 3.73 41.18
CA LYS F 211 29.03 4.74 40.38
C LYS F 211 28.04 5.76 39.82
N GLN F 212 26.86 5.29 39.41
CA GLN F 212 25.85 6.20 38.86
C GLN F 212 25.33 7.16 39.93
N LEU F 213 25.10 6.64 41.14
CA LEU F 213 24.64 7.50 42.22
C LEU F 213 25.67 8.57 42.54
N ALA F 214 26.95 8.20 42.58
CA ALA F 214 28.01 9.18 42.84
C ALA F 214 28.02 10.28 41.80
N GLN F 215 27.87 9.91 40.52
CA GLN F 215 27.88 10.90 39.44
C GLN F 215 26.71 11.87 39.60
N ILE F 216 25.54 11.36 39.96
CA ILE F 216 24.38 12.22 40.15
C ILE F 216 24.58 13.14 41.34
N LYS F 217 25.06 12.59 42.46
CA LYS F 217 25.29 13.40 43.64
C LYS F 217 26.14 14.62 43.33
N GLU F 218 27.22 14.43 42.57
CA GLU F 218 28.09 15.55 42.23
C GLU F 218 27.33 16.62 41.46
N MET F 219 26.40 16.20 40.60
CA MET F 219 25.70 17.15 39.75
C MET F 219 24.63 17.92 40.52
N VAL F 220 23.93 17.28 41.45
CA VAL F 220 22.73 17.87 42.02
C VAL F 220 22.90 18.36 43.47
N GLU F 221 23.73 17.71 44.29
CA GLU F 221 23.73 18.02 45.72
C GLU F 221 24.23 19.43 45.99
N LEU F 222 25.23 19.89 45.23
CA LEU F 222 25.79 21.21 45.48
C LEU F 222 24.80 22.33 45.19
N PRO F 223 24.16 22.40 44.02
CA PRO F 223 23.19 23.49 43.80
C PRO F 223 21.97 23.43 44.70
N LEU F 224 21.64 22.26 45.24
CA LEU F 224 20.54 22.14 46.19
C LEU F 224 20.97 22.40 47.63
N ARG F 225 22.21 22.11 47.98
CA ARG F 225 22.64 22.28 49.37
C ARG F 225 23.15 23.69 49.63
N HIS F 226 23.89 24.28 48.68
CA HIS F 226 24.47 25.61 48.83
C HIS F 226 24.07 26.50 47.65
N PRO F 227 22.78 26.80 47.50
CA PRO F 227 22.35 27.55 46.32
C PRO F 227 23.01 28.92 46.19
N ALA F 228 23.45 29.49 47.32
CA ALA F 228 24.13 30.78 47.28
C ALA F 228 25.41 30.71 46.46
N LEU F 229 26.06 29.55 46.43
CA LEU F 229 27.30 29.42 45.67
C LEU F 229 27.08 29.73 44.20
N PHE F 230 25.98 29.23 43.63
CA PHE F 230 25.73 29.44 42.21
C PHE F 230 25.20 30.83 41.89
N LYS F 231 24.66 31.54 42.88
CA LYS F 231 24.35 32.95 42.67
C LYS F 231 25.63 33.78 42.58
N ALA F 232 26.64 33.43 43.39
CA ALA F 232 27.87 34.21 43.42
C ALA F 232 28.77 33.87 42.24
N ILE F 233 28.74 32.61 41.79
CA ILE F 233 29.63 32.18 40.72
C ILE F 233 28.85 32.04 39.41
N GLY F 234 29.43 32.53 38.33
CA GLY F 234 28.77 32.55 37.04
C GLY F 234 28.63 31.21 36.35
N VAL F 235 29.15 30.14 36.93
CA VAL F 235 29.08 28.81 36.35
C VAL F 235 27.81 28.12 36.85
N LYS F 236 26.88 27.86 35.94
CA LYS F 236 25.54 27.44 36.33
C LYS F 236 25.41 25.91 36.20
N PRO F 237 24.51 25.31 36.97
CA PRO F 237 24.44 23.85 37.01
C PRO F 237 23.66 23.32 35.83
N PRO F 238 23.73 22.00 35.58
CA PRO F 238 22.67 21.36 34.79
C PRO F 238 21.32 21.50 35.46
N ARG F 239 20.27 21.60 34.65
CA ARG F 239 18.91 21.77 35.15
C ARG F 239 18.05 20.53 34.96
N GLY F 240 18.65 19.41 34.53
CA GLY F 240 17.89 18.19 34.33
C GLY F 240 18.75 17.00 34.00
N ILE F 241 18.35 15.83 34.49
CA ILE F 241 19.08 14.58 34.28
C ILE F 241 18.08 13.55 33.79
N LEU F 242 18.45 12.84 32.72
CA LEU F 242 17.64 11.76 32.20
C LEU F 242 18.24 10.44 32.68
N LEU F 243 17.43 9.66 33.39
CA LEU F 243 17.83 8.34 33.84
C LEU F 243 17.22 7.31 32.90
N TYR F 244 17.99 6.30 32.52
CA TYR F 244 17.42 5.27 31.66
C TYR F 244 17.98 3.90 31.99
N GLY F 245 17.18 2.89 31.69
CA GLY F 245 17.52 1.50 31.86
C GLY F 245 16.27 0.67 31.96
N PRO F 246 16.42 -0.65 32.08
CA PRO F 246 15.23 -1.52 32.18
C PRO F 246 14.39 -1.15 33.40
N PRO F 247 13.11 -1.53 33.40
CA PRO F 247 12.30 -1.36 34.61
C PRO F 247 12.85 -2.16 35.77
N GLY F 248 12.68 -1.63 36.98
CA GLY F 248 13.05 -2.34 38.19
C GLY F 248 14.51 -2.22 38.57
N THR F 249 15.25 -1.26 38.01
CA THR F 249 16.66 -1.09 38.31
C THR F 249 16.94 -0.01 39.35
N GLY F 250 15.94 0.77 39.73
CA GLY F 250 16.12 1.82 40.70
C GLY F 250 16.06 3.24 40.18
N LYS F 251 15.55 3.47 38.98
CA LYS F 251 15.44 4.83 38.46
C LYS F 251 14.63 5.72 39.39
N THR F 252 13.49 5.23 39.87
CA THR F 252 12.66 6.04 40.75
C THR F 252 13.21 6.03 42.17
N LEU F 253 13.95 4.98 42.52
CA LEU F 253 14.55 4.88 43.84
C LEU F 253 15.61 5.95 44.05
N ILE F 254 16.47 6.15 43.04
CA ILE F 254 17.53 7.16 43.14
C ILE F 254 16.92 8.56 43.22
N ALA F 255 15.97 8.85 42.33
CA ALA F 255 15.39 10.19 42.28
C ALA F 255 14.82 10.60 43.64
N ARG F 256 14.12 9.68 44.30
CA ARG F 256 13.55 9.98 45.61
C ARG F 256 14.63 10.01 46.69
N ALA F 257 15.58 9.08 46.63
CA ALA F 257 16.63 9.04 47.64
C ALA F 257 17.41 10.35 47.67
N VAL F 258 17.66 10.93 46.50
CA VAL F 258 18.39 12.20 46.45
C VAL F 258 17.60 13.29 47.15
N ALA F 259 16.31 13.42 46.82
CA ALA F 259 15.49 14.44 47.46
C ALA F 259 15.44 14.27 48.97
N ASN F 260 15.32 13.02 49.44
CA ASN F 260 15.26 12.79 50.88
C ASN F 260 16.58 13.13 51.56
N GLU F 261 17.70 12.91 50.89
CA GLU F 261 19.00 13.14 51.50
C GLU F 261 19.39 14.61 51.47
N THR F 262 19.00 15.33 50.41
CA THR F 262 19.39 16.74 50.31
C THR F 262 18.39 17.65 51.02
N GLY F 263 17.14 17.23 51.16
CA GLY F 263 16.12 18.05 51.78
C GLY F 263 15.27 18.84 50.80
N ALA F 264 15.49 18.66 49.50
CA ALA F 264 14.68 19.35 48.51
C ALA F 264 13.27 18.76 48.47
N PHE F 265 12.33 19.58 48.02
CA PHE F 265 10.96 19.13 47.87
C PHE F 265 10.84 18.22 46.65
N PHE F 266 10.22 17.06 46.84
CA PHE F 266 10.09 16.06 45.79
C PHE F 266 8.68 16.11 45.22
N PHE F 267 8.58 16.49 43.95
CA PHE F 267 7.29 16.57 43.26
C PHE F 267 7.25 15.43 42.24
N LEU F 268 6.35 14.47 42.47
CA LEU F 268 6.29 13.26 41.68
C LEU F 268 5.30 13.43 40.54
N ILE F 269 5.78 13.20 39.32
CA ILE F 269 4.96 13.21 38.12
C ILE F 269 5.17 11.88 37.41
N ASN F 270 4.13 11.38 36.75
CA ASN F 270 4.26 10.20 35.91
C ASN F 270 3.38 10.34 34.68
N GLY F 271 3.85 9.78 33.57
CA GLY F 271 3.12 9.77 32.33
C GLY F 271 1.64 9.49 32.45
N PRO F 272 1.27 8.30 32.93
CA PRO F 272 -0.16 7.98 33.01
C PRO F 272 -0.99 9.02 33.72
N GLU F 273 -0.47 9.65 34.78
CA GLU F 273 -1.26 10.65 35.50
C GLU F 273 -1.54 11.87 34.65
N ILE F 274 -0.56 12.26 33.84
CA ILE F 274 -0.74 13.43 32.98
C ILE F 274 -1.54 13.07 31.74
N MET F 275 -1.21 11.94 31.11
CA MET F 275 -1.85 11.58 29.85
C MET F 275 -3.31 11.17 30.02
N SER F 276 -3.69 10.68 31.21
CA SER F 276 -5.08 10.26 31.41
C SER F 276 -6.03 11.44 31.44
N LYS F 277 -5.52 12.66 31.52
CA LYS F 277 -6.37 13.83 31.64
C LYS F 277 -6.79 14.33 30.26
N LEU F 278 -7.86 15.12 30.24
CA LEU F 278 -8.37 15.66 28.98
C LEU F 278 -7.54 16.84 28.52
N ALA F 279 -7.68 17.18 27.25
CA ALA F 279 -6.97 18.33 26.69
C ALA F 279 -7.23 19.56 27.54
N GLY F 280 -6.17 20.26 27.92
CA GLY F 280 -6.29 21.40 28.81
C GLY F 280 -6.08 21.04 30.27
N GLU F 281 -6.51 19.85 30.68
CA GLU F 281 -6.28 19.40 32.05
C GLU F 281 -4.85 18.88 32.20
N SER F 282 -4.34 18.19 31.18
CA SER F 282 -2.99 17.63 31.26
C SER F 282 -1.93 18.73 31.25
N GLU F 283 -2.05 19.67 30.31
CA GLU F 283 -1.13 20.79 30.28
C GLU F 283 -1.21 21.64 31.55
N SER F 284 -2.41 21.83 32.09
CA SER F 284 -2.53 22.62 33.31
C SER F 284 -1.84 21.92 34.48
N ASN F 285 -2.10 20.62 34.65
CA ASN F 285 -1.51 19.89 35.77
C ASN F 285 0.01 19.84 35.66
N LEU F 286 0.52 19.72 34.45
CA LEU F 286 1.96 19.62 34.26
C LEU F 286 2.66 20.93 34.61
N ARG F 287 2.11 22.05 34.14
CA ARG F 287 2.73 23.33 34.43
C ARG F 287 2.51 23.76 35.88
N LYS F 288 1.40 23.36 36.50
CA LYS F 288 1.20 23.68 37.91
C LYS F 288 2.26 23.01 38.78
N ALA F 289 2.63 21.77 38.45
CA ALA F 289 3.67 21.08 39.20
C ALA F 289 4.98 21.85 39.16
N PHE F 290 5.31 22.41 37.99
CA PHE F 290 6.51 23.23 37.89
C PHE F 290 6.40 24.51 38.71
N GLU F 291 5.23 25.15 38.69
CA GLU F 291 5.03 26.36 39.47
C GLU F 291 5.16 26.08 40.97
N GLU F 292 4.63 24.95 41.43
CA GLU F 292 4.73 24.60 42.85
C GLU F 292 6.18 24.34 43.24
N ALA F 293 6.95 23.70 42.35
CA ALA F 293 8.35 23.46 42.65
C ALA F 293 9.11 24.76 42.83
N GLU F 294 8.83 25.77 41.99
CA GLU F 294 9.48 27.06 42.14
C GLU F 294 9.15 27.70 43.48
N LYS F 295 7.88 27.70 43.86
CA LYS F 295 7.46 28.28 45.13
C LYS F 295 8.12 27.57 46.31
N ASN F 296 8.33 26.27 46.18
CA ASN F 296 8.96 25.47 47.22
C ASN F 296 10.43 25.16 46.92
N ALA F 297 11.07 25.96 46.08
CA ALA F 297 12.47 25.73 45.77
C ALA F 297 13.33 25.86 47.03
N PRO F 298 14.46 25.15 47.12
CA PRO F 298 14.95 24.16 46.14
C PRO F 298 14.03 22.94 46.04
N ALA F 299 13.85 22.43 44.83
CA ALA F 299 12.92 21.33 44.59
C ALA F 299 13.42 20.48 43.43
N ILE F 300 12.97 19.23 43.41
CA ILE F 300 13.26 18.30 42.33
C ILE F 300 11.93 17.84 41.73
N ILE F 301 11.82 17.95 40.42
CA ILE F 301 10.65 17.46 39.70
C ILE F 301 11.03 16.18 38.99
N PHE F 302 10.38 15.08 39.35
CA PHE F 302 10.71 13.78 38.79
C PHE F 302 9.53 13.31 37.94
N ILE F 303 9.80 13.02 36.68
CA ILE F 303 8.78 12.57 35.74
C ILE F 303 9.11 11.13 35.39
N ASP F 304 8.26 10.21 35.82
CA ASP F 304 8.42 8.80 35.45
C ASP F 304 7.68 8.51 34.16
N GLU F 305 8.09 7.44 33.48
CA GLU F 305 7.51 7.05 32.19
C GLU F 305 7.54 8.23 31.22
N LEU F 306 8.72 8.84 31.10
CA LEU F 306 8.87 9.98 30.19
C LEU F 306 8.41 9.63 28.79
N ASP F 307 8.65 8.41 28.34
CA ASP F 307 8.31 7.99 26.98
C ASP F 307 6.80 7.99 26.77
N ALA F 308 6.04 7.99 27.85
CA ALA F 308 4.59 8.08 27.76
C ALA F 308 4.09 9.48 27.47
N ILE F 309 4.84 10.51 27.85
CA ILE F 309 4.41 11.88 27.61
C ILE F 309 5.11 12.46 26.39
N ALA F 310 6.40 12.18 26.25
CA ALA F 310 7.22 12.75 25.18
C ALA F 310 7.92 11.63 24.41
N PRO F 311 7.15 10.78 23.73
CA PRO F 311 7.78 9.80 22.83
C PRO F 311 8.29 10.49 21.58
N LYS F 312 9.13 9.81 20.80
CA LYS F 312 9.58 10.36 19.53
C LYS F 312 8.41 10.95 18.77
N ARG F 313 8.63 12.14 18.20
CA ARG F 313 7.53 12.91 17.61
C ARG F 313 6.80 12.13 16.53
N GLU F 314 7.53 11.31 15.77
CA GLU F 314 6.91 10.60 14.66
C GLU F 314 5.95 9.53 15.15
N LYS F 315 5.93 9.28 16.45
CA LYS F 315 5.02 8.31 17.06
C LYS F 315 3.75 8.94 17.64
N THR F 316 3.57 10.25 17.51
CA THR F 316 2.37 10.89 18.03
C THR F 316 1.45 11.26 16.87
N HIS F 317 0.14 11.27 17.16
CA HIS F 317 -0.87 11.56 16.16
C HIS F 317 -1.88 12.61 16.61
N GLY F 318 -2.30 12.57 17.86
CA GLY F 318 -3.34 13.49 18.31
C GLY F 318 -2.77 14.86 18.63
N GLU F 319 -3.62 15.88 18.50
CA GLU F 319 -3.18 17.25 18.80
C GLU F 319 -2.84 17.39 20.28
N VAL F 320 -3.60 16.72 21.15
CA VAL F 320 -3.32 16.80 22.58
C VAL F 320 -1.97 16.17 22.90
N GLU F 321 -1.57 15.14 22.14
CA GLU F 321 -0.26 14.53 22.33
C GLU F 321 0.88 15.47 21.96
N ARG F 322 0.73 16.26 20.89
CA ARG F 322 1.76 17.22 20.51
C ARG F 322 1.81 18.39 21.48
N ARG F 323 0.65 18.87 21.93
CA ARG F 323 0.65 20.03 22.80
C ARG F 323 1.31 19.72 24.14
N ILE F 324 1.05 18.54 24.71
CA ILE F 324 1.64 18.22 26.00
C ILE F 324 3.15 18.07 25.88
N VAL F 325 3.64 17.60 24.74
CA VAL F 325 5.09 17.56 24.52
C VAL F 325 5.64 18.98 24.43
N SER F 326 4.99 19.84 23.65
CA SER F 326 5.45 21.23 23.56
C SER F 326 5.38 21.93 24.91
N GLN F 327 4.36 21.64 25.71
CA GLN F 327 4.29 22.24 27.03
C GLN F 327 5.45 21.79 27.91
N LEU F 328 5.83 20.51 27.85
CA LEU F 328 6.97 20.08 28.64
C LEU F 328 8.25 20.78 28.18
N LEU F 329 8.41 20.94 26.86
CA LEU F 329 9.60 21.60 26.34
C LEU F 329 9.69 23.06 26.79
N THR F 330 8.56 23.76 26.77
CA THR F 330 8.59 25.14 27.26
C THR F 330 8.80 25.22 28.78
N LEU F 331 8.27 24.26 29.55
CA LEU F 331 8.48 24.26 30.98
C LEU F 331 9.95 24.00 31.32
N MET F 332 10.60 23.12 30.56
CA MET F 332 12.02 22.87 30.77
C MET F 332 12.83 24.13 30.48
N ASP F 333 12.51 24.84 29.39
CA ASP F 333 13.19 26.09 29.08
C ASP F 333 12.92 27.16 30.12
N GLY F 334 11.73 27.18 30.71
CA GLY F 334 11.42 28.14 31.77
C GLY F 334 12.25 27.99 33.02
N LEU F 335 13.03 26.90 33.13
CA LEU F 335 13.87 26.69 34.30
C LEU F 335 15.00 27.70 34.42
N LYS F 336 15.23 28.53 33.41
CA LYS F 336 16.20 29.61 33.55
C LYS F 336 15.68 30.68 34.50
N GLN F 337 14.37 30.70 34.73
CA GLN F 337 13.78 31.65 35.67
C GLN F 337 13.45 30.99 37.00
N ARG F 338 13.09 29.71 36.98
CA ARG F 338 12.72 28.97 38.18
C ARG F 338 14.00 28.55 38.90
N ALA F 339 14.59 29.50 39.63
CA ALA F 339 15.89 29.26 40.24
C ALA F 339 15.84 28.11 41.23
N HIS F 340 16.93 27.34 41.28
CA HIS F 340 17.12 26.23 42.21
C HIS F 340 16.15 25.08 42.01
N VAL F 341 15.73 24.81 40.78
CA VAL F 341 14.86 23.68 40.48
C VAL F 341 15.53 22.78 39.46
N ILE F 342 15.63 21.49 39.78
CA ILE F 342 16.22 20.49 38.90
C ILE F 342 15.13 19.50 38.52
N VAL F 343 15.04 19.17 37.24
CA VAL F 343 14.04 18.23 36.75
C VAL F 343 14.77 16.96 36.34
N MET F 344 14.29 15.82 36.84
CA MET F 344 14.80 14.51 36.47
C MET F 344 13.68 13.71 35.83
N ALA F 345 14.04 12.86 34.88
CA ALA F 345 13.08 12.03 34.18
C ALA F 345 13.63 10.62 34.01
N ALA F 346 12.74 9.65 34.06
CA ALA F 346 13.10 8.25 33.87
C ALA F 346 12.43 7.71 32.61
N THR F 347 13.23 7.04 31.78
CA THR F 347 12.72 6.41 30.57
C THR F 347 13.31 5.01 30.48
N ASN F 348 12.69 4.18 29.65
CA ASN F 348 13.20 2.82 29.45
C ASN F 348 14.44 2.83 28.56
N ARG F 349 14.43 3.65 27.51
CA ARG F 349 15.55 3.73 26.58
C ARG F 349 15.74 5.18 26.16
N PRO F 350 17.00 5.64 26.06
CA PRO F 350 17.23 7.06 25.74
C PRO F 350 16.79 7.43 24.33
N ASN F 351 16.57 6.46 23.46
CA ASN F 351 16.18 6.73 22.09
C ASN F 351 14.69 6.56 21.82
N SER F 352 13.87 6.46 22.87
CA SER F 352 12.43 6.32 22.69
C SER F 352 11.69 7.64 22.87
N ILE F 353 12.40 8.73 23.16
CA ILE F 353 11.78 9.98 23.54
C ILE F 353 12.08 11.05 22.49
N ASP F 354 11.31 12.12 22.54
CA ASP F 354 11.48 13.24 21.63
C ASP F 354 12.90 13.78 21.73
N PRO F 355 13.71 13.69 20.67
CA PRO F 355 15.09 14.19 20.75
C PRO F 355 15.20 15.65 21.16
N ALA F 356 14.14 16.45 20.97
CA ALA F 356 14.21 17.86 21.35
C ALA F 356 14.56 18.05 22.81
N LEU F 357 14.18 17.10 23.68
CA LEU F 357 14.44 17.24 25.10
C LEU F 357 15.92 17.28 25.40
N ARG F 358 16.76 16.81 24.48
CA ARG F 358 18.19 16.67 24.72
C ARG F 358 18.99 17.87 24.25
N ARG F 359 18.31 18.95 23.82
CA ARG F 359 18.98 20.18 23.43
C ARG F 359 19.64 20.83 24.64
N PHE F 360 20.68 21.66 24.37
CA PHE F 360 21.46 22.35 25.43
C PHE F 360 20.49 22.78 26.52
N GLY F 361 20.88 22.54 27.78
CA GLY F 361 19.92 22.82 28.82
C GLY F 361 18.97 21.64 28.91
N ARG F 362 17.71 21.95 29.24
CA ARG F 362 16.66 20.91 29.35
C ARG F 362 17.19 19.62 29.97
N PHE F 363 17.23 18.54 29.19
CA PHE F 363 17.81 17.28 29.66
C PHE F 363 19.12 16.98 28.92
N ASP F 364 20.15 17.72 29.28
CA ASP F 364 21.45 17.59 28.63
C ASP F 364 22.34 16.52 29.25
N ARG F 365 22.09 16.12 30.49
CA ARG F 365 22.87 15.05 31.10
C ARG F 365 22.01 13.79 31.24
N GLU F 366 22.66 12.64 31.11
CA GLU F 366 21.95 11.36 31.20
C GLU F 366 22.81 10.38 31.97
N VAL F 367 22.17 9.43 32.64
CA VAL F 367 22.88 8.42 33.42
C VAL F 367 22.34 7.04 33.07
N ASP F 368 23.26 6.12 32.75
CA ASP F 368 22.95 4.75 32.38
C ASP F 368 22.92 3.90 33.65
N ILE F 369 21.73 3.47 34.06
CA ILE F 369 21.62 2.66 35.26
C ILE F 369 21.98 1.21 34.98
N GLY F 370 21.47 0.65 33.89
CA GLY F 370 21.87 -0.69 33.51
C GLY F 370 21.29 -1.76 34.42
N ILE F 371 21.93 -2.92 34.39
CA ILE F 371 21.50 -4.09 35.14
C ILE F 371 22.57 -4.46 36.16
N PRO F 372 22.23 -4.58 37.44
CA PRO F 372 23.24 -4.93 38.44
C PRO F 372 23.92 -6.26 38.11
N ASP F 373 25.22 -6.31 38.39
CA ASP F 373 25.97 -7.55 38.24
C ASP F 373 25.88 -8.38 39.51
N ALA F 374 26.63 -9.50 39.52
CA ALA F 374 26.55 -10.42 40.65
C ALA F 374 26.85 -9.74 41.97
N THR F 375 27.81 -8.80 41.99
CA THR F 375 28.11 -8.08 43.22
C THR F 375 26.97 -7.16 43.60
N GLY F 376 26.44 -6.41 42.64
CA GLY F 376 25.31 -5.54 42.93
C GLY F 376 24.09 -6.30 43.39
N ARG F 377 23.84 -7.46 42.79
CA ARG F 377 22.69 -8.26 43.20
C ARG F 377 22.83 -8.75 44.63
N LEU F 378 24.05 -9.14 45.02
CA LEU F 378 24.29 -9.53 46.40
C LEU F 378 24.03 -8.36 47.35
N GLU F 379 24.49 -7.16 46.98
CA GLU F 379 24.23 -5.98 47.81
C GLU F 379 22.73 -5.72 47.94
N ILE F 380 21.98 -5.88 46.85
CA ILE F 380 20.54 -5.66 46.91
C ILE F 380 19.87 -6.67 47.83
N LEU F 381 20.25 -7.94 47.72
CA LEU F 381 19.69 -8.97 48.59
C LEU F 381 19.99 -8.67 50.06
N GLN F 382 21.20 -8.20 50.36
CA GLN F 382 21.55 -7.86 51.73
C GLN F 382 20.74 -6.66 52.22
N ILE F 383 20.45 -5.71 51.33
CA ILE F 383 19.65 -4.56 51.72
C ILE F 383 18.21 -4.98 52.03
N HIS F 384 17.62 -5.80 51.17
CA HIS F 384 16.23 -6.19 51.38
C HIS F 384 16.07 -7.32 52.37
N THR F 385 17.13 -7.70 53.07
CA THR F 385 17.05 -8.64 54.19
C THR F 385 17.50 -8.03 55.51
N LYS F 386 17.63 -6.70 55.56
CA LYS F 386 18.09 -6.05 56.79
C LYS F 386 17.27 -6.47 57.99
N ASN F 387 15.95 -6.59 57.81
CA ASN F 387 15.04 -6.92 58.89
C ASN F 387 14.76 -8.41 58.99
N MET F 388 15.38 -9.22 58.13
CA MET F 388 15.08 -10.65 58.02
C MET F 388 16.09 -11.44 58.82
N LYS F 389 15.62 -12.40 59.61
CA LYS F 389 16.49 -13.36 60.28
C LYS F 389 16.77 -14.50 59.31
N LEU F 390 18.05 -14.78 59.09
CA LEU F 390 18.44 -15.83 58.16
C LEU F 390 18.97 -17.04 58.93
N ALA F 391 18.72 -18.22 58.40
CA ALA F 391 19.30 -19.43 58.98
C ALA F 391 20.76 -19.57 58.57
N ASP F 392 21.48 -20.41 59.30
CA ASP F 392 22.91 -20.61 59.01
C ASP F 392 23.15 -21.17 57.63
N ASP F 393 22.18 -21.82 57.00
CA ASP F 393 22.39 -22.40 55.68
C ASP F 393 22.18 -21.41 54.55
N VAL F 394 21.75 -20.19 54.85
CA VAL F 394 21.45 -19.22 53.80
C VAL F 394 22.76 -18.56 53.34
N ASP F 395 22.93 -18.49 52.02
CA ASP F 395 24.08 -17.82 51.42
C ASP F 395 23.58 -16.95 50.27
N LEU F 396 23.53 -15.64 50.51
CA LEU F 396 23.00 -14.73 49.50
C LEU F 396 23.93 -14.54 48.32
N GLU F 397 25.19 -14.94 48.45
CA GLU F 397 26.11 -14.86 47.30
C GLU F 397 25.79 -15.94 46.27
N GLN F 398 25.46 -17.14 46.73
CA GLN F 398 25.03 -18.20 45.81
C GLN F 398 23.75 -17.80 45.09
N VAL F 399 22.84 -17.13 45.80
CA VAL F 399 21.60 -16.67 45.17
C VAL F 399 21.91 -15.59 44.13
N ALA F 400 22.72 -14.61 44.50
CA ALA F 400 23.08 -13.55 43.58
C ALA F 400 23.73 -14.09 42.32
N ASN F 401 24.51 -15.17 42.44
CA ASN F 401 25.11 -15.77 41.25
C ASN F 401 24.07 -16.49 40.39
N GLU F 402 23.04 -17.07 41.02
CA GLU F 402 22.05 -17.80 40.24
C GLU F 402 21.01 -16.87 39.61
N THR F 403 20.77 -15.71 40.22
CA THR F 403 19.72 -14.83 39.73
C THR F 403 20.17 -14.03 38.50
N HIS F 404 20.50 -14.73 37.41
CA HIS F 404 20.81 -14.06 36.16
C HIS F 404 19.55 -13.50 35.53
N GLY F 405 19.64 -12.27 35.03
CA GLY F 405 18.52 -11.60 34.42
C GLY F 405 17.59 -10.90 35.39
N HIS F 406 17.93 -10.85 36.67
CA HIS F 406 17.08 -10.20 37.66
C HIS F 406 17.59 -8.80 37.96
N VAL F 407 16.65 -7.90 38.26
CA VAL F 407 16.97 -6.54 38.67
C VAL F 407 16.48 -6.37 40.10
N GLY F 408 16.77 -5.21 40.70
CA GLY F 408 16.39 -4.99 42.09
C GLY F 408 14.94 -5.26 42.39
N ALA F 409 14.06 -4.91 41.45
CA ALA F 409 12.63 -5.18 41.64
C ALA F 409 12.37 -6.67 41.78
N ASP F 410 13.13 -7.51 41.07
CA ASP F 410 12.92 -8.95 41.15
C ASP F 410 13.54 -9.55 42.40
N LEU F 411 14.69 -9.02 42.83
CA LEU F 411 15.31 -9.49 44.07
C LEU F 411 14.48 -9.08 45.29
N ALA F 412 13.83 -7.92 45.22
CA ALA F 412 12.91 -7.53 46.28
C ALA F 412 11.73 -8.48 46.35
N ALA F 413 11.18 -8.85 45.19
CA ALA F 413 10.11 -9.85 45.16
C ALA F 413 10.60 -11.21 45.66
N LEU F 414 11.84 -11.56 45.33
CA LEU F 414 12.43 -12.82 45.80
C LEU F 414 12.47 -12.87 47.32
N CYS F 415 12.94 -11.80 47.95
CA CYS F 415 12.98 -11.76 49.41
C CYS F 415 11.57 -11.82 50.00
N SER F 416 10.61 -11.13 49.38
CA SER F 416 9.24 -11.17 49.88
C SER F 416 8.66 -12.58 49.82
N GLU F 417 8.87 -13.27 48.70
CA GLU F 417 8.33 -14.61 48.54
C GLU F 417 9.00 -15.59 49.51
N ALA F 418 10.31 -15.46 49.70
CA ALA F 418 10.99 -16.30 50.67
C ALA F 418 10.49 -16.04 52.08
N ALA F 419 10.18 -14.78 52.40
CA ALA F 419 9.60 -14.47 53.70
C ALA F 419 8.23 -15.10 53.87
N LEU F 420 7.36 -14.98 52.85
CA LEU F 420 6.01 -15.49 52.97
C LEU F 420 5.99 -17.00 53.14
N GLN F 421 6.91 -17.70 52.46
CA GLN F 421 7.01 -19.15 52.63
C GLN F 421 7.39 -19.50 54.05
N ALA F 422 8.39 -18.82 54.61
CA ALA F 422 8.77 -19.07 55.99
C ALA F 422 7.63 -18.74 56.96
N ILE F 423 6.87 -17.69 56.65
CA ILE F 423 5.75 -17.30 57.53
C ILE F 423 4.68 -18.39 57.55
N ARG F 424 4.28 -18.86 56.36
CA ARG F 424 3.24 -19.89 56.29
C ARG F 424 3.63 -21.14 57.06
N LYS F 425 4.89 -21.57 56.94
CA LYS F 425 5.34 -22.78 57.63
C LYS F 425 5.15 -22.70 59.13
N LYS F 426 5.31 -21.52 59.73
CA LYS F 426 5.15 -21.40 61.18
C LYS F 426 3.73 -21.03 61.60
N MET F 427 3.10 -20.12 60.86
CA MET F 427 1.77 -19.65 61.26
C MET F 427 0.75 -20.78 61.26
N ASP F 428 0.92 -21.76 60.37
CA ASP F 428 -0.02 -22.87 60.32
C ASP F 428 0.21 -23.84 61.46
N LEU F 429 1.33 -23.69 62.18
CA LEU F 429 1.67 -24.60 63.27
C LEU F 429 1.43 -23.99 64.64
N ILE F 430 1.61 -22.67 64.80
CA ILE F 430 1.49 -22.02 66.10
C ILE F 430 0.07 -21.53 66.37
N ASP F 431 -0.81 -21.57 65.37
CA ASP F 431 -2.20 -21.13 65.46
C ASP F 431 -2.36 -19.72 66.02
N LEU F 432 -1.65 -18.74 65.46
CA LEU F 432 -1.73 -17.36 65.95
C LEU F 432 -2.67 -16.59 65.05
N GLU F 433 -3.77 -16.11 65.63
CA GLU F 433 -4.75 -15.32 64.90
C GLU F 433 -5.27 -14.22 65.79
N ASP F 434 -4.85 -12.98 65.51
CA ASP F 434 -5.23 -11.81 66.29
C ASP F 434 -4.97 -10.58 65.42
N GLU F 435 -5.27 -9.40 65.96
CA GLU F 435 -4.97 -8.15 65.26
C GLU F 435 -3.49 -7.85 65.18
N THR F 436 -2.70 -8.22 66.20
CA THR F 436 -1.27 -7.95 66.20
C THR F 436 -0.53 -9.26 66.36
N ILE F 437 0.76 -9.25 65.98
CA ILE F 437 1.63 -10.40 66.09
C ILE F 437 2.74 -10.06 67.08
N ASP F 438 2.98 -10.96 68.03
CA ASP F 438 4.02 -10.75 69.03
C ASP F 438 5.37 -10.64 68.34
N ALA F 439 6.19 -9.67 68.76
CA ALA F 439 7.50 -9.47 68.13
C ALA F 439 8.37 -10.71 68.25
N GLU F 440 8.20 -11.48 69.33
CA GLU F 440 8.98 -12.69 69.51
C GLU F 440 8.65 -13.74 68.46
N VAL F 441 7.36 -13.86 68.10
CA VAL F 441 6.98 -14.83 67.09
C VAL F 441 7.64 -14.51 65.75
N MET F 442 7.69 -13.23 65.39
CA MET F 442 8.30 -12.83 64.13
C MET F 442 9.81 -12.97 64.21
N ASN F 443 10.42 -12.46 65.28
CA ASN F 443 11.87 -12.40 65.36
C ASN F 443 12.50 -13.77 65.41
N SER F 444 11.84 -14.76 66.03
CA SER F 444 12.35 -16.10 66.12
C SER F 444 12.20 -16.90 64.83
N LEU F 445 11.55 -16.34 63.81
CA LEU F 445 11.33 -17.04 62.55
C LEU F 445 12.51 -16.75 61.63
N ALA F 446 13.19 -17.80 61.18
CA ALA F 446 14.32 -17.67 60.27
C ALA F 446 13.97 -18.23 58.91
N VAL F 447 14.46 -17.56 57.86
CA VAL F 447 14.29 -17.99 56.49
C VAL F 447 15.48 -18.84 56.09
N THR F 448 15.20 -20.03 55.55
CA THR F 448 16.23 -21.00 55.22
C THR F 448 16.53 -20.97 53.72
N MET F 449 17.57 -21.73 53.34
CA MET F 449 17.96 -21.82 51.95
C MET F 449 16.87 -22.48 51.11
N ASP F 450 16.11 -23.39 51.70
CA ASP F 450 15.01 -24.04 50.97
C ASP F 450 13.92 -23.02 50.63
N ASP F 451 13.77 -21.99 51.45
CA ASP F 451 12.75 -20.98 51.21
C ASP F 451 13.19 -20.02 50.11
N PHE F 452 14.48 -19.69 50.04
CA PHE F 452 14.98 -18.90 48.92
C PHE F 452 14.97 -19.70 47.63
N ARG F 453 15.38 -20.97 47.69
CA ARG F 453 15.36 -21.81 46.48
C ARG F 453 13.94 -21.97 45.96
N TRP F 454 12.97 -22.17 46.86
CA TRP F 454 11.57 -22.23 46.46
C TRP F 454 11.15 -20.93 45.78
N ALA F 455 11.45 -19.79 46.40
CA ALA F 455 11.07 -18.50 45.84
C ALA F 455 11.73 -18.28 44.48
N LEU F 456 12.97 -18.76 44.32
CA LEU F 456 13.65 -18.61 43.03
C LEU F 456 12.91 -19.33 41.93
N SER F 457 12.36 -20.50 42.24
CA SER F 457 11.60 -21.25 41.23
C SER F 457 10.28 -20.55 40.91
N GLN F 458 9.81 -19.70 41.81
CA GLN F 458 8.55 -19.01 41.56
C GLN F 458 8.72 -17.66 40.89
N SER F 459 9.89 -17.03 41.03
CA SER F 459 10.11 -15.71 40.47
C SER F 459 10.39 -15.79 38.97
N ASN F 460 10.28 -14.64 38.30
CA ASN F 460 10.50 -14.55 36.87
C ASN F 460 11.26 -13.28 36.50
N PRO F 461 12.48 -13.42 36.00
CA PRO F 461 13.32 -12.25 35.74
C PRO F 461 12.70 -11.32 34.71
N SER F 462 12.78 -10.02 35.01
CA SER F 462 12.23 -9.01 34.11
C SER F 462 13.26 -8.49 33.12
N ALA F 463 14.55 -8.78 33.32
CA ALA F 463 15.61 -8.25 32.48
C ALA F 463 16.44 -9.36 31.87
N LEU F 464 15.79 -10.49 31.58
CA LEU F 464 16.49 -11.62 30.97
C LEU F 464 16.69 -11.46 29.47
N ARG F 465 15.89 -10.65 28.80
CA ARG F 465 16.03 -10.50 27.36
C ARG F 465 17.11 -9.49 26.97
N GLU F 466 17.41 -8.52 27.84
CA GLU F 466 18.35 -7.48 27.45
C GLU F 466 19.79 -7.93 27.73
N THR F 467 20.72 -7.36 26.97
CA THR F 467 22.13 -7.69 27.11
C THR F 467 22.67 -7.26 28.47
N VAL F 468 23.37 -8.17 29.14
CA VAL F 468 23.99 -7.87 30.42
C VAL F 468 25.46 -7.52 30.22
N VAL F 469 25.88 -6.38 30.75
CA VAL F 469 27.25 -5.89 30.62
C VAL F 469 27.83 -5.76 32.02
N GLU F 470 28.97 -6.39 32.26
CA GLU F 470 29.57 -6.42 33.58
C GLU F 470 31.04 -6.77 33.45
N VAL F 471 31.77 -6.58 34.54
CA VAL F 471 33.16 -6.99 34.62
C VAL F 471 33.21 -8.51 34.77
N PRO F 472 33.89 -9.20 33.86
CA PRO F 472 33.98 -10.68 33.89
C PRO F 472 34.78 -11.24 35.06
N GLN F 473 34.49 -12.49 35.44
CA GLN F 473 35.21 -13.13 36.53
C GLN F 473 36.32 -14.04 36.05
N VAL F 474 36.66 -13.96 34.75
CA VAL F 474 37.74 -14.79 34.22
C VAL F 474 39.08 -14.16 34.59
N THR F 475 39.96 -14.98 35.15
CA THR F 475 41.29 -14.54 35.58
C THR F 475 42.31 -15.16 34.64
N TRP F 476 43.55 -14.66 34.69
CA TRP F 476 44.61 -15.20 33.87
C TRP F 476 44.97 -16.62 34.29
N GLU F 477 44.78 -16.95 35.57
CA GLU F 477 45.05 -18.31 36.04
C GLU F 477 44.08 -19.32 35.45
N ASP F 478 42.99 -18.86 34.83
CA ASP F 478 42.03 -19.76 34.21
C ASP F 478 42.40 -20.14 32.79
N ILE F 479 43.45 -19.55 32.23
CA ILE F 479 43.86 -19.80 30.85
C ILE F 479 45.21 -20.50 30.86
N GLY F 480 45.24 -21.73 30.36
CA GLY F 480 46.49 -22.47 30.28
C GLY F 480 47.27 -22.05 29.05
N GLY F 481 48.57 -21.84 29.23
CA GLY F 481 49.42 -21.50 28.11
C GLY F 481 49.23 -20.05 27.67
N LEU F 482 49.72 -19.76 26.47
CA LEU F 482 49.61 -18.44 25.85
C LEU F 482 50.19 -17.33 26.72
N GLU F 483 51.35 -17.57 27.35
CA GLU F 483 51.93 -16.57 28.24
C GLU F 483 52.25 -15.27 27.50
N ASP F 484 52.68 -15.39 26.24
CA ASP F 484 53.07 -14.20 25.50
C ASP F 484 51.86 -13.40 25.04
N VAL F 485 50.77 -14.07 24.71
CA VAL F 485 49.55 -13.37 24.32
C VAL F 485 49.01 -12.56 25.49
N LYS F 486 49.05 -13.12 26.70
CA LYS F 486 48.61 -12.39 27.88
C LYS F 486 49.37 -11.08 28.02
N ARG F 487 50.69 -11.12 27.85
CA ARG F 487 51.50 -9.90 27.96
C ARG F 487 51.16 -8.92 26.84
N GLU F 488 50.93 -9.44 25.63
CA GLU F 488 50.64 -8.58 24.49
C GLU F 488 49.34 -7.80 24.71
N LEU F 489 48.32 -8.46 25.28
CA LEU F 489 47.06 -7.77 25.56
C LEU F 489 47.26 -6.66 26.58
N GLN F 490 48.10 -6.90 27.60
CA GLN F 490 48.37 -5.86 28.57
C GLN F 490 49.06 -4.66 27.92
N GLU F 491 49.98 -4.91 26.99
CA GLU F 491 50.62 -3.82 26.27
C GLU F 491 49.60 -3.02 25.46
N LEU F 492 48.61 -3.70 24.89
CA LEU F 492 47.63 -3.00 24.05
C LEU F 492 46.53 -2.34 24.88
N VAL F 493 46.21 -2.89 26.04
CA VAL F 493 45.09 -2.39 26.83
C VAL F 493 45.54 -1.53 28.02
N GLN F 494 46.58 -1.92 28.75
CA GLN F 494 46.99 -1.18 29.93
C GLN F 494 47.90 0.01 29.62
N TYR F 495 48.95 -0.21 28.84
CA TYR F 495 49.93 0.84 28.60
C TYR F 495 49.34 2.13 28.05
N PRO F 496 48.37 2.12 27.12
CA PRO F 496 47.87 3.40 26.60
C PRO F 496 47.29 4.32 27.66
N VAL F 497 46.88 3.79 28.81
CA VAL F 497 46.33 4.62 29.87
C VAL F 497 47.23 4.67 31.10
N GLU F 498 48.13 3.70 31.27
CA GLU F 498 49.10 3.77 32.37
C GLU F 498 50.26 4.71 32.04
N HIS F 499 50.64 4.84 30.77
CA HIS F 499 51.76 5.70 30.40
C HIS F 499 51.39 6.63 29.24
N PRO F 500 50.33 7.43 29.37
CA PRO F 500 49.90 8.25 28.21
C PRO F 500 50.95 9.25 27.75
N ASP F 501 51.85 9.64 28.66
CA ASP F 501 52.88 10.60 28.30
C ASP F 501 53.96 9.97 27.42
N LYS F 502 54.17 8.66 27.54
CA LYS F 502 55.14 7.99 26.68
C LYS F 502 54.61 7.81 25.27
N PHE F 503 53.30 7.52 25.13
CA PHE F 503 52.71 7.45 23.80
C PHE F 503 52.76 8.78 23.08
N LEU F 504 52.51 9.87 23.80
CA LEU F 504 52.65 11.19 23.18
C LEU F 504 54.11 11.51 22.88
N LYS F 505 55.01 11.22 23.83
CA LYS F 505 56.41 11.58 23.66
C LYS F 505 56.99 11.01 22.37
N PHE F 506 56.70 9.75 22.07
CA PHE F 506 57.30 9.08 20.93
C PHE F 506 56.39 9.07 19.70
N GLY F 507 55.28 9.79 19.72
CA GLY F 507 54.41 9.89 18.57
C GLY F 507 53.68 8.61 18.24
N MET F 508 53.26 7.85 19.24
CA MET F 508 52.59 6.58 19.04
C MET F 508 51.12 6.81 18.73
N THR F 509 50.58 6.03 17.79
CA THR F 509 49.15 6.00 17.57
C THR F 509 48.56 4.76 18.21
N PRO F 510 47.85 4.88 19.33
CA PRO F 510 47.35 3.68 20.01
C PRO F 510 46.41 2.88 19.11
N SER F 511 46.55 1.56 19.17
CA SER F 511 45.66 0.68 18.44
C SER F 511 44.28 0.67 19.10
N LYS F 512 43.25 0.52 18.27
CA LYS F 512 41.88 0.48 18.75
C LYS F 512 41.39 -0.93 19.07
N GLY F 513 42.08 -1.96 18.64
CA GLY F 513 41.63 -3.31 18.90
C GLY F 513 42.54 -4.35 18.26
N VAL F 514 42.22 -5.61 18.54
CA VAL F 514 42.97 -6.76 18.06
C VAL F 514 42.00 -7.82 17.59
N LEU F 515 42.39 -8.56 16.56
CA LEU F 515 41.63 -9.71 16.07
C LEU F 515 42.44 -10.97 16.35
N PHE F 516 41.76 -12.02 16.82
CA PHE F 516 42.42 -13.29 17.05
C PHE F 516 42.01 -14.28 15.96
N TYR F 517 42.94 -15.14 15.56
CA TYR F 517 42.60 -16.20 14.63
C TYR F 517 43.36 -17.47 15.01
N GLY F 518 42.87 -18.59 14.52
CA GLY F 518 43.42 -19.88 14.87
C GLY F 518 42.34 -20.92 15.08
N PRO F 519 42.73 -22.10 15.53
CA PRO F 519 41.77 -23.20 15.67
C PRO F 519 40.70 -22.88 16.69
N PRO F 520 39.52 -23.48 16.58
CA PRO F 520 38.49 -23.30 17.62
C PRO F 520 38.86 -23.99 18.92
N GLY F 521 38.28 -23.50 20.00
CA GLY F 521 38.46 -24.10 21.30
C GLY F 521 39.81 -23.88 21.93
N CYS F 522 40.44 -22.73 21.65
CA CYS F 522 41.75 -22.42 22.20
C CYS F 522 41.72 -21.28 23.22
N GLY F 523 40.55 -20.80 23.61
CA GLY F 523 40.44 -19.78 24.63
C GLY F 523 40.35 -18.34 24.15
N LYS F 524 39.95 -18.10 22.90
CA LYS F 524 39.88 -16.73 22.40
C LYS F 524 38.97 -15.87 23.29
N THR F 525 37.83 -16.42 23.72
CA THR F 525 36.92 -15.65 24.56
C THR F 525 37.52 -15.37 25.93
N LEU F 526 38.21 -16.36 26.50
CA LEU F 526 38.79 -16.19 27.82
C LEU F 526 39.85 -15.09 27.81
N LEU F 527 40.61 -14.99 26.72
CA LEU F 527 41.61 -13.94 26.61
C LEU F 527 40.99 -12.57 26.70
N ALA F 528 39.88 -12.35 25.97
CA ALA F 528 39.21 -11.06 26.01
C ALA F 528 38.63 -10.77 27.38
N LYS F 529 38.06 -11.79 28.03
CA LYS F 529 37.46 -11.58 29.35
C LYS F 529 38.54 -11.34 30.40
N ALA F 530 39.64 -12.10 30.35
CA ALA F 530 40.65 -12.02 31.38
C ALA F 530 41.27 -10.62 31.44
N ILE F 531 41.52 -10.01 30.28
CA ILE F 531 42.09 -8.66 30.29
C ILE F 531 41.05 -7.64 30.75
N ALA F 532 39.78 -7.85 30.38
CA ALA F 532 38.72 -6.98 30.88
C ALA F 532 38.61 -7.08 32.40
N ASN F 533 38.85 -8.28 32.94
CA ASN F 533 38.78 -8.46 34.39
C ASN F 533 39.92 -7.73 35.09
N GLU F 534 41.15 -7.97 34.67
CA GLU F 534 42.30 -7.39 35.36
C GLU F 534 42.19 -5.87 35.42
N CYS F 535 41.76 -5.23 34.34
CA CYS F 535 41.62 -3.79 34.31
C CYS F 535 40.27 -3.31 34.81
N GLN F 536 39.42 -4.22 35.30
CA GLN F 536 38.10 -3.89 35.83
C GLN F 536 37.29 -3.06 34.82
N ALA F 537 37.22 -3.55 33.58
CA ALA F 537 36.47 -2.87 32.54
C ALA F 537 35.21 -3.65 32.20
N ASN F 538 34.17 -2.92 31.83
CA ASN F 538 32.92 -3.55 31.45
C ASN F 538 33.11 -4.38 30.18
N PHE F 539 32.67 -5.63 30.24
CA PHE F 539 32.84 -6.55 29.12
C PHE F 539 31.50 -6.74 28.43
N ILE F 540 31.47 -6.44 27.13
CA ILE F 540 30.28 -6.57 26.30
C ILE F 540 30.52 -7.74 25.36
N SER F 541 29.67 -8.76 25.45
CA SER F 541 29.85 -10.00 24.71
C SER F 541 28.81 -10.05 23.60
N ILE F 542 29.27 -10.01 22.35
CA ILE F 542 28.43 -10.15 21.18
C ILE F 542 28.78 -11.49 20.55
N LYS F 543 27.77 -12.33 20.35
CA LYS F 543 27.98 -13.66 19.81
C LYS F 543 27.41 -13.79 18.41
N GLY F 544 27.87 -14.82 17.71
CA GLY F 544 27.45 -15.08 16.35
C GLY F 544 25.95 -14.96 16.11
N PRO F 545 25.15 -15.68 16.89
CA PRO F 545 23.69 -15.58 16.69
C PRO F 545 23.15 -14.16 16.71
N GLU F 546 23.76 -13.25 17.47
CA GLU F 546 23.29 -11.87 17.46
C GLU F 546 23.66 -11.15 16.17
N LEU F 547 24.88 -11.38 15.67
CA LEU F 547 25.28 -10.82 14.38
C LEU F 547 24.43 -11.41 13.26
N LEU F 548 24.10 -12.70 13.36
CA LEU F 548 23.27 -13.32 12.33
C LEU F 548 21.84 -12.79 12.39
N THR F 549 21.31 -12.58 13.59
CA THR F 549 19.96 -12.03 13.72
C THR F 549 19.86 -10.68 13.04
N MET F 550 20.84 -9.80 13.28
CA MET F 550 20.83 -8.50 12.62
C MET F 550 20.96 -8.64 11.10
N TRP F 551 21.81 -9.53 10.62
CA TRP F 551 21.95 -9.72 9.18
C TRP F 551 20.65 -10.23 8.56
N PHE F 552 20.14 -11.36 9.05
CA PHE F 552 18.96 -11.97 8.43
C PHE F 552 17.75 -11.04 8.54
N GLY F 553 17.60 -10.36 9.67
CA GLY F 553 16.42 -9.54 9.89
C GLY F 553 16.52 -8.15 9.32
N GLU F 554 17.62 -7.84 8.63
CA GLU F 554 17.84 -6.51 8.04
C GLU F 554 17.69 -5.42 9.11
N SER F 555 18.32 -5.65 10.25
CA SER F 555 18.31 -4.71 11.38
C SER F 555 19.73 -4.40 11.83
N GLU F 556 20.62 -4.22 10.86
CA GLU F 556 22.01 -3.91 11.17
C GLU F 556 22.16 -2.56 11.87
N ALA F 557 21.12 -1.73 11.88
CA ALA F 557 21.19 -0.47 12.61
C ALA F 557 21.47 -0.69 14.09
N ASN F 558 21.10 -1.88 14.60
CA ASN F 558 21.32 -2.19 16.00
C ASN F 558 22.80 -2.27 16.34
N VAL F 559 23.68 -2.37 15.34
CA VAL F 559 25.11 -2.35 15.60
C VAL F 559 25.51 -1.03 16.24
N ARG F 560 24.90 0.07 15.78
CA ARG F 560 25.26 1.38 16.32
C ARG F 560 24.89 1.48 17.79
N GLU F 561 23.78 0.84 18.19
CA GLU F 561 23.38 0.86 19.59
C GLU F 561 24.37 0.07 20.45
N ILE F 562 24.93 -1.00 19.89
CA ILE F 562 25.92 -1.78 20.62
C ILE F 562 27.17 -0.93 20.87
N PHE F 563 27.62 -0.23 19.84
CA PHE F 563 28.80 0.60 20.01
C PHE F 563 28.50 1.78 20.91
N ASP F 564 27.29 2.32 20.84
CA ASP F 564 26.89 3.37 21.75
C ASP F 564 26.95 2.89 23.20
N LYS F 565 26.59 1.64 23.46
CA LYS F 565 26.72 1.11 24.81
C LYS F 565 28.19 1.03 25.21
N ALA F 566 29.06 0.63 24.26
CA ALA F 566 30.47 0.56 24.56
C ALA F 566 31.03 1.92 24.95
N ARG F 567 30.57 2.97 24.25
CA ARG F 567 31.00 4.32 24.60
C ARG F 567 30.53 4.69 26.00
N GLN F 568 29.24 4.47 26.29
CA GLN F 568 28.69 4.89 27.58
C GLN F 568 29.23 4.03 28.72
N ALA F 569 29.53 2.76 28.43
CA ALA F 569 30.03 1.83 29.43
C ALA F 569 31.53 1.96 29.69
N ALA F 570 32.21 2.87 28.99
CA ALA F 570 33.66 2.96 29.10
C ALA F 570 34.06 3.26 30.54
N PRO F 571 35.24 2.78 30.98
CA PRO F 571 36.11 1.85 30.23
C PRO F 571 35.47 0.48 30.04
N CYS F 572 35.63 -0.09 28.84
CA CYS F 572 35.00 -1.36 28.53
C CYS F 572 35.80 -2.06 27.45
N VAL F 573 35.54 -3.36 27.31
CA VAL F 573 36.10 -4.18 26.25
C VAL F 573 34.95 -4.75 25.45
N LEU F 574 34.89 -4.43 24.16
CA LEU F 574 33.79 -4.84 23.28
C LEU F 574 34.29 -6.01 22.44
N PHE F 575 33.75 -7.19 22.70
CA PHE F 575 34.22 -8.44 22.12
C PHE F 575 33.21 -8.94 21.10
N PHE F 576 33.64 -9.08 19.85
CA PHE F 576 32.81 -9.61 18.78
C PHE F 576 33.32 -11.02 18.45
N ASP F 577 32.65 -12.03 19.01
CA ASP F 577 33.00 -13.41 18.70
C ASP F 577 32.33 -13.85 17.41
N GLU F 578 32.87 -14.93 16.84
CA GLU F 578 32.28 -15.55 15.66
C GLU F 578 32.07 -14.53 14.54
N LEU F 579 33.13 -13.77 14.26
CA LEU F 579 33.08 -12.82 13.15
C LEU F 579 32.80 -13.52 11.83
N ASP F 580 33.08 -14.82 11.74
CA ASP F 580 32.84 -15.60 10.54
C ASP F 580 31.44 -16.18 10.47
N SER F 581 30.57 -15.86 11.42
CA SER F 581 29.23 -16.42 11.44
C SER F 581 28.44 -16.03 10.20
N ILE F 582 28.55 -14.78 9.77
CA ILE F 582 27.83 -14.35 8.58
C ILE F 582 28.54 -14.81 7.32
N ALA F 583 29.87 -14.71 7.28
CA ALA F 583 30.62 -15.19 6.13
C ALA F 583 30.33 -16.65 5.85
N LYS F 584 30.15 -17.45 6.91
CA LYS F 584 29.76 -18.84 6.73
C LYS F 584 28.30 -18.97 6.38
N ALA F 585 27.44 -18.16 7.02
CA ALA F 585 26.00 -18.24 6.75
C ALA F 585 25.69 -17.95 5.29
N ARG F 586 26.46 -17.07 4.66
CA ARG F 586 26.33 -16.76 3.24
C ARG F 586 27.13 -17.71 2.37
N GLY F 587 27.81 -18.69 2.95
CA GLY F 587 28.56 -19.66 2.19
C GLY F 587 29.89 -20.00 2.83
N GLY F 588 30.78 -19.03 2.91
CA GLY F 588 32.10 -19.25 3.49
C GLY F 588 33.05 -20.03 2.60
N ASN F 589 32.73 -21.31 2.36
CA ASN F 589 33.61 -22.18 1.53
C ASN F 589 33.23 -21.98 0.06
N ILE F 590 31.96 -21.70 -0.21
CA ILE F 590 31.52 -21.50 -1.62
C ILE F 590 30.93 -20.09 -1.71
N GLY F 591 29.72 -19.88 -1.19
CA GLY F 591 29.12 -18.54 -1.16
C GLY F 591 28.50 -18.11 -2.48
N ASP F 592 28.04 -16.86 -2.56
CA ASP F 592 27.52 -16.32 -3.81
C ASP F 592 28.64 -15.62 -4.58
N GLY F 593 28.25 -14.85 -5.60
CA GLY F 593 29.22 -14.21 -6.46
C GLY F 593 29.77 -12.90 -5.94
N GLY F 594 29.47 -12.54 -4.70
CA GLY F 594 29.92 -11.29 -4.13
C GLY F 594 31.20 -11.42 -3.33
N GLY F 595 31.37 -10.50 -2.40
CA GLY F 595 32.56 -10.44 -1.58
C GLY F 595 32.28 -10.77 -0.13
N ALA F 596 33.18 -10.32 0.74
CA ALA F 596 33.06 -10.59 2.16
C ALA F 596 32.29 -9.50 2.91
N ALA F 597 31.89 -8.44 2.22
CA ALA F 597 31.17 -7.36 2.88
C ALA F 597 29.68 -7.66 2.94
N ASP F 598 29.07 -7.28 4.07
CA ASP F 598 27.64 -7.49 4.30
C ASP F 598 27.11 -6.35 5.15
N ARG F 599 25.80 -6.39 5.41
CA ARG F 599 25.12 -5.29 6.08
C ARG F 599 25.67 -5.04 7.48
N VAL F 600 25.96 -6.12 8.21
CA VAL F 600 26.30 -5.99 9.63
C VAL F 600 27.76 -5.59 9.80
N ILE F 601 28.65 -6.25 9.06
CA ILE F 601 30.06 -5.89 9.16
C ILE F 601 30.29 -4.47 8.69
N ASN F 602 29.52 -3.99 7.72
CA ASN F 602 29.68 -2.61 7.25
C ASN F 602 29.37 -1.62 8.35
N GLN F 603 28.33 -1.89 9.15
CA GLN F 603 28.03 -1.00 10.27
C GLN F 603 29.11 -1.09 11.34
N ILE F 604 29.65 -2.29 11.56
CA ILE F 604 30.72 -2.46 12.55
C ILE F 604 31.96 -1.69 12.11
N LEU F 605 32.32 -1.80 10.84
CA LEU F 605 33.48 -1.08 10.31
C LEU F 605 33.28 0.43 10.42
N THR F 606 32.06 0.89 10.16
CA THR F 606 31.76 2.32 10.28
C THR F 606 31.93 2.81 11.71
N GLU F 607 31.40 2.06 12.68
CA GLU F 607 31.44 2.48 14.08
C GLU F 607 32.87 2.53 14.60
N MET F 608 33.70 1.56 14.21
CA MET F 608 35.10 1.57 14.63
C MET F 608 35.83 2.79 14.08
N ASP F 609 35.59 3.14 12.81
CA ASP F 609 36.19 4.33 12.25
C ASP F 609 35.79 5.60 12.98
N GLY F 610 34.56 5.67 13.47
CA GLY F 610 34.09 6.83 14.21
C GLY F 610 34.31 6.79 15.70
N MET F 611 35.06 5.81 16.20
CA MET F 611 35.32 5.70 17.63
C MET F 611 36.72 6.20 17.94
N SER F 612 36.83 7.05 18.96
CA SER F 612 38.11 7.62 19.35
C SER F 612 38.75 6.79 20.46
N THR F 613 40.08 6.78 20.49
CA THR F 613 40.81 6.09 21.55
C THR F 613 40.64 6.80 22.89
N LYS F 614 40.19 8.05 22.87
CA LYS F 614 39.96 8.81 24.09
C LYS F 614 38.77 8.30 24.90
N LYS F 615 37.96 7.41 24.35
CA LYS F 615 36.83 6.87 25.09
C LYS F 615 37.21 5.62 25.89
N ASN F 616 38.46 5.19 25.83
CA ASN F 616 38.95 4.03 26.59
C ASN F 616 38.12 2.79 26.29
N VAL F 617 37.82 2.59 25.00
CA VAL F 617 37.11 1.40 24.53
C VAL F 617 38.06 0.59 23.68
N PHE F 618 38.29 -0.66 24.06
CA PHE F 618 39.14 -1.57 23.31
C PHE F 618 38.30 -2.70 22.73
N ILE F 619 38.43 -2.92 21.43
CA ILE F 619 37.59 -3.87 20.71
C ILE F 619 38.44 -5.10 20.38
N ILE F 620 37.90 -6.28 20.66
CA ILE F 620 38.57 -7.54 20.38
C ILE F 620 37.67 -8.36 19.48
N GLY F 621 38.23 -8.89 18.41
CA GLY F 621 37.51 -9.80 17.54
C GLY F 621 38.08 -11.20 17.58
N ALA F 622 37.24 -12.18 17.26
CA ALA F 622 37.68 -13.56 17.18
C ALA F 622 37.03 -14.23 15.99
N THR F 623 37.84 -14.97 15.23
CA THR F 623 37.33 -15.76 14.12
C THR F 623 38.14 -17.04 14.03
N ASN F 624 37.49 -18.10 13.55
CA ASN F 624 38.17 -19.36 13.27
C ASN F 624 38.44 -19.53 11.79
N ARG F 625 38.02 -18.57 10.97
CA ARG F 625 38.17 -18.63 9.51
C ARG F 625 38.52 -17.23 9.02
N PRO F 626 39.73 -16.76 9.33
CA PRO F 626 40.11 -15.40 8.91
C PRO F 626 40.16 -15.22 7.40
N ASP F 627 40.26 -16.31 6.63
CA ASP F 627 40.38 -16.19 5.19
C ASP F 627 39.10 -15.68 4.54
N ILE F 628 37.99 -15.70 5.29
CA ILE F 628 36.72 -15.22 4.76
C ILE F 628 36.20 -14.00 5.50
N ILE F 629 37.06 -13.28 6.22
CA ILE F 629 36.63 -12.06 6.89
C ILE F 629 37.03 -10.86 6.05
N ASP F 630 36.10 -9.92 5.88
CA ASP F 630 36.40 -8.73 5.09
C ASP F 630 37.75 -8.15 5.50
N PRO F 631 38.74 -8.15 4.62
CA PRO F 631 40.06 -7.64 5.01
C PRO F 631 40.04 -6.24 5.58
N ALA F 632 39.00 -5.45 5.29
CA ALA F 632 38.92 -4.09 5.80
C ALA F 632 39.03 -4.06 7.32
N ILE F 633 38.61 -5.12 8.00
CA ILE F 633 38.57 -5.12 9.46
C ILE F 633 39.96 -4.99 10.06
N LEU F 634 41.00 -5.41 9.34
CA LEU F 634 42.35 -5.38 9.86
C LEU F 634 43.14 -4.14 9.44
N ARG F 635 42.51 -3.18 8.79
CA ARG F 635 43.20 -1.99 8.34
C ARG F 635 43.60 -1.11 9.52
N PRO F 636 44.63 -0.28 9.36
CA PRO F 636 44.98 0.69 10.41
C PRO F 636 43.78 1.54 10.80
N GLY F 637 43.61 1.74 12.11
CA GLY F 637 42.48 2.46 12.64
C GLY F 637 41.35 1.57 13.10
N ARG F 638 41.41 0.27 12.83
CA ARG F 638 40.43 -0.69 13.25
C ARG F 638 41.11 -1.78 14.08
N LEU F 639 40.93 -3.06 13.72
CA LEU F 639 41.57 -4.16 14.44
C LEU F 639 42.93 -4.45 13.79
N ASP F 640 43.83 -3.48 13.93
CA ASP F 640 45.11 -3.53 13.23
C ASP F 640 46.06 -4.57 13.82
N GLN F 641 45.84 -4.95 15.09
CA GLN F 641 46.67 -5.97 15.72
C GLN F 641 46.11 -7.35 15.39
N LEU F 642 47.00 -8.30 15.07
CA LEU F 642 46.56 -9.64 14.71
C LEU F 642 47.41 -10.67 15.44
N ILE F 643 46.75 -11.52 16.24
CA ILE F 643 47.43 -12.50 17.08
C ILE F 643 46.94 -13.88 16.71
N TYR F 644 47.87 -14.81 16.52
CA TYR F 644 47.54 -16.21 16.28
C TYR F 644 47.51 -16.97 17.60
N ILE F 645 46.47 -17.78 17.79
CA ILE F 645 46.36 -18.64 18.96
C ILE F 645 46.58 -20.08 18.52
N PRO F 646 47.75 -20.65 18.78
CA PRO F 646 47.99 -22.04 18.37
C PRO F 646 47.34 -23.04 19.30
N LEU F 647 47.36 -24.29 18.87
CA LEU F 647 46.98 -25.39 19.75
C LEU F 647 47.95 -25.47 20.91
N PRO F 648 47.49 -25.85 22.11
CA PRO F 648 48.37 -25.88 23.27
C PRO F 648 49.47 -26.93 23.12
N ASP F 649 50.66 -26.61 23.62
CA ASP F 649 51.75 -27.57 23.63
C ASP F 649 51.69 -28.42 24.90
N GLU F 650 52.70 -29.27 25.07
CA GLU F 650 52.70 -30.23 26.17
C GLU F 650 52.51 -29.56 27.53
N LYS F 651 53.27 -28.50 27.81
CA LYS F 651 53.17 -27.86 29.12
C LYS F 651 51.87 -27.09 29.25
N SER F 652 51.38 -26.53 28.15
CA SER F 652 50.10 -25.82 28.19
C SER F 652 48.94 -26.78 28.38
N ARG F 653 48.97 -27.94 27.74
CA ARG F 653 47.86 -28.89 27.89
C ARG F 653 47.74 -29.36 29.33
N VAL F 654 48.87 -29.56 30.01
CA VAL F 654 48.83 -29.92 31.42
C VAL F 654 48.22 -28.78 32.24
N ALA F 655 48.64 -27.56 31.94
CA ALA F 655 48.08 -26.40 32.62
C ALA F 655 46.57 -26.28 32.39
N ILE F 656 46.11 -26.63 31.19
CA ILE F 656 44.69 -26.58 30.87
C ILE F 656 43.94 -27.63 31.68
N LEU F 657 44.48 -28.84 31.75
CA LEU F 657 43.85 -29.89 32.53
C LEU F 657 43.78 -29.50 34.00
N LYS F 658 44.84 -28.90 34.53
CA LYS F 658 44.85 -28.47 35.92
C LYS F 658 43.82 -27.38 36.18
N ALA F 659 43.71 -26.43 35.25
CA ALA F 659 42.69 -25.39 35.39
C ALA F 659 41.28 -25.96 35.33
N ASN F 660 41.02 -26.88 34.40
CA ASN F 660 39.69 -27.48 34.29
C ASN F 660 39.35 -28.30 35.52
N LEU F 661 40.37 -28.92 36.14
CA LEU F 661 40.14 -29.69 37.35
C LEU F 661 40.33 -28.88 38.62
N ARG F 662 40.55 -27.57 38.52
CA ARG F 662 40.87 -26.77 39.69
C ARG F 662 39.77 -26.84 40.74
N LYS F 663 38.51 -26.96 40.31
CA LYS F 663 37.39 -26.97 41.24
C LYS F 663 36.89 -28.37 41.56
N SER F 664 37.62 -29.41 41.16
CA SER F 664 37.07 -30.73 41.43
C SER F 664 38.04 -31.56 42.26
N PRO F 665 37.52 -32.43 43.14
CA PRO F 665 38.39 -33.39 43.82
C PRO F 665 38.91 -34.45 42.85
N VAL F 666 40.23 -34.59 42.79
CA VAL F 666 40.89 -35.50 41.87
C VAL F 666 41.94 -36.28 42.63
N ALA F 667 42.01 -37.59 42.38
CA ALA F 667 42.97 -38.44 43.07
C ALA F 667 44.39 -38.09 42.65
N LYS F 668 45.34 -38.31 43.58
CA LYS F 668 46.75 -38.11 43.26
C LYS F 668 47.27 -39.12 42.24
N ASP F 669 46.51 -40.19 41.97
CA ASP F 669 46.97 -41.19 41.01
C ASP F 669 46.70 -40.76 39.57
N VAL F 670 46.11 -39.59 39.37
CA VAL F 670 45.86 -39.10 38.01
C VAL F 670 47.13 -38.45 37.46
N ASP F 671 47.60 -38.96 36.33
CA ASP F 671 48.85 -38.51 35.73
C ASP F 671 48.50 -37.57 34.59
N LEU F 672 48.46 -36.27 34.89
CA LEU F 672 48.01 -35.29 33.91
C LEU F 672 49.07 -35.06 32.83
N GLU F 673 50.35 -35.23 33.20
CA GLU F 673 51.41 -35.13 32.21
C GLU F 673 51.39 -36.28 31.21
N PHE F 674 51.15 -37.51 31.66
CA PHE F 674 50.99 -38.62 30.73
C PHE F 674 49.83 -38.39 29.77
N LEU F 675 48.67 -37.97 30.30
CA LEU F 675 47.52 -37.71 29.44
C LEU F 675 47.84 -36.60 28.45
N ALA F 676 48.47 -35.53 28.92
CA ALA F 676 48.78 -34.42 28.02
C ALA F 676 49.71 -34.85 26.90
N LYS F 677 50.64 -35.77 27.19
CA LYS F 677 51.55 -36.25 26.15
C LYS F 677 50.80 -37.02 25.07
N MET F 678 49.74 -37.74 25.45
CA MET F 678 48.97 -38.48 24.46
C MET F 678 48.06 -37.56 23.64
N THR F 679 47.51 -36.54 24.27
CA THR F 679 46.50 -35.68 23.64
C THR F 679 47.19 -34.57 22.84
N ASN F 680 48.09 -34.99 21.96
CA ASN F 680 48.94 -34.04 21.25
C ASN F 680 48.13 -33.16 20.30
N GLY F 681 47.07 -33.71 19.72
CA GLY F 681 46.27 -32.98 18.76
C GLY F 681 45.02 -32.35 19.32
N PHE F 682 44.88 -32.35 20.64
CA PHE F 682 43.67 -31.91 21.29
C PHE F 682 43.73 -30.41 21.57
N SER F 683 42.60 -29.73 21.40
CA SER F 683 42.50 -28.34 21.80
C SER F 683 42.12 -28.23 23.27
N GLY F 684 42.17 -27.01 23.78
CA GLY F 684 41.76 -26.79 25.16
C GLY F 684 40.33 -27.22 25.41
N ALA F 685 39.44 -26.96 24.44
CA ALA F 685 38.07 -27.42 24.55
C ALA F 685 38.00 -28.94 24.58
N ASP F 686 38.89 -29.62 23.85
CA ASP F 686 38.88 -31.08 23.85
C ASP F 686 39.42 -31.64 25.16
N LEU F 687 40.38 -30.95 25.78
CA LEU F 687 40.84 -31.38 27.10
C LEU F 687 39.73 -31.22 28.15
N THR F 688 38.89 -30.20 27.99
CA THR F 688 37.73 -30.07 28.86
C THR F 688 36.79 -31.25 28.73
N GLU F 689 36.52 -31.70 27.50
CA GLU F 689 35.68 -32.88 27.33
C GLU F 689 36.23 -34.06 28.11
N ILE F 690 37.55 -34.27 28.07
CA ILE F 690 38.13 -35.39 28.81
C ILE F 690 37.87 -35.24 30.31
N CYS F 691 38.08 -34.03 30.82
CA CYS F 691 37.85 -33.79 32.25
C CYS F 691 36.39 -34.05 32.61
N GLN F 692 35.47 -33.56 31.79
CA GLN F 692 34.04 -33.72 32.07
C GLN F 692 33.61 -35.17 31.97
N ARG F 693 34.18 -35.93 31.02
CA ARG F 693 33.86 -37.34 30.91
C ARG F 693 34.33 -38.11 32.14
N ALA F 694 35.54 -37.82 32.61
CA ALA F 694 36.02 -38.45 33.84
C ALA F 694 35.14 -38.06 35.03
N CYS F 695 34.71 -36.80 35.07
CA CYS F 695 33.77 -36.38 36.11
C CYS F 695 32.47 -37.16 36.04
N LYS F 696 31.88 -37.26 34.84
CA LYS F 696 30.63 -37.97 34.66
C LYS F 696 30.74 -39.41 35.17
N LEU F 697 31.87 -40.05 34.88
CA LEU F 697 32.05 -41.43 35.34
C LEU F 697 32.10 -41.50 36.86
N ALA F 698 32.77 -40.53 37.50
CA ALA F 698 32.83 -40.52 38.96
C ALA F 698 31.44 -40.38 39.56
N ILE F 699 30.58 -39.57 38.93
CA ILE F 699 29.23 -39.38 39.45
C ILE F 699 28.41 -40.66 39.30
N ARG F 700 28.46 -41.28 38.12
CA ARG F 700 27.68 -42.49 37.90
C ARG F 700 28.10 -43.60 38.85
N GLU F 701 29.42 -43.75 39.07
CA GLU F 701 29.90 -44.77 39.98
C GLU F 701 29.41 -44.54 41.40
N SER F 702 29.44 -43.27 41.84
CA SER F 702 28.94 -42.95 43.18
C SER F 702 27.47 -43.28 43.31
N ILE F 703 26.68 -42.97 42.28
CA ILE F 703 25.25 -43.27 42.32
C ILE F 703 25.03 -44.78 42.42
N GLU F 704 25.77 -45.56 41.64
CA GLU F 704 25.65 -47.01 41.69
C GLU F 704 26.08 -47.59 43.03
N SER F 705 27.03 -46.97 43.72
CA SER F 705 27.46 -47.48 45.01
C SER F 705 26.37 -47.38 46.07
N GLU F 706 25.31 -46.60 45.81
CA GLU F 706 24.24 -46.45 46.78
C GLU F 706 23.20 -47.55 46.63
N ILE F 707 23.34 -48.40 45.62
CA ILE F 707 22.37 -49.43 45.34
C ILE F 707 22.89 -50.79 45.79
N VAL F 728 35.68 -43.27 44.38
CA VAL F 728 34.30 -42.80 44.46
C VAL F 728 34.18 -41.37 45.00
N PRO F 729 34.83 -41.03 46.12
CA PRO F 729 34.75 -39.64 46.60
C PRO F 729 35.56 -38.65 45.76
N GLU F 730 36.39 -39.14 44.84
CA GLU F 730 37.20 -38.28 43.99
C GLU F 730 37.38 -38.95 42.64
N ILE F 731 37.72 -38.13 41.64
CA ILE F 731 37.89 -38.65 40.28
C ILE F 731 39.20 -39.43 40.21
N ARG F 732 39.11 -40.68 39.72
CA ARG F 732 40.24 -41.60 39.77
C ARG F 732 40.92 -41.66 38.42
N ARG F 733 42.19 -42.06 38.43
CA ARG F 733 42.90 -42.35 37.19
C ARG F 733 42.05 -43.19 36.23
N ASP F 734 41.35 -44.20 36.75
CA ASP F 734 40.53 -45.05 35.89
C ASP F 734 39.49 -44.25 35.11
N HIS F 735 38.97 -43.16 35.69
CA HIS F 735 37.98 -42.35 35.01
C HIS F 735 38.58 -41.56 33.86
N PHE F 736 39.83 -41.10 34.02
CA PHE F 736 40.48 -40.38 32.93
C PHE F 736 40.92 -41.32 31.83
N GLU F 737 41.37 -42.53 32.18
CA GLU F 737 41.77 -43.50 31.17
C GLU F 737 40.58 -43.95 30.34
N GLU F 738 39.42 -44.10 30.97
CA GLU F 738 38.21 -44.42 30.20
C GLU F 738 37.76 -43.24 29.36
N ALA F 739 37.88 -42.02 29.87
CA ALA F 739 37.54 -40.83 29.08
C ALA F 739 38.35 -40.76 27.81
N MET F 740 39.61 -41.20 27.85
CA MET F 740 40.44 -41.20 26.66
C MET F 740 39.90 -42.11 25.57
N ARG F 741 39.00 -43.04 25.91
CA ARG F 741 38.47 -43.96 24.91
C ARG F 741 37.41 -43.29 24.05
N PHE F 742 36.85 -42.19 24.53
CA PHE F 742 35.73 -41.55 23.82
C PHE F 742 36.08 -40.15 23.32
N ALA F 743 36.99 -39.46 24.01
CA ALA F 743 37.39 -38.13 23.59
C ALA F 743 38.25 -38.18 22.34
N ARG F 744 38.05 -37.21 21.44
CA ARG F 744 38.82 -37.10 20.22
C ARG F 744 39.21 -35.65 20.00
N ARG F 745 40.25 -35.45 19.22
CA ARG F 745 40.64 -34.11 18.78
C ARG F 745 39.59 -33.54 17.83
N SER F 746 39.24 -32.28 18.02
CA SER F 746 38.32 -31.59 17.11
C SER F 746 39.03 -30.87 15.98
N VAL F 747 40.35 -30.65 16.09
CA VAL F 747 41.11 -29.94 15.07
C VAL F 747 42.07 -30.92 14.41
N SER F 748 41.79 -31.26 13.16
CA SER F 748 42.57 -32.23 12.40
C SER F 748 43.73 -31.52 11.73
N ASP F 749 44.63 -32.31 11.12
CA ASP F 749 45.77 -31.72 10.42
C ASP F 749 45.36 -30.92 9.19
N ASN F 750 44.18 -31.19 8.62
CA ASN F 750 43.70 -30.39 7.50
C ASN F 750 43.46 -28.94 7.92
N ASP F 751 42.99 -28.73 9.15
CA ASP F 751 42.75 -27.37 9.61
C ASP F 751 44.03 -26.72 10.14
N ILE F 752 44.93 -27.50 10.73
CA ILE F 752 46.19 -26.93 11.21
C ILE F 752 46.99 -26.38 10.04
N ARG F 753 47.06 -27.12 8.93
CA ARG F 753 47.77 -26.59 7.78
C ARG F 753 47.11 -25.33 7.24
N LYS F 754 45.78 -25.27 7.25
CA LYS F 754 45.12 -24.05 6.79
C LYS F 754 45.52 -22.85 7.64
N TYR F 755 45.58 -23.03 8.96
CA TYR F 755 45.95 -21.94 9.85
C TYR F 755 47.42 -21.56 9.68
N GLU F 756 48.29 -22.57 9.52
CA GLU F 756 49.71 -22.28 9.37
C GLU F 756 49.98 -21.55 8.06
N MET F 757 49.34 -21.98 6.97
CA MET F 757 49.52 -21.32 5.69
C MET F 757 49.02 -19.87 5.73
N PHE F 758 47.89 -19.63 6.41
CA PHE F 758 47.42 -18.26 6.55
C PHE F 758 48.41 -17.42 7.35
N ALA F 759 48.89 -17.96 8.48
CA ALA F 759 49.83 -17.21 9.30
C ALA F 759 51.12 -16.91 8.54
N GLN F 760 51.58 -17.87 7.74
CA GLN F 760 52.80 -17.67 6.95
C GLN F 760 52.57 -16.64 5.85
N THR F 761 51.40 -16.67 5.21
CA THR F 761 51.09 -15.71 4.16
C THR F 761 51.19 -14.26 4.67
N LEU F 762 50.70 -13.99 5.87
CA LEU F 762 50.80 -12.66 6.46
C LEU F 762 52.11 -12.43 7.21
N GLN F 763 53.02 -13.40 7.21
CA GLN F 763 54.30 -13.28 7.90
C GLN F 763 54.12 -12.95 9.39
N THR G 49 -64.92 -46.81 8.15
CA THR G 49 -66.17 -46.96 7.39
C THR G 49 -65.99 -46.56 5.91
N ASN G 50 -67.05 -46.64 5.11
CA ASN G 50 -66.97 -46.41 3.66
C ASN G 50 -66.73 -44.96 3.22
N GLU G 51 -67.34 -43.95 3.83
CA GLU G 51 -67.13 -42.56 3.46
C GLU G 51 -65.70 -42.11 3.79
N ALA G 52 -65.16 -42.58 4.92
CA ALA G 52 -63.76 -42.34 5.26
C ALA G 52 -62.80 -42.98 4.24
N GLN G 53 -63.04 -44.21 3.78
CA GLN G 53 -62.19 -44.85 2.76
C GLN G 53 -62.33 -44.16 1.39
N MET G 54 -63.50 -43.63 1.05
CA MET G 54 -63.69 -42.80 -0.14
C MET G 54 -62.81 -41.55 -0.08
N ALA G 55 -62.76 -40.84 1.05
CA ALA G 55 -61.84 -39.72 1.24
C ALA G 55 -60.37 -40.16 1.15
N ALA G 56 -60.03 -41.32 1.71
CA ALA G 56 -58.69 -41.86 1.67
C ALA G 56 -58.27 -42.22 0.24
N ALA G 57 -59.15 -42.82 -0.56
CA ALA G 57 -58.85 -43.17 -1.95
C ALA G 57 -58.52 -41.93 -2.77
N ALA G 58 -59.26 -40.83 -2.58
CA ALA G 58 -58.96 -39.56 -3.23
C ALA G 58 -57.64 -38.94 -2.75
N ALA G 59 -57.33 -39.00 -1.45
CA ALA G 59 -56.06 -38.51 -0.91
C ALA G 59 -54.86 -39.30 -1.43
N LEU G 60 -54.99 -40.62 -1.55
CA LEU G 60 -53.96 -41.50 -2.08
C LEU G 60 -53.72 -41.26 -3.57
N ALA G 61 -54.77 -41.03 -4.35
CA ALA G 61 -54.66 -40.69 -5.76
C ALA G 61 -53.90 -39.37 -5.97
N ARG G 62 -54.17 -38.33 -5.16
CA ARG G 62 -53.48 -37.04 -5.24
C ARG G 62 -52.01 -37.15 -4.88
N LEU G 63 -51.70 -37.94 -3.85
CA LEU G 63 -50.34 -38.18 -3.39
C LEU G 63 -49.54 -38.98 -4.43
N GLU G 64 -50.10 -40.05 -4.95
CA GLU G 64 -49.41 -40.86 -5.95
C GLU G 64 -49.23 -40.15 -7.30
N GLN G 65 -50.20 -39.34 -7.73
CA GLN G 65 -50.06 -38.56 -8.97
C GLN G 65 -48.90 -37.56 -8.89
N LYS G 66 -48.69 -36.90 -7.74
CA LYS G 66 -47.54 -36.03 -7.48
C LYS G 66 -46.20 -36.76 -7.32
N GLN G 67 -46.18 -37.91 -6.65
CA GLN G 67 -44.97 -38.74 -6.52
C GLN G 67 -44.47 -39.34 -7.86
N SER G 68 -45.37 -39.77 -8.76
CA SER G 68 -45.02 -40.34 -10.07
C SER G 68 -44.64 -39.29 -11.11
N VAL G 121 -51.31 -6.72 -71.05
CA VAL G 121 -50.55 -5.48 -71.26
C VAL G 121 -50.34 -5.20 -72.76
N TYR G 122 -50.47 -3.93 -73.18
CA TYR G 122 -50.34 -3.55 -74.58
C TYR G 122 -48.99 -2.88 -74.84
N PHE G 123 -48.41 -3.17 -76.00
CA PHE G 123 -47.12 -2.65 -76.41
C PHE G 123 -47.21 -2.14 -77.84
N THR G 124 -46.32 -1.23 -78.22
CA THR G 124 -46.22 -0.73 -79.59
C THR G 124 -44.86 -1.09 -80.17
N CYS G 125 -44.86 -1.65 -81.38
CA CYS G 125 -43.62 -2.01 -82.06
C CYS G 125 -42.90 -0.72 -82.50
N PRO G 126 -41.70 -0.41 -81.98
CA PRO G 126 -41.05 0.87 -82.28
C PRO G 126 -40.65 1.03 -83.75
N LEU G 127 -40.68 -0.04 -84.55
CA LEU G 127 -40.27 -0.01 -85.97
C LEU G 127 -41.45 0.15 -86.93
N THR G 128 -42.66 -0.19 -86.48
CA THR G 128 -43.86 -0.19 -87.34
C THR G 128 -45.03 0.61 -86.78
N GLY G 129 -45.10 0.77 -85.45
CA GLY G 129 -46.25 1.39 -84.77
C GLY G 129 -47.41 0.43 -84.51
N ALA G 130 -47.26 -0.86 -84.81
CA ALA G 130 -48.32 -1.85 -84.59
C ALA G 130 -48.60 -2.06 -83.10
N THR G 131 -49.87 -2.29 -82.77
CA THR G 131 -50.33 -2.63 -81.42
C THR G 131 -50.22 -4.14 -81.18
N LEU G 132 -49.50 -4.52 -80.13
CA LEU G 132 -49.16 -5.91 -79.79
C LEU G 132 -49.55 -6.24 -78.36
N ARG G 133 -49.81 -7.52 -78.09
CA ARG G 133 -49.82 -8.06 -76.72
C ARG G 133 -48.46 -8.62 -76.33
N LYS G 134 -48.30 -8.92 -75.04
CA LYS G 134 -47.07 -9.41 -74.39
C LYS G 134 -46.42 -10.63 -75.07
N ASP G 135 -47.22 -11.46 -75.71
CA ASP G 135 -46.79 -12.68 -76.40
C ASP G 135 -46.42 -12.45 -77.87
N GLN G 136 -46.87 -11.34 -78.44
CA GLN G 136 -46.70 -11.02 -79.87
C GLN G 136 -45.47 -10.14 -80.13
N ARG G 137 -44.77 -9.70 -79.07
CA ARG G 137 -43.69 -8.70 -79.10
C ARG G 137 -42.50 -9.12 -79.96
N ASP G 138 -41.96 -10.32 -79.72
CA ASP G 138 -40.78 -10.81 -80.43
C ASP G 138 -41.17 -11.13 -81.88
N ALA G 139 -42.35 -11.70 -82.12
CA ALA G 139 -42.80 -12.10 -83.44
C ALA G 139 -42.92 -10.89 -84.40
N CYS G 140 -43.52 -9.79 -83.95
CA CYS G 140 -43.63 -8.58 -84.76
C CYS G 140 -42.31 -7.83 -84.91
N ILE G 141 -41.51 -7.67 -83.85
CA ILE G 141 -40.23 -6.93 -83.94
C ILE G 141 -39.28 -7.66 -84.88
N LYS G 142 -39.17 -8.99 -84.76
CA LYS G 142 -38.32 -9.79 -85.63
C LYS G 142 -38.66 -9.57 -87.10
N GLU G 143 -39.94 -9.59 -87.44
CA GLU G 143 -40.42 -9.33 -88.80
C GLU G 143 -40.17 -7.88 -89.23
N ALA G 144 -40.38 -6.90 -88.33
CA ALA G 144 -40.10 -5.50 -88.59
C ALA G 144 -38.61 -5.24 -88.86
N ILE G 145 -37.72 -5.93 -88.14
CA ILE G 145 -36.26 -5.85 -88.37
C ILE G 145 -35.91 -6.41 -89.74
N LEU G 146 -36.50 -7.55 -90.14
CA LEU G 146 -36.30 -8.11 -91.48
C LEU G 146 -36.86 -7.19 -92.58
N LEU G 147 -37.97 -6.50 -92.32
CA LEU G 147 -38.50 -5.50 -93.25
C LEU G 147 -37.63 -4.23 -93.30
N HIS G 148 -37.02 -3.86 -92.16
CA HIS G 148 -36.18 -2.66 -92.06
C HIS G 148 -34.99 -2.66 -93.04
N PHE G 149 -34.63 -3.82 -93.58
CA PHE G 149 -33.54 -3.96 -94.55
C PHE G 149 -33.75 -3.12 -95.82
N SER G 150 -35.00 -2.75 -96.12
CA SER G 150 -35.35 -1.89 -97.26
C SER G 150 -35.03 -0.41 -97.04
N THR G 151 -34.74 -0.01 -95.80
CA THR G 151 -34.46 1.39 -95.42
C THR G 151 -33.00 1.57 -95.07
N ASP G 152 -32.46 0.65 -94.27
CA ASP G 152 -31.08 0.68 -93.80
C ASP G 152 -30.61 -0.76 -93.48
N PRO G 153 -30.02 -1.47 -94.47
CA PRO G 153 -29.58 -2.84 -94.31
C PRO G 153 -28.63 -3.05 -93.13
N VAL G 154 -27.79 -2.06 -92.81
CA VAL G 154 -26.80 -2.16 -91.74
C VAL G 154 -27.50 -2.08 -90.39
N ALA G 155 -28.38 -1.09 -90.21
CA ALA G 155 -29.18 -0.95 -89.00
C ALA G 155 -30.08 -2.19 -88.76
N ALA G 156 -30.65 -2.76 -89.83
CA ALA G 156 -31.49 -3.96 -89.74
C ALA G 156 -30.70 -5.19 -89.27
N SER G 157 -29.49 -5.40 -89.79
CA SER G 157 -28.61 -6.48 -89.36
C SER G 157 -28.14 -6.29 -87.92
N ILE G 158 -27.85 -5.04 -87.52
CA ILE G 158 -27.45 -4.71 -86.14
C ILE G 158 -28.58 -5.07 -85.16
N MET G 159 -29.81 -4.67 -85.47
CA MET G 159 -30.98 -5.03 -84.65
C MET G 159 -31.19 -6.54 -84.64
N LYS G 160 -31.00 -7.22 -85.77
CA LYS G 160 -31.13 -8.68 -85.88
C LYS G 160 -30.13 -9.43 -84.99
N ILE G 161 -28.87 -8.98 -84.92
CA ILE G 161 -27.82 -9.59 -84.09
C ILE G 161 -28.20 -9.54 -82.61
N TYR G 162 -28.64 -8.39 -82.09
CA TYR G 162 -28.97 -8.23 -80.68
C TYR G 162 -30.37 -8.76 -80.31
N THR G 163 -31.35 -8.63 -81.21
CA THR G 163 -32.76 -8.98 -80.92
C THR G 163 -33.08 -10.45 -81.08
N PHE G 164 -32.54 -11.12 -82.11
CA PHE G 164 -32.88 -12.52 -82.38
C PHE G 164 -32.16 -13.47 -81.41
N ASN G 165 -30.95 -13.09 -80.99
CA ASN G 165 -30.12 -13.90 -80.12
C ASN G 165 -30.38 -13.55 -78.64
N LYS G 166 -30.88 -14.53 -77.86
CA LYS G 166 -31.22 -14.35 -76.44
C LYS G 166 -30.00 -14.36 -75.52
N ASP G 167 -28.90 -14.99 -75.96
CA ASP G 167 -27.64 -15.08 -75.24
C ASP G 167 -26.78 -13.85 -75.53
N GLN G 168 -26.95 -12.82 -74.71
CA GLN G 168 -26.33 -11.50 -74.93
C GLN G 168 -24.81 -11.52 -74.69
N ASP G 169 -24.31 -12.44 -73.85
CA ASP G 169 -22.88 -12.57 -73.63
C ASP G 169 -22.18 -13.07 -74.90
N ARG G 170 -22.79 -14.03 -75.61
CA ARG G 170 -22.28 -14.48 -76.92
C ARG G 170 -22.43 -13.42 -77.99
N VAL G 171 -23.50 -12.63 -77.95
CA VAL G 171 -23.69 -11.52 -78.89
C VAL G 171 -22.55 -10.51 -78.77
N LYS G 172 -22.19 -10.12 -77.54
CA LYS G 172 -21.09 -9.19 -77.29
C LYS G 172 -19.74 -9.73 -77.80
N LEU G 173 -19.44 -11.02 -77.57
CA LEU G 173 -18.20 -11.65 -78.05
C LEU G 173 -18.12 -11.67 -79.59
N GLY G 174 -19.22 -11.98 -80.27
CA GLY G 174 -19.31 -11.95 -81.73
C GLY G 174 -19.12 -10.53 -82.26
N VAL G 175 -19.75 -9.53 -81.63
CA VAL G 175 -19.63 -8.11 -81.98
C VAL G 175 -18.19 -7.60 -81.81
N ASP G 176 -17.51 -7.93 -80.71
CA ASP G 176 -16.11 -7.54 -80.48
C ASP G 176 -15.16 -8.16 -81.52
N THR G 177 -15.40 -9.42 -81.88
CA THR G 177 -14.58 -10.11 -82.90
C THR G 177 -14.80 -9.51 -84.29
N ILE G 178 -16.04 -9.14 -84.64
CA ILE G 178 -16.38 -8.43 -85.89
C ILE G 178 -15.71 -7.05 -85.91
N ALA G 179 -15.77 -6.31 -84.80
CA ALA G 179 -15.11 -5.01 -84.67
C ALA G 179 -13.60 -5.10 -84.92
N LYS G 180 -12.93 -6.14 -84.41
CA LYS G 180 -11.51 -6.42 -84.69
C LYS G 180 -11.22 -6.66 -86.18
N TYR G 181 -12.03 -7.47 -86.86
CA TYR G 181 -11.84 -7.68 -88.31
C TYR G 181 -11.97 -6.38 -89.09
N LEU G 182 -12.94 -5.53 -88.73
CA LEU G 182 -13.13 -4.23 -89.37
C LEU G 182 -11.97 -3.26 -89.07
N ASP G 183 -11.42 -3.27 -87.85
CA ASP G 183 -10.23 -2.47 -87.51
C ASP G 183 -8.98 -2.94 -88.24
N ASN G 184 -8.84 -4.24 -88.48
CA ASN G 184 -7.67 -4.77 -89.19
C ASN G 184 -7.54 -4.18 -90.60
N ILE G 185 -8.62 -4.21 -91.39
CA ILE G 185 -8.64 -3.67 -92.75
C ILE G 185 -8.66 -2.14 -92.74
N HIS G 186 -9.31 -1.54 -91.74
CA HIS G 186 -9.32 -0.09 -91.54
C HIS G 186 -7.92 0.49 -91.31
N LEU G 187 -7.11 -0.13 -90.43
CA LEU G 187 -5.74 0.29 -90.13
C LEU G 187 -4.74 -0.05 -91.24
N HIS G 188 -4.96 -1.16 -91.96
CA HIS G 188 -4.08 -1.61 -93.03
C HIS G 188 -4.89 -1.92 -94.30
N PRO G 189 -5.54 -0.91 -94.91
CA PRO G 189 -6.37 -1.12 -96.08
C PRO G 189 -5.54 -1.53 -97.30
N GLU G 190 -4.23 -1.29 -97.33
CA GLU G 190 -3.30 -1.64 -98.41
C GLU G 190 -2.86 -3.11 -98.40
N GLU G 191 -3.18 -3.87 -97.37
CA GLU G 191 -2.82 -5.27 -97.28
C GLU G 191 -4.04 -6.21 -97.45
N GLU G 192 -4.09 -6.93 -98.57
CA GLU G 192 -5.25 -7.75 -98.96
C GLU G 192 -5.57 -8.88 -97.97
N LYS G 193 -4.60 -9.29 -97.14
CA LYS G 193 -4.79 -10.36 -96.14
C LYS G 193 -5.80 -9.98 -95.05
N TYR G 194 -6.17 -8.70 -94.94
CA TYR G 194 -7.17 -8.24 -93.96
C TYR G 194 -8.54 -7.98 -94.59
N ARG G 195 -8.66 -8.22 -95.91
CA ARG G 195 -9.92 -8.05 -96.66
C ARG G 195 -10.88 -9.23 -96.49
N LYS G 196 -10.38 -10.41 -96.11
CA LYS G 196 -11.12 -11.67 -96.05
C LYS G 196 -11.19 -12.21 -94.62
N ILE G 197 -12.41 -12.39 -94.11
CA ILE G 197 -12.69 -13.00 -92.80
C ILE G 197 -13.05 -14.46 -93.02
N LYS G 198 -12.27 -15.38 -92.44
CA LYS G 198 -12.45 -16.83 -92.62
C LYS G 198 -13.56 -17.35 -91.70
N LEU G 199 -14.64 -17.90 -92.26
CA LEU G 199 -15.80 -18.38 -91.45
C LEU G 199 -15.48 -19.66 -90.69
N GLN G 200 -14.43 -20.39 -91.09
CA GLN G 200 -13.92 -21.58 -90.40
C GLN G 200 -12.83 -21.30 -89.36
N ASN G 201 -12.52 -20.03 -89.07
CA ASN G 201 -11.54 -19.72 -88.04
C ASN G 201 -12.06 -20.15 -86.67
N LYS G 202 -11.19 -20.74 -85.82
CA LYS G 202 -11.58 -21.25 -84.49
C LYS G 202 -12.27 -20.20 -83.62
N VAL G 203 -11.99 -18.92 -83.85
CA VAL G 203 -12.63 -17.83 -83.10
C VAL G 203 -13.97 -17.45 -83.72
N PHE G 204 -14.01 -17.26 -85.04
CA PHE G 204 -15.23 -16.93 -85.78
C PHE G 204 -16.32 -17.98 -85.53
N GLN G 205 -15.96 -19.26 -85.59
CA GLN G 205 -16.91 -20.38 -85.45
C GLN G 205 -17.64 -20.35 -84.11
N GLU G 206 -16.97 -19.96 -83.03
CA GLU G 206 -17.56 -19.96 -81.69
C GLU G 206 -18.28 -18.64 -81.36
N ARG G 207 -17.72 -17.49 -81.76
CA ARG G 207 -18.23 -16.17 -81.34
C ARG G 207 -19.22 -15.54 -82.32
N ILE G 208 -18.98 -15.67 -83.63
CA ILE G 208 -19.76 -14.97 -84.66
C ILE G 208 -20.72 -15.93 -85.35
N ASN G 209 -20.25 -17.09 -85.80
CA ASN G 209 -21.04 -18.04 -86.58
C ASN G 209 -22.20 -18.66 -85.78
N CYS G 210 -22.11 -18.67 -84.44
CA CYS G 210 -23.16 -19.15 -83.57
C CYS G 210 -24.36 -18.18 -83.43
N LEU G 211 -24.26 -16.94 -83.92
CA LEU G 211 -25.29 -15.91 -83.76
C LEU G 211 -26.12 -15.77 -85.05
N GLU G 212 -27.40 -15.48 -84.90
CA GLU G 212 -28.24 -15.09 -86.05
C GLU G 212 -28.10 -13.59 -86.34
N GLY G 213 -27.97 -13.22 -87.63
CA GLY G 213 -27.86 -11.82 -88.10
C GLY G 213 -26.43 -11.32 -88.35
N THR G 214 -25.39 -12.02 -87.89
CA THR G 214 -23.99 -11.61 -88.13
C THR G 214 -23.55 -11.78 -89.58
N HIS G 215 -24.05 -12.79 -90.29
CA HIS G 215 -23.80 -12.98 -91.72
C HIS G 215 -24.40 -11.86 -92.57
N GLU G 216 -25.61 -11.43 -92.24
CA GLU G 216 -26.29 -10.32 -92.90
C GLU G 216 -25.57 -9.00 -92.65
N PHE G 217 -25.04 -8.79 -91.44
CA PHE G 217 -24.27 -7.60 -91.11
C PHE G 217 -23.04 -7.44 -92.02
N PHE G 218 -22.23 -8.49 -92.18
CA PHE G 218 -21.05 -8.45 -93.07
C PHE G 218 -21.44 -8.05 -94.50
N GLU G 219 -22.50 -8.64 -95.05
CA GLU G 219 -22.99 -8.30 -96.39
C GLU G 219 -23.48 -6.84 -96.45
N ALA G 220 -24.21 -6.38 -95.43
CA ALA G 220 -24.73 -5.01 -95.34
C ALA G 220 -23.62 -3.95 -95.31
N ILE G 221 -22.45 -4.24 -94.74
CA ILE G 221 -21.36 -3.26 -94.61
C ILE G 221 -20.27 -3.45 -95.69
N GLY G 222 -20.56 -4.16 -96.78
CA GLY G 222 -19.75 -4.20 -98.00
C GLY G 222 -18.93 -5.46 -98.21
N PHE G 223 -19.18 -6.55 -97.46
CA PHE G 223 -18.46 -7.80 -97.68
C PHE G 223 -19.26 -8.73 -98.60
N GLN G 224 -18.56 -9.45 -99.45
CA GLN G 224 -19.13 -10.49 -100.29
C GLN G 224 -18.73 -11.85 -99.74
N LYS G 225 -19.69 -12.78 -99.71
CA LYS G 225 -19.47 -14.14 -99.26
C LYS G 225 -19.00 -14.99 -100.44
N VAL G 226 -17.76 -15.47 -100.39
CA VAL G 226 -17.10 -16.22 -101.48
C VAL G 226 -16.43 -17.47 -100.94
N LEU G 227 -16.10 -18.39 -101.84
CA LEU G 227 -15.34 -19.60 -101.54
C LEU G 227 -13.96 -19.46 -102.17
N LEU G 228 -12.91 -19.46 -101.35
CA LEU G 228 -11.53 -19.31 -101.81
C LEU G 228 -10.74 -20.60 -101.52
N PRO G 229 -9.81 -21.00 -102.41
CA PRO G 229 -8.95 -22.14 -102.12
C PRO G 229 -8.18 -21.88 -100.83
N ALA G 230 -8.01 -22.94 -100.02
CA ALA G 230 -7.26 -22.85 -98.78
C ALA G 230 -5.77 -22.78 -99.09
N GLN G 231 -4.96 -22.22 -98.19
CA GLN G 231 -3.51 -22.12 -98.41
C GLN G 231 -2.80 -23.49 -98.35
N ASP G 232 -3.43 -24.52 -97.75
CA ASP G 232 -2.87 -25.87 -97.60
C ASP G 232 -3.86 -27.04 -97.88
N GLN G 233 -5.07 -26.79 -98.40
CA GLN G 233 -6.08 -27.82 -98.69
C GLN G 233 -6.79 -27.59 -100.04
N GLU G 234 -7.22 -28.65 -100.72
CA GLU G 234 -7.98 -28.57 -101.98
C GLU G 234 -9.39 -27.98 -101.81
N ASP G 235 -10.06 -28.28 -100.69
CA ASP G 235 -11.41 -27.82 -100.42
C ASP G 235 -11.43 -26.28 -100.21
N PRO G 236 -12.23 -25.53 -100.99
CA PRO G 236 -12.42 -24.10 -100.78
C PRO G 236 -13.03 -23.82 -99.40
N GLU G 237 -12.65 -22.71 -98.79
CA GLU G 237 -13.20 -22.25 -97.51
C GLU G 237 -14.04 -20.98 -97.68
N GLU G 238 -14.95 -20.74 -96.73
CA GLU G 238 -15.83 -19.59 -96.76
C GLU G 238 -15.13 -18.35 -96.18
N PHE G 239 -15.23 -17.22 -96.90
CA PHE G 239 -14.69 -15.93 -96.51
C PHE G 239 -15.72 -14.83 -96.72
N TYR G 240 -15.64 -13.78 -95.90
CA TYR G 240 -16.28 -12.51 -96.18
C TYR G 240 -15.20 -11.54 -96.69
N VAL G 241 -15.23 -11.22 -97.98
CA VAL G 241 -14.20 -10.42 -98.64
C VAL G 241 -14.74 -9.02 -98.92
N LEU G 242 -14.06 -8.01 -98.39
CA LEU G 242 -14.48 -6.61 -98.56
C LEU G 242 -14.32 -6.20 -100.03
N SER G 243 -15.37 -5.60 -100.61
CA SER G 243 -15.33 -5.09 -101.97
C SER G 243 -14.56 -3.76 -102.09
N GLU G 244 -14.15 -3.42 -103.31
CA GLU G 244 -13.41 -2.18 -103.59
C GLU G 244 -14.22 -0.92 -103.25
N THR G 245 -15.54 -0.97 -103.45
CA THR G 245 -16.47 0.12 -103.14
C THR G 245 -16.37 0.61 -101.70
N THR G 246 -16.26 -0.31 -100.74
CA THR G 246 -16.18 0.05 -99.32
C THR G 246 -14.73 0.18 -98.87
N LEU G 247 -13.83 -0.62 -99.44
CA LEU G 247 -12.40 -0.56 -99.15
C LEU G 247 -11.81 0.82 -99.50
N ALA G 248 -12.29 1.44 -100.58
CA ALA G 248 -11.89 2.79 -100.97
C ALA G 248 -12.21 3.88 -99.92
N GLN G 249 -13.12 3.62 -98.98
CA GLN G 249 -13.53 4.53 -97.90
C GLN G 249 -13.53 3.84 -96.52
N PRO G 250 -12.36 3.60 -95.91
CA PRO G 250 -12.27 2.87 -94.64
C PRO G 250 -13.16 3.45 -93.54
N GLN G 251 -13.45 4.76 -93.59
CA GLN G 251 -14.31 5.45 -92.61
C GLN G 251 -15.75 4.90 -92.60
N SER G 252 -16.17 4.21 -93.66
CA SER G 252 -17.49 3.58 -93.73
C SER G 252 -17.60 2.41 -92.74
N LEU G 253 -16.63 1.50 -92.72
CA LEU G 253 -16.58 0.39 -91.76
C LEU G 253 -16.40 0.87 -90.32
N GLU G 254 -15.63 1.94 -90.13
CA GLU G 254 -15.40 2.53 -88.80
C GLU G 254 -16.73 3.01 -88.20
N ARG G 255 -17.56 3.71 -88.98
CA ARG G 255 -18.90 4.12 -88.56
C ARG G 255 -19.84 2.93 -88.34
N HIS G 256 -19.81 1.92 -89.20
CA HIS G 256 -20.64 0.72 -89.04
C HIS G 256 -20.24 -0.08 -87.79
N LYS G 257 -18.94 -0.16 -87.47
CA LYS G 257 -18.45 -0.77 -86.22
C LYS G 257 -19.05 -0.07 -85.00
N GLU G 258 -19.02 1.26 -84.95
CA GLU G 258 -19.59 2.04 -83.84
C GLU G 258 -21.09 1.81 -83.71
N GLN G 259 -21.81 1.73 -84.82
CA GLN G 259 -23.27 1.46 -84.82
C GLN G 259 -23.59 0.09 -84.22
N LEU G 260 -22.77 -0.94 -84.46
CA LEU G 260 -22.96 -2.27 -83.89
C LEU G 260 -22.59 -2.33 -82.41
N LEU G 261 -21.47 -1.72 -82.02
CA LEU G 261 -20.97 -1.70 -80.63
C LEU G 261 -21.92 -1.00 -79.66
N ALA G 262 -22.58 0.09 -80.10
CA ALA G 262 -23.52 0.85 -79.29
C ALA G 262 -24.95 0.28 -79.30
N ALA G 263 -25.18 -0.82 -80.01
CA ALA G 263 -26.52 -1.37 -80.16
C ALA G 263 -26.98 -2.22 -78.96
N GLU G 264 -28.29 -2.44 -78.89
CA GLU G 264 -28.95 -3.25 -77.88
C GLU G 264 -30.20 -3.93 -78.46
N PRO G 265 -30.72 -4.99 -77.81
CA PRO G 265 -31.91 -5.68 -78.30
C PRO G 265 -33.10 -4.72 -78.39
N VAL G 266 -33.93 -4.89 -79.42
CA VAL G 266 -35.14 -4.09 -79.62
C VAL G 266 -36.28 -4.65 -78.76
N ARG G 267 -36.87 -3.79 -77.93
CA ARG G 267 -37.97 -4.15 -77.03
C ARG G 267 -39.20 -3.33 -77.36
N ALA G 268 -40.36 -3.98 -77.37
CA ALA G 268 -41.61 -3.31 -77.70
C ALA G 268 -41.87 -2.19 -76.68
N LYS G 269 -42.36 -1.04 -77.14
CA LYS G 269 -42.60 0.12 -76.29
C LYS G 269 -43.84 -0.13 -75.44
N LEU G 270 -43.76 0.04 -74.13
CA LEU G 270 -44.91 -0.13 -73.24
C LEU G 270 -45.95 0.98 -73.50
N ASP G 271 -47.21 0.61 -73.70
CA ASP G 271 -48.28 1.56 -73.91
C ASP G 271 -48.42 2.40 -72.65
N ARG G 272 -48.14 3.70 -72.77
CA ARG G 272 -48.08 4.63 -71.64
C ARG G 272 -49.41 4.81 -70.95
N GLN G 273 -50.51 4.65 -71.70
CA GLN G 273 -51.87 4.83 -71.22
C GLN G 273 -52.01 6.11 -70.40
N ARG G 274 -51.64 7.23 -71.01
CA ARG G 274 -51.63 8.53 -70.35
C ARG G 274 -53.02 8.84 -69.79
N ARG G 275 -53.07 9.31 -68.55
CA ARG G 275 -54.32 9.71 -67.88
C ARG G 275 -54.13 11.03 -67.18
N VAL G 276 -55.18 11.84 -67.15
CA VAL G 276 -55.18 13.11 -66.42
C VAL G 276 -56.23 13.03 -65.34
N PHE G 277 -55.86 13.53 -64.16
CA PHE G 277 -56.72 13.50 -63.00
C PHE G 277 -56.82 14.88 -62.36
N GLN G 278 -57.91 15.12 -61.65
CA GLN G 278 -58.07 16.32 -60.85
C GLN G 278 -58.30 15.94 -59.38
N PRO G 279 -57.33 16.18 -58.47
CA PRO G 279 -57.50 15.87 -57.05
C PRO G 279 -58.76 16.56 -56.52
N SER G 280 -59.55 15.83 -55.75
CA SER G 280 -60.76 16.38 -55.14
C SER G 280 -60.49 16.68 -53.66
N PRO G 281 -60.68 17.92 -53.18
CA PRO G 281 -60.39 18.27 -51.79
C PRO G 281 -61.08 17.34 -50.77
N LEU G 282 -62.20 16.71 -51.17
CA LEU G 282 -62.99 15.81 -50.32
C LEU G 282 -62.19 14.58 -49.83
N ALA G 283 -61.18 14.14 -50.58
CA ALA G 283 -60.36 12.98 -50.19
C ALA G 283 -59.59 13.20 -48.87
N SER G 284 -59.32 14.46 -48.50
CA SER G 284 -58.55 14.81 -47.31
C SER G 284 -59.40 15.13 -46.07
N GLN G 285 -60.73 15.01 -46.18
CA GLN G 285 -61.66 15.35 -45.13
C GLN G 285 -62.15 14.08 -44.45
N PHE G 286 -61.56 13.76 -43.29
CA PHE G 286 -61.89 12.56 -42.53
C PHE G 286 -61.48 12.77 -41.08
N GLU G 287 -62.37 12.44 -40.16
CA GLU G 287 -62.12 12.56 -38.72
C GLU G 287 -61.93 11.16 -38.15
N LEU G 288 -60.96 11.01 -37.24
CA LEU G 288 -60.63 9.71 -36.64
C LEU G 288 -61.28 9.64 -35.24
N PRO G 289 -61.68 8.43 -34.79
CA PRO G 289 -61.99 8.18 -33.37
C PRO G 289 -60.76 8.40 -32.48
N GLY G 290 -60.95 8.89 -31.25
CA GLY G 290 -59.86 9.13 -30.30
C GLY G 290 -59.06 7.87 -29.95
N ASP G 291 -59.72 6.70 -29.90
CA ASP G 291 -59.11 5.42 -29.55
C ASP G 291 -58.10 4.92 -30.59
N PHE G 292 -58.05 5.53 -31.79
CA PHE G 292 -57.11 5.16 -32.85
C PHE G 292 -55.64 5.37 -32.44
N PHE G 293 -55.40 6.21 -31.43
CA PHE G 293 -54.06 6.50 -30.93
C PHE G 293 -53.68 5.69 -29.69
N ASN G 294 -54.50 4.72 -29.29
CA ASN G 294 -54.23 3.85 -28.15
C ASN G 294 -53.55 2.57 -28.63
N LEU G 295 -52.22 2.49 -28.41
CA LEU G 295 -51.42 1.35 -28.84
C LEU G 295 -51.96 0.04 -28.26
N THR G 296 -52.19 -0.95 -29.12
CA THR G 296 -52.77 -2.24 -28.75
C THR G 296 -51.77 -3.26 -28.19
N ALA G 297 -52.29 -4.31 -27.54
CA ALA G 297 -51.48 -5.38 -26.99
C ALA G 297 -50.69 -6.15 -28.08
N GLU G 298 -51.27 -6.31 -29.26
CA GLU G 298 -50.58 -6.93 -30.39
C GLU G 298 -49.42 -6.09 -30.90
N GLU G 299 -49.63 -4.78 -31.02
CA GLU G 299 -48.56 -3.85 -31.36
C GLU G 299 -47.50 -3.77 -30.26
N ILE G 300 -47.89 -3.81 -28.99
CA ILE G 300 -46.95 -3.79 -27.85
C ILE G 300 -46.10 -5.05 -27.82
N LYS G 301 -46.68 -6.25 -27.94
CA LYS G 301 -45.87 -7.47 -28.00
C LYS G 301 -44.83 -7.42 -29.12
N ARG G 302 -45.16 -6.97 -30.34
CA ARG G 302 -44.19 -6.89 -31.43
C ARG G 302 -43.07 -5.90 -31.12
N GLU G 303 -43.39 -4.72 -30.58
CA GLU G 303 -42.41 -3.72 -30.20
C GLU G 303 -41.48 -4.22 -29.08
N GLN G 304 -42.01 -4.93 -28.09
CA GLN G 304 -41.19 -5.47 -27.02
C GLN G 304 -40.28 -6.59 -27.53
N ARG G 305 -40.79 -7.47 -28.38
CA ARG G 305 -39.96 -8.51 -29.01
C ARG G 305 -38.88 -7.92 -29.92
N LEU G 306 -39.19 -6.89 -30.71
CA LEU G 306 -38.23 -6.25 -31.61
C LEU G 306 -37.08 -5.57 -30.85
N ARG G 307 -37.37 -4.96 -29.69
CA ARG G 307 -36.36 -4.42 -28.78
C ARG G 307 -35.37 -5.50 -28.34
N SER G 308 -35.85 -6.68 -27.92
CA SER G 308 -35.00 -7.81 -27.54
C SER G 308 -34.23 -8.37 -28.74
N GLU G 309 -34.89 -8.55 -29.89
CA GLU G 309 -34.27 -9.08 -31.11
C GLU G 309 -33.18 -8.13 -31.66
N ALA G 310 -33.39 -6.81 -31.63
CA ALA G 310 -32.41 -5.84 -32.08
C ALA G 310 -31.10 -5.93 -31.26
N VAL G 311 -31.20 -6.09 -29.94
CA VAL G 311 -30.03 -6.30 -29.07
C VAL G 311 -29.37 -7.64 -29.34
N GLU G 312 -30.17 -8.70 -29.52
CA GLU G 312 -29.66 -10.03 -29.84
C GLU G 312 -28.93 -10.05 -31.19
N ARG G 313 -29.42 -9.32 -32.21
CA ARG G 313 -28.77 -9.22 -33.53
C ARG G 313 -27.41 -8.55 -33.47
N LEU G 314 -27.28 -7.51 -32.64
CA LEU G 314 -25.99 -6.85 -32.44
C LEU G 314 -25.06 -7.66 -31.52
N SER G 315 -25.60 -8.34 -30.51
CA SER G 315 -24.83 -9.17 -29.59
C SER G 315 -24.35 -10.50 -30.17
N VAL G 316 -25.05 -11.10 -31.13
CA VAL G 316 -24.69 -12.42 -31.66
C VAL G 316 -23.46 -12.42 -32.56
N LEU G 317 -22.64 -13.48 -32.49
CA LEU G 317 -21.47 -13.68 -33.35
C LEU G 317 -21.91 -14.44 -34.59
N ARG G 318 -21.89 -13.77 -35.75
CA ARG G 318 -22.26 -14.37 -37.04
C ARG G 318 -21.34 -13.90 -38.17
N THR G 319 -21.02 -14.82 -39.07
CA THR G 319 -20.24 -14.54 -40.28
C THR G 319 -21.09 -13.82 -41.32
N LYS G 320 -20.44 -13.17 -42.29
CA LYS G 320 -21.09 -12.41 -43.37
C LYS G 320 -22.02 -13.26 -44.22
N ALA G 321 -21.70 -14.51 -44.53
CA ALA G 321 -22.58 -15.38 -45.32
C ALA G 321 -23.94 -15.65 -44.64
N MET G 322 -23.96 -15.82 -43.32
CA MET G 322 -25.19 -16.06 -42.56
C MET G 322 -26.05 -14.80 -42.50
N ARG G 323 -25.40 -13.63 -42.47
CA ARG G 323 -26.06 -12.32 -42.57
C ARG G 323 -26.69 -12.09 -43.94
N GLU G 324 -25.97 -12.44 -45.02
CA GLU G 324 -26.47 -12.29 -46.39
C GLU G 324 -27.70 -13.15 -46.63
N LYS G 325 -27.76 -14.37 -46.08
CA LYS G 325 -28.94 -15.24 -46.29
C LYS G 325 -30.25 -14.53 -45.96
N GLU G 326 -30.28 -13.74 -44.89
CA GLU G 326 -31.48 -12.97 -44.55
C GLU G 326 -31.55 -11.62 -45.25
N GLU G 327 -30.43 -10.90 -45.33
CA GLU G 327 -30.42 -9.54 -45.86
C GLU G 327 -30.88 -9.49 -47.33
N GLN G 328 -30.45 -10.48 -48.12
CA GLN G 328 -30.68 -10.59 -49.56
C GLN G 328 -32.15 -10.88 -49.91
N ARG G 329 -32.97 -11.25 -48.92
CA ARG G 329 -34.40 -11.54 -49.12
C ARG G 329 -35.21 -10.32 -49.58
N GLY G 330 -34.72 -9.11 -49.35
CA GLY G 330 -35.41 -7.88 -49.78
C GLY G 330 -35.07 -7.32 -51.18
N LEU G 331 -34.29 -8.05 -51.99
CA LEU G 331 -33.75 -7.49 -53.26
C LEU G 331 -34.46 -7.62 -54.64
N ARG G 332 -35.57 -8.36 -54.76
CA ARG G 332 -36.16 -8.68 -56.10
C ARG G 332 -37.62 -8.32 -56.46
N LYS G 333 -38.25 -7.31 -55.89
CA LYS G 333 -39.71 -7.12 -55.98
C LYS G 333 -40.30 -6.58 -57.31
N TYR G 334 -39.61 -5.70 -58.05
CA TYR G 334 -40.23 -4.94 -59.16
C TYR G 334 -39.47 -4.96 -60.49
N ASN G 335 -40.22 -4.91 -61.62
CA ASN G 335 -39.71 -4.75 -62.99
C ASN G 335 -40.44 -3.66 -63.85
N TYR G 336 -41.44 -2.97 -63.29
CA TYR G 336 -42.20 -1.89 -63.94
C TYR G 336 -42.37 -0.69 -62.99
N THR G 337 -42.63 0.50 -63.50
CA THR G 337 -42.96 1.65 -62.65
C THR G 337 -44.08 2.52 -63.20
N LEU G 338 -44.81 3.16 -62.29
CA LEU G 338 -45.85 4.13 -62.57
C LEU G 338 -45.40 5.50 -62.10
N LEU G 339 -45.47 6.50 -62.97
CA LEU G 339 -45.05 7.86 -62.66
C LEU G 339 -46.24 8.80 -62.72
N ARG G 340 -46.23 9.80 -61.85
CA ARG G 340 -47.21 10.89 -61.85
C ARG G 340 -46.44 12.20 -61.97
N VAL G 341 -47.01 13.20 -62.62
CA VAL G 341 -46.42 14.52 -62.80
C VAL G 341 -47.41 15.55 -62.29
N ARG G 342 -46.94 16.43 -61.41
CA ARG G 342 -47.72 17.53 -60.84
C ARG G 342 -47.52 18.77 -61.68
N LEU G 343 -48.58 19.19 -62.34
CA LEU G 343 -48.60 20.33 -63.24
C LEU G 343 -48.98 21.62 -62.48
N PRO G 344 -48.44 22.78 -62.90
CA PRO G 344 -48.63 24.07 -62.22
C PRO G 344 -50.09 24.56 -62.19
N ASP G 345 -50.95 23.99 -63.03
CA ASP G 345 -52.39 24.32 -63.15
C ASP G 345 -53.28 23.50 -62.20
N GLY G 346 -52.68 22.63 -61.38
CA GLY G 346 -53.35 21.79 -60.40
C GLY G 346 -53.72 20.41 -60.92
N CYS G 347 -53.52 20.11 -62.21
CA CYS G 347 -53.84 18.81 -62.78
C CYS G 347 -52.69 17.81 -62.61
N LEU G 348 -53.03 16.54 -62.46
CA LEU G 348 -52.09 15.43 -62.31
C LEU G 348 -52.08 14.60 -63.59
N LEU G 349 -50.89 14.35 -64.12
CA LEU G 349 -50.70 13.54 -65.31
C LEU G 349 -49.97 12.24 -64.93
N GLN G 350 -50.54 11.09 -65.29
CA GLN G 350 -50.02 9.78 -64.94
C GLN G 350 -49.76 8.94 -66.19
N GLY G 351 -48.77 8.06 -66.12
CA GLY G 351 -48.48 7.07 -67.16
C GLY G 351 -47.55 5.95 -66.67
N THR G 352 -47.46 4.85 -67.44
CA THR G 352 -46.68 3.64 -67.10
C THR G 352 -45.42 3.45 -67.94
N PHE G 353 -44.33 3.01 -67.31
CA PHE G 353 -43.01 2.84 -67.93
C PHE G 353 -42.34 1.51 -67.51
N TYR G 354 -41.41 0.99 -68.31
CA TYR G 354 -40.48 -0.06 -67.85
C TYR G 354 -39.66 0.46 -66.67
N ALA G 355 -39.34 -0.39 -65.70
CA ALA G 355 -38.43 0.00 -64.61
C ALA G 355 -37.05 0.48 -65.11
N ARG G 356 -36.61 0.00 -66.29
CA ARG G 356 -35.35 0.43 -66.91
C ARG G 356 -35.55 1.45 -68.04
N GLU G 357 -36.73 2.07 -68.21
CA GLU G 357 -36.89 3.03 -69.28
C GLU G 357 -36.03 4.27 -69.05
N ARG G 358 -35.66 4.95 -70.13
CA ARG G 358 -34.82 6.15 -70.05
C ARG G 358 -35.65 7.34 -69.65
N LEU G 359 -35.01 8.28 -68.96
CA LEU G 359 -35.61 9.57 -68.63
C LEU G 359 -36.18 10.31 -69.86
N GLY G 360 -35.52 10.22 -71.02
CA GLY G 360 -36.00 10.81 -72.28
C GLY G 360 -37.43 10.37 -72.68
N ALA G 361 -37.85 9.16 -72.32
CA ALA G 361 -39.22 8.71 -72.59
C ALA G 361 -40.26 9.41 -71.71
N VAL G 362 -39.86 9.88 -70.52
CA VAL G 362 -40.73 10.63 -69.61
C VAL G 362 -40.93 12.05 -70.14
N TYR G 363 -39.84 12.69 -70.59
CA TYR G 363 -39.92 13.99 -71.26
C TYR G 363 -40.75 13.94 -72.55
N GLY G 364 -40.55 12.91 -73.39
CA GLY G 364 -41.39 12.67 -74.57
C GLY G 364 -42.85 12.41 -74.21
N PHE G 365 -43.11 11.58 -73.19
CA PHE G 365 -44.45 11.37 -72.64
C PHE G 365 -45.15 12.67 -72.25
N VAL G 366 -44.47 13.55 -71.51
CA VAL G 366 -45.02 14.85 -71.11
C VAL G 366 -45.22 15.72 -72.35
N ARG G 367 -44.23 15.80 -73.27
CA ARG G 367 -44.32 16.58 -74.51
C ARG G 367 -45.53 16.23 -75.34
N GLU G 368 -45.84 14.94 -75.46
CA GLU G 368 -47.05 14.45 -76.15
C GLU G 368 -48.36 14.94 -75.50
N ALA G 369 -48.42 15.03 -74.17
CA ALA G 369 -49.58 15.50 -73.42
C ALA G 369 -49.73 17.03 -73.41
N LEU G 370 -48.63 17.78 -73.47
CA LEU G 370 -48.63 19.24 -73.42
C LEU G 370 -49.38 19.82 -74.62
N GLN G 371 -50.06 20.95 -74.48
CA GLN G 371 -50.71 21.61 -75.62
C GLN G 371 -49.69 22.05 -76.68
N SER G 372 -48.44 22.28 -76.24
CA SER G 372 -47.31 22.67 -77.09
C SER G 372 -46.11 21.78 -76.79
N ASP G 373 -45.94 20.74 -77.60
CA ASP G 373 -44.92 19.68 -77.44
C ASP G 373 -43.46 20.22 -77.58
N TRP G 374 -43.29 21.38 -78.22
CA TRP G 374 -42.01 22.08 -78.43
C TRP G 374 -41.61 23.04 -77.30
N LEU G 375 -42.54 23.39 -76.40
CA LEU G 375 -42.32 24.45 -75.42
C LEU G 375 -41.45 23.95 -74.24
N PRO G 376 -40.21 24.47 -74.07
CA PRO G 376 -39.24 23.92 -73.14
C PRO G 376 -39.77 23.85 -71.69
N PHE G 377 -39.43 22.79 -70.99
CA PHE G 377 -39.79 22.59 -69.59
C PHE G 377 -38.76 21.73 -68.87
N GLU G 378 -38.87 21.71 -67.55
CA GLU G 378 -38.03 20.94 -66.66
C GLU G 378 -38.90 20.01 -65.79
N LEU G 379 -38.36 18.82 -65.50
CA LEU G 379 -38.95 17.89 -64.56
C LEU G 379 -38.00 17.67 -63.38
N LEU G 380 -38.57 17.58 -62.17
CA LEU G 380 -37.84 17.32 -60.93
C LEU G 380 -38.19 15.92 -60.41
N ALA G 381 -37.24 15.21 -59.81
CA ALA G 381 -37.48 13.91 -59.20
C ALA G 381 -38.28 14.02 -57.89
N SER G 382 -38.66 12.88 -57.27
CA SER G 382 -39.42 12.81 -56.00
C SER G 382 -38.81 13.52 -54.77
N GLY G 383 -37.49 13.74 -54.75
CA GLY G 383 -36.76 14.45 -53.70
C GLY G 383 -36.43 15.90 -54.06
N GLY G 384 -36.93 16.42 -55.18
CA GLY G 384 -36.64 17.78 -55.66
C GLY G 384 -35.41 17.90 -56.55
N GLN G 385 -34.72 16.79 -56.83
CA GLN G 385 -33.52 16.79 -57.66
C GLN G 385 -33.91 16.93 -59.13
N LYS G 386 -33.39 17.97 -59.78
CA LYS G 386 -33.66 18.26 -61.19
C LYS G 386 -33.09 17.16 -62.06
N LEU G 387 -33.87 16.73 -63.05
CA LEU G 387 -33.49 15.72 -64.02
C LEU G 387 -33.39 16.41 -65.39
N SER G 388 -32.26 16.30 -66.09
CA SER G 388 -32.11 16.96 -67.40
C SER G 388 -32.50 16.03 -68.55
N GLU G 389 -33.24 16.50 -69.54
CA GLU G 389 -33.69 15.67 -70.67
C GLU G 389 -32.53 14.99 -71.40
N ASP G 390 -31.34 15.61 -71.37
CA ASP G 390 -30.13 15.12 -72.06
C ASP G 390 -29.39 14.03 -71.27
N GLU G 391 -29.91 13.68 -70.10
CA GLU G 391 -29.32 12.65 -69.27
C GLU G 391 -30.08 11.33 -69.50
N ASN G 392 -29.53 10.47 -70.35
CA ASN G 392 -30.13 9.21 -70.78
C ASN G 392 -29.96 8.07 -69.74
N LEU G 393 -30.47 8.27 -68.53
CA LEU G 393 -30.41 7.32 -67.42
C LEU G 393 -31.75 6.59 -67.26
N ALA G 394 -31.66 5.35 -66.76
CA ALA G 394 -32.83 4.52 -66.56
C ALA G 394 -33.62 4.97 -65.32
N LEU G 395 -34.95 4.75 -65.31
CA LEU G 395 -35.82 5.14 -64.19
C LEU G 395 -35.42 4.48 -62.85
N ASN G 396 -34.98 3.23 -62.88
CA ASN G 396 -34.42 2.52 -61.72
C ASN G 396 -33.06 3.09 -61.25
N GLU G 397 -32.36 3.83 -62.11
CA GLU G 397 -31.11 4.52 -61.76
C GLU G 397 -31.40 5.94 -61.24
N CYS G 398 -32.51 6.55 -61.68
CA CYS G 398 -32.95 7.87 -61.24
C CYS G 398 -33.71 7.85 -59.89
N GLY G 399 -34.01 6.68 -59.32
CA GLY G 399 -34.79 6.54 -58.09
C GLY G 399 -36.31 6.73 -58.29
N LEU G 400 -36.83 6.42 -59.48
CA LEU G 400 -38.25 6.59 -59.83
C LEU G 400 -38.99 5.25 -59.99
N VAL G 401 -38.50 4.18 -59.35
CA VAL G 401 -39.06 2.81 -59.40
C VAL G 401 -39.29 2.26 -57.99
N PRO G 402 -40.43 1.62 -57.67
CA PRO G 402 -41.54 1.22 -58.54
C PRO G 402 -42.53 2.34 -58.85
N SER G 403 -42.40 3.50 -58.22
CA SER G 403 -43.36 4.60 -58.38
C SER G 403 -42.70 5.90 -57.96
N ALA G 404 -43.12 7.02 -58.55
CA ALA G 404 -42.65 8.35 -58.17
C ALA G 404 -43.55 9.46 -58.72
N LEU G 405 -43.57 10.58 -57.99
CA LEU G 405 -44.18 11.84 -58.43
C LEU G 405 -43.07 12.80 -58.84
N LEU G 406 -43.20 13.37 -60.03
CA LEU G 406 -42.29 14.36 -60.59
C LEU G 406 -43.00 15.71 -60.62
N THR G 407 -42.24 16.80 -60.51
CA THR G 407 -42.78 18.17 -60.50
C THR G 407 -42.46 18.81 -61.84
N PHE G 408 -43.47 19.39 -62.47
CA PHE G 408 -43.37 20.04 -63.76
C PHE G 408 -43.26 21.56 -63.57
N SER G 409 -42.32 22.17 -64.29
CA SER G 409 -42.15 23.61 -64.33
C SER G 409 -41.69 24.03 -65.72
N TRP G 410 -42.22 25.15 -66.22
CA TRP G 410 -41.81 25.68 -67.51
C TRP G 410 -40.38 26.22 -67.44
N ASP G 411 -39.63 26.08 -68.53
CA ASP G 411 -38.26 26.59 -68.57
C ASP G 411 -38.29 28.11 -68.33
N MET G 412 -37.21 28.65 -67.77
CA MET G 412 -37.07 30.07 -67.49
C MET G 412 -37.28 30.92 -68.75
N ALA G 413 -36.86 30.41 -69.92
CA ALA G 413 -37.08 31.09 -71.20
C ALA G 413 -38.57 31.27 -71.50
N VAL G 414 -39.39 30.38 -70.96
CA VAL G 414 -40.84 30.39 -71.14
C VAL G 414 -41.52 31.21 -70.05
N LEU G 415 -41.12 31.03 -68.79
CA LEU G 415 -41.72 31.73 -67.66
C LEU G 415 -41.50 33.25 -67.76
N GLU G 416 -40.33 33.70 -68.24
CA GLU G 416 -40.00 35.13 -68.35
C GLU G 416 -40.97 35.85 -69.28
N ASP G 417 -41.38 35.24 -70.39
CA ASP G 417 -42.34 35.82 -71.34
C ASP G 417 -43.78 35.83 -70.77
N ILE G 418 -44.18 34.76 -70.08
CA ILE G 418 -45.51 34.65 -69.45
C ILE G 418 -45.68 35.71 -68.35
N LYS G 419 -44.68 35.84 -67.47
CA LYS G 419 -44.71 36.80 -66.36
C LYS G 419 -44.58 38.23 -66.86
N ALA G 420 -43.63 38.52 -67.75
CA ALA G 420 -43.40 39.86 -68.29
C ALA G 420 -44.64 40.42 -69.00
N ALA G 421 -45.39 39.58 -69.71
CA ALA G 421 -46.62 39.96 -70.41
C ALA G 421 -47.86 40.02 -69.50
N GLY G 422 -47.78 39.56 -68.24
CA GLY G 422 -48.92 39.46 -67.33
C GLY G 422 -49.93 38.38 -67.69
N ALA G 423 -49.50 37.30 -68.35
CA ALA G 423 -50.39 36.25 -68.84
C ALA G 423 -50.68 35.26 -67.71
N GLU G 424 -51.85 34.63 -67.71
CA GLU G 424 -52.14 33.56 -66.75
C GLU G 424 -51.93 32.22 -67.45
N PRO G 425 -51.03 31.34 -66.98
CA PRO G 425 -50.80 30.06 -67.63
C PRO G 425 -51.93 29.09 -67.24
N ASP G 426 -53.14 29.34 -67.73
CA ASP G 426 -54.36 28.59 -67.39
C ASP G 426 -54.62 27.33 -68.26
N SER G 427 -53.70 26.97 -69.14
CA SER G 427 -53.78 25.77 -70.00
C SER G 427 -52.39 25.16 -70.13
N ILE G 428 -52.26 23.87 -69.82
CA ILE G 428 -50.98 23.16 -69.92
C ILE G 428 -51.04 22.05 -70.97
N LEU G 429 -52.08 21.21 -70.93
CA LEU G 429 -52.21 20.02 -71.77
C LEU G 429 -53.15 20.24 -72.96
N LYS G 430 -53.15 19.28 -73.90
CA LYS G 430 -54.07 19.28 -75.04
C LYS G 430 -55.52 19.14 -74.57
N PRO G 431 -56.47 19.92 -75.11
CA PRO G 431 -57.91 19.75 -74.85
C PRO G 431 -58.40 18.31 -75.10
N GLU G 432 -57.78 17.61 -76.06
CA GLU G 432 -58.10 16.21 -76.40
C GLU G 432 -57.86 15.24 -75.25
N LEU G 433 -56.99 15.60 -74.30
CA LEU G 433 -56.73 14.78 -73.11
C LEU G 433 -57.42 15.34 -71.88
N LEU G 434 -57.54 16.66 -71.78
CA LEU G 434 -58.18 17.33 -70.65
C LEU G 434 -59.66 16.97 -70.54
N SER G 435 -60.35 16.71 -71.66
CA SER G 435 -61.77 16.34 -71.65
C SER G 435 -62.03 15.00 -70.93
N ALA G 436 -60.98 14.23 -70.64
CA ALA G 436 -61.05 12.92 -70.00
C ALA G 436 -60.53 12.91 -68.54
N ILE G 437 -60.49 14.07 -67.87
CA ILE G 437 -60.02 14.17 -66.48
C ILE G 437 -60.96 13.42 -65.53
N GLU G 438 -60.37 12.56 -64.70
CA GLU G 438 -61.07 11.83 -63.65
C GLU G 438 -60.74 12.45 -62.28
N LYS G 439 -61.65 12.35 -61.32
CA LYS G 439 -61.41 12.89 -59.96
C LYS G 439 -60.66 11.86 -59.14
N LEU G 440 -59.82 12.30 -58.21
CA LEU G 440 -59.15 11.39 -57.28
C LEU G 440 -59.89 11.45 -55.94
N LEU G 441 -60.52 10.34 -55.56
CA LEU G 441 -61.30 10.21 -54.33
C LEU G 441 -61.03 8.88 -53.63
PB ADP H . -14.86 -17.35 30.05
O1B ADP H . -14.04 -18.31 29.24
O2B ADP H . -16.03 -16.80 29.27
O3B ADP H . -14.03 -16.26 30.68
PA ADP H . -16.97 -18.37 31.85
O1A ADP H . -16.88 -18.54 33.32
O2A ADP H . -17.80 -17.25 31.33
O3A ADP H . -15.48 -18.23 31.25
O5' ADP H . -17.45 -19.74 31.17
C5' ADP H . -16.68 -20.96 31.30
C4' ADP H . -17.63 -22.13 31.42
O4' ADP H . -16.89 -23.36 31.21
C3' ADP H . -18.32 -22.33 32.77
O3' ADP H . -19.55 -23.02 32.61
C2' ADP H . -17.30 -23.16 33.54
O2' ADP H . -17.90 -23.99 34.52
C1' ADP H . -16.67 -24.02 32.43
N9 ADP H . -15.24 -24.18 32.62
C8 ADP H . -14.23 -23.51 31.97
N7 ADP H . -13.04 -23.87 32.35
C5 ADP H . -13.25 -24.83 33.32
C6 ADP H . -12.38 -25.59 34.11
N6 ADP H . -11.05 -25.50 34.04
N1 ADP H . -12.94 -26.47 34.98
C2 ADP H . -14.27 -26.56 35.05
N3 ADP H . -15.18 -25.89 34.36
C4 ADP H . -14.61 -25.03 33.50
PB ADP I . 10.43 -40.06 13.97
O1B ADP I . 11.40 -40.30 12.85
O2B ADP I . 11.06 -39.88 15.32
O3B ADP I . 9.36 -39.04 13.63
PA ADP I . 8.91 -41.88 15.46
O1A ADP I . 9.95 -41.89 16.56
O2A ADP I . 7.64 -41.07 15.60
O3A ADP I . 9.62 -41.44 14.09
O5' ADP I . 8.48 -43.39 15.18
C5' ADP I . 7.55 -43.68 14.14
C4' ADP I . 6.71 -44.90 14.50
O4' ADP I . 7.50 -46.07 14.42
C3' ADP I . 6.19 -44.80 15.92
O3' ADP I . 4.80 -44.48 15.93
C2' ADP I . 6.41 -46.17 16.52
O2' ADP I . 5.15 -46.81 16.68
C1' ADP I . 7.26 -46.94 15.53
N9 ADP I . 8.56 -47.25 16.15
C8 ADP I . 9.75 -46.78 15.74
N7 ADP I . 10.75 -47.27 16.51
C5 ADP I . 10.21 -48.06 17.44
C6 ADP I . 10.71 -48.88 18.56
N6 ADP I . 12.04 -48.94 18.85
N1 ADP I . 9.81 -49.57 19.29
C2 ADP I . 8.50 -49.52 19.01
N3 ADP I . 7.98 -48.80 18.01
C4 ADP I . 8.76 -48.06 17.19
PB ADP J . -31.52 -11.79 0.91
O1B ADP J . -30.73 -12.80 0.14
O2B ADP J . -31.71 -10.50 0.15
O3B ADP J . -30.98 -11.57 2.30
PA ADP J . -34.46 -11.93 0.69
O1A ADP J . -35.47 -12.63 1.55
O2A ADP J . -34.48 -10.44 0.71
O3A ADP J . -33.00 -12.44 1.08
O5' ADP J . -34.59 -12.44 -0.82
C5' ADP J . -34.29 -13.82 -1.18
C4' ADP J . -35.34 -14.32 -2.13
O4' ADP J . -34.92 -15.60 -2.66
C3' ADP J . -36.73 -14.58 -1.56
O3' ADP J . -37.73 -14.46 -2.57
C2' ADP J . -36.61 -16.02 -1.05
O2' ADP J . -37.85 -16.70 -1.03
C1' ADP J . -35.64 -16.64 -2.05
N9 ADP J . -34.70 -17.55 -1.43
C8 ADP J . -33.43 -17.28 -1.03
N7 ADP J . -32.81 -18.30 -0.48
C5 ADP J . -33.74 -19.32 -0.51
C6 ADP J . -33.71 -20.64 -0.08
N6 ADP J . -32.67 -21.18 0.49
N1 ADP J . -34.83 -21.39 -0.26
C2 ADP J . -35.88 -20.83 -0.84
N3 ADP J . -36.04 -19.59 -1.28
C4 ADP J . -34.93 -18.87 -1.09
PB ADP K . -6.57 -36.59 -14.61
O1B ADP K . -5.28 -37.31 -14.90
O2B ADP K . -6.88 -36.41 -13.14
O3B ADP K . -6.76 -35.35 -15.45
PA ADP K . -9.21 -37.52 -14.58
O1A ADP K . -9.32 -38.40 -13.36
O2A ADP K . -9.60 -36.06 -14.52
O3A ADP K . -7.70 -37.60 -15.13
O5' ADP K . -10.06 -38.20 -15.75
C5' ADP K . -10.14 -37.56 -17.02
C4' ADP K . -11.46 -37.89 -17.70
O4' ADP K . -11.36 -39.16 -18.35
C3' ADP K . -12.58 -38.01 -16.68
O3' ADP K . -13.43 -36.86 -16.75
C2' ADP K . -13.36 -39.24 -17.07
O2' ADP K . -14.62 -38.86 -17.61
C1' ADP K . -12.53 -39.95 -18.13
N9 ADP K . -12.10 -41.27 -17.60
C8 ADP K . -10.82 -41.61 -17.37
N7 ADP K . -10.75 -42.89 -16.90
C5 ADP K . -12.00 -43.37 -16.84
C6 ADP K . -12.62 -44.65 -16.43
N6 ADP K . -11.88 -45.68 -15.98
N1 ADP K . -13.96 -44.74 -16.53
C2 ADP K . -14.71 -43.72 -16.97
N3 ADP K . -14.21 -42.54 -17.35
C4 ADP K . -12.89 -42.30 -17.31
PB ADP L . -20.13 12.92 -20.50
O1B ADP L . -19.61 12.13 -21.64
O2B ADP L . -19.05 13.66 -19.75
O3B ADP L . -21.00 12.10 -19.59
PA ADP L . -20.99 15.66 -21.23
O1A ADP L . -20.48 16.16 -19.92
O2A ADP L . -22.30 16.20 -21.72
O3A ADP L . -21.08 14.06 -21.16
O5' ADP L . -19.86 15.87 -22.35
C5' ADP L . -19.77 14.97 -23.49
C4' ADP L . -19.67 15.79 -24.74
O4' ADP L . -19.11 14.98 -25.81
C3' ADP L . -20.98 16.33 -25.32
O3' ADP L . -20.76 17.50 -26.09
C2' ADP L . -21.46 15.16 -26.19
O2' ADP L . -22.26 15.58 -27.28
C1' ADP L . -20.14 14.58 -26.69
N9 ADP L . -20.16 13.12 -26.74
C8 ADP L . -19.57 12.25 -25.86
N7 ADP L . -19.78 10.99 -26.15
C5 ADP L . -20.55 11.03 -27.31
C6 ADP L . -21.09 10.01 -28.10
N6 ADP L . -20.93 8.72 -27.86
N1 ADP L . -21.82 10.39 -29.18
C2 ADP L . -21.97 11.70 -29.42
N3 ADP L . -21.51 12.74 -28.73
C4 ADP L . -20.80 12.34 -27.68
PB ADP M . 2.81 -12.44 -36.25
O1B ADP M . 3.78 -13.59 -36.34
O2B ADP M . 1.37 -12.87 -36.01
O3B ADP M . 3.27 -11.31 -35.38
PA ADP M . 1.63 -10.84 -38.21
O1A ADP M . 0.37 -11.63 -38.37
O2A ADP M . 1.67 -9.61 -37.33
O3A ADP M . 2.80 -11.83 -37.74
O5' ADP M . 2.13 -10.38 -39.68
C5' ADP M . 3.16 -9.41 -39.80
C4' ADP M . 3.29 -8.97 -41.24
O4' ADP M . 3.70 -10.08 -42.05
C3' ADP M . 1.97 -8.46 -41.80
O3' ADP M . 1.98 -7.06 -41.90
C2' ADP M . 1.85 -9.09 -43.16
O2' ADP M . 2.02 -8.08 -44.15
C1' ADP M . 2.96 -10.12 -43.28
N9 ADP M . 2.37 -11.47 -43.41
C8 ADP M . 2.64 -12.50 -42.61
N7 ADP M . 1.95 -13.61 -42.99
C5 ADP M . 1.22 -13.27 -44.06
C6 ADP M . 0.27 -13.96 -44.96
N6 ADP M . -0.04 -15.24 -44.78
N1 ADP M . -0.26 -13.26 -45.97
C2 ADP M . 0.05 -11.97 -46.17
N3 ADP M . 0.90 -11.28 -45.40
C4 ADP M . 1.51 -11.86 -44.35
PB ADP N . 6.20 32.47 -9.42
O1B ADP N . 6.81 32.02 -10.71
O2B ADP N . 7.11 32.24 -8.24
O3B ADP N . 4.83 31.89 -9.22
PA ADP N . 6.20 35.29 -8.54
O1A ADP N . 5.91 34.79 -7.15
O2A ADP N . 5.42 36.46 -9.02
O3A ADP N . 6.03 34.06 -9.57
O5' ADP N . 7.77 35.58 -8.67
C5' ADP N . 8.48 35.32 -9.90
C4' ADP N . 9.48 36.43 -10.14
O4' ADP N . 10.36 36.05 -11.22
C3' ADP N . 8.91 37.78 -10.56
O3' ADP N . 9.80 38.84 -10.20
C2' ADP N . 8.82 37.63 -12.09
O2' ADP N . 8.93 38.87 -12.77
C1' ADP N . 10.01 36.74 -12.41
N9 ADP N . 9.71 35.75 -13.44
C8 ADP N . 9.31 34.45 -13.26
N7 ADP N . 9.10 33.82 -14.38
C5 ADP N . 9.38 34.75 -15.37
C6 ADP N . 9.34 34.68 -16.77
N6 ADP N . 8.98 33.59 -17.44
N1 ADP N . 9.67 35.80 -17.46
C2 ADP N . 10.01 36.89 -16.77
N3 ADP N . 10.08 37.07 -15.45
C4 ADP N . 9.75 35.95 -14.80
PB ADP O . 28.69 7.79 -27.03
O1B ADP O . 29.28 6.46 -27.39
O2B ADP O . 27.43 8.15 -27.76
O3B ADP O . 28.65 8.05 -25.53
PA ADP O . 29.35 10.32 -28.05
O1A ADP O . 28.52 10.18 -29.31
O2A ADP O . 28.81 11.07 -26.86
O3A ADP O . 29.78 8.85 -27.56
O5' ADP O . 30.75 10.99 -28.46
C5' ADP O . 31.72 11.22 -27.45
C4' ADP O . 32.64 12.37 -27.85
O4' ADP O . 33.48 11.96 -28.93
C3' ADP O . 31.83 13.57 -28.34
O3' ADP O . 31.83 14.59 -27.36
C2' ADP O . 32.54 14.03 -29.59
O2' ADP O . 33.19 15.28 -29.32
C1' ADP O . 33.57 12.97 -29.93
N9 ADP O . 33.23 12.37 -31.24
C8 ADP O . 32.91 11.07 -31.43
N7 ADP O . 32.65 10.81 -32.73
C5 ADP O . 32.80 11.97 -33.40
C6 ADP O . 32.67 12.40 -34.81
N6 ADP O . 32.32 11.52 -35.78
N1 ADP O . 32.91 13.69 -35.09
C2 ADP O . 33.26 14.57 -34.14
N3 ADP O . 33.39 14.25 -32.84
C4 ADP O . 33.19 12.99 -32.42
PB ADP P . 21.57 27.26 19.89
O1B ADP P . 22.93 26.91 19.38
O2B ADP P . 21.01 26.20 20.80
O3B ADP P . 20.63 27.63 18.78
PA ADP P . 21.55 28.88 22.36
O1A ADP P . 20.25 28.28 22.78
O2A ADP P . 21.76 30.34 22.61
O3A ADP P . 21.78 28.58 20.80
O5' ADP P . 22.76 28.04 23.01
C5' ADP P . 24.08 28.04 22.41
C4' ADP P . 25.12 28.07 23.51
O4' ADP P . 26.37 27.55 23.00
C3' ADP P . 25.49 29.46 24.06
O3' ADP P . 25.97 29.35 25.40
C2' ADP P . 26.58 29.91 23.09
O2' ADP P . 27.49 30.81 23.69
C1' ADP P . 27.27 28.59 22.73
N9 ADP P . 27.65 28.53 21.33
C8 ADP P . 27.10 27.76 20.35
N7 ADP P . 27.65 27.92 19.18
C5 ADP P . 28.62 28.88 19.39
C6 ADP P . 29.55 29.49 18.53
N6 ADP P . 29.64 29.21 17.24
N1 ADP P . 30.39 30.40 19.06
C2 ADP P . 30.30 30.68 20.37
N3 ADP P . 29.45 30.18 21.27
C4 ADP P . 28.64 29.26 20.71
PB ADP Q . 44.52 4.96 1.45
O1B ADP Q . 44.87 3.78 0.60
O2B ADP Q . 44.18 6.21 0.68
O3B ADP Q . 43.56 4.64 2.57
PA ADP Q . 46.18 6.82 2.72
O1A ADP Q . 46.42 7.71 1.53
O2A ADP Q . 45.13 7.15 3.74
O3A ADP Q . 45.89 5.33 2.19
O5' ADP Q . 47.57 6.65 3.51
C5' ADP Q . 47.67 5.69 4.56
C4' ADP Q . 48.85 6.01 5.45
O4' ADP Q . 50.07 5.73 4.77
C3' ADP Q . 48.88 7.49 5.82
O3' ADP Q . 48.47 7.67 7.18
C2' ADP Q . 50.31 7.92 5.65
O2' ADP Q . 50.88 8.15 6.95
C1' ADP Q . 51.03 6.77 4.98
N9 ADP Q . 51.51 7.22 3.64
C8 ADP Q . 51.17 6.66 2.47
N7 ADP Q . 51.76 7.29 1.43
C5 ADP Q . 52.51 8.28 1.94
C6 ADP Q . 53.40 9.33 1.39
N6 ADP Q . 53.61 9.44 0.06
N1 ADP Q . 54.00 10.16 2.26
C2 ADP Q . 53.79 10.06 3.59
N3 ADP Q . 53.00 9.13 4.16
C4 ADP Q . 52.35 8.23 3.39
PB ADP R . 11.49 1.10 39.80
O1B ADP R . 12.83 0.43 39.68
O2B ADP R . 10.36 0.24 39.34
O3B ADP R . 11.48 2.46 39.16
PA ADP R . 10.02 1.11 42.37
O1A ADP R . 8.77 1.23 41.57
O2A ADP R . 10.17 1.99 43.57
O3A ADP R . 11.28 1.33 41.40
O5' ADP R . 10.23 -0.43 42.79
C5' ADP R . 11.55 -1.03 42.78
C4' ADP R . 11.68 -1.92 44.00
O4' ADP R . 12.91 -2.68 43.91
C3' ADP R . 11.79 -1.22 45.37
O3' ADP R . 11.32 -2.06 46.40
C2' ADP R . 13.29 -0.95 45.47
O2' ADP R . 13.74 -0.89 46.81
C1' ADP R . 13.90 -2.15 44.75
N9 ADP R . 15.05 -1.79 43.95
C8 ADP R . 15.08 -1.51 42.60
N7 ADP R . 16.27 -1.21 42.17
C5 ADP R . 17.08 -1.30 43.27
C6 ADP R . 18.46 -1.09 43.45
N6 ADP R . 19.28 -0.74 42.47
N1 ADP R . 18.96 -1.26 44.71
C2 ADP R . 18.13 -1.61 45.69
N3 ADP R . 16.82 -1.83 45.63
C4 ADP R . 16.34 -1.66 44.38
PB ADP S . 35.59 -19.51 21.50
O1B ADP S . 35.94 -20.13 20.18
O2B ADP S . 36.50 -18.38 21.91
O3B ADP S . 34.13 -19.23 21.69
PA ADP S . 36.22 -20.34 24.10
O1A ADP S . 37.32 -19.31 24.16
O2A ADP S . 34.92 -20.10 24.79
O3A ADP S . 35.91 -20.68 22.56
O5' ADP S . 36.81 -21.73 24.66
C5' ADP S . 35.99 -22.89 24.64
C4' ADP S . 36.21 -23.71 25.90
O4' ADP S . 37.45 -24.41 25.82
C3' ADP S . 36.28 -22.82 27.12
O3' ADP S . 35.07 -22.93 27.88
C2' ADP S . 37.44 -23.33 27.93
O2' ADP S . 36.94 -23.99 29.10
C1' ADP S . 38.17 -24.34 27.05
N9 ADP S . 39.53 -23.84 26.76
C8 ADP S . 40.01 -23.59 25.53
N7 ADP S . 41.29 -23.14 25.59
C5 ADP S . 41.64 -23.09 26.89
C6 ADP S . 42.85 -22.71 27.65
N6 ADP S . 43.96 -22.27 27.02
N1 ADP S . 42.80 -22.81 28.99
C2 ADP S . 41.69 -23.23 29.63
N3 ADP S . 40.57 -23.60 29.01
C4 ADP S . 40.48 -23.55 27.66
#